data_6JO5
#
_entry.id   6JO5
#
_cell.length_a   1.00
_cell.length_b   1.00
_cell.length_c   1.00
_cell.angle_alpha   90.00
_cell.angle_beta   90.00
_cell.angle_gamma   90.00
#
_symmetry.space_group_name_H-M   'P 1'
#
loop_
_entity.id
_entity.type
_entity.pdbx_description
1 polymer 'Photosystem I P700 chlorophyll a apoprotein A1'
2 polymer 'Photosystem I P700 chlorophyll a apoprotein A2'
3 polymer 'Photosystem I iron-sulfur center'
4 polymer 'Photosystem I reaction center subunit II, chloroplastic'
5 polymer 'Photosystem I reaction center subunit IV, chloroplastic'
6 polymer 'Photosystem I reaction center subunit F, Photosystem I reaction center subunit III, chloroplastic'
7 polymer 'Photosystem I reaction center subunit V, chloroplastic'
8 polymer 'Photosystem I reaction center subunit VIII'
9 polymer 'Photosystem I reaction center subunit IX'
10 polymer 'Photosystem I reaction center subunit psaK, chloroplastic'
11 polymer 'Photosystem I reaction center subunit XI'
12 polymer 'Chlorophyll a-b binding protein, chloroplastic'
13 polymer 'Chlorophyll a-b binding protein, chloroplastic'
14 polymer 'Chlorophyll a-b binding protein, chloroplastic'
15 polymer 'Chlorophyll a-b binding protein, chloroplastic'
16 polymer 'Chlorophyll a-b binding protein, chloroplastic'
17 polymer 'Chlorophyll a-b binding protein, chloroplastic'
18 polymer 'Chlorophyll a-b binding protein, chloroplastic'
19 polymer 'Chlorophyll a-b binding protein, chloroplastic'
20 polymer 'Chlorophyll a-b binding protein, chloroplastic'
21 non-polymer 'CHLOROPHYLL A ISOMER'
22 non-polymer 'CHLOROPHYLL A'
23 non-polymer PHYLLOQUINONE
24 non-polymer 1,2-DIPALMITOYL-PHOSPHATIDYL-GLYCEROLE
25 non-polymer BETA-CAROTENE
26 non-polymer 'IRON/SULFUR CLUSTER'
27 non-polymer 'DIGALACTOSYL DIACYL GLYCEROL (DGDG)'
28 non-polymer 1,2-DISTEAROYL-MONOGALACTOSYL-DIGLYCERIDE
29 non-polymer 'CHLOROPHYLL B'
30 non-polymer "(3R,3'R,6S)-4,5-DIDEHYDRO-5,6-DIHYDRO-BETA,BETA-CAROTENE-3,3'-DIOL"
#
loop_
_entity_poly.entity_id
_entity_poly.type
_entity_poly.pdbx_seq_one_letter_code
_entity_poly.pdbx_strand_id
1 'polypeptide(L)'
;MTISTPEREAKKVKIAVDRNPVETSFEKWAKPGHFSRTLSKGPNTTTWIWNLHADAHDFDSHTSDLEEISRKVFSAHFGQ
LGIIFIWLSGMYFHGARFSNYEAWLSDPTHIKPSAQVVWPIVGQEILNGDVGGGFQGIQITSGFFQLWRASGITSELQLY
TTAIGGLVMAAAMFFAGWFHYHKAAPKLEWFQNVESMLNHHLGGLLGLGSLAWAGHQIHVSLPVNKLLDAGVDPKEIPLP
HDLLLNRAIMADLYPSFAKGIAPFFTLNWSEYSDFLTFKGGLNPVTGGLWLSDTAHHHVAIAVLFLVAGHMYRTNWGIGH
SMKEILEAHRGPFTGEGHVGLYEILTTSWHAQLAINLALFGSLSIIVAHHMYAMPPYPYLATDYGTQLSLFTHHTWIGGF
CIVGAGAHAAIFMVRDYDPTNNYNNLLDRVIRHRDAIISHLNWVCIFLGFHSFGLYIHNDTMSALGRPQDMFSDTAIQLQ
PVFAQWIQNTHFLAPQLTAPNALAATSLTWGGDLVAVGGKVAMMPISLGTSDFMVHHIHAFTIHVTVLILLKGVLFARSS
RLIPDKANLGFRFPCDGPGRGGTCQVSAWDHVFLGLFWMYNSLSIVIFHFSWKMQSDVWGTVTASGVSHITGGNFAQSAN
TINGWLRDFLWAQSSQVIQSYGSALSAYGLIFLGAHFVWAFSLMFLFSGRGYWQELIESIVWAHNKLKVAPAIQPRALSI
TQGRAVGVAHYLLGGIATTWSFFLARIISVG
;
A
2 'polypeptide(L)'
;MATHHHHHHHHHHHHHHHHHHHHKLFPKFSQGLAQDPTTRRIWYGLAMAHDFESHDGMTEENLYQKIFASHFGQLSIIFL
WTSGNLFHVAWQGNFEQWVTDPVHIRPIAHAIWDPHFGQPAVEAFTRGGASGPVNISTSGVYQWWYTIGMRTNQDLYVGS
VFLALVSAIFLFAGWLHLQPNFQPSLSWFKDAESRLNHHLSGLFGVSSLAWTGHLVHVAIPESRGQHVGWDNFLSVLPHP
QGLTPFFTGNWAAYAQSPDTASHVFGTAQGSGQAILTFLGGFHPQTQSLWLTDMAHHHLAIAVIFIVAGHMYRTNFGIGH
RMQAILEAHTPPSGSLGAGHKGLFDTVNNSLHFQLGLALASVGTITSLVAQHMYSLPPYAFQAIDFTTQAALYTHHQYIA
GFIMCGAFAHGAIFFIRDYDPEQNKGNVLARMLDHKEALISHLSWVSLFLGFHTLGLYVHNDVMQAFGTPEKQILIEPVF
AQWIQAAHGKALYGFDFLLSSKTSAAFANGQSLWLPGWLDAINNNQNSLFLTIGPGDFLVHHAIALGLHTTTLILVKGAL
DARGSKLMPDKKDFGYSFPCDGPGRGGTCDISAYDAFYLAVFWMLNTIGWVTFYWHWKHLTLWQGNVAQFDESSTYLMGW
LRDYLWLNSSQLINGYNPFGMNSLSVWAWTFLFGHLIYATGFMFLISWRGYWQELIETLVWAHEKTPLANLVYWKDKPVA
LSIVQARLVGLAHFSVGYIFTYAAFLIASTSGRFG
;
B
3 'polypeptide(L)'
;MAHIVKIYDTCIGCTQCVRACPLDVLEMVPWDGCKASQMASAPRTEDCVGCKRCETACPTDFLSVRVYLGSESTRSMGLS
Y
;
C
4 'polypeptide(L)'
;EAEAAPAAAKKAAEKPAWTVPTLNPDTPSPIFGGSTGGLLRKAQTEEFYVITWEAKKEQIFEMPTGGAAIMRQGPNLLKF
GKKEQCLALTTQLRNKFKLTPCFYRVFPDGKVQYLHPADGVYPEKVNAGRVGANQNMRRIGQNVNPIKVKFSGRMMSPAE
I
;
D
5 'polypeptide(L)' EEVKAAPKKEVGPKRGSLVKILRPESYWFNQVGKVVSVDQSGVRYPVVVRFENQNYAGVTTNNYALDEVVAAK E
6 'polypeptide(L)'
;DIAGLTPCSESKAYAKLEKKELKTLEKRLKQYEADSAPAVALKATMERTKARFANYAKAGLLCGNDGLPHLIADPGLALK
YGHAGEVFIPTFGFLYVAGYIGYVGRQYLIAVKGEAKPTDKEIIIDVPLATKLAWQGAGWPLAAVQELQRGTLLEKEENI
TVSPR
;
F
7 'polypeptide(L)'
;ALDPQIVISGSTAAFLAIGRFVFLGYQRREANFDSTVGPKTTGATYFDDLQKNSTIFATNDPAGFNIIDVAGWGALGHAV
GFAVLAINSLQGAN
;
G
8 'polypeptide(L)'
;MALRAVSAKSAVRPTVARASVKPVAALKPAQKMALAGAASVALLAASSSSAEASQVIATVASAAQGYPFVPPSWAPSVFV
PLTGLVLPAIAMATLFVYIEKEAPSS
;
I
9 'polypeptide(L)' MKDFTTYLSTAPVIATIWFTFTAGLLIEINRYFPDPLVFSF J
10 'polypeptide(L)'
;DGFIGSSTNLIMVASTTATLAAARFGLAPTVKKNTTAGLKLVDSKNSAGVISNDPAGFTIVDVLAMGAAGHGLGVGIVLG
LKGIGAL
;
K
11 'polypeptide(L)'
;QVISPVNGDPFVGMLETPVTSAPIVATYLSNLPAYRTGVAPVLRGVEIGLAHGFLLAGPFIKLGPLRNVPETAEIAGSLS
AAGLVLILALCLSIYGSAQFQSTPSIGVKTLSGRSVARDPLFSADGWSEFAAGFLVGGEAGVAWAYVCTQILPYYS
;
L
12 'polypeptide(L)'
;KAGNWLPGSDAPAWLPDDLPGNYGFDPLSLGKEPASLKRFTESEVIHGRWAMLGVAGSLAVELLGYGNWYDAPLWAVNGG
KATWFGIEVPFDLNALLAFEFVAMAAAEGQRGDAGGVVYPGGAFDPLGFAKDSSKSGELKLKEIKNGRLAMVAFLGFVAQ
HAATGKGPIAALGEHLANPWGANFATNGISVPFF
;
1,Z
13 'polypeptide(L)'
;EEKSIAKVDRSKDQLYVGASQSSLAYLDGSLPGDFGFDPLGLLDPVNSGGFIEPKWLQYSEVIHARWAMLGAAGCIAPEV
LGAAGLIPDATNIKWFESGVIPPAGSYNGYWADPYTIFFVEIVAMQFAELRRLQDFRYPGSMGQQYFLGLEAIFKGSGDA
AYPGGPFFNLFNLGKTEAAMKELKLKEIKNGRLAMLAMLGYGAQAVMTGKGPFQNLVEHLADPVNNNILTNFAGRVSGSS
QPWRPHGWWRRRYRSVAALALIRNRSVC
;
3
14 'polypeptide(L)'
;AAVRPVWFPGNPPPAHLDGSLAGDYGFDPLFLGQEPQTLKWYVQAELVHGRFAMLGAAGIILTSIGAKVGLGFPEWYDAG
KVVVEKNNIDFPTLMVIQFYLMGWAETKRWYDFKNPGSQADGSFLGFTEEFKGLENGYPGGRFFDPMGLSRGDAAKYQEY
KQKEVKNGRLAMIACLGFAAQYAATGKGPLDNLADHLADPNHVNFATNGVSIPIA
;
7
15 'polypeptide(L)'
;RQSWLPGSQIPAHLDTPAAQALAGNFGFDPLGLGKDPVALRWYQQAELIHCRTAMAGVAGILIPGLLTKAGALNVPEWYD
AGKVAIENSFAPWGSLLAVQLFLCGFVEAKRWQDIRKPGSQGEPGSFLGFEASLKGTSELGYPGGPFDPLGLSKEADKWA
DWKLKEVKNGRLAMLAFLGFVAQKYATGAGPVDNLAAHLKDPWHVNYATNGVSLPFL
;
8
16 'polypeptide(L)'
;SAVPENVKEAREWIDAWKSKSGGAKRDAALPSWMPGADLPGYLNGTLPGDFGFDPLYLGQDPVKLKWYAQAELMNARFAM
LAVAGILVPELLSNIGFSWPGAGVAWYDAGKFEYFAPASSLFGVQMLLFAWVEIRRYQDFVKPGSANQDPIFTNNKLPDG
NEPGYPGGIFDPFGWSKGDIKSLKLKEIKNGRLAMLAFAGFIGQAYTTGTTPLKNLSTHLADPWSTTVWQNDLARL
;
4
17 'polypeptide(L)'
;AADRKLWAPGVVAPEYLKGDLAGDYGWDPLGLGADPTALKWYRQSELQHARWAMLGVAGVLVQEIVKPDVYFYEAGLPQN
LPEPFTNINMGGLLAWEFILMHWVEVRRWQDYKNFGSVNEDPIFKGNKVPNPEMGYPGGIFDPFGFSKGNLKELQTKEIK
NGRLAMIAYMAFILQAQATGKGPLAALSAHLSNPFGNNILKNIGTCTVPHSVDVQGLTIPLTCLWPGSQ
;
5
18 'polypeptide(L)'
;ASSRPLWLPGSTPPAHLKGDLPGDFGFDPLGLGANAESLKWFKESELVHSRWAMAAVAGILVQEIVRPDVFWYNAGKEVE
SPLGPLGLLAVEFFLMHWVEVRRWQDLRKPGSVDQDPIFSQYKLPPHEVGYPGGVFAPFIPGDLAELKVKEIKNGRLAML
AFVGFVMAAQVTGKGPIAALQEHLADPWGTTIFSKAAVVPGQAVAPPCKIPASVSYKGIEIPTPCFLQGLWP
;
6
19 'polypeptide(L)'
;STRPMWYPGATAPAHLDGSMLGDYGFDPLRLGVNKDNLKWFREAELTNGRWAMAAVVGILFTDAVGLPKFWTAGAEKYAL
DNQTLALIEVAVFAVLEGKRYEIYKKTGETGFLSFAPFDPMGMKSEEMKLKELKNGRLAMLAFLGFCSQAAVYGKGPIET
LQLHLADPGHNNIYTSSVGPETAVTVAVLCVLPMIIEATKTLNPGKESVPYFPWNEPWNKV
;
2
20 'polypeptide(L)'
;ASARPTWLPGLNPPAHLKGALAGDNGFDPLGLGQDEGRLKWYAEAEKTNGRWAMMAVAGILGQELLGVTPAWWEAGAKEY
DIPAQALTPIEFIVMGFLEIKRYQGFKQTGTSGFINSFPFDPAGMNSPSMATKEVKNGRLAMVAFIGFCVQALATRTQPI
EGLTAHLADPFGKNITYYLTHLPETLGSA
;
9
#
# COMPACT_ATOMS: atom_id res chain seq x y z
N LYS A 12 10.48 44.47 -39.63
CA LYS A 12 9.15 44.13 -40.11
C LYS A 12 8.47 43.12 -39.19
N VAL A 13 7.49 43.58 -38.44
CA VAL A 13 6.75 42.73 -37.51
C VAL A 13 5.52 42.19 -38.24
N LYS A 14 5.41 40.87 -38.33
CA LYS A 14 4.29 40.26 -39.03
C LYS A 14 4.03 38.88 -38.46
N ILE A 15 2.91 38.32 -38.88
CA ILE A 15 2.51 36.98 -38.46
C ILE A 15 3.27 35.98 -39.31
N ALA A 16 3.90 35.00 -38.66
CA ALA A 16 4.62 33.95 -39.37
C ALA A 16 4.26 32.61 -38.76
N VAL A 17 3.82 31.66 -39.59
CA VAL A 17 3.23 30.41 -39.13
C VAL A 17 3.54 29.33 -40.16
N ASP A 18 3.86 28.13 -39.66
CA ASP A 18 3.99 26.93 -40.47
C ASP A 18 2.67 26.14 -40.42
N ARG A 19 2.29 25.58 -41.56
CA ARG A 19 1.02 24.89 -41.69
C ARG A 19 1.20 23.40 -41.47
N ASN A 20 0.42 22.85 -40.54
CA ASN A 20 0.34 21.42 -40.25
C ASN A 20 1.67 20.75 -39.92
N PRO A 21 2.40 21.20 -38.86
CA PRO A 21 3.74 20.64 -38.64
C PRO A 21 3.72 19.24 -38.05
N VAL A 22 2.87 19.03 -37.05
CA VAL A 22 2.82 17.79 -36.29
C VAL A 22 1.42 17.21 -36.42
N GLU A 23 1.33 15.98 -36.90
CA GLU A 23 0.03 15.34 -37.09
C GLU A 23 -0.57 14.94 -35.74
N THR A 24 -1.87 15.14 -35.59
CA THR A 24 -2.57 14.74 -34.38
C THR A 24 -2.83 13.24 -34.45
N SER A 25 -2.11 12.46 -33.65
CA SER A 25 -2.25 11.02 -33.67
C SER A 25 -1.99 10.45 -32.28
N PHE A 26 -2.68 9.37 -31.97
CA PHE A 26 -2.50 8.65 -30.71
C PHE A 26 -1.31 7.71 -30.70
N GLU A 27 -0.51 7.68 -31.77
CA GLU A 27 0.63 6.78 -31.88
C GLU A 27 1.66 7.01 -30.79
N LYS A 28 2.14 8.26 -30.67
CA LYS A 28 3.18 8.56 -29.70
C LYS A 28 2.69 8.56 -28.26
N TRP A 29 1.37 8.52 -28.03
CA TRP A 29 0.86 8.27 -26.69
C TRP A 29 1.18 6.86 -26.25
N ALA A 30 1.21 5.93 -27.20
CA ALA A 30 1.45 4.52 -26.96
C ALA A 30 2.92 4.15 -26.95
N LYS A 31 3.82 5.14 -27.03
CA LYS A 31 5.26 4.90 -27.00
C LYS A 31 5.87 5.81 -25.95
N PRO A 32 5.92 5.36 -24.69
CA PRO A 32 6.51 6.16 -23.60
C PRO A 32 7.97 6.52 -23.86
N GLY A 33 8.28 7.80 -23.69
CA GLY A 33 9.63 8.30 -23.84
C GLY A 33 10.03 8.58 -25.26
N HIS A 34 9.04 8.76 -26.14
CA HIS A 34 9.26 9.04 -27.56
C HIS A 34 10.10 10.29 -27.79
N PHE A 35 9.97 11.27 -26.90
CA PHE A 35 10.61 12.57 -27.02
C PHE A 35 12.12 12.54 -26.85
N SER A 36 12.67 11.51 -26.23
CA SER A 36 14.10 11.42 -25.98
C SER A 36 14.69 10.21 -26.66
N ARG A 37 15.79 10.42 -27.40
CA ARG A 37 16.49 9.35 -28.10
C ARG A 37 17.01 8.29 -27.14
N THR A 38 17.37 8.70 -25.91
CA THR A 38 17.84 7.73 -24.93
C THR A 38 16.68 6.91 -24.37
N LEU A 39 15.60 7.59 -23.99
CA LEU A 39 14.46 6.94 -23.34
C LEU A 39 13.52 6.23 -24.30
N SER A 40 13.64 6.48 -25.61
CA SER A 40 12.80 5.77 -26.57
C SER A 40 13.22 4.32 -26.78
N LYS A 41 14.37 3.91 -26.24
CA LYS A 41 14.82 2.53 -26.38
C LYS A 41 13.98 1.59 -25.54
N GLY A 42 13.34 2.09 -24.50
CA GLY A 42 12.50 1.28 -23.64
C GLY A 42 13.14 1.13 -22.28
N PRO A 43 12.42 0.49 -21.34
CA PRO A 43 12.93 0.36 -19.98
C PRO A 43 13.70 -0.93 -19.78
N ASN A 44 14.82 -0.83 -19.09
CA ASN A 44 15.55 -2.01 -18.66
C ASN A 44 15.67 -2.06 -17.14
N THR A 45 15.94 -0.94 -16.50
CA THR A 45 15.86 -0.81 -15.05
C THR A 45 14.75 0.16 -14.69
N THR A 46 14.49 0.29 -13.38
CA THR A 46 13.41 1.17 -12.93
C THR A 46 13.74 2.65 -13.07
N THR A 47 15.03 2.98 -13.15
CA THR A 47 15.49 4.36 -13.28
C THR A 47 14.82 5.08 -14.44
N TRP A 48 14.69 4.38 -15.58
CA TRP A 48 14.00 4.84 -16.80
C TRP A 48 12.70 5.62 -16.52
N ILE A 49 11.77 5.01 -15.76
CA ILE A 49 10.48 5.63 -15.39
C ILE A 49 10.69 7.03 -14.83
N TRP A 50 11.52 7.12 -13.79
CA TRP A 50 11.79 8.39 -13.15
C TRP A 50 12.35 9.38 -14.16
N ASN A 51 13.29 8.91 -15.00
CA ASN A 51 13.86 9.77 -16.05
C ASN A 51 12.76 10.29 -16.97
N LEU A 52 11.82 9.39 -17.35
CA LEU A 52 10.70 9.72 -18.22
C LEU A 52 9.88 10.86 -17.68
N HIS A 53 9.73 10.92 -16.35
CA HIS A 53 8.90 11.99 -15.82
C HIS A 53 9.75 13.22 -15.52
N ALA A 54 11.04 13.02 -15.25
CA ALA A 54 11.90 14.15 -14.88
C ALA A 54 12.21 15.00 -16.10
N ASP A 55 12.41 14.36 -17.25
CA ASP A 55 12.82 15.06 -18.46
C ASP A 55 11.66 15.27 -19.42
N ALA A 56 10.42 15.03 -18.97
CA ALA A 56 9.24 15.15 -19.81
C ALA A 56 9.06 16.56 -20.37
N HIS A 57 9.28 17.59 -19.54
CA HIS A 57 9.08 18.97 -19.93
C HIS A 57 10.35 19.76 -20.10
N ASP A 58 11.51 19.10 -20.16
CA ASP A 58 12.78 19.79 -20.44
C ASP A 58 12.99 19.80 -21.94
N PHE A 59 12.30 20.74 -22.61
CA PHE A 59 12.24 20.80 -24.07
C PHE A 59 13.58 21.11 -24.72
N ASP A 60 14.51 21.71 -23.97
CA ASP A 60 15.84 22.00 -24.48
C ASP A 60 16.63 20.73 -24.73
N SER A 61 16.40 19.69 -23.93
CA SER A 61 17.08 18.41 -24.05
C SER A 61 16.43 17.50 -25.09
N HIS A 62 15.30 17.92 -25.66
CA HIS A 62 14.60 17.20 -26.72
C HIS A 62 15.15 17.57 -28.09
N THR A 63 15.23 18.86 -28.39
CA THR A 63 15.66 19.35 -29.68
C THR A 63 16.61 20.52 -29.45
N SER A 64 17.41 20.80 -30.47
CA SER A 64 18.29 21.95 -30.45
C SER A 64 17.62 23.13 -31.14
N ASP A 65 16.56 22.88 -31.89
CA ASP A 65 15.87 23.91 -32.66
C ASP A 65 15.05 24.80 -31.74
N LEU A 66 15.44 26.09 -31.68
CA LEU A 66 14.80 27.06 -30.80
C LEU A 66 13.34 27.26 -31.19
N GLU A 67 13.02 27.11 -32.49
CA GLU A 67 11.66 27.28 -32.97
C GLU A 67 10.75 26.22 -32.37
N GLU A 68 11.14 24.94 -32.51
CA GLU A 68 10.36 23.82 -31.98
C GLU A 68 10.21 23.92 -30.47
N ILE A 69 11.29 24.30 -29.77
CA ILE A 69 11.22 24.53 -28.32
C ILE A 69 10.19 25.60 -27.99
N SER A 70 10.26 26.75 -28.68
CA SER A 70 9.34 27.86 -28.48
C SER A 70 7.88 27.47 -28.70
N ARG A 71 7.62 26.68 -29.75
CA ARG A 71 6.27 26.19 -30.02
C ARG A 71 5.76 25.30 -28.88
N LYS A 72 6.62 24.37 -28.44
CA LYS A 72 6.30 23.50 -27.31
C LYS A 72 5.94 24.29 -26.05
N VAL A 73 6.73 25.29 -25.70
CA VAL A 73 6.44 26.09 -24.50
C VAL A 73 5.15 26.90 -24.70
N PHE A 74 4.86 27.35 -25.91
CA PHE A 74 3.64 28.12 -26.18
C PHE A 74 2.39 27.28 -25.93
N SER A 75 2.32 26.10 -26.56
CA SER A 75 1.18 25.22 -26.33
C SER A 75 1.11 24.73 -24.88
N ALA A 76 2.27 24.52 -24.24
CA ALA A 76 2.30 24.15 -22.82
C ALA A 76 1.62 25.22 -21.96
N HIS A 77 1.97 26.48 -22.21
CA HIS A 77 1.36 27.62 -21.54
C HIS A 77 -0.16 27.64 -21.74
N PHE A 78 -0.61 27.36 -22.97
CA PHE A 78 -2.05 27.23 -23.23
C PHE A 78 -2.70 26.14 -22.38
N GLY A 79 -2.00 25.00 -22.24
CA GLY A 79 -2.47 23.94 -21.37
C GLY A 79 -2.62 24.38 -19.92
N GLN A 80 -1.61 25.09 -19.41
CA GLN A 80 -1.64 25.63 -18.04
C GLN A 80 -2.85 26.54 -17.87
N LEU A 81 -3.05 27.47 -18.82
CA LEU A 81 -4.19 28.38 -18.75
C LEU A 81 -5.52 27.64 -18.76
N GLY A 82 -5.63 26.57 -19.56
CA GLY A 82 -6.83 25.75 -19.54
C GLY A 82 -7.08 25.07 -18.20
N ILE A 83 -6.01 24.56 -17.58
CA ILE A 83 -6.11 23.96 -16.25
C ILE A 83 -6.59 24.98 -15.21
N ILE A 84 -6.01 26.19 -15.25
CA ILE A 84 -6.41 27.25 -14.32
C ILE A 84 -7.87 27.64 -14.53
N PHE A 85 -8.30 27.71 -15.80
CA PHE A 85 -9.70 28.00 -16.08
C PHE A 85 -10.64 26.90 -15.57
N ILE A 86 -10.22 25.63 -15.65
CA ILE A 86 -10.97 24.54 -15.03
C ILE A 86 -11.08 24.73 -13.53
N TRP A 87 -9.98 25.16 -12.91
CA TRP A 87 -9.94 25.42 -11.48
C TRP A 87 -10.88 26.55 -11.06
N LEU A 88 -10.82 27.68 -11.77
CA LEU A 88 -11.74 28.80 -11.50
C LEU A 88 -13.19 28.40 -11.71
N SER A 89 -13.48 27.66 -12.79
CA SER A 89 -14.81 27.13 -13.06
C SER A 89 -15.30 26.30 -11.89
N GLY A 90 -14.41 25.44 -11.36
CA GLY A 90 -14.75 24.63 -10.21
C GLY A 90 -15.07 25.46 -8.99
N MET A 91 -14.28 26.48 -8.72
CA MET A 91 -14.51 27.33 -7.54
C MET A 91 -15.84 28.04 -7.64
N TYR A 92 -16.16 28.60 -8.82
CA TYR A 92 -17.44 29.27 -9.00
C TYR A 92 -18.61 28.30 -8.90
N PHE A 93 -18.48 27.11 -9.51
CA PHE A 93 -19.55 26.13 -9.45
C PHE A 93 -19.79 25.65 -8.02
N HIS A 94 -18.72 25.38 -7.25
CA HIS A 94 -18.91 24.95 -5.88
C HIS A 94 -19.45 26.09 -5.03
N GLY A 95 -19.11 27.33 -5.38
CA GLY A 95 -19.65 28.49 -4.70
C GLY A 95 -21.11 28.71 -4.98
N ALA A 96 -21.59 28.22 -6.11
CA ALA A 96 -23.00 28.38 -6.49
C ALA A 96 -23.84 27.23 -5.96
N ARG A 97 -23.34 26.00 -6.06
CA ARG A 97 -24.13 24.82 -5.76
C ARG A 97 -23.91 24.28 -4.35
N PHE A 98 -22.68 24.32 -3.84
CA PHE A 98 -22.41 23.73 -2.55
C PHE A 98 -21.88 24.77 -1.58
N SER A 99 -22.61 25.86 -1.37
CA SER A 99 -22.12 26.91 -0.49
C SER A 99 -23.29 27.57 0.23
N ASN A 100 -22.97 28.52 1.09
CA ASN A 100 -23.92 29.33 1.83
C ASN A 100 -23.73 30.81 1.52
N TYR A 101 -23.40 31.11 0.26
CA TYR A 101 -23.00 32.44 -0.16
C TYR A 101 -24.12 33.48 0.01
N GLU A 102 -25.35 33.13 -0.37
CA GLU A 102 -26.47 34.07 -0.23
C GLU A 102 -26.75 34.39 1.23
N ALA A 103 -26.84 33.35 2.08
CA ALA A 103 -27.00 33.53 3.52
C ALA A 103 -25.90 34.44 4.08
N TRP A 104 -24.67 34.19 3.64
CA TRP A 104 -23.52 35.02 4.03
C TRP A 104 -23.71 36.46 3.59
N LEU A 105 -24.24 36.67 2.38
CA LEU A 105 -24.53 38.01 1.91
C LEU A 105 -25.53 38.71 2.81
N SER A 106 -26.53 37.96 3.28
CA SER A 106 -27.53 38.54 4.16
C SER A 106 -26.99 38.79 5.57
N ASP A 107 -25.94 38.09 5.99
CA ASP A 107 -25.36 38.32 7.32
C ASP A 107 -23.86 38.01 7.30
N PRO A 108 -23.03 38.95 6.83
CA PRO A 108 -21.59 38.67 6.71
C PRO A 108 -20.86 38.58 8.04
N THR A 109 -21.34 39.25 9.09
CA THR A 109 -20.61 39.30 10.34
C THR A 109 -20.81 38.08 11.22
N HIS A 110 -21.85 37.29 10.99
CA HIS A 110 -22.12 36.14 11.85
C HIS A 110 -22.35 34.85 11.07
N ILE A 111 -21.92 34.78 9.81
CA ILE A 111 -21.98 33.54 9.06
C ILE A 111 -20.59 33.28 8.50
N LYS A 112 -20.09 32.12 8.70
CA LYS A 112 -18.78 31.73 8.25
C LYS A 112 -18.80 31.18 6.82
N PRO A 113 -17.97 31.74 5.94
CA PRO A 113 -17.93 31.31 4.53
C PRO A 113 -17.55 29.85 4.36
N SER A 114 -18.44 29.09 3.72
CA SER A 114 -18.21 27.67 3.49
C SER A 114 -18.66 27.30 2.09
N ALA A 115 -17.80 26.57 1.37
CA ALA A 115 -18.11 26.17 0.00
C ALA A 115 -17.62 24.76 -0.30
N GLN A 116 -17.50 23.90 0.71
CA GLN A 116 -17.16 22.50 0.50
C GLN A 116 -17.97 21.68 1.49
N VAL A 117 -18.60 20.61 0.99
CA VAL A 117 -19.39 19.71 1.81
C VAL A 117 -18.88 18.30 1.58
N VAL A 118 -18.91 17.48 2.61
CA VAL A 118 -18.45 16.11 2.51
C VAL A 118 -19.66 15.19 2.54
N TRP A 119 -19.50 14.04 1.93
CA TRP A 119 -20.54 13.01 1.89
C TRP A 119 -20.60 12.24 3.22
N PRO A 120 -21.78 11.72 3.58
CA PRO A 120 -21.90 10.96 4.85
C PRO A 120 -21.51 9.50 4.62
N ILE A 121 -20.20 9.28 4.68
CA ILE A 121 -19.61 7.95 4.74
C ILE A 121 -18.52 7.95 5.80
N VAL A 122 -18.14 6.73 6.25
CA VAL A 122 -17.13 6.35 7.26
C VAL A 122 -16.89 7.31 8.43
N GLY A 123 -17.86 8.17 8.72
CA GLY A 123 -17.85 9.10 9.81
C GLY A 123 -17.29 10.46 9.49
N GLN A 124 -16.81 10.68 8.26
CA GLN A 124 -16.21 11.96 7.85
C GLN A 124 -17.22 13.08 7.80
N GLU A 125 -18.52 12.76 7.92
CA GLU A 125 -19.64 13.70 7.97
C GLU A 125 -19.49 14.76 9.05
N ILE A 126 -18.75 14.46 10.12
CA ILE A 126 -18.52 15.39 11.23
C ILE A 126 -17.79 16.66 10.76
N LEU A 127 -17.07 16.58 9.64
CA LEU A 127 -16.35 17.72 9.09
C LEU A 127 -17.29 18.82 8.61
N ASN A 128 -18.54 18.48 8.29
CA ASN A 128 -19.56 19.45 7.97
C ASN A 128 -20.03 20.15 9.24
N GLY A 129 -19.40 21.26 9.58
CA GLY A 129 -19.70 21.93 10.84
C GLY A 129 -20.75 23.01 10.69
N ASP A 130 -21.13 23.56 11.83
CA ASP A 130 -22.14 24.61 11.92
C ASP A 130 -21.53 25.95 11.52
N VAL A 131 -21.61 26.26 10.22
CA VAL A 131 -21.06 27.51 9.70
C VAL A 131 -22.07 28.64 9.67
N GLY A 132 -23.33 28.37 10.00
CA GLY A 132 -24.39 29.34 10.01
C GLY A 132 -25.17 29.30 8.72
N GLY A 133 -26.23 30.12 8.68
CA GLY A 133 -27.06 30.19 7.48
C GLY A 133 -27.85 28.93 7.18
N GLY A 134 -28.03 28.06 8.16
CA GLY A 134 -28.73 26.81 7.93
C GLY A 134 -27.97 25.89 7.01
N PHE A 135 -26.64 25.91 7.09
CA PHE A 135 -25.77 25.16 6.19
C PHE A 135 -24.75 24.41 7.04
N GLN A 136 -24.19 23.34 6.47
CA GLN A 136 -23.13 22.59 7.12
C GLN A 136 -22.02 22.31 6.12
N GLY A 137 -20.81 22.73 6.46
CA GLY A 137 -19.67 22.40 5.63
C GLY A 137 -18.37 22.83 6.26
N ILE A 138 -17.34 22.82 5.43
CA ILE A 138 -15.99 23.23 5.80
C ILE A 138 -15.84 24.71 5.51
N GLN A 139 -15.41 25.47 6.52
CA GLN A 139 -15.19 26.90 6.30
C GLN A 139 -14.02 27.10 5.37
N ILE A 140 -14.24 27.84 4.31
CA ILE A 140 -13.19 28.11 3.33
C ILE A 140 -12.50 29.40 3.72
N THR A 141 -11.21 29.50 3.39
CA THR A 141 -10.41 30.68 3.70
C THR A 141 -9.71 31.25 2.48
N SER A 142 -10.21 30.98 1.29
CA SER A 142 -9.62 31.50 0.06
C SER A 142 -10.01 32.95 -0.19
N GLY A 143 -11.14 33.38 0.36
CA GLY A 143 -11.62 34.74 0.24
C GLY A 143 -12.48 34.98 -0.97
N PHE A 144 -12.99 33.91 -1.58
CA PHE A 144 -13.83 34.05 -2.76
C PHE A 144 -15.13 34.78 -2.44
N PHE A 145 -15.70 34.56 -1.25
CA PHE A 145 -16.98 35.21 -0.90
C PHE A 145 -16.82 36.73 -0.89
N GLN A 146 -15.73 37.20 -0.29
CA GLN A 146 -15.45 38.64 -0.24
C GLN A 146 -15.15 39.18 -1.63
N LEU A 147 -14.43 38.40 -2.45
CA LEU A 147 -14.21 38.78 -3.85
C LEU A 147 -15.52 38.90 -4.63
N TRP A 148 -16.43 37.95 -4.43
CA TRP A 148 -17.70 37.93 -5.14
C TRP A 148 -18.62 39.05 -4.68
N ARG A 149 -18.60 39.38 -3.39
CA ARG A 149 -19.42 40.49 -2.92
C ARG A 149 -18.87 41.79 -3.47
N ALA A 150 -17.52 41.90 -3.54
CA ALA A 150 -16.90 43.11 -4.08
C ALA A 150 -17.19 43.27 -5.57
N SER A 151 -17.34 42.16 -6.29
CA SER A 151 -17.63 42.22 -7.72
C SER A 151 -19.10 42.50 -7.99
N GLY A 152 -19.94 42.47 -6.97
CA GLY A 152 -21.35 42.76 -7.09
C GLY A 152 -22.24 41.57 -7.34
N ILE A 153 -21.69 40.36 -7.28
CA ILE A 153 -22.47 39.13 -7.45
C ILE A 153 -23.42 38.98 -6.26
N THR A 154 -24.67 38.62 -6.54
CA THR A 154 -25.67 38.53 -5.49
C THR A 154 -26.37 37.18 -5.45
N SER A 155 -26.46 36.49 -6.59
CA SER A 155 -27.18 35.24 -6.66
C SER A 155 -26.24 34.09 -7.02
N GLU A 156 -26.71 32.87 -6.76
CA GLU A 156 -25.96 31.68 -7.14
C GLU A 156 -25.99 31.48 -8.65
N LEU A 157 -27.02 32.00 -9.31
CA LEU A 157 -27.18 31.87 -10.76
C LEU A 157 -26.02 32.53 -11.50
N GLN A 158 -25.64 33.74 -11.08
CA GLN A 158 -24.51 34.44 -11.69
C GLN A 158 -23.21 33.67 -11.52
N LEU A 159 -23.01 33.05 -10.35
CA LEU A 159 -21.84 32.20 -10.12
C LEU A 159 -21.86 30.97 -11.03
N TYR A 160 -23.04 30.36 -11.18
CA TYR A 160 -23.22 29.23 -12.09
C TYR A 160 -22.87 29.60 -13.53
N THR A 161 -23.32 30.78 -13.97
CA THR A 161 -23.04 31.24 -15.32
C THR A 161 -21.55 31.54 -15.49
N THR A 162 -20.91 32.04 -14.43
CA THR A 162 -19.47 32.25 -14.46
C THR A 162 -18.73 30.92 -14.55
N ALA A 163 -19.26 29.88 -13.89
CA ALA A 163 -18.67 28.54 -13.97
C ALA A 163 -18.73 27.98 -15.38
N ILE A 164 -19.90 28.09 -16.01
CA ILE A 164 -20.06 27.64 -17.40
C ILE A 164 -19.13 28.41 -18.32
N GLY A 165 -19.06 29.74 -18.12
CA GLY A 165 -18.16 30.56 -18.91
C GLY A 165 -16.69 30.16 -18.78
N GLY A 166 -16.25 29.91 -17.55
CA GLY A 166 -14.88 29.47 -17.34
C GLY A 166 -14.58 28.10 -17.90
N LEU A 167 -15.58 27.22 -17.91
CA LEU A 167 -15.38 25.91 -18.52
C LEU A 167 -15.26 26.02 -20.05
N VAL A 168 -16.14 26.81 -20.66
CA VAL A 168 -16.06 27.14 -22.09
C VAL A 168 -14.70 27.73 -22.44
N MET A 169 -14.20 28.66 -21.61
CA MET A 169 -12.88 29.26 -21.84
C MET A 169 -11.76 28.24 -21.69
N ALA A 170 -11.93 27.27 -20.79
CA ALA A 170 -10.94 26.19 -20.68
C ALA A 170 -10.90 25.33 -21.93
N ALA A 171 -12.08 25.04 -22.50
CA ALA A 171 -12.14 24.31 -23.76
C ALA A 171 -11.50 25.11 -24.89
N ALA A 172 -11.70 26.43 -24.87
CA ALA A 172 -11.04 27.30 -25.85
C ALA A 172 -9.53 27.31 -25.68
N MET A 173 -9.04 27.28 -24.44
CA MET A 173 -7.59 27.26 -24.20
C MET A 173 -6.95 25.95 -24.64
N PHE A 174 -7.61 24.81 -24.39
CA PHE A 174 -7.04 23.55 -24.86
C PHE A 174 -7.14 23.42 -26.38
N PHE A 175 -8.18 23.98 -26.99
CA PHE A 175 -8.22 24.02 -28.44
C PHE A 175 -7.11 24.92 -28.98
N ALA A 176 -6.85 26.04 -28.31
CA ALA A 176 -5.79 26.95 -28.74
C ALA A 176 -4.42 26.29 -28.65
N GLY A 177 -4.22 25.47 -27.61
CA GLY A 177 -2.97 24.72 -27.49
C GLY A 177 -2.79 23.74 -28.63
N TRP A 178 -3.80 22.87 -28.82
CA TRP A 178 -3.76 21.92 -29.93
C TRP A 178 -3.60 22.62 -31.28
N PHE A 179 -4.28 23.74 -31.47
CA PHE A 179 -4.26 24.44 -32.75
C PHE A 179 -2.89 25.05 -33.01
N HIS A 180 -2.33 25.77 -32.03
CA HIS A 180 -1.05 26.42 -32.24
C HIS A 180 0.14 25.47 -32.05
N TYR A 181 -0.10 24.17 -31.80
CA TYR A 181 1.00 23.22 -31.93
C TYR A 181 0.87 22.33 -33.15
N HIS A 182 -0.33 21.83 -33.46
CA HIS A 182 -0.51 20.82 -34.48
C HIS A 182 -0.97 21.40 -35.82
N LYS A 183 -1.78 22.47 -35.82
CA LYS A 183 -2.35 22.98 -37.06
C LYS A 183 -1.61 24.21 -37.60
N ALA A 184 -1.50 25.27 -36.80
CA ALA A 184 -0.87 26.53 -37.20
C ALA A 184 0.11 26.96 -36.10
N ALA A 185 1.36 26.50 -36.21
CA ALA A 185 2.36 26.71 -35.16
C ALA A 185 3.28 27.87 -35.50
N PRO A 186 3.29 28.93 -34.67
CA PRO A 186 4.10 30.13 -34.93
C PRO A 186 5.57 29.87 -35.21
N LYS A 187 6.14 30.71 -36.07
CA LYS A 187 7.56 30.66 -36.40
C LYS A 187 8.42 31.36 -35.34
N LEU A 188 9.72 31.08 -35.42
CA LEU A 188 10.69 31.63 -34.47
C LEU A 188 10.76 33.15 -34.52
N GLU A 189 10.69 33.74 -35.72
CA GLU A 189 10.73 35.19 -35.79
C GLU A 189 9.43 35.84 -35.34
N TRP A 190 8.33 35.08 -35.29
CA TRP A 190 7.14 35.54 -34.57
C TRP A 190 7.41 35.59 -33.08
N PHE A 191 7.96 34.52 -32.51
CA PHE A 191 8.32 34.52 -31.08
C PHE A 191 9.36 35.57 -30.71
N GLN A 192 10.27 35.89 -31.61
CA GLN A 192 11.33 36.85 -31.28
C GLN A 192 10.92 38.31 -31.40
N ASN A 193 9.65 38.62 -31.64
CA ASN A 193 9.22 40.03 -31.73
C ASN A 193 8.89 40.53 -30.33
N VAL A 194 9.96 40.78 -29.56
CA VAL A 194 9.77 41.11 -28.15
C VAL A 194 9.30 42.55 -27.97
N GLU A 195 9.68 43.46 -28.87
CA GLU A 195 9.21 44.85 -28.81
C GLU A 195 7.70 44.91 -29.01
N SER A 196 7.22 44.18 -30.01
CA SER A 196 5.80 44.08 -30.29
C SER A 196 5.09 43.39 -29.13
N MET A 197 5.70 42.32 -28.60
CA MET A 197 5.11 41.61 -27.46
C MET A 197 4.96 42.51 -26.25
N LEU A 198 5.98 43.33 -25.94
CA LEU A 198 5.86 44.28 -24.84
C LEU A 198 4.78 45.32 -25.11
N ASN A 199 4.73 45.87 -26.33
CA ASN A 199 3.67 46.82 -26.66
C ASN A 199 2.29 46.23 -26.46
N HIS A 200 2.05 45.04 -27.04
CA HIS A 200 0.75 44.41 -26.89
C HIS A 200 0.45 43.99 -25.47
N HIS A 201 1.44 43.54 -24.70
CA HIS A 201 1.10 43.12 -23.35
C HIS A 201 0.90 44.29 -22.41
N LEU A 202 1.64 45.39 -22.59
CA LEU A 202 1.46 46.55 -21.73
C LEU A 202 0.20 47.32 -22.09
N GLY A 203 -0.07 47.52 -23.37
CA GLY A 203 -1.35 48.07 -23.75
C GLY A 203 -2.46 47.10 -23.46
N GLY A 204 -2.54 46.02 -24.25
CA GLY A 204 -3.75 45.22 -24.27
C GLY A 204 -4.02 44.46 -22.99
N LEU A 205 -3.00 43.75 -22.46
CA LEU A 205 -3.22 42.96 -21.26
C LEU A 205 -3.42 43.84 -20.04
N LEU A 206 -2.36 44.49 -19.54
CA LEU A 206 -2.51 45.26 -18.32
C LEU A 206 -3.44 46.46 -18.52
N GLY A 207 -3.21 47.23 -19.60
CA GLY A 207 -3.99 48.41 -19.90
C GLY A 207 -5.47 48.15 -20.12
N LEU A 208 -5.81 47.37 -21.17
CA LEU A 208 -7.22 47.08 -21.42
C LEU A 208 -7.84 46.24 -20.32
N GLY A 209 -7.04 45.46 -19.59
CA GLY A 209 -7.49 44.69 -18.47
C GLY A 209 -8.02 45.59 -17.39
N SER A 210 -7.18 46.52 -16.94
CA SER A 210 -7.61 47.42 -15.89
C SER A 210 -8.61 48.45 -16.37
N LEU A 211 -8.65 48.76 -17.68
CA LEU A 211 -9.67 49.64 -18.20
C LEU A 211 -11.04 48.98 -18.17
N ALA A 212 -11.12 47.76 -18.71
CA ALA A 212 -12.37 47.00 -18.68
C ALA A 212 -12.79 46.65 -17.26
N TRP A 213 -11.83 46.44 -16.35
CA TRP A 213 -12.24 46.18 -14.98
C TRP A 213 -12.78 47.43 -14.33
N ALA A 214 -12.13 48.59 -14.55
CA ALA A 214 -12.66 49.85 -14.07
C ALA A 214 -14.04 50.13 -14.64
N GLY A 215 -14.27 49.70 -15.88
CA GLY A 215 -15.59 49.79 -16.49
C GLY A 215 -16.62 48.98 -15.73
N HIS A 216 -16.28 47.73 -15.44
CA HIS A 216 -17.17 46.87 -14.68
C HIS A 216 -17.41 47.43 -13.29
N GLN A 217 -16.36 47.96 -12.66
CA GLN A 217 -16.51 48.50 -11.32
C GLN A 217 -17.47 49.68 -11.30
N ILE A 218 -17.15 50.72 -12.06
CA ILE A 218 -17.97 51.93 -12.17
C ILE A 218 -19.40 51.59 -12.58
N HIS A 219 -19.59 50.59 -13.41
CA HIS A 219 -20.93 50.37 -13.92
C HIS A 219 -21.71 49.32 -13.13
N VAL A 220 -21.06 48.37 -12.43
CA VAL A 220 -21.74 47.30 -11.70
C VAL A 220 -21.41 47.28 -10.21
N SER A 221 -20.10 47.32 -9.87
CA SER A 221 -19.65 47.15 -8.48
C SER A 221 -20.12 48.27 -7.56
N LEU A 222 -19.77 49.52 -7.89
CA LEU A 222 -20.14 50.68 -7.07
C LEU A 222 -21.63 50.74 -6.70
N PRO A 223 -22.61 50.66 -7.63
CA PRO A 223 -24.00 50.77 -7.18
C PRO A 223 -24.47 49.61 -6.31
N VAL A 224 -24.12 48.38 -6.68
CA VAL A 224 -24.56 47.19 -5.94
C VAL A 224 -23.97 47.19 -4.54
N ASN A 225 -22.68 47.52 -4.42
CA ASN A 225 -22.06 47.54 -3.10
C ASN A 225 -22.46 48.78 -2.29
N LYS A 226 -22.79 49.88 -2.96
CA LYS A 226 -23.36 51.03 -2.26
C LYS A 226 -24.71 50.70 -1.66
N LEU A 227 -25.54 49.95 -2.39
CA LEU A 227 -26.82 49.50 -1.84
C LEU A 227 -26.62 48.45 -0.74
N LEU A 228 -25.66 47.54 -0.91
CA LEU A 228 -25.36 46.55 0.12
C LEU A 228 -24.88 47.21 1.41
N ASP A 229 -24.09 48.27 1.29
CA ASP A 229 -23.68 49.01 2.47
C ASP A 229 -24.81 49.88 3.02
N ALA A 230 -25.75 50.28 2.16
CA ALA A 230 -26.93 51.00 2.63
C ALA A 230 -27.84 50.11 3.46
N GLY A 231 -27.88 48.82 3.15
CA GLY A 231 -28.63 47.85 3.94
C GLY A 231 -29.76 47.15 3.24
N VAL A 232 -30.11 47.54 2.00
CA VAL A 232 -31.23 46.93 1.28
C VAL A 232 -30.89 45.47 0.96
N ASP A 233 -31.90 44.61 1.10
CA ASP A 233 -31.84 43.18 0.81
C ASP A 233 -31.27 42.91 -0.60
N PRO A 234 -30.29 41.98 -0.73
CA PRO A 234 -29.67 41.69 -2.05
C PRO A 234 -30.67 41.34 -3.13
N LYS A 235 -31.71 40.56 -2.81
CA LYS A 235 -32.73 40.21 -3.79
C LYS A 235 -33.49 41.46 -4.23
N GLU A 236 -33.56 42.47 -3.36
CA GLU A 236 -34.29 43.69 -3.64
C GLU A 236 -33.43 44.68 -4.43
N ILE A 237 -32.11 44.47 -4.43
CA ILE A 237 -31.21 45.34 -5.20
C ILE A 237 -31.42 45.12 -6.70
N PRO A 238 -31.51 46.19 -7.50
CA PRO A 238 -31.65 46.05 -8.96
C PRO A 238 -30.51 45.25 -9.59
N LEU A 239 -30.87 44.41 -10.54
CA LEU A 239 -29.91 43.62 -11.29
C LEU A 239 -28.97 44.52 -12.10
N PRO A 240 -27.71 44.10 -12.30
CA PRO A 240 -26.71 44.98 -12.96
C PRO A 240 -27.09 45.49 -14.35
N HIS A 241 -27.74 44.67 -15.18
CA HIS A 241 -28.11 45.12 -16.52
C HIS A 241 -29.10 46.28 -16.49
N ASP A 242 -29.96 46.33 -15.48
CA ASP A 242 -30.85 47.48 -15.30
C ASP A 242 -30.07 48.75 -14.98
N LEU A 243 -28.94 48.60 -14.30
CA LEU A 243 -28.08 49.75 -13.99
C LEU A 243 -27.42 50.31 -15.25
N LEU A 244 -27.03 49.43 -16.17
CA LEU A 244 -26.52 49.90 -17.47
C LEU A 244 -27.64 50.51 -18.30
N LEU A 245 -28.83 49.93 -18.24
CA LEU A 245 -29.91 50.31 -19.15
C LEU A 245 -30.53 51.65 -18.75
N ASN A 246 -30.93 51.79 -17.48
CA ASN A 246 -31.56 53.01 -16.99
C ASN A 246 -30.60 53.87 -16.19
N ARG A 247 -29.99 54.86 -16.87
CA ARG A 247 -29.02 55.78 -16.30
C ARG A 247 -29.64 56.69 -15.22
N ALA A 248 -30.97 56.76 -15.13
CA ALA A 248 -31.62 57.53 -14.07
C ALA A 248 -31.34 56.95 -12.69
N ILE A 249 -31.23 55.63 -12.57
CA ILE A 249 -30.88 55.02 -11.28
C ILE A 249 -29.44 55.36 -10.90
N MET A 250 -28.54 55.30 -11.88
CA MET A 250 -27.15 55.71 -11.67
C MET A 250 -27.06 57.16 -11.24
N ALA A 251 -27.93 58.02 -11.79
CA ALA A 251 -27.97 59.42 -11.38
C ALA A 251 -28.62 59.60 -10.01
N ASP A 252 -29.49 58.66 -9.60
CA ASP A 252 -30.04 58.72 -8.26
C ASP A 252 -28.96 58.44 -7.21
N LEU A 253 -28.10 57.45 -7.46
CA LEU A 253 -27.02 57.17 -6.51
C LEU A 253 -25.86 58.16 -6.62
N TYR A 254 -25.39 58.44 -7.83
CA TYR A 254 -24.30 59.39 -8.05
C TYR A 254 -24.72 60.34 -9.15
N PRO A 255 -25.10 61.58 -8.80
CA PRO A 255 -25.64 62.52 -9.80
C PRO A 255 -24.71 62.83 -10.97
N SER A 256 -23.41 62.53 -10.87
CA SER A 256 -22.48 62.74 -11.97
C SER A 256 -22.95 62.04 -13.24
N PHE A 257 -23.51 60.83 -13.08
CA PHE A 257 -23.98 60.04 -14.21
C PHE A 257 -25.14 60.69 -14.98
N ALA A 258 -25.79 61.70 -14.41
CA ALA A 258 -26.84 62.44 -15.13
C ALA A 258 -26.26 63.17 -16.33
N LYS A 259 -25.07 63.74 -16.19
CA LYS A 259 -24.43 64.49 -17.26
C LYS A 259 -23.80 63.58 -18.30
N GLY A 260 -23.71 62.28 -18.04
CA GLY A 260 -23.23 61.35 -19.03
C GLY A 260 -21.74 61.46 -19.25
N ILE A 261 -21.32 61.21 -20.49
CA ILE A 261 -19.91 61.23 -20.84
C ILE A 261 -19.48 62.61 -21.37
N ALA A 262 -20.37 63.61 -21.26
CA ALA A 262 -19.98 64.97 -21.59
C ALA A 262 -18.84 65.54 -20.74
N PRO A 263 -18.77 65.36 -19.40
CA PRO A 263 -17.58 65.87 -18.69
C PRO A 263 -16.30 65.15 -19.03
N PHE A 264 -16.38 63.91 -19.53
CA PHE A 264 -15.17 63.20 -19.92
C PHE A 264 -14.54 63.85 -21.15
N PHE A 265 -15.32 64.01 -22.21
CA PHE A 265 -14.81 64.59 -23.45
C PHE A 265 -14.55 66.10 -23.33
N THR A 266 -15.29 66.80 -22.47
CA THR A 266 -15.07 68.24 -22.37
C THR A 266 -13.99 68.57 -21.34
N LEU A 267 -13.35 67.55 -20.76
CA LEU A 267 -12.24 67.62 -19.80
C LEU A 267 -12.66 68.24 -18.47
N ASN A 268 -13.95 68.32 -18.18
CA ASN A 268 -14.44 68.75 -16.87
C ASN A 268 -14.55 67.55 -15.93
N TRP A 269 -13.41 66.90 -15.71
CA TRP A 269 -13.35 65.64 -14.97
C TRP A 269 -13.68 65.78 -13.50
N SER A 270 -13.57 67.00 -12.94
CA SER A 270 -13.88 67.24 -11.53
C SER A 270 -15.31 66.87 -11.15
N GLU A 271 -16.23 66.87 -12.12
CA GLU A 271 -17.61 66.49 -11.86
C GLU A 271 -17.79 64.99 -11.65
N TYR A 272 -16.78 64.18 -11.94
CA TYR A 272 -16.79 62.74 -11.69
C TYR A 272 -16.31 62.38 -10.28
N SER A 273 -16.37 63.32 -9.34
CA SER A 273 -15.83 63.07 -8.01
C SER A 273 -16.73 62.23 -7.15
N ASP A 274 -17.89 61.85 -7.66
CA ASP A 274 -18.83 61.07 -6.86
C ASP A 274 -18.33 59.65 -6.76
N PHE A 275 -17.81 59.12 -7.86
CA PHE A 275 -17.35 57.74 -7.93
C PHE A 275 -15.86 57.60 -8.23
N LEU A 276 -15.13 58.68 -8.54
CA LEU A 276 -13.67 58.59 -8.69
C LEU A 276 -13.14 59.48 -7.58
N THR A 277 -12.86 58.88 -6.42
CA THR A 277 -12.48 59.60 -5.21
C THR A 277 -11.01 59.41 -4.85
N PHE A 278 -10.63 60.00 -3.73
CA PHE A 278 -9.30 59.87 -3.12
C PHE A 278 -9.46 59.92 -1.61
N LYS A 279 -10.42 59.13 -1.09
CA LYS A 279 -10.72 59.15 0.34
C LYS A 279 -9.59 58.54 1.16
N GLY A 280 -9.12 57.36 0.76
CA GLY A 280 -8.20 56.59 1.56
C GLY A 280 -8.88 55.90 2.72
N GLY A 281 -8.06 55.25 3.54
CA GLY A 281 -8.56 54.50 4.69
C GLY A 281 -9.44 53.34 4.28
N LEU A 282 -10.39 53.01 5.15
CA LEU A 282 -11.30 51.90 4.93
C LEU A 282 -12.73 52.39 5.05
N ASN A 283 -13.64 51.69 4.37
CA ASN A 283 -15.08 51.92 4.51
C ASN A 283 -15.48 51.53 5.92
N PRO A 284 -15.97 52.45 6.75
CA PRO A 284 -16.11 52.16 8.19
C PRO A 284 -17.20 51.16 8.51
N VAL A 285 -18.26 51.11 7.71
CA VAL A 285 -19.32 50.14 7.94
C VAL A 285 -18.98 48.79 7.32
N THR A 286 -17.91 48.71 6.54
CA THR A 286 -17.62 47.52 5.76
C THR A 286 -16.21 46.97 5.96
N GLY A 287 -15.27 47.79 6.44
CA GLY A 287 -13.90 47.40 6.71
C GLY A 287 -13.01 47.15 5.51
N GLY A 288 -13.42 47.57 4.32
CA GLY A 288 -12.63 47.41 3.12
C GLY A 288 -12.36 48.77 2.48
N LEU A 289 -11.42 48.78 1.55
CA LEU A 289 -11.11 50.01 0.81
C LEU A 289 -12.35 50.50 0.04
N TRP A 290 -12.43 51.82 -0.14
CA TRP A 290 -13.53 52.39 -0.92
C TRP A 290 -13.45 51.97 -2.39
N LEU A 291 -14.56 51.40 -2.89
CA LEU A 291 -14.61 50.97 -4.28
C LEU A 291 -14.50 52.14 -5.25
N SER A 292 -14.88 53.34 -4.81
CA SER A 292 -14.65 54.54 -5.62
C SER A 292 -13.17 54.84 -5.77
N ASP A 293 -12.41 54.64 -4.68
CA ASP A 293 -10.95 54.77 -4.74
C ASP A 293 -10.36 53.70 -5.64
N THR A 294 -10.89 52.48 -5.57
CA THR A 294 -10.41 51.39 -6.40
C THR A 294 -10.74 51.61 -7.88
N ALA A 295 -11.89 52.23 -8.16
CA ALA A 295 -12.28 52.54 -9.53
C ALA A 295 -11.38 53.61 -10.12
N HIS A 296 -11.13 54.69 -9.36
CA HIS A 296 -10.20 55.73 -9.82
C HIS A 296 -8.82 55.15 -10.03
N HIS A 297 -8.42 54.23 -9.15
CA HIS A 297 -7.12 53.58 -9.22
C HIS A 297 -6.96 52.76 -10.49
N HIS A 298 -7.98 51.98 -10.83
CA HIS A 298 -7.92 51.18 -12.05
C HIS A 298 -8.03 52.03 -13.32
N VAL A 299 -8.74 53.17 -13.28
CA VAL A 299 -8.75 54.07 -14.43
C VAL A 299 -7.37 54.68 -14.65
N ALA A 300 -6.74 55.14 -13.57
CA ALA A 300 -5.39 55.70 -13.64
C ALA A 300 -4.39 54.67 -14.15
N ILE A 301 -4.42 53.47 -13.56
CA ILE A 301 -3.56 52.35 -13.97
C ILE A 301 -3.74 52.04 -15.45
N ALA A 302 -5.00 52.02 -15.91
CA ALA A 302 -5.31 51.80 -17.32
C ALA A 302 -4.65 52.82 -18.21
N VAL A 303 -4.82 54.11 -17.91
CA VAL A 303 -4.27 55.16 -18.75
C VAL A 303 -2.75 55.11 -18.75
N LEU A 304 -2.16 54.84 -17.58
CA LEU A 304 -0.71 54.71 -17.45
C LEU A 304 -0.18 53.58 -18.32
N PHE A 305 -0.77 52.38 -18.21
CA PHE A 305 -0.28 51.27 -19.03
C PHE A 305 -0.54 51.47 -20.53
N LEU A 306 -1.68 52.07 -20.92
CA LEU A 306 -1.89 52.33 -22.36
C LEU A 306 -0.89 53.34 -22.90
N VAL A 307 -0.47 54.30 -22.08
CA VAL A 307 0.63 55.18 -22.46
C VAL A 307 1.92 54.37 -22.58
N ALA A 308 2.17 53.47 -21.62
CA ALA A 308 3.41 52.70 -21.59
C ALA A 308 3.53 51.74 -22.76
N GLY A 309 2.41 51.22 -23.27
CA GLY A 309 2.40 50.28 -24.37
C GLY A 309 2.65 50.82 -25.76
N HIS A 310 3.02 52.08 -25.90
CA HIS A 310 3.29 52.68 -27.20
C HIS A 310 4.73 53.16 -27.26
N MET A 311 5.62 52.43 -26.61
CA MET A 311 7.01 52.84 -26.48
C MET A 311 7.95 52.26 -27.52
N TYR A 312 7.75 51.02 -27.94
CA TYR A 312 8.71 50.31 -28.79
C TYR A 312 8.30 50.34 -30.26
N ARG A 313 9.29 50.53 -31.13
CA ARG A 313 9.05 50.60 -32.57
C ARG A 313 8.68 49.24 -33.14
N THR A 314 7.61 49.21 -33.96
CA THR A 314 7.20 47.98 -34.60
C THR A 314 7.25 48.21 -36.11
N ASN A 315 6.12 48.45 -36.77
CA ASN A 315 6.10 48.57 -38.22
C ASN A 315 6.13 50.01 -38.70
N TRP A 316 6.36 50.97 -37.82
CA TRP A 316 6.45 52.37 -38.19
C TRP A 316 7.62 53.00 -37.44
N GLY A 317 8.09 54.12 -38.00
CA GLY A 317 9.32 54.76 -37.54
C GLY A 317 9.34 55.09 -36.06
N ILE A 318 8.21 55.57 -35.53
CA ILE A 318 8.12 55.97 -34.14
C ILE A 318 8.35 54.78 -33.21
N GLY A 319 8.84 55.06 -32.02
CA GLY A 319 9.04 54.02 -31.04
C GLY A 319 10.52 53.77 -30.75
N HIS A 320 10.80 53.32 -29.54
CA HIS A 320 12.15 53.01 -29.11
C HIS A 320 12.58 51.63 -29.60
N SER A 321 13.86 51.32 -29.39
CA SER A 321 14.45 50.04 -29.77
C SER A 321 15.19 49.49 -28.56
N MET A 322 14.82 48.28 -28.13
CA MET A 322 15.38 47.66 -26.93
C MET A 322 16.89 47.50 -26.97
N LYS A 323 17.41 47.04 -28.10
CA LYS A 323 18.86 46.90 -28.23
C LYS A 323 19.56 48.26 -28.21
N GLU A 324 18.91 49.31 -28.72
CA GLU A 324 19.54 50.62 -28.74
C GLU A 324 19.56 51.25 -27.36
N ILE A 325 18.46 51.11 -26.58
CA ILE A 325 18.45 51.57 -25.20
C ILE A 325 19.48 50.81 -24.36
N LEU A 326 19.61 49.49 -24.59
CA LEU A 326 20.61 48.72 -23.86
C LEU A 326 22.03 49.15 -24.24
N GLU A 327 22.32 49.27 -25.54
CA GLU A 327 23.66 49.62 -25.98
C GLU A 327 24.01 51.08 -25.75
N ALA A 328 23.06 51.92 -25.36
CA ALA A 328 23.36 53.32 -25.11
C ALA A 328 23.87 53.60 -23.71
N HIS A 329 23.64 52.70 -22.76
CA HIS A 329 24.02 52.93 -21.36
C HIS A 329 25.32 52.18 -21.06
N ARG A 330 26.45 52.87 -21.26
CA ARG A 330 27.79 52.36 -21.03
C ARG A 330 28.59 53.37 -20.23
N GLY A 331 29.28 52.93 -19.18
CA GLY A 331 30.12 53.86 -18.45
C GLY A 331 31.59 53.47 -18.37
N PRO A 332 32.36 54.31 -17.68
CA PRO A 332 33.80 54.02 -17.49
C PRO A 332 34.11 52.83 -16.60
N PHE A 333 33.28 52.57 -15.59
CA PHE A 333 33.48 51.50 -14.62
C PHE A 333 33.09 50.12 -15.13
N THR A 334 32.20 50.03 -16.11
CA THR A 334 31.59 48.78 -16.52
C THR A 334 31.99 48.35 -17.93
N GLY A 335 32.72 49.19 -18.65
CA GLY A 335 33.19 48.85 -19.99
C GLY A 335 32.09 48.82 -21.02
N GLU A 336 31.82 47.67 -21.63
CA GLU A 336 30.84 47.63 -22.71
C GLU A 336 29.41 47.70 -22.21
N GLY A 337 29.19 47.56 -20.91
CA GLY A 337 27.88 47.81 -20.33
C GLY A 337 26.88 46.75 -20.73
N HIS A 338 25.71 47.18 -21.18
CA HIS A 338 24.59 46.27 -21.44
C HIS A 338 24.61 45.70 -22.86
N VAL A 339 25.77 45.65 -23.50
CA VAL A 339 25.88 45.09 -24.85
C VAL A 339 25.84 43.57 -24.77
N GLY A 340 24.97 42.96 -25.58
CA GLY A 340 24.83 41.52 -25.63
C GLY A 340 23.64 40.99 -24.86
N LEU A 341 23.07 41.81 -23.97
CA LEU A 341 21.95 41.36 -23.15
C LEU A 341 20.70 41.17 -23.98
N TYR A 342 20.50 41.97 -25.03
CA TYR A 342 19.36 41.80 -25.91
C TYR A 342 19.44 40.45 -26.59
N GLU A 343 20.64 40.09 -27.07
CA GLU A 343 20.86 38.80 -27.72
C GLU A 343 20.64 37.66 -26.75
N ILE A 344 21.03 37.85 -25.49
CA ILE A 344 20.80 36.82 -24.47
C ILE A 344 19.30 36.64 -24.20
N LEU A 345 18.58 37.74 -24.02
CA LEU A 345 17.16 37.67 -23.64
C LEU A 345 16.22 37.47 -24.81
N THR A 346 16.71 37.25 -26.03
CA THR A 346 15.84 36.93 -27.16
C THR A 346 16.18 35.59 -27.79
N THR A 347 17.04 34.81 -27.13
CA THR A 347 17.43 33.49 -27.61
C THR A 347 17.46 32.44 -26.51
N SER A 348 17.36 32.83 -25.24
CA SER A 348 17.42 31.89 -24.12
C SER A 348 16.16 31.99 -23.28
N TRP A 349 15.35 30.93 -23.32
CA TRP A 349 14.14 30.89 -22.51
C TRP A 349 14.43 30.87 -21.02
N HIS A 350 15.55 30.26 -20.61
CA HIS A 350 15.86 30.12 -19.17
C HIS A 350 16.21 31.45 -18.54
N ALA A 351 16.87 32.35 -19.28
CA ALA A 351 17.18 33.67 -18.76
C ALA A 351 15.91 34.46 -18.50
N GLN A 352 15.01 34.46 -19.49
CA GLN A 352 13.69 35.07 -19.36
C GLN A 352 12.94 34.49 -18.16
N LEU A 353 12.93 33.16 -18.03
CA LEU A 353 12.23 32.50 -16.92
C LEU A 353 12.82 32.90 -15.58
N ALA A 354 14.14 33.07 -15.51
CA ALA A 354 14.79 33.54 -14.29
C ALA A 354 14.31 34.94 -13.90
N ILE A 355 14.37 35.89 -14.85
CA ILE A 355 13.93 37.26 -14.58
C ILE A 355 12.45 37.31 -14.18
N ASN A 356 11.60 36.67 -14.99
CA ASN A 356 10.16 36.69 -14.77
C ASN A 356 9.78 35.99 -13.47
N LEU A 357 10.46 34.91 -13.10
CA LEU A 357 10.19 34.24 -11.83
C LEU A 357 10.59 35.11 -10.65
N ALA A 358 11.76 35.77 -10.72
CA ALA A 358 12.20 36.65 -9.64
C ALA A 358 11.21 37.78 -9.39
N LEU A 359 10.77 38.45 -10.45
CA LEU A 359 9.89 39.58 -10.26
C LEU A 359 8.47 39.13 -9.95
N PHE A 360 8.08 37.95 -10.42
CA PHE A 360 6.75 37.43 -10.15
C PHE A 360 6.62 36.95 -8.70
N GLY A 361 7.68 36.33 -8.17
CA GLY A 361 7.73 35.97 -6.77
C GLY A 361 7.73 37.18 -5.86
N SER A 362 8.65 38.13 -6.12
CA SER A 362 8.70 39.38 -5.37
C SER A 362 7.36 40.10 -5.39
N LEU A 363 6.71 40.14 -6.56
CA LEU A 363 5.40 40.73 -6.71
C LEU A 363 4.36 40.03 -5.84
N SER A 364 4.41 38.70 -5.75
CA SER A 364 3.48 37.97 -4.90
C SER A 364 3.68 38.30 -3.42
N ILE A 365 4.93 38.51 -3.01
CA ILE A 365 5.20 38.89 -1.62
C ILE A 365 4.68 40.31 -1.35
N ILE A 366 4.85 41.22 -2.31
CA ILE A 366 4.30 42.57 -2.22
C ILE A 366 2.77 42.53 -2.17
N VAL A 367 2.16 41.59 -2.91
CA VAL A 367 0.72 41.38 -2.86
C VAL A 367 0.27 40.97 -1.47
N ALA A 368 0.99 40.04 -0.84
CA ALA A 368 0.72 39.61 0.54
C ALA A 368 0.72 40.78 1.51
N HIS A 369 1.79 41.58 1.49
CA HIS A 369 1.91 42.72 2.40
C HIS A 369 0.87 43.80 2.14
N HIS A 370 0.68 44.17 0.88
CA HIS A 370 -0.26 45.25 0.60
C HIS A 370 -1.71 44.82 0.82
N MET A 371 -2.01 43.52 0.68
CA MET A 371 -3.36 43.06 0.92
C MET A 371 -3.65 42.85 2.40
N TYR A 372 -2.66 42.54 3.23
CA TYR A 372 -2.94 42.57 4.66
C TYR A 372 -3.10 44.01 5.13
N ALA A 373 -2.28 44.92 4.60
CA ALA A 373 -2.20 46.25 5.20
C ALA A 373 -3.36 47.13 4.76
N MET A 374 -3.81 46.97 3.52
CA MET A 374 -4.86 47.81 2.93
C MET A 374 -5.93 46.87 2.42
N PRO A 375 -6.75 46.29 3.31
CA PRO A 375 -7.78 45.27 2.92
C PRO A 375 -8.71 45.75 1.83
N PRO A 376 -8.59 45.16 0.63
CA PRO A 376 -9.33 45.65 -0.53
C PRO A 376 -10.73 45.07 -0.69
N TYR A 377 -11.06 44.04 0.04
CA TYR A 377 -12.37 43.45 -0.11
C TYR A 377 -13.22 43.70 1.12
N PRO A 378 -14.52 43.84 0.94
CA PRO A 378 -15.42 44.04 2.07
C PRO A 378 -15.54 42.81 2.96
N TYR A 379 -15.56 43.06 4.28
CA TYR A 379 -15.65 42.03 5.33
C TYR A 379 -14.51 41.02 5.20
N LEU A 380 -13.33 41.53 4.90
CA LEU A 380 -12.13 40.73 4.75
C LEU A 380 -11.21 40.86 5.96
N ALA A 381 -10.99 42.10 6.42
CA ALA A 381 -10.09 42.37 7.54
C ALA A 381 -10.53 41.68 8.83
N THR A 382 -11.84 41.46 9.00
CA THR A 382 -12.37 40.83 10.20
C THR A 382 -12.57 39.35 10.01
N ASP A 383 -12.26 38.84 8.82
CA ASP A 383 -12.22 37.39 8.56
C ASP A 383 -10.75 37.01 8.71
N TYR A 384 -10.33 36.97 9.99
CA TYR A 384 -8.95 36.78 10.40
C TYR A 384 -8.32 35.54 9.77
N GLY A 385 -9.13 34.49 9.61
CA GLY A 385 -8.65 33.29 8.95
C GLY A 385 -8.31 33.50 7.50
N THR A 386 -9.17 34.24 6.79
CA THR A 386 -8.91 34.60 5.41
C THR A 386 -7.66 35.46 5.28
N GLN A 387 -7.49 36.45 6.18
CA GLN A 387 -6.32 37.32 6.12
C GLN A 387 -5.03 36.55 6.33
N LEU A 388 -4.97 35.73 7.39
CA LEU A 388 -3.80 34.90 7.66
C LEU A 388 -3.50 33.96 6.49
N SER A 389 -4.54 33.30 5.98
CA SER A 389 -4.40 32.36 4.87
C SER A 389 -3.85 33.02 3.62
N LEU A 390 -4.42 34.16 3.22
CA LEU A 390 -4.00 34.86 2.02
C LEU A 390 -2.55 35.34 2.12
N PHE A 391 -2.21 36.00 3.23
CA PHE A 391 -0.84 36.48 3.46
C PHE A 391 0.15 35.33 3.36
N THR A 392 -0.09 34.28 4.16
CA THR A 392 0.80 33.13 4.22
C THR A 392 0.96 32.46 2.86
N HIS A 393 -0.17 32.14 2.19
CA HIS A 393 -0.19 31.51 0.88
C HIS A 393 0.66 32.28 -0.13
N HIS A 394 0.34 33.56 -0.34
CA HIS A 394 1.05 34.34 -1.34
C HIS A 394 2.52 34.57 -0.98
N THR A 395 2.85 34.58 0.32
CA THR A 395 4.25 34.63 0.74
C THR A 395 5.01 33.38 0.31
N TRP A 396 4.40 32.20 0.54
CA TRP A 396 5.00 30.93 0.13
C TRP A 396 5.20 30.85 -1.38
N ILE A 397 4.15 31.16 -2.15
CA ILE A 397 4.22 31.17 -3.61
C ILE A 397 5.37 32.05 -4.08
N GLY A 398 5.47 33.26 -3.52
CA GLY A 398 6.55 34.19 -3.78
C GLY A 398 7.93 33.58 -3.60
N GLY A 399 8.17 33.03 -2.39
CA GLY A 399 9.45 32.41 -2.07
C GLY A 399 9.84 31.31 -3.04
N PHE A 400 8.88 30.43 -3.37
CA PHE A 400 9.12 29.36 -4.34
C PHE A 400 9.52 29.91 -5.69
N CYS A 401 8.83 30.96 -6.16
CA CYS A 401 9.18 31.54 -7.46
C CYS A 401 10.55 32.21 -7.46
N ILE A 402 10.97 32.76 -6.32
CA ILE A 402 12.32 33.31 -6.22
C ILE A 402 13.39 32.22 -6.33
N VAL A 403 13.20 31.12 -5.58
CA VAL A 403 14.13 29.98 -5.70
C VAL A 403 14.17 29.46 -7.14
N GLY A 404 13.00 29.39 -7.80
CA GLY A 404 12.95 29.01 -9.21
C GLY A 404 13.74 29.95 -10.10
N ALA A 405 13.67 31.24 -9.82
CA ALA A 405 14.45 32.24 -10.55
C ALA A 405 15.94 31.94 -10.47
N GLY A 406 16.42 31.66 -9.25
CA GLY A 406 17.82 31.27 -9.10
C GLY A 406 18.18 30.00 -9.85
N ALA A 407 17.26 29.02 -9.84
CA ALA A 407 17.43 27.76 -10.55
C ALA A 407 17.61 27.98 -12.05
N HIS A 408 16.67 28.68 -12.67
CA HIS A 408 16.73 28.86 -14.12
C HIS A 408 17.81 29.85 -14.54
N ALA A 409 18.22 30.76 -13.66
CA ALA A 409 19.41 31.57 -13.90
C ALA A 409 20.63 30.68 -14.06
N ALA A 410 20.80 29.73 -13.12
CA ALA A 410 21.91 28.78 -13.18
C ALA A 410 21.83 27.90 -14.44
N ILE A 411 20.63 27.48 -14.81
CA ILE A 411 20.43 26.66 -16.00
C ILE A 411 20.86 27.42 -17.26
N PHE A 412 20.54 28.72 -17.32
CA PHE A 412 21.06 29.57 -18.39
C PHE A 412 22.58 29.56 -18.37
N MET A 413 23.16 29.78 -17.18
CA MET A 413 24.61 29.89 -17.03
C MET A 413 25.35 28.66 -17.54
N VAL A 414 24.74 27.49 -17.40
CA VAL A 414 25.39 26.27 -17.85
C VAL A 414 25.09 25.98 -19.31
N ARG A 415 23.84 26.10 -19.75
CA ARG A 415 23.49 25.65 -21.10
C ARG A 415 23.55 26.70 -22.21
N ASP A 416 23.23 27.96 -21.92
CA ASP A 416 23.06 28.99 -22.94
C ASP A 416 24.17 30.03 -23.00
N TYR A 417 24.87 30.24 -21.88
CA TYR A 417 25.98 31.17 -21.78
C TYR A 417 27.04 30.82 -22.82
N ASP A 418 27.46 31.81 -23.57
CA ASP A 418 28.45 31.65 -24.63
C ASP A 418 29.24 32.94 -24.72
N PRO A 419 30.46 32.95 -24.18
CA PRO A 419 31.26 34.17 -24.02
C PRO A 419 31.86 34.71 -25.29
N THR A 420 31.73 34.05 -26.44
CA THR A 420 32.32 34.60 -27.64
C THR A 420 31.34 35.52 -28.35
N ASN A 421 30.13 35.65 -27.78
CA ASN A 421 29.24 36.77 -28.01
C ASN A 421 29.07 37.61 -26.75
N ASN A 422 29.87 37.34 -25.72
CA ASN A 422 29.65 37.95 -24.40
C ASN A 422 31.02 38.08 -23.74
N TYR A 423 31.73 39.18 -24.03
CA TYR A 423 33.17 39.18 -23.83
C TYR A 423 33.72 40.10 -22.75
N ASN A 424 33.41 41.38 -22.73
CA ASN A 424 33.80 42.20 -21.59
C ASN A 424 32.55 43.01 -21.31
N ASN A 425 31.69 42.42 -20.50
CA ASN A 425 30.28 42.73 -20.41
C ASN A 425 29.96 42.74 -18.94
N LEU A 426 28.76 43.23 -18.60
CA LEU A 426 28.30 43.23 -17.21
C LEU A 426 28.33 41.83 -16.62
N LEU A 427 27.78 40.85 -17.36
CA LEU A 427 27.77 39.47 -16.93
C LEU A 427 29.19 38.94 -16.76
N ASP A 428 30.08 39.26 -17.70
CA ASP A 428 31.47 38.81 -17.62
C ASP A 428 32.17 39.35 -16.39
N ARG A 429 32.04 40.65 -16.12
CA ARG A 429 32.67 41.25 -14.95
C ARG A 429 32.12 40.67 -13.65
N VAL A 430 30.81 40.40 -13.58
CA VAL A 430 30.23 39.71 -12.43
C VAL A 430 30.89 38.33 -12.24
N ILE A 431 30.98 37.55 -13.32
CA ILE A 431 31.70 36.27 -13.31
C ILE A 431 33.17 36.46 -12.93
N ARG A 432 33.72 37.61 -13.27
CA ARG A 432 35.14 37.84 -13.14
C ARG A 432 35.51 38.37 -11.75
N HIS A 433 34.53 38.83 -10.94
CA HIS A 433 34.83 39.22 -9.56
C HIS A 433 33.88 38.50 -8.58
N ARG A 434 33.39 37.33 -9.00
CA ARG A 434 32.49 36.50 -8.18
C ARG A 434 33.08 36.14 -6.83
N ASP A 435 34.41 35.96 -6.73
CA ASP A 435 35.04 35.63 -5.45
C ASP A 435 34.86 36.76 -4.45
N ALA A 436 35.02 38.01 -4.92
CA ALA A 436 34.81 39.18 -4.08
C ALA A 436 33.35 39.28 -3.65
N ILE A 437 32.43 39.06 -4.62
CA ILE A 437 31.00 39.11 -4.34
C ILE A 437 30.60 38.09 -3.27
N ILE A 438 30.96 36.82 -3.47
CA ILE A 438 30.60 35.76 -2.54
C ILE A 438 31.27 35.94 -1.19
N SER A 439 32.54 36.37 -1.15
CA SER A 439 33.20 36.57 0.14
C SER A 439 32.55 37.70 0.94
N HIS A 440 32.21 38.82 0.29
CA HIS A 440 31.51 39.89 1.01
C HIS A 440 30.13 39.45 1.48
N LEU A 441 29.37 38.74 0.62
CA LEU A 441 28.07 38.20 1.03
C LEU A 441 28.20 37.23 2.18
N ASN A 442 29.24 36.39 2.14
CA ASN A 442 29.57 35.47 3.21
C ASN A 442 29.74 36.21 4.53
N TRP A 443 30.65 37.20 4.56
CA TRP A 443 30.91 37.97 5.76
C TRP A 443 29.65 38.63 6.31
N VAL A 444 28.89 39.33 5.44
CA VAL A 444 27.68 40.02 5.90
C VAL A 444 26.63 39.04 6.42
N CYS A 445 26.59 37.80 5.88
CA CYS A 445 25.69 36.79 6.40
C CYS A 445 26.11 36.35 7.81
N ILE A 446 27.41 36.15 8.02
CA ILE A 446 27.91 35.77 9.35
C ILE A 446 27.68 36.89 10.35
N PHE A 447 27.95 38.14 9.94
CA PHE A 447 27.70 39.31 10.78
C PHE A 447 26.24 39.37 11.21
N LEU A 448 25.32 39.27 10.23
CA LEU A 448 23.89 39.32 10.52
C LEU A 448 23.49 38.18 11.44
N GLY A 449 23.97 36.97 11.16
CA GLY A 449 23.67 35.81 11.99
C GLY A 449 24.10 36.00 13.44
N PHE A 450 25.38 36.36 13.64
CA PHE A 450 25.90 36.64 14.96
C PHE A 450 25.09 37.69 15.70
N HIS A 451 24.87 38.86 15.10
CA HIS A 451 24.24 39.88 15.93
C HIS A 451 22.73 39.71 16.07
N SER A 452 21.99 39.39 14.99
CA SER A 452 20.57 39.05 15.10
C SER A 452 20.27 37.86 16.01
N PHE A 453 20.79 36.67 15.69
CA PHE A 453 20.50 35.50 16.52
C PHE A 453 21.14 35.60 17.90
N GLY A 454 22.34 36.19 17.98
CA GLY A 454 23.02 36.38 19.23
C GLY A 454 22.25 37.23 20.24
N LEU A 455 21.43 38.18 19.76
CA LEU A 455 20.60 38.93 20.72
C LEU A 455 19.59 38.00 21.38
N TYR A 456 19.01 37.08 20.60
CA TYR A 456 18.07 36.11 21.14
C TYR A 456 18.74 35.19 22.13
N ILE A 457 19.91 34.63 21.78
CA ILE A 457 20.63 33.76 22.70
C ILE A 457 21.07 34.51 23.95
N HIS A 458 21.53 35.75 23.79
CA HIS A 458 21.86 36.63 24.91
C HIS A 458 20.67 36.81 25.85
N ASN A 459 19.50 37.14 25.29
CA ASN A 459 18.27 37.31 26.06
C ASN A 459 17.88 36.03 26.78
N ASP A 460 17.96 34.88 26.09
CA ASP A 460 17.67 33.59 26.70
C ASP A 460 18.55 33.34 27.90
N THR A 461 19.84 33.64 27.76
CA THR A 461 20.79 33.43 28.83
C THR A 461 20.51 34.35 30.02
N MET A 462 20.33 35.65 29.75
CA MET A 462 20.03 36.61 30.82
C MET A 462 18.73 36.30 31.53
N SER A 463 17.70 35.91 30.78
CA SER A 463 16.42 35.56 31.37
C SER A 463 16.54 34.31 32.22
N ALA A 464 17.34 33.33 31.77
CA ALA A 464 17.52 32.10 32.52
C ALA A 464 18.35 32.33 33.78
N LEU A 465 19.27 33.30 33.75
CA LEU A 465 20.15 33.57 34.88
C LEU A 465 19.54 34.52 35.90
N GLY A 466 18.29 34.91 35.72
CA GLY A 466 17.62 35.80 36.65
C GLY A 466 18.09 37.23 36.58
N ARG A 467 18.48 37.70 35.41
CA ARG A 467 18.97 39.07 35.20
C ARG A 467 18.23 39.73 34.03
N PRO A 468 16.92 40.01 34.19
CA PRO A 468 16.15 40.61 33.08
C PRO A 468 16.57 42.02 32.73
N GLN A 469 17.23 42.74 33.63
CA GLN A 469 17.68 44.11 33.38
C GLN A 469 18.84 44.19 32.40
N ASP A 470 19.44 43.06 32.03
CA ASP A 470 20.54 43.00 31.08
C ASP A 470 20.11 42.51 29.70
N MET A 471 18.81 42.35 29.47
CA MET A 471 18.30 41.88 28.19
C MET A 471 18.17 43.01 27.17
N PHE A 472 17.94 42.60 25.92
CA PHE A 472 17.57 43.51 24.84
C PHE A 472 16.05 43.49 24.77
N SER A 473 15.41 44.51 25.32
CA SER A 473 13.96 44.59 25.38
C SER A 473 13.55 46.06 25.46
N ASP A 474 12.25 46.29 25.54
CA ASP A 474 11.71 47.65 25.63
C ASP A 474 11.89 48.28 27.00
N THR A 475 12.21 47.50 28.03
CA THR A 475 12.37 48.03 29.36
C THR A 475 13.80 47.97 29.86
N ALA A 476 14.62 47.09 29.29
CA ALA A 476 16.03 46.97 29.62
C ALA A 476 16.85 47.78 28.59
N ILE A 477 17.84 47.21 27.93
CA ILE A 477 18.62 47.85 26.87
C ILE A 477 17.77 47.90 25.60
N GLN A 478 17.22 49.08 25.29
CA GLN A 478 16.29 49.25 24.18
C GLN A 478 17.01 49.36 22.85
N LEU A 479 16.42 48.77 21.80
CA LEU A 479 16.93 48.90 20.43
C LEU A 479 15.74 49.28 19.54
N GLN A 480 15.36 50.55 19.61
CA GLN A 480 14.18 51.05 18.92
C GLN A 480 14.43 51.19 17.42
N PRO A 481 13.46 50.78 16.60
CA PRO A 481 13.49 50.98 15.13
C PRO A 481 13.17 52.40 14.72
N VAL A 482 14.06 53.33 15.08
CA VAL A 482 13.89 54.77 14.86
C VAL A 482 13.56 55.11 13.40
N PHE A 483 14.27 54.50 12.44
CA PHE A 483 14.05 54.79 11.02
C PHE A 483 12.64 54.38 10.57
N ALA A 484 12.22 53.16 10.91
CA ALA A 484 10.89 52.68 10.55
C ALA A 484 9.80 53.49 11.24
N GLN A 485 10.03 53.89 12.50
CA GLN A 485 9.07 54.74 13.21
C GLN A 485 8.96 56.09 12.54
N TRP A 486 10.08 56.65 12.08
CA TRP A 486 10.06 57.92 11.37
C TRP A 486 9.32 57.83 10.03
N ILE A 487 9.56 56.76 9.27
CA ILE A 487 8.83 56.53 8.01
C ILE A 487 7.34 56.37 8.26
N GLN A 488 6.99 55.65 9.32
CA GLN A 488 5.60 55.45 9.72
C GLN A 488 4.94 56.79 10.04
N ASN A 489 5.59 57.59 10.89
CA ASN A 489 5.07 58.91 11.26
C ASN A 489 4.90 59.80 10.03
N THR A 490 5.91 59.81 9.14
CA THR A 490 5.84 60.59 7.90
C THR A 490 4.66 60.17 7.04
N HIS A 491 4.48 58.86 6.91
CA HIS A 491 3.38 58.32 6.13
C HIS A 491 2.04 58.73 6.74
N PHE A 492 1.96 58.75 8.07
CA PHE A 492 0.72 59.14 8.71
C PHE A 492 0.44 60.63 8.57
N LEU A 493 1.48 61.46 8.60
CA LEU A 493 1.29 62.91 8.45
C LEU A 493 1.23 63.37 7.00
N ALA A 494 1.47 62.47 6.04
CA ALA A 494 1.43 62.83 4.62
C ALA A 494 0.14 63.51 4.11
N PRO A 495 -1.10 63.06 4.46
CA PRO A 495 -2.30 63.75 3.91
C PRO A 495 -2.40 65.24 4.22
N GLN A 496 -1.75 65.72 5.27
CA GLN A 496 -1.86 67.12 5.64
C GLN A 496 -0.98 68.01 4.78
N LEU A 497 0.20 67.54 4.40
CA LEU A 497 1.14 68.39 3.65
C LEU A 497 1.47 67.86 2.27
N THR A 498 1.93 66.61 2.15
CA THR A 498 2.55 66.17 0.90
C THR A 498 1.59 65.45 -0.03
N ALA A 499 0.36 65.24 0.43
CA ALA A 499 -0.73 64.67 -0.39
C ALA A 499 -2.00 65.40 -0.03
N PRO A 500 -2.11 66.70 -0.41
CA PRO A 500 -3.26 67.53 0.05
C PRO A 500 -4.65 67.01 -0.28
N ASN A 501 -4.80 66.27 -1.38
CA ASN A 501 -6.11 65.80 -1.81
C ASN A 501 -6.52 64.48 -1.14
N ALA A 502 -5.78 64.03 -0.14
CA ALA A 502 -6.09 62.78 0.54
C ALA A 502 -6.85 63.07 1.83
N LEU A 503 -8.02 62.45 1.98
CA LEU A 503 -8.82 62.68 3.18
C LEU A 503 -8.28 61.95 4.39
N ALA A 504 -7.59 60.82 4.16
CA ALA A 504 -7.01 60.04 5.23
C ALA A 504 -5.77 59.36 4.69
N ALA A 505 -5.00 58.76 5.59
CA ALA A 505 -3.82 58.01 5.19
C ALA A 505 -4.22 56.76 4.42
N THR A 506 -3.27 56.24 3.65
CA THR A 506 -3.51 55.09 2.78
C THR A 506 -3.74 53.80 3.57
N SER A 507 -3.32 53.75 4.83
CA SER A 507 -3.48 52.56 5.65
C SER A 507 -3.53 52.95 7.10
N LEU A 508 -4.39 52.26 7.85
CA LEU A 508 -4.52 52.50 9.28
C LEU A 508 -3.25 52.19 10.05
N THR A 509 -2.38 51.30 9.54
CA THR A 509 -1.23 50.86 10.32
C THR A 509 -0.21 51.97 10.56
N TRP A 510 -0.29 53.07 9.80
CA TRP A 510 0.63 54.19 9.97
C TRP A 510 0.40 54.89 11.30
N GLY A 511 -0.84 54.88 11.75
CA GLY A 511 -1.28 55.64 12.90
C GLY A 511 -2.70 56.11 12.68
N GLY A 512 -3.27 56.72 13.72
CA GLY A 512 -4.62 57.23 13.63
C GLY A 512 -5.58 56.49 14.54
N ASP A 513 -6.82 56.36 14.06
CA ASP A 513 -7.92 55.90 14.90
C ASP A 513 -8.07 54.39 14.83
N LEU A 514 -9.31 53.90 14.72
CA LEU A 514 -9.55 52.46 14.68
C LEU A 514 -10.87 52.19 13.99
N VAL A 515 -10.84 51.34 12.97
CA VAL A 515 -12.01 50.93 12.22
C VAL A 515 -12.40 49.53 12.68
N ALA A 516 -13.63 49.38 13.15
CA ALA A 516 -14.12 48.11 13.64
C ALA A 516 -15.42 47.76 12.92
N VAL A 517 -15.63 46.47 12.71
CA VAL A 517 -16.82 45.96 12.02
C VAL A 517 -17.31 44.75 12.79
N GLY A 518 -18.56 44.82 13.25
CA GLY A 518 -19.20 43.72 13.95
C GLY A 518 -18.54 43.36 15.27
N GLY A 519 -17.94 44.34 15.93
CA GLY A 519 -17.28 44.12 17.20
C GLY A 519 -15.83 43.69 17.10
N LYS A 520 -15.36 43.32 15.91
CA LYS A 520 -13.99 42.93 15.66
C LYS A 520 -13.17 44.07 15.11
N VAL A 521 -11.87 44.05 15.40
CA VAL A 521 -10.93 45.04 14.89
C VAL A 521 -10.58 44.70 13.45
N ALA A 522 -10.87 45.62 12.54
CA ALA A 522 -10.45 45.44 11.16
C ALA A 522 -8.97 45.78 11.00
N MET A 523 -8.56 46.97 11.43
CA MET A 523 -7.16 47.36 11.43
C MET A 523 -6.95 48.47 12.44
N MET A 524 -5.83 48.43 13.14
CA MET A 524 -5.41 49.46 14.09
C MET A 524 -3.97 49.82 13.80
N PRO A 525 -3.46 50.92 14.37
CA PRO A 525 -2.04 51.27 14.20
C PRO A 525 -1.08 50.25 14.81
N ILE A 526 -0.12 49.83 14.00
CA ILE A 526 0.89 48.84 14.38
C ILE A 526 2.12 49.58 14.92
N SER A 527 2.55 49.19 16.12
CA SER A 527 3.71 49.82 16.75
C SER A 527 4.93 48.91 16.64
N LEU A 528 6.07 49.51 16.30
CA LEU A 528 7.32 48.79 16.09
C LEU A 528 8.28 49.08 17.23
N GLY A 529 8.71 48.04 17.93
CA GLY A 529 9.64 48.16 19.05
C GLY A 529 10.85 47.26 18.91
N THR A 530 11.48 46.94 20.05
CA THR A 530 12.70 46.12 20.06
C THR A 530 12.47 44.73 19.46
N SER A 531 11.31 44.11 19.75
CA SER A 531 11.02 42.80 19.18
C SER A 531 10.85 42.86 17.67
N ASP A 532 10.26 43.95 17.18
CA ASP A 532 10.10 44.14 15.74
C ASP A 532 11.44 44.39 15.06
N PHE A 533 12.32 45.16 15.72
CA PHE A 533 13.71 45.34 15.30
C PHE A 533 14.41 43.99 15.16
N MET A 534 14.25 43.12 16.17
CA MET A 534 14.94 41.84 16.19
C MET A 534 14.44 40.90 15.10
N VAL A 535 13.12 40.83 14.90
CA VAL A 535 12.60 39.93 13.86
C VAL A 535 12.96 40.46 12.47
N HIS A 536 12.96 41.80 12.27
CA HIS A 536 13.32 42.33 10.96
C HIS A 536 14.77 42.01 10.63
N HIS A 537 15.66 42.11 11.62
CA HIS A 537 17.05 41.73 11.34
C HIS A 537 17.22 40.21 11.17
N ILE A 538 16.37 39.40 11.82
CA ILE A 538 16.33 37.96 11.51
C ILE A 538 15.95 37.73 10.06
N HIS A 539 14.92 38.45 9.60
CA HIS A 539 14.47 38.36 8.21
C HIS A 539 15.58 38.74 7.24
N ALA A 540 16.25 39.87 7.50
CA ALA A 540 17.39 40.31 6.69
C ALA A 540 18.49 39.24 6.63
N PHE A 541 18.78 38.61 7.77
CA PHE A 541 19.78 37.55 7.83
C PHE A 541 19.39 36.36 6.94
N THR A 542 18.21 35.80 7.17
CA THR A 542 17.76 34.63 6.41
C THR A 542 17.68 34.90 4.91
N ILE A 543 17.13 36.07 4.51
CA ILE A 543 17.08 36.44 3.11
C ILE A 543 18.49 36.55 2.52
N HIS A 544 19.41 37.22 3.22
CA HIS A 544 20.80 37.31 2.76
C HIS A 544 21.46 35.94 2.58
N VAL A 545 21.20 34.99 3.50
CA VAL A 545 21.77 33.65 3.34
C VAL A 545 21.20 32.93 2.12
N THR A 546 19.86 32.97 1.95
CA THR A 546 19.23 32.39 0.76
C THR A 546 19.82 32.96 -0.53
N VAL A 547 19.98 34.30 -0.57
CA VAL A 547 20.62 34.96 -1.70
C VAL A 547 22.04 34.46 -1.89
N LEU A 548 22.77 34.26 -0.79
CA LEU A 548 24.13 33.75 -0.83
C LEU A 548 24.20 32.39 -1.53
N ILE A 549 23.41 31.43 -1.06
CA ILE A 549 23.35 30.09 -1.66
C ILE A 549 23.00 30.16 -3.14
N LEU A 550 21.88 30.81 -3.47
CA LEU A 550 21.42 30.85 -4.86
C LEU A 550 22.41 31.59 -5.77
N LEU A 551 22.88 32.77 -5.36
CA LEU A 551 23.82 33.54 -6.13
C LEU A 551 25.16 32.81 -6.30
N LYS A 552 25.67 32.18 -5.23
CA LYS A 552 26.87 31.34 -5.33
C LYS A 552 26.66 30.21 -6.34
N GLY A 553 25.45 29.63 -6.32
CA GLY A 553 25.09 28.59 -7.25
C GLY A 553 25.15 29.06 -8.69
N VAL A 554 24.68 30.28 -8.94
CA VAL A 554 24.67 30.77 -10.31
C VAL A 554 26.05 31.27 -10.73
N LEU A 555 26.83 31.82 -9.80
CA LEU A 555 28.13 32.36 -10.17
C LEU A 555 29.18 31.28 -10.33
N PHE A 556 29.05 30.18 -9.59
CA PHE A 556 30.01 29.08 -9.69
C PHE A 556 29.44 27.88 -10.42
N ALA A 557 28.38 28.08 -11.22
CA ALA A 557 27.75 26.97 -11.94
C ALA A 557 28.68 26.41 -13.00
N ARG A 558 29.49 27.26 -13.61
CA ARG A 558 30.37 26.88 -14.70
C ARG A 558 31.72 26.36 -14.24
N SER A 559 32.33 27.01 -13.26
CA SER A 559 33.65 26.61 -12.81
C SER A 559 33.88 27.15 -11.41
N SER A 560 34.82 26.52 -10.73
CA SER A 560 35.33 26.96 -9.45
C SER A 560 36.76 26.47 -9.36
N ARG A 561 37.47 26.91 -8.31
CA ARG A 561 38.84 26.42 -8.10
C ARG A 561 38.83 24.92 -7.82
N LEU A 562 37.73 24.39 -7.28
CA LEU A 562 37.59 22.98 -7.01
C LEU A 562 37.28 22.21 -8.28
N ILE A 563 36.27 22.62 -9.03
CA ILE A 563 35.92 21.94 -10.28
C ILE A 563 36.09 22.93 -11.43
N PRO A 564 37.26 22.97 -12.07
CA PRO A 564 37.49 23.95 -13.15
C PRO A 564 36.64 23.75 -14.39
N ASP A 565 36.13 22.56 -14.64
CA ASP A 565 35.36 22.23 -15.82
C ASP A 565 33.94 21.78 -15.48
N LYS A 566 33.36 22.39 -14.43
CA LYS A 566 32.05 22.03 -13.92
C LYS A 566 30.96 22.14 -14.98
N ALA A 567 31.11 23.07 -15.92
CA ALA A 567 30.13 23.29 -16.98
C ALA A 567 29.92 22.03 -17.82
N ASN A 568 31.00 21.29 -18.12
CA ASN A 568 30.87 20.07 -18.91
C ASN A 568 30.12 18.96 -18.19
N LEU A 569 29.96 19.05 -16.87
CA LEU A 569 29.25 18.06 -16.08
C LEU A 569 27.75 18.31 -16.06
N GLY A 570 27.31 19.47 -16.55
CA GLY A 570 25.91 19.82 -16.64
C GLY A 570 25.44 20.68 -15.49
N PHE A 571 24.13 20.93 -15.50
CA PHE A 571 23.46 21.67 -14.44
C PHE A 571 23.16 20.75 -13.26
N ARG A 572 22.64 19.57 -13.54
CA ARG A 572 22.20 18.61 -12.53
C ARG A 572 23.10 17.37 -12.60
N PHE A 573 23.97 17.20 -11.60
CA PHE A 573 24.81 16.02 -11.48
C PHE A 573 25.15 15.84 -10.01
N PRO A 574 25.33 14.59 -9.54
CA PRO A 574 25.54 14.36 -8.11
C PRO A 574 26.82 14.96 -7.52
N CYS A 575 27.95 14.83 -8.24
CA CYS A 575 29.27 15.17 -7.75
C CYS A 575 30.34 14.92 -8.81
N ASP A 576 31.60 14.93 -8.39
CA ASP A 576 32.71 14.51 -9.25
C ASP A 576 33.62 13.55 -8.47
N GLY A 577 33.04 12.74 -7.60
CA GLY A 577 33.75 11.68 -6.93
C GLY A 577 34.27 12.08 -5.56
N PRO A 578 34.70 11.08 -4.77
CA PRO A 578 35.20 11.37 -3.42
C PRO A 578 36.60 11.97 -3.39
N GLY A 579 37.24 12.11 -4.54
CA GLY A 579 38.56 12.70 -4.58
C GLY A 579 38.57 14.18 -4.31
N ARG A 580 39.81 14.72 -4.25
CA ARG A 580 40.12 16.12 -3.95
C ARG A 580 39.53 16.56 -2.60
N GLY A 581 39.32 15.57 -1.73
CA GLY A 581 38.68 15.69 -0.44
C GLY A 581 37.21 15.34 -0.43
N GLY A 582 36.53 15.41 -1.56
CA GLY A 582 35.10 15.16 -1.63
C GLY A 582 34.36 16.28 -2.31
N THR A 583 33.56 15.97 -3.33
CA THR A 583 32.89 17.01 -4.11
C THR A 583 31.39 16.81 -4.16
N CYS A 584 30.80 16.33 -3.07
CA CYS A 584 29.36 16.16 -3.05
C CYS A 584 28.69 17.53 -3.07
N GLN A 585 27.57 17.63 -3.79
CA GLN A 585 26.74 18.84 -3.88
C GLN A 585 27.52 20.05 -4.40
N VAL A 586 28.24 19.87 -5.51
CA VAL A 586 28.95 20.99 -6.12
C VAL A 586 28.11 21.64 -7.22
N SER A 587 27.10 20.93 -7.72
CA SER A 587 26.26 21.42 -8.80
C SER A 587 25.31 22.54 -8.37
N ALA A 588 24.96 23.38 -9.35
CA ALA A 588 24.05 24.48 -9.13
C ALA A 588 22.68 23.96 -8.72
N TRP A 589 22.30 22.78 -9.23
CA TRP A 589 21.05 22.14 -8.81
C TRP A 589 21.06 21.90 -7.31
N ASP A 590 22.19 21.45 -6.78
CA ASP A 590 22.34 21.21 -5.35
C ASP A 590 22.32 22.52 -4.57
N HIS A 591 22.70 23.60 -5.25
CA HIS A 591 22.60 24.91 -4.61
C HIS A 591 21.15 25.36 -4.55
N VAL A 592 20.35 25.01 -5.56
CA VAL A 592 18.90 25.24 -5.51
C VAL A 592 18.27 24.42 -4.38
N PHE A 593 18.76 23.20 -4.20
CA PHE A 593 18.28 22.28 -3.17
C PHE A 593 18.48 22.86 -1.76
N LEU A 594 19.66 23.44 -1.54
CA LEU A 594 19.93 24.04 -0.23
C LEU A 594 19.18 25.36 -0.09
N GLY A 595 19.11 26.15 -1.18
CA GLY A 595 18.33 27.37 -1.16
C GLY A 595 16.87 27.13 -0.86
N LEU A 596 16.34 25.97 -1.28
CA LEU A 596 14.97 25.60 -0.96
C LEU A 596 14.78 25.44 0.53
N PHE A 597 15.71 24.72 1.19
CA PHE A 597 15.63 24.59 2.65
C PHE A 597 15.70 25.94 3.35
N TRP A 598 16.64 26.79 2.92
CA TRP A 598 16.80 28.11 3.53
C TRP A 598 15.61 29.02 3.27
N MET A 599 14.98 28.88 2.10
CA MET A 599 13.75 29.62 1.81
C MET A 599 12.63 29.20 2.73
N TYR A 600 12.52 27.90 3.00
CA TYR A 600 11.53 27.40 3.97
C TYR A 600 11.74 28.02 5.35
N ASN A 601 13.00 28.02 5.80
CA ASN A 601 13.39 28.61 7.08
C ASN A 601 12.96 30.07 7.18
N SER A 602 13.39 30.87 6.21
CA SER A 602 13.09 32.30 6.16
C SER A 602 11.59 32.57 6.18
N LEU A 603 10.84 31.94 5.27
CA LEU A 603 9.42 32.25 5.18
C LEU A 603 8.62 31.69 6.34
N SER A 604 9.11 30.63 6.99
CA SER A 604 8.45 30.14 8.18
C SER A 604 8.55 31.14 9.31
N ILE A 605 9.74 31.75 9.47
CA ILE A 605 9.88 32.77 10.50
C ILE A 605 9.08 34.03 10.14
N VAL A 606 8.95 34.32 8.84
CA VAL A 606 8.16 35.47 8.38
C VAL A 606 6.68 35.28 8.71
N ILE A 607 6.11 34.14 8.35
CA ILE A 607 4.69 33.91 8.62
C ILE A 607 4.42 33.76 10.12
N PHE A 608 5.41 33.26 10.90
CA PHE A 608 5.26 33.25 12.35
C PHE A 608 5.21 34.66 12.92
N HIS A 609 6.10 35.53 12.44
CA HIS A 609 6.11 36.95 12.78
C HIS A 609 4.73 37.56 12.52
N PHE A 610 4.22 37.38 11.30
CA PHE A 610 2.91 37.92 10.93
C PHE A 610 1.80 37.42 11.84
N SER A 611 1.71 36.09 12.01
CA SER A 611 0.67 35.46 12.85
C SER A 611 0.66 36.02 14.26
N TRP A 612 1.81 35.96 14.94
CA TRP A 612 1.90 36.41 16.33
C TRP A 612 1.66 37.91 16.46
N LYS A 613 2.30 38.72 15.59
CA LYS A 613 2.10 40.17 15.64
C LYS A 613 0.65 40.57 15.43
N MET A 614 -0.05 39.99 14.44
CA MET A 614 -1.44 40.32 14.20
C MET A 614 -2.33 39.91 15.38
N GLN A 615 -2.16 38.68 15.88
CA GLN A 615 -2.98 38.19 16.99
C GLN A 615 -2.71 38.94 18.29
N SER A 616 -1.54 39.56 18.42
CA SER A 616 -1.14 40.18 19.67
C SER A 616 -1.45 41.67 19.68
N ASP A 617 -1.12 42.38 18.61
CA ASP A 617 -1.21 43.84 18.59
C ASP A 617 -2.26 44.40 17.65
N VAL A 618 -2.95 43.56 16.85
CA VAL A 618 -3.91 44.14 15.90
C VAL A 618 -5.31 43.59 16.12
N TRP A 619 -5.49 42.30 15.87
CA TRP A 619 -6.79 41.65 15.92
C TRP A 619 -7.36 41.62 17.34
N GLY A 620 -8.62 41.18 17.44
CA GLY A 620 -9.32 41.11 18.69
C GLY A 620 -10.67 41.78 18.61
N THR A 621 -11.40 41.69 19.72
CA THR A 621 -12.73 42.27 19.84
C THR A 621 -12.71 43.66 20.45
N VAL A 622 -13.71 44.45 20.10
CA VAL A 622 -13.92 45.78 20.66
C VAL A 622 -15.09 45.70 21.64
N THR A 623 -14.87 46.17 22.86
CA THR A 623 -15.92 46.19 23.87
C THR A 623 -16.87 47.35 23.66
N GLY A 626 -12.35 48.99 25.63
CA GLY A 626 -11.12 48.89 24.88
C GLY A 626 -11.00 47.60 24.09
N VAL A 627 -9.93 47.50 23.31
CA VAL A 627 -9.70 46.31 22.49
C VAL A 627 -9.09 45.21 23.34
N SER A 628 -9.71 44.03 23.33
CA SER A 628 -9.13 42.83 23.94
C SER A 628 -8.56 41.98 22.82
N HIS A 629 -7.23 41.91 22.75
CA HIS A 629 -6.55 41.19 21.69
C HIS A 629 -6.61 39.68 21.92
N ILE A 630 -6.34 38.94 20.84
CA ILE A 630 -6.45 37.48 20.87
C ILE A 630 -5.41 36.87 21.81
N THR A 631 -4.20 37.44 21.87
CA THR A 631 -3.19 36.94 22.79
C THR A 631 -2.74 38.02 23.77
N GLY A 632 -3.58 39.02 24.01
CA GLY A 632 -3.40 39.95 25.10
C GLY A 632 -2.26 40.94 24.96
N GLY A 633 -1.56 40.97 23.83
CA GLY A 633 -0.44 41.89 23.69
C GLY A 633 0.87 41.39 24.23
N ASN A 634 1.11 40.08 24.19
CA ASN A 634 2.33 39.53 24.75
C ASN A 634 3.58 39.66 23.87
N PHE A 635 3.42 40.03 22.59
CA PHE A 635 4.51 40.09 21.62
C PHE A 635 5.70 40.93 22.11
N ALA A 636 5.42 42.20 22.48
CA ALA A 636 6.45 43.18 22.85
C ALA A 636 7.38 42.71 23.96
N GLN A 637 6.89 41.84 24.85
CA GLN A 637 7.73 41.37 25.95
C GLN A 637 8.19 39.93 25.76
N SER A 638 7.50 39.15 24.94
CA SER A 638 7.78 37.73 24.82
C SER A 638 8.60 37.38 23.59
N ALA A 639 8.57 38.22 22.54
CA ALA A 639 9.19 37.92 21.27
C ALA A 639 10.65 38.33 21.23
N ASN A 640 11.31 38.40 22.38
CA ASN A 640 12.73 38.65 22.44
C ASN A 640 13.53 37.40 22.81
N THR A 641 12.88 36.34 23.27
CA THR A 641 13.58 35.11 23.58
C THR A 641 13.02 33.96 22.76
N ILE A 642 13.90 32.97 22.52
CA ILE A 642 13.48 31.76 21.82
C ILE A 642 12.48 31.00 22.69
N ASN A 643 12.69 31.00 24.01
CA ASN A 643 11.76 30.35 24.92
C ASN A 643 10.41 31.04 24.87
N GLY A 644 10.43 32.34 24.61
CA GLY A 644 9.19 33.09 24.46
C GLY A 644 8.43 32.65 23.22
N TRP A 645 9.16 32.47 22.10
CA TRP A 645 8.48 31.96 20.90
C TRP A 645 7.99 30.53 21.10
N LEU A 646 8.79 29.72 21.78
CA LEU A 646 8.51 28.31 22.02
C LEU A 646 7.28 28.12 22.90
N ARG A 647 7.09 28.99 23.88
CA ARG A 647 6.04 28.81 24.86
C ARG A 647 4.81 29.62 24.45
N ASP A 648 4.97 30.93 24.26
CA ASP A 648 3.83 31.78 24.01
C ASP A 648 3.29 31.67 22.60
N PHE A 649 4.09 31.25 21.61
CA PHE A 649 3.54 31.10 20.28
C PHE A 649 3.18 29.65 19.96
N LEU A 650 4.19 28.80 19.73
CA LEU A 650 3.95 27.41 19.31
C LEU A 650 3.12 26.63 20.33
N TRP A 651 3.64 26.49 21.56
CA TRP A 651 2.98 25.70 22.59
C TRP A 651 1.60 26.25 22.94
N ALA A 652 1.50 27.56 23.16
CA ALA A 652 0.23 28.17 23.55
C ALA A 652 -0.82 28.06 22.46
N GLN A 653 -0.46 28.35 21.21
CA GLN A 653 -1.46 28.41 20.15
C GLN A 653 -1.69 27.05 19.51
N SER A 654 -0.92 26.03 19.89
CA SER A 654 -1.15 24.68 19.39
C SER A 654 -2.27 23.95 20.11
N SER A 655 -2.84 24.54 21.18
CA SER A 655 -3.97 23.99 21.91
C SER A 655 -5.14 23.64 21.00
N GLN A 656 -5.53 24.60 20.16
CA GLN A 656 -6.67 24.42 19.26
C GLN A 656 -6.46 23.24 18.32
N VAL A 657 -5.28 23.12 17.70
CA VAL A 657 -5.00 22.00 16.81
C VAL A 657 -4.94 20.68 17.56
N ILE A 658 -4.37 20.67 18.78
CA ILE A 658 -4.20 19.39 19.48
C ILE A 658 -5.48 18.92 20.15
N GLN A 659 -6.46 19.80 20.31
CA GLN A 659 -7.73 19.41 20.92
C GLN A 659 -8.89 19.55 19.94
N SER A 660 -8.58 19.44 18.66
CA SER A 660 -9.57 19.57 17.60
C SER A 660 -10.35 18.29 17.34
N TYR A 661 -9.98 17.18 18.00
CA TYR A 661 -10.67 15.91 17.82
C TYR A 661 -12.12 15.98 18.27
N GLY A 662 -12.97 15.19 17.60
CA GLY A 662 -14.37 15.12 17.92
C GLY A 662 -15.18 16.31 17.45
N SER A 663 -14.60 17.20 16.65
CA SER A 663 -15.30 18.34 16.10
C SER A 663 -15.06 18.46 14.61
N ALA A 664 -15.48 19.57 14.01
CA ALA A 664 -15.30 19.77 12.58
C ALA A 664 -13.86 20.11 12.21
N LEU A 665 -13.04 20.54 13.18
CA LEU A 665 -11.65 20.86 12.93
C LEU A 665 -10.72 19.66 13.09
N SER A 666 -11.27 18.45 13.24
CA SER A 666 -10.46 17.26 13.50
C SER A 666 -9.53 16.94 12.35
N ALA A 667 -9.95 17.30 11.12
CA ALA A 667 -9.11 17.12 9.94
C ALA A 667 -7.81 17.90 10.06
N TYR A 668 -7.82 19.03 10.77
CA TYR A 668 -6.60 19.80 10.95
C TYR A 668 -5.66 19.11 11.92
N GLY A 669 -6.21 18.35 12.88
CA GLY A 669 -5.37 17.56 13.75
C GLY A 669 -4.74 16.40 13.00
N LEU A 670 -5.56 15.70 12.22
CA LEU A 670 -5.07 14.62 11.37
C LEU A 670 -3.98 15.10 10.41
N ILE A 671 -4.14 16.28 9.82
CA ILE A 671 -3.13 16.76 8.86
C ILE A 671 -1.92 17.35 9.60
N PHE A 672 -2.10 17.82 10.84
CA PHE A 672 -0.98 18.14 11.73
C PHE A 672 -0.08 16.93 11.93
N LEU A 673 -0.67 15.83 12.40
CA LEU A 673 0.09 14.59 12.60
C LEU A 673 0.68 14.06 11.30
N GLY A 674 -0.13 14.04 10.23
CA GLY A 674 0.32 13.54 8.95
C GLY A 674 1.49 14.34 8.39
N ALA A 675 1.43 15.64 8.54
CA ALA A 675 2.49 16.53 8.08
C ALA A 675 3.76 16.32 8.90
N HIS A 676 3.65 16.20 10.23
CA HIS A 676 4.79 15.84 11.07
C HIS A 676 5.44 14.55 10.56
N PHE A 677 4.60 13.57 10.24
CA PHE A 677 5.06 12.28 9.74
C PHE A 677 5.82 12.41 8.42
N VAL A 678 5.24 13.13 7.44
CA VAL A 678 5.88 13.31 6.13
C VAL A 678 7.20 14.04 6.26
N TRP A 679 7.24 15.07 7.13
CA TRP A 679 8.47 15.81 7.39
C TRP A 679 9.56 14.88 7.89
N ALA A 680 9.24 14.08 8.90
CA ALA A 680 10.18 13.09 9.43
C ALA A 680 10.58 12.05 8.38
N PHE A 681 9.62 11.65 7.53
CA PHE A 681 9.84 10.64 6.50
C PHE A 681 10.87 11.12 5.49
N SER A 682 10.93 12.43 5.27
CA SER A 682 11.93 13.02 4.38
C SER A 682 13.35 12.84 4.89
N LEU A 683 13.53 12.77 6.22
CA LEU A 683 14.86 12.70 6.81
C LEU A 683 15.61 11.43 6.41
N MET A 684 14.89 10.34 6.11
CA MET A 684 15.54 9.12 5.65
C MET A 684 16.25 9.34 4.32
N PHE A 685 15.60 10.08 3.41
CA PHE A 685 16.19 10.37 2.11
C PHE A 685 17.28 11.40 2.24
N LEU A 686 17.08 12.42 3.07
CA LEU A 686 18.08 13.47 3.19
C LEU A 686 19.32 12.98 3.91
N PHE A 687 19.17 12.10 4.89
CA PHE A 687 20.30 11.70 5.70
C PHE A 687 21.00 10.47 5.16
N SER A 688 20.40 9.75 4.21
CA SER A 688 21.03 8.50 3.80
C SER A 688 21.59 8.61 2.39
N GLY A 689 22.00 7.48 1.83
CA GLY A 689 22.58 7.45 0.51
C GLY A 689 22.22 6.17 -0.19
N ARG A 690 22.24 6.22 -1.52
CA ARG A 690 21.68 5.16 -2.35
C ARG A 690 22.50 3.88 -2.42
N GLY A 691 23.76 3.86 -1.95
CA GLY A 691 24.54 2.63 -1.98
C GLY A 691 23.94 1.56 -1.07
N TYR A 692 23.66 1.95 0.18
CA TYR A 692 22.98 1.11 1.15
C TYR A 692 21.68 0.54 0.58
N TRP A 693 20.85 1.42 0.02
CA TRP A 693 19.54 1.04 -0.50
C TRP A 693 19.66 0.10 -1.68
N GLN A 694 20.66 0.31 -2.53
CA GLN A 694 20.88 -0.59 -3.66
C GLN A 694 21.23 -1.99 -3.17
N GLU A 695 22.09 -2.08 -2.15
CA GLU A 695 22.45 -3.40 -1.60
C GLU A 695 21.26 -4.08 -0.92
N LEU A 696 20.47 -3.31 -0.16
CA LEU A 696 19.23 -3.85 0.42
C LEU A 696 18.32 -4.41 -0.67
N ILE A 697 18.12 -3.64 -1.74
CA ILE A 697 17.34 -4.07 -2.90
C ILE A 697 17.93 -5.32 -3.54
N GLU A 698 19.25 -5.49 -3.49
CA GLU A 698 19.90 -6.73 -3.97
C GLU A 698 19.43 -7.94 -3.19
N SER A 699 19.45 -7.83 -1.85
CA SER A 699 18.94 -8.92 -0.99
C SER A 699 17.48 -9.24 -1.30
N ILE A 700 16.64 -8.20 -1.39
CA ILE A 700 15.22 -8.38 -1.67
C ILE A 700 15.01 -9.00 -3.06
N VAL A 701 15.77 -8.56 -4.06
CA VAL A 701 15.75 -9.15 -5.40
C VAL A 701 16.10 -10.62 -5.34
N TRP A 702 17.09 -11.01 -4.53
CA TRP A 702 17.39 -12.42 -4.30
C TRP A 702 16.15 -13.16 -3.81
N ALA A 703 15.48 -12.60 -2.79
CA ALA A 703 14.26 -13.22 -2.24
C ALA A 703 13.18 -13.39 -3.30
N HIS A 704 13.05 -12.41 -4.20
CA HIS A 704 12.08 -12.49 -5.28
C HIS A 704 12.50 -13.52 -6.33
N ASN A 705 13.81 -13.61 -6.59
CA ASN A 705 14.33 -14.62 -7.51
C ASN A 705 14.06 -16.02 -7.02
N LYS A 706 14.21 -16.23 -5.70
CA LYS A 706 13.94 -17.53 -5.09
C LYS A 706 12.51 -18.01 -5.35
N LEU A 707 11.55 -17.09 -5.49
CA LEU A 707 10.15 -17.44 -5.72
C LEU A 707 9.68 -17.09 -7.12
N LYS A 708 10.62 -16.91 -8.06
CA LYS A 708 10.33 -16.66 -9.49
C LYS A 708 9.46 -15.42 -9.71
N VAL A 709 9.65 -14.40 -8.88
CA VAL A 709 8.90 -13.16 -9.01
C VAL A 709 9.82 -11.97 -9.15
N ALA A 710 10.99 -12.16 -9.73
CA ALA A 710 11.84 -11.01 -9.98
C ALA A 710 11.40 -10.32 -11.26
N PRO A 711 11.14 -9.02 -11.23
CA PRO A 711 10.64 -8.33 -12.42
C PRO A 711 11.70 -8.18 -13.51
N ALA A 712 11.22 -8.08 -14.75
CA ALA A 712 12.13 -7.88 -15.88
C ALA A 712 12.70 -6.47 -15.88
N ILE A 713 11.95 -5.50 -15.36
CA ILE A 713 12.45 -4.15 -15.15
C ILE A 713 13.18 -4.13 -13.81
N GLN A 714 14.49 -3.98 -13.85
CA GLN A 714 15.34 -4.24 -12.68
C GLN A 714 15.26 -3.20 -11.58
N PRO A 715 14.84 -3.58 -10.38
CA PRO A 715 14.77 -2.66 -9.24
C PRO A 715 16.10 -2.01 -8.90
N ARG A 716 16.12 -0.69 -8.96
CA ARG A 716 17.31 0.12 -8.71
C ARG A 716 17.01 1.12 -7.61
N ALA A 717 18.03 1.41 -6.81
CA ALA A 717 17.85 2.49 -5.83
C ALA A 717 17.77 3.80 -6.58
N LEU A 718 17.07 4.77 -5.99
CA LEU A 718 16.95 6.09 -6.59
C LEU A 718 18.33 6.72 -6.77
N SER A 719 18.45 7.60 -7.78
CA SER A 719 19.73 8.28 -7.97
C SER A 719 19.99 9.23 -6.80
N ILE A 720 21.26 9.62 -6.66
CA ILE A 720 21.70 10.57 -5.64
C ILE A 720 20.87 11.86 -5.69
N THR A 721 20.77 12.44 -6.89
CA THR A 721 19.99 13.65 -7.08
C THR A 721 18.50 13.43 -6.87
N GLN A 722 17.98 12.25 -7.23
CA GLN A 722 16.57 12.01 -6.96
C GLN A 722 16.32 11.80 -5.48
N GLY A 723 17.28 11.21 -4.76
CA GLY A 723 17.17 11.09 -3.31
C GLY A 723 17.08 12.46 -2.66
N ARG A 724 17.93 13.39 -3.14
CA ARG A 724 17.90 14.76 -2.65
C ARG A 724 16.58 15.44 -3.00
N ALA A 725 16.08 15.22 -4.22
CA ALA A 725 14.84 15.85 -4.66
C ALA A 725 13.63 15.35 -3.87
N VAL A 726 13.51 14.03 -3.72
CA VAL A 726 12.45 13.41 -2.93
C VAL A 726 12.51 13.91 -1.48
N GLY A 727 13.73 13.95 -0.91
CA GLY A 727 14.00 14.47 0.40
C GLY A 727 13.47 15.87 0.59
N VAL A 728 13.93 16.82 -0.23
CA VAL A 728 13.52 18.21 -0.06
C VAL A 728 12.03 18.39 -0.33
N ALA A 729 11.43 17.58 -1.22
CA ALA A 729 10.01 17.73 -1.52
C ALA A 729 9.15 17.27 -0.35
N HIS A 730 9.47 16.11 0.22
CA HIS A 730 8.74 15.66 1.40
C HIS A 730 9.02 16.54 2.62
N TYR A 731 10.22 17.11 2.70
CA TYR A 731 10.58 18.03 3.79
C TYR A 731 9.71 19.27 3.74
N LEU A 732 9.64 19.89 2.56
CA LEU A 732 8.84 21.09 2.37
C LEU A 732 7.37 20.81 2.60
N LEU A 733 6.83 19.74 1.97
CA LEU A 733 5.44 19.36 2.13
C LEU A 733 5.07 19.16 3.60
N GLY A 734 5.91 18.43 4.34
CA GLY A 734 5.69 18.17 5.75
C GLY A 734 5.66 19.44 6.57
N GLY A 735 6.74 20.23 6.51
CA GLY A 735 6.83 21.45 7.30
C GLY A 735 5.73 22.45 6.99
N ILE A 736 5.57 22.78 5.70
CA ILE A 736 4.55 23.73 5.25
C ILE A 736 3.14 23.28 5.63
N ALA A 737 2.81 21.99 5.40
CA ALA A 737 1.49 21.49 5.77
C ALA A 737 1.28 21.50 7.27
N THR A 738 2.35 21.32 8.05
CA THR A 738 2.26 21.40 9.50
C THR A 738 1.83 22.79 9.92
N THR A 739 2.56 23.81 9.44
CA THR A 739 2.22 25.20 9.77
C THR A 739 0.83 25.56 9.23
N TRP A 740 0.41 24.94 8.11
CA TRP A 740 -0.91 25.13 7.55
C TRP A 740 -2.00 24.69 8.51
N SER A 741 -1.86 23.47 9.03
CA SER A 741 -2.86 22.92 9.94
C SER A 741 -2.92 23.69 11.25
N PHE A 742 -1.73 24.02 11.79
CA PHE A 742 -1.61 24.86 12.99
C PHE A 742 -2.35 26.18 12.81
N PHE A 743 -1.97 26.93 11.77
CA PHE A 743 -2.57 28.23 11.44
C PHE A 743 -4.08 28.13 11.30
N LEU A 744 -4.57 27.26 10.42
CA LEU A 744 -6.01 27.20 10.14
C LEU A 744 -6.83 26.80 11.36
N ALA A 745 -6.42 25.74 12.09
CA ALA A 745 -7.15 25.34 13.29
C ALA A 745 -7.16 26.44 14.34
N ARG A 746 -5.99 27.03 14.61
CA ARG A 746 -5.85 28.16 15.53
C ARG A 746 -6.79 29.31 15.18
N ILE A 747 -6.66 29.86 13.98
CA ILE A 747 -7.37 31.08 13.63
C ILE A 747 -8.86 30.83 13.42
N ILE A 748 -9.27 29.62 13.03
CA ILE A 748 -10.69 29.34 12.91
C ILE A 748 -11.33 29.17 14.28
N SER A 749 -10.63 28.54 15.22
CA SER A 749 -11.23 28.36 16.53
C SER A 749 -11.22 29.65 17.37
N VAL A 750 -10.18 30.49 17.26
CA VAL A 750 -10.16 31.73 18.02
C VAL A 750 -10.65 32.92 17.19
N GLY A 751 -11.12 32.68 15.98
CA GLY A 751 -11.62 33.75 15.14
C GLY A 751 -13.12 33.88 15.23
N HIS B 23 58.08 17.73 7.69
CA HIS B 23 56.67 17.95 7.92
C HIS B 23 56.41 18.15 9.40
N LYS B 24 55.26 17.71 9.90
CA LYS B 24 54.89 17.99 11.28
C LYS B 24 54.93 16.73 12.13
N LEU B 25 54.96 16.94 13.44
CA LEU B 25 55.11 15.83 14.36
C LEU B 25 53.79 15.15 14.65
N PHE B 26 52.75 15.91 14.98
CA PHE B 26 51.45 15.31 15.24
C PHE B 26 50.80 14.89 13.92
N PRO B 27 50.28 13.66 13.82
CA PRO B 27 50.33 12.59 14.82
C PRO B 27 51.58 11.73 14.71
N LYS B 28 52.11 11.28 15.85
CA LYS B 28 53.32 10.46 15.83
C LYS B 28 53.06 9.05 15.34
N PHE B 29 51.82 8.58 15.40
CA PHE B 29 51.52 7.21 15.00
C PHE B 29 51.31 7.03 13.50
N SER B 30 51.28 8.11 12.73
CA SER B 30 51.01 8.00 11.30
C SER B 30 51.74 9.12 10.58
N GLN B 31 52.78 8.77 9.82
CA GLN B 31 53.44 9.77 9.00
C GLN B 31 52.65 10.10 7.74
N GLY B 32 51.74 9.21 7.32
CA GLY B 32 50.84 9.54 6.24
C GLY B 32 49.88 10.66 6.61
N LEU B 33 49.45 10.70 7.87
CA LEU B 33 48.71 11.85 8.36
C LEU B 33 49.61 12.99 8.74
N ALA B 34 50.85 12.71 9.17
CA ALA B 34 51.75 13.79 9.56
C ALA B 34 52.26 14.58 8.35
N GLN B 35 52.19 14.03 7.14
CA GLN B 35 52.55 14.76 5.94
C GLN B 35 51.35 15.43 5.28
N ASP B 36 50.26 15.62 6.01
CA ASP B 36 49.07 16.28 5.48
C ASP B 36 49.21 17.79 5.69
N PRO B 37 49.17 18.60 4.64
CA PRO B 37 49.31 20.05 4.81
C PRO B 37 48.03 20.78 5.20
N THR B 38 46.94 20.08 5.50
CA THR B 38 45.64 20.70 5.70
C THR B 38 45.23 20.62 7.17
N THR B 39 44.03 21.13 7.45
CA THR B 39 43.45 20.98 8.77
C THR B 39 42.81 19.61 8.99
N ARG B 40 42.83 18.75 7.96
CA ARG B 40 42.35 17.39 8.07
C ARG B 40 43.23 16.57 9.00
N ARG B 41 44.50 16.96 9.11
CA ARG B 41 45.48 16.27 9.95
C ARG B 41 45.09 16.28 11.42
N ILE B 42 44.60 17.42 11.93
CA ILE B 42 44.27 17.54 13.34
C ILE B 42 43.09 16.64 13.69
N TRP B 43 42.05 16.68 12.86
CA TRP B 43 40.84 15.88 13.10
C TRP B 43 41.14 14.39 12.98
N TYR B 44 41.87 13.98 11.94
CA TYR B 44 42.21 12.58 11.75
C TYR B 44 43.25 12.07 12.71
N GLY B 45 44.04 12.95 13.33
CA GLY B 45 44.88 12.53 14.43
C GLY B 45 44.08 12.31 15.69
N LEU B 46 43.07 13.18 15.90
CA LEU B 46 42.13 12.97 16.99
C LEU B 46 41.30 11.70 16.82
N ALA B 47 41.02 11.31 15.57
CA ALA B 47 40.05 10.24 15.33
C ALA B 47 40.69 8.87 15.19
N MET B 48 41.95 8.80 14.78
CA MET B 48 42.64 7.54 14.56
C MET B 48 43.66 7.26 15.67
N ALA B 49 43.48 7.87 16.83
CA ALA B 49 44.46 7.77 17.91
C ALA B 49 44.38 6.43 18.63
N HIS B 50 43.17 5.94 18.83
CA HIS B 50 42.93 4.73 19.61
C HIS B 50 42.67 3.52 18.73
N ASP B 51 42.93 3.64 17.42
CA ASP B 51 42.87 2.53 16.49
C ASP B 51 44.28 2.01 16.32
N PHE B 52 44.72 1.19 17.28
CA PHE B 52 46.12 0.81 17.35
C PHE B 52 46.53 -0.18 16.28
N GLU B 53 45.59 -0.92 15.68
CA GLU B 53 45.92 -1.89 14.64
C GLU B 53 46.40 -1.25 13.35
N SER B 54 46.25 0.07 13.20
CA SER B 54 46.59 0.76 11.96
C SER B 54 47.58 1.89 12.20
N HIS B 55 48.45 1.75 13.19
CA HIS B 55 49.54 2.69 13.42
C HIS B 55 50.79 2.21 12.70
N ASP B 56 51.78 3.11 12.62
CA ASP B 56 53.02 2.78 11.95
C ASP B 56 53.86 1.88 12.85
N GLY B 57 54.39 0.80 12.28
CA GLY B 57 55.28 -0.09 13.01
C GLY B 57 54.62 -0.87 14.11
N MET B 58 53.33 -1.14 14.00
CA MET B 58 52.61 -1.86 15.03
C MET B 58 52.71 -3.36 14.79
N THR B 59 53.19 -4.09 15.79
CA THR B 59 53.20 -5.53 15.81
C THR B 59 52.04 -6.02 16.69
N GLU B 60 52.00 -7.32 16.95
CA GLU B 60 50.87 -7.88 17.68
C GLU B 60 51.08 -7.83 19.19
N GLU B 61 52.31 -8.09 19.67
CA GLU B 61 52.60 -7.95 21.09
C GLU B 61 52.43 -6.50 21.55
N ASN B 62 52.93 -5.56 20.74
CA ASN B 62 52.78 -4.14 21.04
C ASN B 62 51.31 -3.74 21.07
N LEU B 63 50.51 -4.30 20.15
CA LEU B 63 49.06 -4.09 20.15
C LEU B 63 48.42 -4.48 21.47
N TYR B 64 48.65 -5.73 21.90
CA TYR B 64 48.06 -6.21 23.15
C TYR B 64 48.56 -5.45 24.37
N GLN B 65 49.83 -5.03 24.37
CA GLN B 65 50.39 -4.31 25.51
C GLN B 65 49.82 -2.89 25.64
N LYS B 66 49.65 -2.19 24.51
CA LYS B 66 49.07 -0.85 24.58
C LYS B 66 47.59 -0.91 24.94
N ILE B 67 46.90 -1.97 24.49
CA ILE B 67 45.50 -2.18 24.87
C ILE B 67 45.39 -2.46 26.38
N PHE B 68 46.34 -3.20 26.92
CA PHE B 68 46.38 -3.50 28.35
C PHE B 68 46.60 -2.23 29.18
N ALA B 69 47.51 -1.36 28.72
CA ALA B 69 47.74 -0.08 29.39
C ALA B 69 46.52 0.84 29.32
N SER B 70 45.86 0.88 28.15
CA SER B 70 44.65 1.69 28.00
C SER B 70 43.52 1.21 28.91
N HIS B 71 43.45 -0.11 29.12
CA HIS B 71 42.46 -0.72 30.02
C HIS B 71 42.72 -0.25 31.45
N PHE B 72 43.99 -0.28 31.88
CA PHE B 72 44.31 0.31 33.18
C PHE B 72 43.91 1.78 33.28
N GLY B 73 44.09 2.54 32.19
CA GLY B 73 43.68 3.93 32.19
C GLY B 73 42.18 4.11 32.38
N GLN B 74 41.41 3.23 31.75
CA GLN B 74 39.96 3.24 31.88
C GLN B 74 39.57 2.95 33.32
N LEU B 75 40.24 1.98 33.96
CA LEU B 75 39.96 1.66 35.36
C LEU B 75 40.28 2.82 36.30
N SER B 76 41.39 3.51 36.06
CA SER B 76 41.76 4.65 36.89
C SER B 76 40.76 5.80 36.74
N ILE B 77 40.26 6.02 35.53
CA ILE B 77 39.27 7.07 35.31
C ILE B 77 37.94 6.73 35.99
N ILE B 78 37.54 5.46 35.98
CA ILE B 78 36.29 5.06 36.63
C ILE B 78 36.38 5.23 38.14
N PHE B 79 37.51 4.84 38.75
CA PHE B 79 37.61 5.00 40.19
C PHE B 79 37.79 6.46 40.60
N LEU B 80 38.40 7.28 39.75
CA LEU B 80 38.46 8.72 40.04
C LEU B 80 37.07 9.36 39.93
N TRP B 81 36.27 8.93 38.96
CA TRP B 81 34.88 9.35 38.84
C TRP B 81 34.06 9.01 40.08
N THR B 82 34.24 7.79 40.61
CA THR B 82 33.47 7.38 41.77
C THR B 82 33.93 8.12 43.03
N SER B 83 35.25 8.31 43.19
CA SER B 83 35.77 9.08 44.31
C SER B 83 35.32 10.53 44.25
N GLY B 84 35.17 11.08 43.04
CA GLY B 84 34.68 12.43 42.91
C GLY B 84 33.21 12.57 43.28
N ASN B 85 32.39 11.59 42.87
CA ASN B 85 30.99 11.56 43.30
C ASN B 85 30.88 11.50 44.82
N LEU B 86 31.69 10.64 45.44
CA LEU B 86 31.70 10.50 46.90
C LEU B 86 32.14 11.78 47.58
N PHE B 87 33.18 12.43 47.06
CA PHE B 87 33.72 13.62 47.69
C PHE B 87 32.76 14.80 47.57
N HIS B 88 32.15 14.98 46.40
CA HIS B 88 31.23 16.10 46.24
C HIS B 88 29.94 15.90 47.01
N VAL B 89 29.47 14.66 47.16
CA VAL B 89 28.34 14.41 48.05
C VAL B 89 28.73 14.71 49.49
N ALA B 90 29.87 14.16 49.95
CA ALA B 90 30.31 14.30 51.33
C ALA B 90 30.57 15.75 51.73
N TRP B 91 30.99 16.59 50.79
CA TRP B 91 31.24 17.98 51.13
C TRP B 91 30.06 18.90 50.89
N GLN B 92 29.32 18.75 49.79
CA GLN B 92 28.34 19.77 49.42
C GLN B 92 26.90 19.28 49.49
N GLY B 93 26.64 18.06 49.96
CA GLY B 93 25.31 17.51 49.96
C GLY B 93 24.66 17.56 51.33
N ASN B 94 23.58 16.80 51.46
CA ASN B 94 22.79 16.71 52.67
C ASN B 94 22.53 15.24 53.01
N PHE B 95 23.58 14.42 53.03
CA PHE B 95 23.40 13.00 53.23
C PHE B 95 22.99 12.68 54.66
N GLU B 96 23.69 13.26 55.64
CA GLU B 96 23.39 13.04 57.05
C GLU B 96 22.04 13.61 57.46
N GLN B 97 21.53 14.59 56.72
CA GLN B 97 20.21 15.13 56.94
C GLN B 97 19.15 14.37 56.15
N TRP B 98 19.56 13.76 55.04
CA TRP B 98 18.67 12.98 54.20
C TRP B 98 18.29 11.66 54.87
N VAL B 99 19.23 11.06 55.59
CA VAL B 99 18.96 9.75 56.20
C VAL B 99 17.97 9.84 57.35
N THR B 100 17.71 11.04 57.89
CA THR B 100 16.73 11.17 58.96
C THR B 100 15.31 11.08 58.41
N ASP B 101 15.07 11.62 57.22
CA ASP B 101 13.74 11.56 56.60
C ASP B 101 13.93 11.56 55.08
N PRO B 102 14.12 10.38 54.49
CA PRO B 102 14.43 10.32 53.05
C PRO B 102 13.21 10.36 52.15
N VAL B 103 12.05 10.73 52.69
CA VAL B 103 10.83 10.87 51.91
C VAL B 103 10.60 12.31 51.48
N HIS B 104 10.94 13.27 52.34
CA HIS B 104 10.60 14.67 52.12
C HIS B 104 11.80 15.55 51.78
N ILE B 105 13.02 15.03 51.83
CA ILE B 105 14.23 15.81 51.65
C ILE B 105 14.87 15.42 50.32
N ARG B 106 15.26 16.42 49.53
CA ARG B 106 15.82 16.15 48.21
C ARG B 106 17.33 15.94 48.28
N PRO B 107 17.84 14.97 47.53
CA PRO B 107 19.29 14.67 47.53
C PRO B 107 20.09 15.69 46.74
N ILE B 108 21.01 16.38 47.42
CA ILE B 108 21.85 17.39 46.77
C ILE B 108 23.02 16.72 46.06
N ALA B 109 23.26 17.09 44.80
CA ALA B 109 24.41 16.56 44.07
C ALA B 109 25.69 17.32 44.42
N HIS B 110 25.77 18.59 44.04
CA HIS B 110 26.94 19.41 44.27
C HIS B 110 26.52 20.87 44.28
N ALA B 111 27.36 21.70 44.88
CA ALA B 111 27.06 23.12 44.97
C ALA B 111 27.36 23.81 43.65
N ILE B 112 26.71 24.96 43.46
CA ILE B 112 26.85 25.76 42.26
C ILE B 112 27.69 26.99 42.58
N TRP B 113 28.72 27.24 41.79
CA TRP B 113 29.42 28.51 41.81
C TRP B 113 29.43 29.02 40.37
N ASP B 114 28.51 29.92 40.06
CA ASP B 114 28.39 30.47 38.71
C ASP B 114 28.34 31.98 38.87
N PRO B 115 29.42 32.71 38.56
CA PRO B 115 29.39 34.18 38.69
C PRO B 115 28.55 34.86 37.63
N HIS B 116 28.05 34.13 36.64
CA HIS B 116 27.11 34.69 35.69
C HIS B 116 25.69 34.76 36.25
N PHE B 117 25.44 34.20 37.43
CA PHE B 117 24.11 34.22 38.03
C PHE B 117 23.68 35.63 38.42
N GLY B 118 22.38 35.75 38.68
CA GLY B 118 21.81 36.88 39.37
C GLY B 118 21.24 36.44 40.71
N GLN B 119 20.85 37.42 41.51
CA GLN B 119 20.27 37.14 42.82
C GLN B 119 18.95 36.35 42.78
N PRO B 120 18.01 36.54 41.82
CA PRO B 120 16.90 35.59 41.73
C PRO B 120 17.32 34.16 41.43
N ALA B 121 18.37 33.96 40.64
CA ALA B 121 18.84 32.60 40.36
C ALA B 121 19.51 31.98 41.58
N VAL B 122 20.26 32.79 42.33
CA VAL B 122 20.87 32.30 43.57
C VAL B 122 19.81 31.92 44.58
N GLU B 123 18.75 32.72 44.69
CA GLU B 123 17.65 32.39 45.59
C GLU B 123 16.85 31.18 45.09
N ALA B 124 16.75 31.00 43.77
CA ALA B 124 15.98 29.89 43.24
C ALA B 124 16.71 28.55 43.38
N PHE B 125 18.00 28.52 43.07
CA PHE B 125 18.77 27.30 43.24
C PHE B 125 19.22 27.07 44.67
N THR B 126 19.06 28.06 45.55
CA THR B 126 19.21 27.84 46.99
C THR B 126 17.88 27.26 47.47
N ARG B 127 17.79 25.94 47.50
CA ARG B 127 16.51 25.30 47.78
C ARG B 127 16.34 24.97 49.25
N GLY B 128 17.23 24.13 49.79
CA GLY B 128 17.14 23.74 51.18
C GLY B 128 17.35 22.26 51.41
N GLY B 129 18.01 21.88 52.51
CA GLY B 129 18.60 22.83 53.43
C GLY B 129 20.07 23.06 53.12
N ALA B 130 20.35 24.14 52.41
CA ALA B 130 21.71 24.43 51.95
C ALA B 130 21.98 25.91 52.11
N SER B 131 23.27 26.25 52.15
CA SER B 131 23.67 27.65 52.25
C SER B 131 23.43 28.38 50.93
N GLY B 132 24.05 27.91 49.86
CA GLY B 132 23.95 28.56 48.58
C GLY B 132 23.24 27.73 47.53
N PRO B 133 23.55 27.98 46.26
CA PRO B 133 22.87 27.27 45.17
C PRO B 133 23.40 25.85 45.02
N VAL B 134 22.48 24.89 44.85
CA VAL B 134 22.81 23.48 44.75
C VAL B 134 22.08 22.85 43.57
N ASN B 135 22.57 21.69 43.15
CA ASN B 135 21.87 20.81 42.23
C ASN B 135 21.30 19.63 43.00
N ILE B 136 20.10 19.20 42.62
CA ILE B 136 19.41 18.10 43.27
C ILE B 136 19.66 16.84 42.46
N SER B 137 20.31 15.84 43.06
CA SER B 137 20.79 14.69 42.32
C SER B 137 19.66 13.76 41.93
N THR B 138 19.79 13.16 40.75
CA THR B 138 18.86 12.16 40.24
C THR B 138 19.61 10.90 39.82
N SER B 139 20.68 10.54 40.54
CA SER B 139 21.50 9.41 40.16
C SER B 139 21.36 8.22 41.10
N GLY B 140 20.58 8.35 42.18
CA GLY B 140 20.31 7.22 43.04
C GLY B 140 21.42 6.88 44.01
N VAL B 141 22.45 7.72 44.09
CA VAL B 141 23.61 7.36 44.89
C VAL B 141 23.31 7.47 46.38
N TYR B 142 22.39 8.36 46.79
CA TYR B 142 22.05 8.42 48.21
C TYR B 142 21.31 7.16 48.65
N GLN B 143 20.40 6.67 47.81
CA GLN B 143 19.68 5.43 48.10
C GLN B 143 20.63 4.24 48.12
N TRP B 144 21.53 4.15 47.14
CA TRP B 144 22.48 3.04 47.10
C TRP B 144 23.45 3.06 48.29
N TRP B 145 24.00 4.24 48.61
CA TRP B 145 24.92 4.35 49.72
C TRP B 145 24.23 4.14 51.06
N TYR B 146 22.97 4.56 51.20
CA TYR B 146 22.24 4.33 52.43
C TYR B 146 21.87 2.87 52.60
N THR B 147 21.59 2.16 51.50
CA THR B 147 21.26 0.75 51.63
C THR B 147 22.51 -0.07 51.96
N ILE B 148 23.66 0.25 51.37
CA ILE B 148 24.87 -0.53 51.66
C ILE B 148 25.53 -0.17 52.97
N GLY B 149 25.02 0.79 53.72
CA GLY B 149 25.45 1.00 55.09
C GLY B 149 26.07 2.35 55.41
N MET B 150 26.16 3.30 54.48
CA MET B 150 26.65 4.63 54.81
C MET B 150 25.63 5.38 55.66
N ARG B 151 26.10 6.05 56.71
CA ARG B 151 25.22 6.82 57.56
C ARG B 151 25.73 8.24 57.79
N THR B 152 27.04 8.43 57.68
CA THR B 152 27.67 9.70 57.98
C THR B 152 28.42 10.22 56.76
N ASN B 153 28.85 11.48 56.85
CA ASN B 153 29.68 12.07 55.80
C ASN B 153 31.11 11.58 55.86
N GLN B 154 31.62 11.29 57.06
CA GLN B 154 33.00 10.85 57.19
C GLN B 154 33.20 9.54 56.44
N ASP B 155 32.23 8.64 56.57
CA ASP B 155 32.31 7.39 55.83
C ASP B 155 32.49 7.63 54.33
N LEU B 156 31.77 8.62 53.78
CA LEU B 156 31.91 8.96 52.38
C LEU B 156 33.26 9.60 52.09
N TYR B 157 33.81 10.36 53.04
CA TYR B 157 35.15 10.90 52.86
C TYR B 157 36.21 9.81 52.81
N VAL B 158 36.08 8.82 53.71
CA VAL B 158 37.01 7.68 53.73
C VAL B 158 36.91 6.88 52.42
N GLY B 159 35.68 6.68 51.94
CA GLY B 159 35.49 6.01 50.66
C GLY B 159 36.06 6.77 49.48
N SER B 160 35.93 8.10 49.49
CA SER B 160 36.49 8.92 48.41
C SER B 160 38.01 8.89 48.39
N VAL B 161 38.64 8.97 49.57
CA VAL B 161 40.09 8.91 49.66
C VAL B 161 40.59 7.52 49.24
N PHE B 162 39.87 6.48 49.64
CA PHE B 162 40.23 5.11 49.26
C PHE B 162 40.14 4.90 47.75
N LEU B 163 39.08 5.38 47.11
CA LEU B 163 38.95 5.17 45.67
C LEU B 163 39.87 6.08 44.86
N ALA B 164 40.25 7.25 45.40
CA ALA B 164 41.26 8.05 44.71
C ALA B 164 42.62 7.39 44.77
N LEU B 165 42.93 6.74 45.91
CA LEU B 165 44.17 5.98 46.01
C LEU B 165 44.16 4.78 45.09
N VAL B 166 43.00 4.13 44.94
CA VAL B 166 42.87 2.99 44.01
C VAL B 166 43.04 3.45 42.56
N SER B 167 42.51 4.64 42.23
CA SER B 167 42.69 5.18 40.88
C SER B 167 44.15 5.50 40.59
N ALA B 168 44.87 6.03 41.59
CA ALA B 168 46.30 6.27 41.43
C ALA B 168 47.07 4.97 41.24
N ILE B 169 46.66 3.91 41.95
CA ILE B 169 47.32 2.62 41.81
C ILE B 169 47.10 2.02 40.42
N PHE B 170 45.88 2.16 39.87
CA PHE B 170 45.65 1.60 38.53
C PHE B 170 46.34 2.41 37.44
N LEU B 171 46.41 3.74 37.58
CA LEU B 171 47.17 4.53 36.61
C LEU B 171 48.66 4.20 36.68
N PHE B 172 49.18 4.03 37.90
CA PHE B 172 50.56 3.59 38.07
C PHE B 172 50.79 2.18 37.52
N ALA B 173 49.78 1.30 37.61
CA ALA B 173 49.95 -0.05 37.12
C ALA B 173 49.93 -0.11 35.60
N GLY B 174 49.20 0.80 34.95
CA GLY B 174 49.31 0.93 33.51
C GLY B 174 50.67 1.43 33.06
N TRP B 175 51.19 2.46 33.75
CA TRP B 175 52.54 2.92 33.47
C TRP B 175 53.58 1.84 33.73
N LEU B 176 53.37 1.03 34.78
CA LEU B 176 54.33 -0.01 35.13
C LEU B 176 54.32 -1.16 34.13
N HIS B 177 53.14 -1.61 33.74
CA HIS B 177 53.08 -2.68 32.75
C HIS B 177 53.35 -2.20 31.33
N LEU B 178 53.56 -0.89 31.12
CA LEU B 178 54.25 -0.49 29.89
C LEU B 178 55.75 -0.65 29.92
N GLN B 179 56.36 -0.79 31.10
CA GLN B 179 57.81 -0.74 31.21
C GLN B 179 58.44 -2.05 30.71
N PRO B 180 59.64 -1.99 30.12
CA PRO B 180 60.17 -3.16 29.40
C PRO B 180 60.59 -4.33 30.30
N ASN B 181 60.72 -4.13 31.60
CA ASN B 181 60.89 -5.27 32.50
C ASN B 181 59.56 -5.85 32.94
N PHE B 182 58.44 -5.31 32.47
CA PHE B 182 57.13 -5.72 32.93
C PHE B 182 56.13 -5.93 31.81
N GLN B 183 56.50 -5.70 30.56
CA GLN B 183 55.61 -5.94 29.43
C GLN B 183 55.34 -7.43 29.28
N PRO B 184 54.08 -7.86 29.27
CA PRO B 184 53.80 -9.29 29.08
C PRO B 184 53.99 -9.71 27.64
N SER B 185 54.24 -11.00 27.46
CA SER B 185 54.44 -11.55 26.13
C SER B 185 53.09 -11.89 25.50
N LEU B 186 53.13 -12.35 24.25
CA LEU B 186 51.90 -12.64 23.52
C LEU B 186 51.22 -13.89 24.06
N SER B 187 52.00 -14.82 24.63
CA SER B 187 51.44 -16.03 25.22
C SER B 187 50.62 -15.74 26.47
N TRP B 188 50.99 -14.71 27.22
CA TRP B 188 50.22 -14.34 28.40
C TRP B 188 48.86 -13.77 27.99
N PHE B 189 48.81 -13.01 26.91
CA PHE B 189 47.55 -12.44 26.46
C PHE B 189 46.67 -13.47 25.78
N LYS B 190 47.26 -14.44 25.08
CA LYS B 190 46.49 -15.46 24.37
C LYS B 190 46.23 -16.71 25.20
N ASP B 191 46.20 -16.59 26.53
CA ASP B 191 45.93 -17.74 27.40
C ASP B 191 44.49 -17.61 27.89
N ALA B 192 43.59 -18.37 27.27
CA ALA B 192 42.16 -18.22 27.53
C ALA B 192 41.68 -19.05 28.71
N GLU B 193 42.26 -20.22 28.95
CA GLU B 193 41.78 -21.08 30.04
C GLU B 193 42.14 -20.49 31.39
N SER B 194 43.36 -19.96 31.52
CA SER B 194 43.76 -19.34 32.77
C SER B 194 42.97 -18.07 33.05
N ARG B 195 42.67 -17.30 31.99
CA ARG B 195 41.94 -16.06 32.19
C ARG B 195 40.47 -16.33 32.51
N LEU B 196 39.86 -17.35 31.89
CA LEU B 196 38.50 -17.69 32.29
C LEU B 196 38.41 -18.29 33.67
N ASN B 197 39.39 -19.12 34.07
CA ASN B 197 39.36 -19.67 35.43
C ASN B 197 39.56 -18.59 36.47
N HIS B 198 40.51 -17.69 36.26
CA HIS B 198 40.75 -16.64 37.24
C HIS B 198 39.66 -15.58 37.24
N HIS B 199 39.04 -15.30 36.10
CA HIS B 199 38.00 -14.29 36.09
C HIS B 199 36.66 -14.84 36.55
N LEU B 200 36.33 -16.10 36.26
CA LEU B 200 35.11 -16.68 36.81
C LEU B 200 35.24 -16.94 38.31
N SER B 201 36.34 -17.59 38.73
CA SER B 201 36.47 -17.97 40.13
C SER B 201 36.80 -16.78 41.01
N GLY B 202 37.71 -15.92 40.58
CA GLY B 202 38.17 -14.83 41.41
C GLY B 202 37.44 -13.52 41.20
N LEU B 203 37.34 -13.09 39.95
CA LEU B 203 36.78 -11.77 39.66
C LEU B 203 35.26 -11.75 39.78
N PHE B 204 34.59 -12.85 39.48
CA PHE B 204 33.16 -12.96 39.76
C PHE B 204 32.88 -13.58 41.11
N GLY B 205 33.44 -14.77 41.37
CA GLY B 205 33.03 -15.54 42.53
C GLY B 205 33.54 -14.97 43.84
N VAL B 206 34.84 -14.68 43.92
CA VAL B 206 35.39 -14.18 45.18
C VAL B 206 34.94 -12.74 45.43
N SER B 207 34.73 -11.96 44.38
CA SER B 207 34.19 -10.62 44.55
C SER B 207 32.74 -10.65 45.04
N SER B 208 31.93 -11.57 44.51
CA SER B 208 30.56 -11.71 44.98
C SER B 208 30.51 -12.28 46.40
N LEU B 209 31.47 -13.15 46.75
CA LEU B 209 31.57 -13.68 48.10
C LEU B 209 31.99 -12.61 49.08
N ALA B 210 32.91 -11.74 48.68
CA ALA B 210 33.36 -10.66 49.55
C ALA B 210 32.27 -9.59 49.69
N TRP B 211 31.47 -9.38 48.65
CA TRP B 211 30.33 -8.49 48.82
C TRP B 211 29.27 -9.09 49.72
N THR B 212 29.09 -10.42 49.69
CA THR B 212 28.24 -11.09 50.67
C THR B 212 28.77 -10.87 52.09
N GLY B 213 30.09 -10.93 52.24
CA GLY B 213 30.70 -10.63 53.53
C GLY B 213 30.45 -9.21 53.97
N HIS B 214 30.51 -8.26 53.05
CA HIS B 214 30.20 -6.87 53.39
C HIS B 214 28.74 -6.72 53.81
N LEU B 215 27.83 -7.37 53.09
CA LEU B 215 26.40 -7.29 53.41
C LEU B 215 26.12 -7.84 54.80
N VAL B 216 26.56 -9.06 55.07
CA VAL B 216 26.34 -9.73 56.35
C VAL B 216 27.01 -8.99 57.50
N HIS B 217 28.25 -8.54 57.31
CA HIS B 217 29.00 -7.93 58.40
C HIS B 217 28.62 -6.47 58.65
N VAL B 218 28.22 -5.71 57.61
CA VAL B 218 28.01 -4.27 57.74
C VAL B 218 26.58 -3.86 57.39
N ALA B 219 26.10 -4.25 56.21
CA ALA B 219 24.95 -3.58 55.63
C ALA B 219 23.64 -3.99 56.29
N ILE B 220 23.55 -5.23 56.75
CA ILE B 220 22.40 -5.68 57.52
C ILE B 220 22.40 -5.08 58.93
N PRO B 221 23.50 -5.10 59.74
CA PRO B 221 23.42 -4.44 61.05
C PRO B 221 23.26 -2.92 60.99
N GLU B 222 23.76 -2.26 59.93
CA GLU B 222 23.46 -0.84 59.76
C GLU B 222 21.97 -0.59 59.51
N SER B 223 21.28 -1.55 58.89
CA SER B 223 19.83 -1.47 58.78
C SER B 223 19.11 -1.92 60.04
N ARG B 224 19.80 -2.65 60.92
CA ARG B 224 19.24 -2.96 62.22
C ARG B 224 19.46 -1.85 63.24
N GLY B 225 20.20 -0.80 62.88
CA GLY B 225 20.48 0.27 63.80
C GLY B 225 21.77 0.11 64.59
N GLN B 226 22.61 -0.85 64.26
CA GLN B 226 23.86 -1.10 64.95
C GLN B 226 25.01 -0.69 64.04
N HIS B 227 25.87 0.20 64.52
CA HIS B 227 27.00 0.64 63.72
C HIS B 227 28.10 -0.39 63.76
N VAL B 228 28.46 -0.91 62.59
CA VAL B 228 29.59 -1.83 62.44
C VAL B 228 30.54 -1.17 61.46
N GLY B 229 31.50 -0.41 61.99
CA GLY B 229 32.55 0.18 61.19
C GLY B 229 33.82 -0.63 61.28
N TRP B 230 34.94 0.00 60.88
CA TRP B 230 36.23 -0.68 60.98
C TRP B 230 36.72 -0.77 62.41
N ASP B 231 36.13 0.00 63.32
CA ASP B 231 36.55 -0.03 64.72
C ASP B 231 36.14 -1.34 65.40
N ASN B 232 34.96 -1.86 65.06
CA ASN B 232 34.39 -2.96 65.82
C ASN B 232 33.88 -4.10 64.95
N PHE B 233 34.40 -4.25 63.74
CA PHE B 233 33.89 -5.34 62.90
C PHE B 233 34.46 -6.69 63.28
N LEU B 234 35.46 -6.72 64.16
CA LEU B 234 36.01 -7.95 64.68
C LEU B 234 35.43 -8.32 66.03
N SER B 235 34.70 -7.41 66.68
CA SER B 235 34.12 -7.67 67.99
C SER B 235 32.60 -7.65 67.99
N VAL B 236 31.97 -7.60 66.82
CA VAL B 236 30.52 -7.64 66.70
C VAL B 236 30.15 -8.89 65.93
N LEU B 237 29.26 -9.69 66.51
CA LEU B 237 28.83 -10.94 65.88
C LEU B 237 27.82 -10.64 64.79
N PRO B 238 28.00 -11.20 63.58
CA PRO B 238 26.95 -11.08 62.57
C PRO B 238 25.70 -11.85 62.92
N HIS B 239 25.83 -12.93 63.69
CA HIS B 239 24.73 -13.77 64.11
C HIS B 239 25.03 -14.22 65.53
N PRO B 240 24.00 -14.39 66.37
CA PRO B 240 24.24 -14.79 67.77
C PRO B 240 24.87 -16.17 67.96
N GLN B 241 24.88 -17.01 66.93
CA GLN B 241 25.68 -18.23 66.90
C GLN B 241 26.55 -18.18 65.64
N GLY B 242 27.74 -17.63 65.79
CA GLY B 242 28.64 -17.46 64.66
C GLY B 242 29.42 -18.70 64.32
N LEU B 243 29.29 -19.15 63.06
CA LEU B 243 30.05 -20.24 62.42
C LEU B 243 29.72 -21.63 62.95
N THR B 244 28.97 -21.72 64.04
CA THR B 244 28.59 -23.03 64.55
C THR B 244 27.51 -23.65 63.66
N PRO B 245 26.46 -22.94 63.22
CA PRO B 245 25.63 -23.52 62.15
C PRO B 245 26.36 -23.72 60.84
N PHE B 246 27.32 -22.85 60.50
CA PHE B 246 28.00 -22.96 59.21
C PHE B 246 28.89 -24.20 59.14
N PHE B 247 29.50 -24.59 60.25
CA PHE B 247 30.31 -25.81 60.24
C PHE B 247 29.57 -27.04 60.72
N THR B 248 28.43 -26.88 61.39
CA THR B 248 27.59 -28.03 61.69
C THR B 248 26.75 -28.42 60.47
N GLY B 249 26.56 -27.51 59.52
CA GLY B 249 25.68 -27.78 58.42
C GLY B 249 24.26 -27.32 58.64
N ASN B 250 23.95 -26.81 59.84
CA ASN B 250 22.62 -26.32 60.21
C ASN B 250 22.38 -24.93 59.62
N TRP B 251 22.40 -24.86 58.29
CA TRP B 251 22.40 -23.57 57.61
C TRP B 251 21.06 -22.86 57.70
N ALA B 252 19.98 -23.59 58.00
CA ALA B 252 18.67 -22.98 58.22
C ALA B 252 18.59 -22.21 59.52
N ALA B 253 19.61 -22.27 60.38
CA ALA B 253 19.64 -21.45 61.58
C ALA B 253 19.96 -19.99 61.29
N TYR B 254 20.42 -19.67 60.08
CA TYR B 254 20.62 -18.29 59.69
C TYR B 254 19.40 -17.69 58.99
N ALA B 255 18.38 -18.49 58.71
CA ALA B 255 17.12 -17.99 58.18
C ALA B 255 16.07 -17.76 59.26
N GLN B 256 16.33 -18.22 60.49
CA GLN B 256 15.37 -18.08 61.57
C GLN B 256 15.29 -16.64 62.04
N SER B 257 14.08 -16.22 62.41
CA SER B 257 13.71 -14.87 62.84
C SER B 257 14.12 -13.78 61.86
N PRO B 258 13.43 -13.65 60.72
CA PRO B 258 13.77 -12.58 59.77
C PRO B 258 13.21 -11.24 60.25
N ASP B 259 13.39 -10.21 59.42
CA ASP B 259 12.87 -8.90 59.74
C ASP B 259 11.35 -8.88 59.62
N THR B 260 10.71 -8.30 60.63
CA THR B 260 9.26 -8.25 60.71
C THR B 260 8.72 -7.29 59.64
N ALA B 261 7.47 -7.50 59.24
CA ALA B 261 6.77 -6.61 58.31
C ALA B 261 6.39 -5.25 58.93
N SER B 262 6.82 -4.90 60.15
CA SER B 262 6.68 -3.57 60.69
C SER B 262 8.03 -3.00 61.09
N HIS B 263 9.07 -3.37 60.34
CA HIS B 263 10.43 -2.93 60.63
C HIS B 263 10.69 -1.55 60.05
N VAL B 264 11.12 -0.64 60.92
CA VAL B 264 11.59 0.67 60.47
C VAL B 264 13.05 0.53 60.08
N PHE B 265 13.36 0.86 58.82
CA PHE B 265 14.68 0.62 58.26
C PHE B 265 15.71 1.54 58.90
N GLY B 266 16.86 0.97 59.26
CA GLY B 266 17.91 1.73 59.91
C GLY B 266 17.80 1.82 61.41
N THR B 267 16.75 1.28 62.01
CA THR B 267 16.57 1.28 63.46
C THR B 267 16.38 -0.15 63.95
N ALA B 268 16.15 -0.28 65.26
CA ALA B 268 16.07 -1.59 65.91
C ALA B 268 14.64 -2.04 66.16
N GLN B 269 13.65 -1.21 65.86
CA GLN B 269 12.26 -1.57 66.11
C GLN B 269 11.79 -2.53 65.03
N GLY B 270 11.31 -3.70 65.44
CA GLY B 270 10.80 -4.68 64.50
C GLY B 270 11.86 -5.48 63.77
N SER B 271 13.05 -5.63 64.35
CA SER B 271 14.16 -6.27 63.68
C SER B 271 14.10 -7.78 63.90
N GLY B 272 15.12 -8.48 63.40
CA GLY B 272 15.26 -9.91 63.60
C GLY B 272 16.70 -10.29 63.80
N GLN B 273 17.02 -11.58 63.67
CA GLN B 273 18.38 -12.05 63.81
C GLN B 273 18.93 -12.70 62.56
N ALA B 274 18.12 -12.89 61.53
CA ALA B 274 18.53 -13.65 60.36
C ALA B 274 19.49 -12.85 59.49
N ILE B 275 20.39 -13.57 58.83
CA ILE B 275 21.31 -12.95 57.88
C ILE B 275 21.14 -13.48 56.48
N LEU B 276 20.44 -14.59 56.29
CA LEU B 276 20.29 -15.20 54.96
C LEU B 276 18.87 -15.77 54.89
N THR B 277 17.93 -15.00 54.36
CA THR B 277 16.57 -15.46 54.17
C THR B 277 16.33 -15.73 52.70
N PHE B 278 15.12 -16.19 52.40
CA PHE B 278 14.64 -16.26 51.01
C PHE B 278 13.14 -16.04 51.06
N LEU B 279 12.75 -14.77 50.91
CA LEU B 279 11.41 -14.27 51.21
C LEU B 279 10.63 -13.83 50.00
N GLY B 280 11.27 -13.20 49.02
CA GLY B 280 10.57 -12.70 47.86
C GLY B 280 9.81 -11.42 48.13
N GLY B 281 9.64 -10.63 47.09
CA GLY B 281 8.91 -9.38 47.24
C GLY B 281 9.77 -8.29 47.84
N PHE B 282 9.14 -7.44 48.64
CA PHE B 282 9.78 -6.20 49.07
C PHE B 282 9.63 -5.98 50.56
N HIS B 283 10.63 -5.30 51.12
CA HIS B 283 10.51 -4.72 52.45
C HIS B 283 9.30 -3.77 52.47
N PRO B 284 8.49 -3.78 53.54
CA PRO B 284 7.23 -3.02 53.49
C PRO B 284 7.41 -1.51 53.54
N GLN B 285 8.34 -1.00 54.35
CA GLN B 285 8.52 0.45 54.42
C GLN B 285 9.26 0.98 53.19
N THR B 286 10.42 0.43 52.89
CA THR B 286 11.27 0.98 51.85
C THR B 286 10.81 0.60 50.44
N GLN B 287 9.89 -0.36 50.32
CA GLN B 287 9.39 -0.88 49.05
C GLN B 287 10.54 -1.38 48.17
N SER B 288 11.44 -2.14 48.80
CA SER B 288 12.68 -2.56 48.17
C SER B 288 13.05 -3.95 48.63
N LEU B 289 14.02 -4.55 47.93
CA LEU B 289 14.42 -5.93 48.18
C LEU B 289 15.07 -6.07 49.55
N TRP B 290 14.95 -7.26 50.12
CA TRP B 290 15.49 -7.51 51.45
C TRP B 290 17.00 -7.66 51.39
N LEU B 291 17.70 -7.08 52.36
CA LEU B 291 19.14 -7.22 52.45
C LEU B 291 19.57 -8.65 52.69
N THR B 292 18.76 -9.42 53.44
CA THR B 292 19.09 -10.82 53.68
C THR B 292 18.91 -11.66 52.44
N ASP B 293 17.90 -11.33 51.62
CA ASP B 293 17.73 -12.00 50.34
C ASP B 293 18.86 -11.66 49.38
N MET B 294 19.33 -10.41 49.40
CA MET B 294 20.43 -10.02 48.53
C MET B 294 21.75 -10.64 49.00
N ALA B 295 21.89 -10.84 50.32
CA ALA B 295 23.04 -11.54 50.86
C ALA B 295 23.06 -13.00 50.42
N HIS B 296 21.93 -13.67 50.55
CA HIS B 296 21.81 -15.06 50.14
C HIS B 296 22.05 -15.18 48.63
N HIS B 297 21.51 -14.22 47.89
CA HIS B 297 21.65 -14.17 46.43
C HIS B 297 23.12 -14.06 45.99
N HIS B 298 23.89 -13.16 46.61
CA HIS B 298 25.30 -13.01 46.28
C HIS B 298 26.13 -14.18 46.81
N LEU B 299 25.70 -14.82 47.89
CA LEU B 299 26.40 -16.01 48.37
C LEU B 299 26.21 -17.19 47.44
N ALA B 300 24.99 -17.40 46.95
CA ALA B 300 24.70 -18.51 46.05
C ALA B 300 25.40 -18.34 44.71
N ILE B 301 25.34 -17.13 44.16
CA ILE B 301 26.02 -16.93 42.88
C ILE B 301 27.54 -16.89 43.07
N ALA B 302 28.02 -16.54 44.27
CA ALA B 302 29.45 -16.64 44.54
C ALA B 302 29.93 -18.08 44.48
N VAL B 303 29.17 -18.99 45.12
CA VAL B 303 29.54 -20.40 45.09
C VAL B 303 29.44 -20.96 43.67
N ILE B 304 28.43 -20.53 42.92
CA ILE B 304 28.26 -21.02 41.54
C ILE B 304 29.38 -20.52 40.64
N PHE B 305 29.82 -19.26 40.79
CA PHE B 305 30.91 -18.77 39.96
C PHE B 305 32.27 -19.36 40.38
N ILE B 306 32.48 -19.62 41.67
CA ILE B 306 33.73 -20.26 42.09
C ILE B 306 33.79 -21.69 41.57
N VAL B 307 32.67 -22.41 41.60
CA VAL B 307 32.62 -23.77 41.06
C VAL B 307 32.80 -23.75 39.54
N ALA B 308 32.16 -22.81 38.85
CA ALA B 308 32.33 -22.70 37.41
C ALA B 308 33.71 -22.21 37.00
N GLY B 309 34.46 -21.60 37.91
CA GLY B 309 35.82 -21.20 37.65
C GLY B 309 36.87 -22.26 37.78
N HIS B 310 36.48 -23.53 37.87
CA HIS B 310 37.40 -24.65 37.91
C HIS B 310 37.21 -25.57 36.71
N MET B 311 36.65 -25.03 35.63
CA MET B 311 36.27 -25.80 34.48
C MET B 311 37.41 -26.04 33.50
N TYR B 312 38.23 -25.04 33.25
CA TYR B 312 39.15 -25.05 32.11
C TYR B 312 40.55 -25.48 32.55
N ARG B 313 41.29 -26.03 31.59
CA ARG B 313 42.55 -26.71 31.87
C ARG B 313 43.71 -25.73 31.93
N THR B 314 44.13 -25.41 33.14
CA THR B 314 45.39 -24.72 33.41
C THR B 314 46.47 -25.78 33.66
N ASN B 315 47.56 -25.39 34.31
CA ASN B 315 48.71 -26.27 34.50
C ASN B 315 48.51 -27.28 35.63
N PHE B 316 47.43 -28.05 35.59
CA PHE B 316 47.16 -29.03 36.65
C PHE B 316 46.57 -30.33 36.12
N GLY B 317 46.73 -30.63 34.85
CA GLY B 317 46.21 -31.89 34.32
C GLY B 317 44.72 -31.98 34.07
N ILE B 318 43.91 -31.66 35.08
CA ILE B 318 42.45 -31.70 34.95
C ILE B 318 41.98 -30.47 34.18
N GLY B 319 40.72 -30.48 33.77
CA GLY B 319 40.14 -29.31 33.12
C GLY B 319 39.74 -29.51 31.69
N HIS B 320 38.88 -28.63 31.19
CA HIS B 320 38.41 -28.69 29.81
C HIS B 320 39.33 -27.90 28.87
N ARG B 321 39.36 -28.37 27.63
CA ARG B 321 40.13 -27.77 26.55
C ARG B 321 39.14 -27.21 25.53
N MET B 322 39.16 -25.88 25.36
CA MET B 322 38.09 -25.19 24.62
C MET B 322 38.12 -25.54 23.15
N GLN B 323 39.31 -25.65 22.58
CA GLN B 323 39.46 -26.07 21.19
C GLN B 323 38.94 -27.49 21.00
N ALA B 324 39.13 -28.35 21.99
CA ALA B 324 38.59 -29.71 21.90
C ALA B 324 37.07 -29.72 21.97
N ILE B 325 36.50 -28.86 22.83
CA ILE B 325 35.04 -28.74 22.93
C ILE B 325 34.45 -28.22 21.62
N LEU B 326 35.08 -27.20 21.03
CA LEU B 326 34.61 -26.63 19.78
C LEU B 326 34.73 -27.62 18.62
N GLU B 327 35.86 -28.35 18.55
CA GLU B 327 36.03 -29.36 17.51
C GLU B 327 35.08 -30.54 17.70
N ALA B 328 34.64 -30.79 18.93
CA ALA B 328 33.70 -31.89 19.14
C ALA B 328 32.28 -31.51 18.76
N HIS B 329 31.83 -30.29 19.10
CA HIS B 329 30.43 -29.94 18.82
C HIS B 329 30.24 -29.58 17.34
N THR B 330 30.26 -30.62 16.52
CA THR B 330 29.81 -30.55 15.13
C THR B 330 28.77 -31.64 14.93
N PRO B 331 27.54 -31.29 14.54
CA PRO B 331 26.46 -32.28 14.52
C PRO B 331 26.60 -33.21 13.33
N PRO B 332 25.98 -34.39 13.37
CA PRO B 332 25.97 -35.26 12.18
C PRO B 332 25.10 -34.70 11.07
N SER B 333 25.08 -35.39 9.92
CA SER B 333 24.35 -35.07 8.69
C SER B 333 24.81 -33.79 8.01
N GLY B 334 25.83 -33.10 8.52
CA GLY B 334 26.33 -31.90 7.90
C GLY B 334 25.38 -30.73 7.88
N SER B 335 24.42 -30.69 8.80
CA SER B 335 23.42 -29.63 8.81
C SER B 335 23.99 -28.31 9.30
N LEU B 336 25.12 -28.33 10.01
CA LEU B 336 25.90 -27.13 10.30
C LEU B 336 27.27 -27.19 9.64
N GLY B 337 27.44 -28.09 8.66
CA GLY B 337 28.69 -28.23 7.95
C GLY B 337 29.80 -28.79 8.80
N ALA B 338 30.87 -28.02 8.95
CA ALA B 338 31.97 -28.37 9.84
C ALA B 338 31.69 -27.98 11.30
N GLY B 339 30.54 -27.39 11.57
CA GLY B 339 30.19 -27.07 12.96
C GLY B 339 30.99 -25.91 13.48
N HIS B 340 31.62 -26.10 14.64
CA HIS B 340 32.45 -25.09 15.26
C HIS B 340 33.94 -25.37 15.04
N LYS B 341 34.29 -26.01 13.93
CA LYS B 341 35.67 -26.33 13.63
C LYS B 341 36.45 -25.08 13.27
N GLY B 342 37.60 -24.89 13.91
CA GLY B 342 38.45 -23.76 13.61
C GLY B 342 38.00 -22.44 14.18
N LEU B 343 37.03 -22.43 15.11
CA LEU B 343 36.59 -21.18 15.69
C LEU B 343 37.46 -20.71 16.83
N PHE B 344 38.23 -21.59 17.47
CA PHE B 344 39.08 -21.16 18.57
C PHE B 344 40.19 -20.26 18.09
N ASP B 345 40.80 -20.57 16.95
CA ASP B 345 41.85 -19.74 16.39
C ASP B 345 41.32 -18.48 15.73
N THR B 346 40.01 -18.34 15.59
CA THR B 346 39.44 -17.09 15.08
C THR B 346 38.83 -16.22 16.17
N VAL B 347 38.45 -16.80 17.31
CA VAL B 347 38.09 -15.96 18.45
C VAL B 347 39.35 -15.54 19.19
N ASN B 348 40.33 -16.43 19.29
CA ASN B 348 41.54 -16.15 20.05
C ASN B 348 42.40 -15.11 19.36
N ASN B 349 42.52 -15.17 18.03
CA ASN B 349 43.41 -14.28 17.32
C ASN B 349 42.77 -12.94 17.00
N SER B 350 41.45 -12.86 16.96
CA SER B 350 40.76 -11.62 16.66
C SER B 350 40.34 -10.93 17.96
N LEU B 351 40.72 -9.66 18.08
CA LEU B 351 40.21 -8.82 19.15
C LEU B 351 38.85 -8.23 18.83
N HIS B 352 38.51 -8.07 17.56
CA HIS B 352 37.20 -7.51 17.23
C HIS B 352 36.07 -8.49 17.43
N PHE B 353 36.34 -9.80 17.28
CA PHE B 353 35.33 -10.81 17.62
C PHE B 353 35.06 -10.80 19.12
N GLN B 354 36.13 -10.76 19.93
CA GLN B 354 36.00 -10.75 21.38
C GLN B 354 35.35 -9.47 21.86
N LEU B 355 35.66 -8.35 21.21
CA LEU B 355 35.07 -7.08 21.58
C LEU B 355 33.60 -7.02 21.20
N GLY B 356 33.22 -7.58 20.04
CA GLY B 356 31.82 -7.66 19.68
C GLY B 356 31.01 -8.57 20.58
N LEU B 357 31.61 -9.69 21.01
CA LEU B 357 30.95 -10.58 21.96
C LEU B 357 30.76 -9.91 23.32
N ALA B 358 31.79 -9.21 23.79
CA ALA B 358 31.73 -8.52 25.06
C ALA B 358 30.70 -7.39 25.03
N LEU B 359 30.65 -6.65 23.92
CA LEU B 359 29.70 -5.56 23.81
C LEU B 359 28.27 -6.07 23.68
N ALA B 360 28.06 -7.19 22.97
CA ALA B 360 26.72 -7.75 22.89
C ALA B 360 26.23 -8.23 24.25
N SER B 361 27.10 -8.90 25.01
CA SER B 361 26.72 -9.38 26.33
C SER B 361 26.48 -8.23 27.30
N VAL B 362 27.39 -7.26 27.37
CA VAL B 362 27.26 -6.14 28.30
C VAL B 362 26.08 -5.24 27.94
N GLY B 363 25.76 -5.08 26.65
CA GLY B 363 24.59 -4.33 26.27
C GLY B 363 23.28 -5.01 26.66
N THR B 364 23.21 -6.33 26.46
CA THR B 364 22.02 -7.08 26.88
C THR B 364 21.88 -7.07 28.41
N ILE B 365 23.00 -7.12 29.12
CA ILE B 365 22.98 -7.07 30.58
C ILE B 365 22.61 -5.67 31.07
N THR B 366 22.94 -4.63 30.31
CA THR B 366 22.55 -3.28 30.73
C THR B 366 21.06 -3.07 30.55
N SER B 367 20.49 -3.61 29.46
CA SER B 367 19.04 -3.69 29.33
C SER B 367 18.42 -4.48 30.47
N LEU B 368 19.08 -5.56 30.89
CA LEU B 368 18.59 -6.38 31.99
C LEU B 368 18.60 -5.62 33.31
N VAL B 369 19.66 -4.83 33.53
CA VAL B 369 19.79 -3.98 34.71
C VAL B 369 18.65 -2.97 34.77
N ALA B 370 18.36 -2.31 33.65
CA ALA B 370 17.30 -1.30 33.65
C ALA B 370 15.93 -1.94 33.86
N GLN B 371 15.63 -3.02 33.11
CA GLN B 371 14.34 -3.70 33.21
C GLN B 371 14.13 -4.32 34.59
N HIS B 372 15.18 -4.77 35.25
CA HIS B 372 14.98 -5.40 36.55
C HIS B 372 15.10 -4.41 37.70
N MET B 373 15.74 -3.27 37.50
CA MET B 373 15.79 -2.27 38.56
C MET B 373 14.59 -1.35 38.61
N TYR B 374 13.85 -1.14 37.51
CA TYR B 374 12.61 -0.39 37.69
C TYR B 374 11.57 -1.25 38.40
N SER B 375 11.50 -2.52 38.04
CA SER B 375 10.46 -3.44 38.48
C SER B 375 10.74 -4.03 39.84
N LEU B 376 11.99 -4.38 40.11
CA LEU B 376 12.43 -4.89 41.41
C LEU B 376 13.44 -3.89 41.96
N PRO B 377 12.99 -2.81 42.61
CA PRO B 377 13.92 -1.80 43.13
C PRO B 377 14.70 -2.34 44.31
N PRO B 378 16.01 -2.29 44.26
CA PRO B 378 16.81 -2.84 45.37
C PRO B 378 17.00 -1.93 46.56
N TYR B 379 17.11 -0.62 46.34
CA TYR B 379 17.63 0.26 47.37
C TYR B 379 16.51 0.90 48.16
N ALA B 380 16.80 1.18 49.43
CA ALA B 380 15.83 1.76 50.34
C ALA B 380 15.41 3.13 49.86
N PHE B 381 14.09 3.30 49.74
CA PHE B 381 13.41 4.53 49.31
C PHE B 381 13.71 4.91 47.86
N GLN B 382 14.26 3.98 47.09
CA GLN B 382 14.05 3.98 45.66
C GLN B 382 12.61 3.54 45.40
N ALA B 383 12.08 3.94 44.24
CA ALA B 383 10.70 3.82 43.75
C ALA B 383 9.73 4.73 44.47
N ILE B 384 10.19 5.51 45.45
CA ILE B 384 9.47 6.69 45.90
C ILE B 384 10.13 7.96 45.38
N ASP B 385 11.36 7.87 44.88
CA ASP B 385 12.03 8.95 44.16
C ASP B 385 11.82 8.67 42.68
N PHE B 386 10.77 9.28 42.12
CA PHE B 386 10.31 8.94 40.79
C PHE B 386 11.24 9.47 39.72
N THR B 387 11.87 10.61 39.99
CA THR B 387 12.83 11.18 39.05
C THR B 387 14.09 10.33 38.98
N THR B 388 14.48 9.75 40.12
CA THR B 388 15.60 8.80 40.15
C THR B 388 15.26 7.54 39.37
N GLN B 389 14.05 7.00 39.56
CA GLN B 389 13.58 5.85 38.78
C GLN B 389 13.66 6.10 37.27
N ALA B 390 13.10 7.23 36.82
CA ALA B 390 13.06 7.56 35.41
C ALA B 390 14.45 7.82 34.85
N ALA B 391 15.29 8.52 35.61
CA ALA B 391 16.63 8.84 35.14
C ALA B 391 17.51 7.61 35.02
N LEU B 392 17.44 6.70 36.01
CA LEU B 392 18.28 5.51 35.97
C LEU B 392 17.84 4.55 34.87
N TYR B 393 16.51 4.39 34.69
CA TYR B 393 16.01 3.55 33.61
C TYR B 393 16.46 4.09 32.26
N THR B 394 16.25 5.39 32.03
CA THR B 394 16.57 5.96 30.73
C THR B 394 18.07 6.00 30.47
N HIS B 395 18.84 6.20 31.53
CA HIS B 395 20.30 6.21 31.47
C HIS B 395 20.90 4.85 31.06
N HIS B 396 20.44 3.75 31.67
CA HIS B 396 20.96 2.45 31.26
C HIS B 396 20.33 1.93 29.97
N GLN B 397 19.14 2.38 29.59
CA GLN B 397 18.59 1.97 28.29
C GLN B 397 19.33 2.63 27.12
N TYR B 398 19.67 3.92 27.23
CA TYR B 398 20.44 4.53 26.14
C TYR B 398 21.88 4.02 26.10
N ILE B 399 22.48 3.76 27.27
CA ILE B 399 23.79 3.11 27.32
C ILE B 399 23.75 1.75 26.64
N ALA B 400 22.68 0.97 26.90
CA ALA B 400 22.53 -0.35 26.29
C ALA B 400 22.38 -0.27 24.78
N GLY B 401 21.64 0.73 24.29
CA GLY B 401 21.48 0.87 22.85
C GLY B 401 22.78 1.22 22.13
N PHE B 402 23.57 2.14 22.69
CA PHE B 402 24.87 2.46 22.10
C PHE B 402 25.82 1.27 22.14
N ILE B 403 25.80 0.49 23.24
CA ILE B 403 26.70 -0.66 23.34
C ILE B 403 26.31 -1.77 22.34
N MET B 404 25.00 -1.97 22.09
CA MET B 404 24.58 -2.96 21.10
C MET B 404 24.97 -2.55 19.69
N CYS B 405 24.82 -1.26 19.35
CA CYS B 405 25.28 -0.78 18.05
C CYS B 405 26.79 -0.94 17.90
N GLY B 406 27.54 -0.73 18.98
CA GLY B 406 28.98 -0.97 18.91
C GLY B 406 29.36 -2.42 18.77
N ALA B 407 28.56 -3.32 19.32
CA ALA B 407 28.77 -4.75 19.15
C ALA B 407 28.65 -5.14 17.69
N PHE B 408 27.61 -4.66 17.02
CA PHE B 408 27.48 -4.97 15.60
C PHE B 408 28.52 -4.24 14.75
N ALA B 409 28.95 -3.04 15.16
CA ALA B 409 30.00 -2.33 14.44
C ALA B 409 31.32 -3.08 14.48
N HIS B 410 31.75 -3.50 15.68
CA HIS B 410 32.99 -4.25 15.78
C HIS B 410 32.88 -5.66 15.22
N GLY B 411 31.67 -6.20 15.08
CA GLY B 411 31.51 -7.42 14.30
C GLY B 411 31.76 -7.22 12.82
N ALA B 412 31.29 -6.11 12.26
CA ALA B 412 31.61 -5.79 10.86
C ALA B 412 33.10 -5.53 10.67
N ILE B 413 33.74 -4.90 11.67
CA ILE B 413 35.18 -4.69 11.63
C ILE B 413 35.92 -6.02 11.70
N PHE B 414 35.40 -6.99 12.47
CA PHE B 414 35.92 -8.35 12.47
C PHE B 414 35.86 -8.98 11.08
N PHE B 415 34.73 -8.83 10.39
CA PHE B 415 34.63 -9.41 9.05
C PHE B 415 35.63 -8.78 8.09
N ILE B 416 35.84 -7.47 8.17
CA ILE B 416 36.72 -6.83 7.20
C ILE B 416 38.19 -7.12 7.50
N ARG B 417 38.60 -7.02 8.77
CA ARG B 417 40.02 -7.08 9.08
C ARG B 417 40.51 -8.47 9.45
N ASP B 418 39.80 -9.17 10.34
CA ASP B 418 40.35 -10.34 11.00
C ASP B 418 39.92 -11.67 10.40
N TYR B 419 38.86 -11.69 9.60
CA TYR B 419 38.27 -12.94 9.13
C TYR B 419 39.11 -13.57 8.03
N ASP B 420 39.66 -14.76 8.30
CA ASP B 420 40.35 -15.54 7.29
C ASP B 420 39.39 -16.61 6.79
N PRO B 421 39.06 -16.63 5.49
CA PRO B 421 38.10 -17.63 5.00
C PRO B 421 38.65 -19.04 4.91
N GLU B 422 39.96 -19.22 4.67
CA GLU B 422 40.50 -20.56 4.58
C GLU B 422 40.59 -21.25 5.94
N GLN B 423 40.75 -20.47 7.01
CA GLN B 423 40.70 -21.04 8.35
C GLN B 423 39.28 -21.40 8.77
N ASN B 424 38.27 -20.90 8.07
CA ASN B 424 36.88 -21.10 8.41
C ASN B 424 36.11 -21.77 7.28
N LYS B 425 36.76 -22.63 6.51
CA LYS B 425 36.13 -23.21 5.33
C LYS B 425 35.13 -24.26 5.76
N GLY B 426 33.86 -23.87 5.87
CA GLY B 426 32.77 -24.79 6.11
C GLY B 426 32.05 -24.61 7.42
N ASN B 427 32.57 -23.81 8.34
CA ASN B 427 32.00 -23.74 9.68
C ASN B 427 30.78 -22.81 9.71
N VAL B 428 30.30 -22.54 10.92
CA VAL B 428 29.07 -21.76 11.11
C VAL B 428 29.24 -20.32 10.63
N LEU B 429 30.44 -19.76 10.80
CA LEU B 429 30.70 -18.38 10.44
C LEU B 429 30.72 -18.20 8.92
N ALA B 430 31.21 -19.20 8.18
CA ALA B 430 31.13 -19.16 6.73
C ALA B 430 29.73 -19.44 6.22
N ARG B 431 28.97 -20.31 6.91
CA ARG B 431 27.62 -20.61 6.43
C ARG B 431 26.65 -19.46 6.68
N MET B 432 26.95 -18.59 7.65
CA MET B 432 26.18 -17.34 7.78
C MET B 432 26.39 -16.43 6.59
N LEU B 433 27.63 -16.30 6.13
CA LEU B 433 27.90 -15.57 4.89
C LEU B 433 27.30 -16.27 3.67
N ASP B 434 27.09 -17.58 3.76
CA ASP B 434 26.42 -18.28 2.66
C ASP B 434 24.93 -17.97 2.59
N HIS B 435 24.23 -17.87 3.73
CA HIS B 435 22.80 -17.56 3.65
C HIS B 435 22.46 -16.15 4.17
N LYS B 436 23.41 -15.22 4.00
CA LYS B 436 23.20 -13.80 4.30
C LYS B 436 22.02 -13.19 3.55
N GLU B 437 21.75 -13.62 2.31
CA GLU B 437 20.62 -13.05 1.58
C GLU B 437 19.29 -13.49 2.16
N ALA B 438 19.18 -14.74 2.59
CA ALA B 438 17.99 -15.22 3.27
C ALA B 438 17.80 -14.50 4.60
N LEU B 439 18.90 -14.25 5.32
CA LEU B 439 18.85 -13.51 6.57
C LEU B 439 18.30 -12.10 6.39
N ILE B 440 18.89 -11.35 5.45
CA ILE B 440 18.48 -9.98 5.23
C ILE B 440 17.08 -9.92 4.62
N SER B 441 16.69 -10.92 3.83
CA SER B 441 15.34 -10.96 3.26
C SER B 441 14.28 -11.15 4.34
N HIS B 442 14.51 -12.09 5.27
CA HIS B 442 13.50 -12.30 6.30
C HIS B 442 13.50 -11.20 7.36
N LEU B 443 14.65 -10.54 7.60
CA LEU B 443 14.64 -9.34 8.44
C LEU B 443 13.89 -8.19 7.77
N SER B 444 14.07 -8.03 6.46
CA SER B 444 13.32 -7.04 5.70
C SER B 444 11.82 -7.32 5.76
N TRP B 445 11.43 -8.60 5.70
CA TRP B 445 10.03 -8.96 5.79
C TRP B 445 9.43 -8.62 7.15
N VAL B 446 10.12 -8.98 8.24
CA VAL B 446 9.54 -8.71 9.56
C VAL B 446 9.50 -7.22 9.84
N SER B 447 10.47 -6.45 9.34
CA SER B 447 10.46 -5.00 9.52
C SER B 447 9.31 -4.37 8.75
N LEU B 448 9.12 -4.75 7.47
CA LEU B 448 8.02 -4.22 6.69
C LEU B 448 6.66 -4.59 7.27
N PHE B 449 6.51 -5.85 7.72
CA PHE B 449 5.25 -6.30 8.30
C PHE B 449 4.89 -5.52 9.55
N LEU B 450 5.82 -5.45 10.51
CA LEU B 450 5.56 -4.73 11.74
C LEU B 450 5.32 -3.25 11.49
N GLY B 451 6.02 -2.67 10.51
CA GLY B 451 5.82 -1.26 10.22
C GLY B 451 4.48 -0.95 9.62
N PHE B 452 4.09 -1.71 8.56
CA PHE B 452 2.79 -1.52 7.93
C PHE B 452 1.67 -1.70 8.93
N HIS B 453 1.72 -2.76 9.74
CA HIS B 453 0.55 -3.01 10.57
C HIS B 453 0.54 -2.19 11.86
N THR B 454 1.71 -1.83 12.40
CA THR B 454 1.71 -0.98 13.58
C THR B 454 1.31 0.44 13.23
N LEU B 455 1.85 0.98 12.13
CA LEU B 455 1.44 2.30 11.67
C LEU B 455 -0.01 2.30 11.19
N GLY B 456 -0.46 1.21 10.56
CA GLY B 456 -1.84 1.15 10.10
C GLY B 456 -2.84 1.10 11.24
N LEU B 457 -2.51 0.37 12.31
CA LEU B 457 -3.39 0.35 13.48
C LEU B 457 -3.41 1.69 14.20
N TYR B 458 -2.25 2.35 14.33
CA TYR B 458 -2.25 3.68 14.96
C TYR B 458 -2.99 4.72 14.13
N VAL B 459 -2.81 4.70 12.80
CA VAL B 459 -3.49 5.67 11.94
C VAL B 459 -4.99 5.38 11.88
N HIS B 460 -5.38 4.09 11.86
CA HIS B 460 -6.76 3.68 11.97
C HIS B 460 -7.42 4.22 13.24
N ASN B 461 -6.76 4.04 14.38
CA ASN B 461 -7.34 4.50 15.63
C ASN B 461 -7.35 6.01 15.73
N ASP B 462 -6.38 6.69 15.09
CA ASP B 462 -6.41 8.15 15.02
C ASP B 462 -7.58 8.66 14.19
N VAL B 463 -7.89 7.99 13.07
CA VAL B 463 -9.05 8.38 12.27
C VAL B 463 -10.34 8.15 13.07
N MET B 464 -10.38 7.07 13.85
CA MET B 464 -11.55 6.82 14.69
C MET B 464 -11.69 7.87 15.80
N GLN B 465 -10.58 8.26 16.41
CA GLN B 465 -10.63 9.28 17.45
C GLN B 465 -10.95 10.66 16.89
N ALA B 466 -10.53 10.91 15.65
CA ALA B 466 -10.83 12.19 15.01
C ALA B 466 -12.30 12.29 14.64
N PHE B 467 -12.86 11.21 14.09
CA PHE B 467 -14.25 11.23 13.64
C PHE B 467 -15.25 10.99 14.77
N GLY B 468 -14.83 11.10 16.03
CA GLY B 468 -15.73 11.04 17.15
C GLY B 468 -16.20 9.66 17.53
N THR B 469 -15.61 8.61 16.97
CA THR B 469 -16.06 7.23 17.17
C THR B 469 -14.94 6.39 17.77
N PRO B 470 -14.74 6.44 19.09
CA PRO B 470 -13.71 5.60 19.71
C PRO B 470 -14.10 4.14 19.80
N GLU B 471 -15.36 3.79 19.62
CA GLU B 471 -15.80 2.40 19.74
C GLU B 471 -15.53 1.59 18.48
N LYS B 472 -14.96 2.19 17.44
CA LYS B 472 -14.63 1.47 16.22
C LYS B 472 -13.16 1.11 16.11
N GLN B 473 -12.34 1.50 17.09
CA GLN B 473 -10.90 1.42 16.91
C GLN B 473 -10.38 0.05 17.31
N ILE B 474 -9.36 -0.41 16.58
CA ILE B 474 -8.88 -1.78 16.70
C ILE B 474 -8.03 -1.89 17.96
N LEU B 475 -8.55 -2.58 18.97
CA LEU B 475 -7.91 -2.70 20.28
C LEU B 475 -7.67 -4.17 20.57
N ILE B 476 -6.54 -4.68 20.12
CA ILE B 476 -6.19 -6.09 20.33
C ILE B 476 -5.68 -6.24 21.76
N GLU B 477 -6.21 -7.26 22.46
CA GLU B 477 -5.86 -7.47 23.87
C GLU B 477 -4.57 -8.29 23.96
N PRO B 478 -3.63 -7.92 24.85
CA PRO B 478 -2.36 -8.65 24.90
C PRO B 478 -2.45 -9.95 25.70
N VAL B 479 -3.16 -10.92 25.12
CA VAL B 479 -3.55 -12.10 25.86
C VAL B 479 -2.37 -13.01 26.15
N PHE B 480 -1.29 -12.92 25.36
CA PHE B 480 -0.14 -13.79 25.57
C PHE B 480 0.67 -13.34 26.78
N ALA B 481 0.95 -12.04 26.87
CA ALA B 481 1.68 -11.52 28.02
C ALA B 481 0.81 -11.49 29.27
N GLN B 482 -0.52 -11.37 29.11
CA GLN B 482 -1.39 -11.51 30.27
C GLN B 482 -1.43 -12.95 30.77
N TRP B 483 -1.35 -13.92 29.85
CA TRP B 483 -1.20 -15.32 30.20
C TRP B 483 0.10 -15.55 30.96
N ILE B 484 1.18 -14.87 30.56
CA ILE B 484 2.46 -15.01 31.26
C ILE B 484 2.39 -14.38 32.65
N GLN B 485 1.72 -13.23 32.79
CA GLN B 485 1.56 -12.64 34.11
C GLN B 485 0.68 -13.48 35.02
N ALA B 486 -0.32 -14.15 34.47
CA ALA B 486 -1.10 -15.10 35.26
C ALA B 486 -0.26 -16.31 35.65
N ALA B 487 0.66 -16.73 34.78
CA ALA B 487 1.60 -17.79 35.14
C ALA B 487 2.56 -17.37 36.22
N HIS B 488 2.78 -16.06 36.34
CA HIS B 488 3.67 -15.54 37.38
C HIS B 488 2.97 -15.34 38.72
N GLY B 489 1.63 -15.39 38.71
CA GLY B 489 0.91 -15.29 39.95
C GLY B 489 0.04 -14.06 40.11
N LYS B 490 -0.40 -13.50 39.00
CA LYS B 490 -1.22 -12.30 39.02
C LYS B 490 -2.67 -12.69 38.76
N ALA B 491 -3.53 -12.44 39.75
CA ALA B 491 -4.91 -12.89 39.73
C ALA B 491 -5.86 -11.85 39.13
N LEU B 492 -5.37 -11.03 38.21
CA LEU B 492 -6.19 -9.99 37.59
C LEU B 492 -6.93 -10.50 36.37
N TYR B 493 -6.28 -11.32 35.54
CA TYR B 493 -6.80 -11.70 34.23
C TYR B 493 -7.54 -13.02 34.25
N GLY B 494 -7.64 -13.68 35.40
CA GLY B 494 -8.52 -14.83 35.56
C GLY B 494 -8.14 -16.10 34.83
N PHE B 495 -6.90 -16.21 34.35
CA PHE B 495 -6.47 -17.47 33.75
C PHE B 495 -6.28 -18.54 34.82
N ASP B 496 -5.69 -18.16 35.95
CA ASP B 496 -5.61 -18.96 37.19
C ASP B 496 -4.90 -20.29 36.97
N PHE B 497 -3.60 -20.19 36.71
CA PHE B 497 -2.81 -21.39 36.47
C PHE B 497 -1.36 -21.16 36.88
N LEU B 498 -0.78 -22.21 37.48
CA LEU B 498 0.63 -22.44 37.81
C LEU B 498 1.21 -21.60 38.93
N LEU B 499 0.65 -20.43 39.21
CA LEU B 499 1.08 -19.70 40.39
C LEU B 499 -0.12 -18.90 40.88
N SER B 500 -1.11 -18.76 40.00
CA SER B 500 -2.35 -18.08 40.30
C SER B 500 -3.44 -19.04 40.77
N SER B 501 -3.29 -20.33 40.49
CA SER B 501 -4.19 -21.34 41.00
C SER B 501 -3.61 -21.92 42.28
N LYS B 502 -4.45 -22.00 43.32
CA LYS B 502 -4.00 -22.47 44.62
C LYS B 502 -3.77 -23.98 44.65
N THR B 503 -4.26 -24.72 43.67
CA THR B 503 -4.14 -26.17 43.62
C THR B 503 -3.07 -26.61 42.62
N SER B 504 -1.98 -25.85 42.51
CA SER B 504 -0.92 -26.17 41.56
C SER B 504 0.30 -26.71 42.30
N ALA B 505 1.10 -27.49 41.58
CA ALA B 505 2.28 -28.09 42.18
C ALA B 505 3.36 -27.04 42.45
N ALA B 506 3.56 -26.11 41.51
CA ALA B 506 4.54 -25.05 41.69
C ALA B 506 4.14 -24.11 42.82
N PHE B 507 2.85 -23.77 42.88
CA PHE B 507 2.30 -22.97 43.97
C PHE B 507 2.50 -23.65 45.32
N ALA B 508 2.14 -24.93 45.41
CA ALA B 508 2.20 -25.64 46.68
C ALA B 508 3.63 -25.92 47.11
N ASN B 509 4.56 -26.05 46.16
CA ASN B 509 5.94 -26.33 46.54
C ASN B 509 6.70 -25.06 46.90
N GLY B 510 6.48 -23.97 46.18
CA GLY B 510 7.09 -22.74 46.59
C GLY B 510 6.34 -21.95 47.63
N GLN B 511 5.20 -22.45 48.10
CA GLN B 511 4.32 -21.67 48.95
C GLN B 511 4.85 -21.51 50.37
N SER B 512 5.63 -22.47 50.85
CA SER B 512 6.07 -22.39 52.24
C SER B 512 7.17 -21.35 52.46
N LEU B 513 7.94 -21.01 51.43
CA LEU B 513 9.20 -20.30 51.67
C LEU B 513 9.32 -18.95 50.98
N TRP B 514 9.15 -18.85 49.65
CA TRP B 514 9.35 -17.55 49.01
C TRP B 514 8.13 -16.98 48.30
N LEU B 515 7.14 -17.79 47.95
CA LEU B 515 5.93 -17.25 47.32
C LEU B 515 5.05 -16.29 48.14
N PRO B 516 4.92 -16.34 49.49
CA PRO B 516 4.00 -15.38 50.14
C PRO B 516 4.40 -13.91 50.04
N GLY B 517 5.66 -13.58 49.77
CA GLY B 517 6.03 -12.21 49.54
C GLY B 517 5.87 -11.82 48.09
N TRP B 518 6.21 -12.77 47.22
CA TRP B 518 6.10 -12.56 45.78
C TRP B 518 4.66 -12.36 45.35
N LEU B 519 3.72 -13.10 45.94
CA LEU B 519 2.31 -12.97 45.60
C LEU B 519 1.75 -11.63 46.01
N ASP B 520 2.09 -11.17 47.23
CA ASP B 520 1.64 -9.87 47.70
C ASP B 520 2.23 -8.75 46.86
N ALA B 521 3.51 -8.88 46.48
CA ALA B 521 4.13 -7.83 45.68
C ALA B 521 3.63 -7.80 44.25
N ILE B 522 3.29 -8.97 43.67
CA ILE B 522 2.78 -8.98 42.30
C ILE B 522 1.30 -8.64 42.25
N ASN B 523 0.54 -8.84 43.33
CA ASN B 523 -0.85 -8.46 43.34
C ASN B 523 -1.06 -7.04 43.85
N ASN B 524 -0.03 -6.41 44.39
CA ASN B 524 -0.06 -4.97 44.60
C ASN B 524 -0.01 -4.28 43.24
N ASN B 525 -0.99 -3.42 42.96
CA ASN B 525 -1.03 -2.63 41.74
C ASN B 525 -0.46 -1.22 41.94
N GLN B 526 0.30 -1.02 43.01
CA GLN B 526 0.90 0.28 43.30
C GLN B 526 2.42 0.26 43.13
N ASN B 527 2.93 -0.71 42.39
CA ASN B 527 4.35 -0.78 42.10
C ASN B 527 4.55 -1.18 40.64
N SER B 528 5.80 -1.25 40.21
CA SER B 528 6.13 -1.58 38.83
C SER B 528 6.33 -3.07 38.62
N LEU B 529 6.08 -3.89 39.63
CA LEU B 529 6.21 -5.33 39.51
C LEU B 529 5.03 -5.86 38.71
N PHE B 530 5.28 -6.15 37.42
CA PHE B 530 4.31 -6.73 36.48
C PHE B 530 3.04 -5.86 36.38
N LEU B 531 3.25 -4.68 35.80
CA LEU B 531 2.21 -3.70 35.54
C LEU B 531 1.06 -4.28 34.72
N THR B 532 -0.15 -3.78 34.99
CA THR B 532 -1.33 -4.12 34.21
C THR B 532 -1.18 -3.62 32.77
N ILE B 533 -1.43 -4.50 31.81
CA ILE B 533 -1.20 -4.17 30.41
C ILE B 533 -2.51 -4.24 29.62
N GLY B 534 -2.55 -3.48 28.52
CA GLY B 534 -3.71 -3.40 27.66
C GLY B 534 -3.34 -3.13 26.21
N PRO B 535 -4.34 -2.74 25.39
CA PRO B 535 -4.10 -2.61 23.94
C PRO B 535 -3.08 -1.55 23.55
N GLY B 536 -2.94 -0.50 24.36
CA GLY B 536 -1.83 0.43 24.15
C GLY B 536 -0.49 -0.24 24.35
N ASP B 537 -0.38 -1.10 25.37
CA ASP B 537 0.84 -1.84 25.66
C ASP B 537 1.16 -2.84 24.55
N PHE B 538 0.12 -3.46 23.99
CA PHE B 538 0.21 -4.27 22.78
C PHE B 538 0.86 -3.51 21.63
N LEU B 539 0.28 -2.34 21.30
CA LEU B 539 0.75 -1.55 20.17
C LEU B 539 2.18 -1.05 20.38
N VAL B 540 2.53 -0.70 21.61
CA VAL B 540 3.87 -0.19 21.83
C VAL B 540 4.90 -1.31 21.81
N HIS B 541 4.57 -2.49 22.37
CA HIS B 541 5.50 -3.62 22.27
C HIS B 541 5.71 -4.07 20.82
N HIS B 542 4.69 -3.90 19.99
CA HIS B 542 4.84 -4.18 18.56
C HIS B 542 5.76 -3.12 17.91
N ALA B 543 5.62 -1.86 18.29
CA ALA B 543 6.51 -0.81 17.78
C ALA B 543 7.95 -1.03 18.24
N ILE B 544 8.12 -1.55 19.46
CA ILE B 544 9.42 -1.93 19.98
C ILE B 544 10.04 -3.05 19.17
N ALA B 545 9.24 -4.06 18.82
CA ALA B 545 9.72 -5.15 17.97
C ALA B 545 10.10 -4.65 16.59
N LEU B 546 9.33 -3.69 16.07
CA LEU B 546 9.65 -3.02 14.81
C LEU B 546 11.02 -2.35 14.87
N GLY B 547 11.27 -1.59 15.93
CA GLY B 547 12.55 -0.92 16.08
C GLY B 547 13.71 -1.89 16.23
N LEU B 548 13.51 -2.97 16.99
CA LEU B 548 14.56 -3.95 17.20
C LEU B 548 14.90 -4.72 15.93
N HIS B 549 13.88 -5.21 15.24
CA HIS B 549 14.10 -5.92 14.00
C HIS B 549 14.72 -5.03 12.94
N THR B 550 14.30 -3.77 12.90
CA THR B 550 14.81 -2.86 11.87
C THR B 550 16.26 -2.50 12.11
N THR B 551 16.60 -2.15 13.36
CA THR B 551 18.00 -1.87 13.71
C THR B 551 18.88 -3.09 13.47
N THR B 552 18.35 -4.28 13.80
CA THR B 552 19.05 -5.52 13.52
C THR B 552 19.21 -5.74 12.02
N LEU B 553 18.22 -5.34 11.22
CA LEU B 553 18.32 -5.42 9.77
C LEU B 553 19.47 -4.59 9.24
N ILE B 554 19.59 -3.33 9.70
CA ILE B 554 20.66 -2.47 9.18
C ILE B 554 22.02 -2.97 9.67
N LEU B 555 22.10 -3.39 10.92
CA LEU B 555 23.39 -3.80 11.48
C LEU B 555 23.86 -5.15 10.91
N VAL B 556 22.95 -6.10 10.73
CA VAL B 556 23.30 -7.39 10.15
C VAL B 556 23.64 -7.24 8.68
N LYS B 557 22.93 -6.34 7.98
CA LYS B 557 23.25 -6.05 6.58
C LYS B 557 24.63 -5.41 6.46
N GLY B 558 24.98 -4.52 7.39
CA GLY B 558 26.30 -3.92 7.35
C GLY B 558 27.40 -4.89 7.71
N ALA B 559 27.12 -5.86 8.59
CA ALA B 559 28.13 -6.86 8.92
C ALA B 559 28.33 -7.85 7.79
N LEU B 560 27.25 -8.30 7.15
CA LEU B 560 27.36 -9.36 6.16
C LEU B 560 27.64 -8.85 4.75
N ASP B 561 27.37 -7.58 4.46
CA ASP B 561 27.79 -6.97 3.21
C ASP B 561 29.09 -6.20 3.35
N ALA B 562 29.83 -6.43 4.43
CA ALA B 562 31.07 -5.71 4.69
C ALA B 562 32.21 -6.22 3.80
N ARG B 563 32.27 -7.54 3.56
CA ARG B 563 33.26 -8.08 2.64
C ARG B 563 33.03 -7.61 1.21
N GLY B 564 31.79 -7.36 0.85
CA GLY B 564 31.44 -6.95 -0.50
C GLY B 564 30.01 -7.25 -0.82
N SER B 565 29.51 -6.60 -1.86
CA SER B 565 28.17 -6.86 -2.37
C SER B 565 28.22 -6.97 -3.89
N LYS B 566 27.08 -7.06 -4.54
CA LYS B 566 27.08 -7.09 -5.99
C LYS B 566 27.32 -5.71 -6.58
N LEU B 567 27.01 -4.65 -5.83
CA LEU B 567 27.34 -3.30 -6.27
C LEU B 567 28.82 -3.02 -6.12
N MET B 568 29.48 -3.65 -5.16
CA MET B 568 30.90 -3.44 -4.93
C MET B 568 31.49 -4.75 -4.41
N PRO B 569 32.04 -5.59 -5.30
CA PRO B 569 32.58 -6.89 -4.87
C PRO B 569 33.84 -6.80 -4.03
N ASP B 570 34.61 -5.73 -4.12
CA ASP B 570 35.89 -5.61 -3.45
C ASP B 570 35.85 -4.62 -2.28
N LYS B 571 34.75 -4.63 -1.52
CA LYS B 571 34.58 -3.68 -0.42
C LYS B 571 35.59 -3.93 0.70
N LYS B 572 36.08 -5.17 0.82
CA LYS B 572 37.11 -5.48 1.81
C LYS B 572 38.44 -4.83 1.47
N ASP B 573 38.68 -4.46 0.21
CA ASP B 573 39.94 -3.84 -0.16
C ASP B 573 40.01 -2.37 0.21
N PHE B 574 38.89 -1.74 0.53
CA PHE B 574 38.95 -0.34 0.93
C PHE B 574 38.96 -0.16 2.44
N GLY B 575 38.58 -1.18 3.19
CA GLY B 575 38.55 -1.10 4.62
C GLY B 575 37.15 -0.99 5.17
N TYR B 576 37.06 -0.47 6.39
CA TYR B 576 35.79 -0.36 7.10
C TYR B 576 35.09 0.96 6.84
N SER B 577 35.81 2.08 6.93
CA SER B 577 35.22 3.40 6.84
C SER B 577 35.88 4.16 5.71
N PHE B 578 35.35 3.98 4.51
CA PHE B 578 35.70 4.77 3.35
C PHE B 578 34.49 5.59 2.95
N PRO B 579 34.68 6.76 2.27
CA PRO B 579 33.53 7.62 1.94
C PRO B 579 32.51 6.99 1.01
N CYS B 580 32.97 6.55 -0.16
CA CYS B 580 32.10 6.03 -1.22
C CYS B 580 33.02 5.41 -2.26
N ASP B 581 32.43 5.01 -3.39
CA ASP B 581 33.20 4.55 -4.53
C ASP B 581 32.91 5.39 -5.77
N GLY B 582 32.42 6.61 -5.59
CA GLY B 582 32.24 7.53 -6.68
C GLY B 582 30.85 7.50 -7.28
N PRO B 583 30.61 8.38 -8.26
CA PRO B 583 29.30 8.44 -8.91
C PRO B 583 29.10 7.40 -10.00
N GLY B 584 30.10 6.59 -10.31
CA GLY B 584 29.93 5.55 -11.29
C GLY B 584 29.04 4.42 -10.79
N ARG B 585 28.60 3.60 -11.75
CA ARG B 585 27.68 2.47 -11.52
C ARG B 585 26.39 2.93 -10.86
N GLY B 586 25.87 4.07 -11.31
CA GLY B 586 24.69 4.65 -10.72
C GLY B 586 24.90 5.45 -9.46
N GLY B 587 26.14 5.53 -8.96
CA GLY B 587 26.40 6.24 -7.73
C GLY B 587 26.33 5.33 -6.51
N THR B 588 27.32 5.42 -5.63
CA THR B 588 27.41 4.53 -4.46
C THR B 588 27.62 5.37 -3.20
N CYS B 589 26.55 5.92 -2.64
CA CYS B 589 26.64 6.72 -1.43
C CYS B 589 26.28 5.87 -0.22
N ASP B 590 27.06 6.02 0.85
CA ASP B 590 26.88 5.29 2.11
C ASP B 590 26.94 3.78 1.92
N ILE B 591 27.84 3.33 1.05
CA ILE B 591 27.95 1.92 0.72
C ILE B 591 28.74 1.13 1.77
N SER B 592 29.46 1.81 2.66
CA SER B 592 30.36 1.11 3.57
C SER B 592 29.63 0.61 4.81
N ALA B 593 30.28 -0.34 5.50
CA ALA B 593 29.72 -0.93 6.71
C ALA B 593 29.68 0.08 7.86
N TYR B 594 30.67 0.98 7.90
CA TYR B 594 30.62 2.11 8.81
C TYR B 594 29.39 2.97 8.57
N ASP B 595 29.04 3.17 7.30
CA ASP B 595 27.85 3.95 6.98
C ASP B 595 26.58 3.21 7.31
N ALA B 596 26.60 1.88 7.26
CA ALA B 596 25.44 1.12 7.71
C ALA B 596 25.25 1.23 9.23
N PHE B 597 26.35 1.16 9.99
CA PHE B 597 26.33 1.50 11.42
C PHE B 597 25.75 2.89 11.65
N TYR B 598 26.24 3.85 10.87
CA TYR B 598 25.82 5.24 10.95
C TYR B 598 24.32 5.41 10.72
N LEU B 599 23.78 4.70 9.73
CA LEU B 599 22.34 4.71 9.51
C LEU B 599 21.57 3.98 10.61
N ALA B 600 22.22 3.05 11.31
CA ALA B 600 21.53 2.30 12.35
C ALA B 600 21.54 2.97 13.72
N VAL B 601 22.43 3.94 13.93
CA VAL B 601 22.40 4.72 15.18
C VAL B 601 21.10 5.52 15.28
N PHE B 602 20.56 5.97 14.14
CA PHE B 602 19.27 6.66 14.12
C PHE B 602 18.14 5.74 14.56
N TRP B 603 18.16 4.50 14.10
CA TRP B 603 17.15 3.54 14.52
C TRP B 603 17.31 3.13 15.96
N MET B 604 18.55 3.12 16.47
CA MET B 604 18.76 2.90 17.89
C MET B 604 18.14 4.02 18.72
N LEU B 605 18.43 5.27 18.35
CA LEU B 605 17.89 6.42 19.08
C LEU B 605 16.37 6.47 19.01
N ASN B 606 15.81 6.16 17.84
CA ASN B 606 14.36 6.04 17.68
C ASN B 606 13.78 4.97 18.60
N THR B 607 14.41 3.79 18.62
CA THR B 607 13.86 2.67 19.37
C THR B 607 13.93 2.92 20.87
N ILE B 608 15.03 3.48 21.36
CA ILE B 608 15.12 3.76 22.78
C ILE B 608 14.23 4.94 23.16
N GLY B 609 14.03 5.89 22.22
CA GLY B 609 13.07 6.95 22.45
C GLY B 609 11.65 6.43 22.58
N TRP B 610 11.30 5.43 21.78
CA TRP B 610 10.00 4.77 21.91
C TRP B 610 9.87 4.06 23.26
N VAL B 611 10.89 3.28 23.65
CA VAL B 611 10.76 2.48 24.87
C VAL B 611 10.76 3.38 26.11
N THR B 612 11.43 4.53 26.05
CA THR B 612 11.46 5.41 27.20
C THR B 612 10.30 6.39 27.24
N PHE B 613 9.75 6.80 26.09
CA PHE B 613 8.46 7.48 26.08
C PHE B 613 7.39 6.61 26.70
N TYR B 614 7.37 5.33 26.31
CA TYR B 614 6.39 4.38 26.83
C TYR B 614 6.56 4.15 28.32
N TRP B 615 7.80 3.88 28.76
CA TRP B 615 8.11 3.69 30.16
C TRP B 615 7.69 4.90 30.98
N HIS B 616 8.09 6.09 30.52
CA HIS B 616 7.88 7.31 31.29
C HIS B 616 6.40 7.67 31.36
N TRP B 617 5.65 7.48 30.27
CA TRP B 617 4.26 7.88 30.33
C TRP B 617 3.42 6.89 31.12
N LYS B 618 3.73 5.59 31.02
CA LYS B 618 3.00 4.61 31.83
C LYS B 618 3.34 4.76 33.31
N HIS B 619 4.57 5.16 33.63
CA HIS B 619 4.88 5.41 35.02
C HIS B 619 4.37 6.74 35.54
N LEU B 620 4.28 7.78 34.71
CA LEU B 620 3.65 9.02 35.15
C LEU B 620 2.17 8.83 35.43
N THR B 621 1.49 8.03 34.60
CA THR B 621 0.10 7.72 34.89
C THR B 621 -0.08 6.77 36.06
N LEU B 622 0.92 5.95 36.37
CA LEU B 622 0.88 5.19 37.61
C LEU B 622 1.10 6.09 38.83
N TRP B 623 2.03 7.04 38.72
CA TRP B 623 2.42 7.85 39.87
C TRP B 623 1.38 8.92 40.18
N GLN B 624 0.71 9.46 39.15
CA GLN B 624 -0.36 10.43 39.39
C GLN B 624 -1.60 9.75 39.95
N GLY B 625 -1.95 8.58 39.44
CA GLY B 625 -3.08 7.84 39.94
C GLY B 625 -4.07 7.42 38.86
N ASN B 626 -4.03 8.10 37.71
CA ASN B 626 -4.95 7.79 36.61
C ASN B 626 -4.24 6.99 35.52
N VAL B 627 -4.18 5.67 35.74
CA VAL B 627 -3.71 4.77 34.70
C VAL B 627 -4.76 4.62 33.60
N ALA B 628 -6.00 5.03 33.87
CA ALA B 628 -7.04 5.09 32.84
C ALA B 628 -6.66 6.09 31.75
N GLN B 629 -5.94 7.15 32.10
CA GLN B 629 -5.48 8.12 31.11
C GLN B 629 -4.53 7.50 30.10
N PHE B 630 -3.56 6.72 30.58
CA PHE B 630 -2.67 5.99 29.67
C PHE B 630 -3.43 4.92 28.89
N ASP B 631 -4.34 4.20 29.55
CA ASP B 631 -5.06 3.12 28.89
C ASP B 631 -6.00 3.62 27.82
N GLU B 632 -6.48 4.86 27.93
CA GLU B 632 -7.34 5.44 26.92
C GLU B 632 -6.54 6.17 25.84
N SER B 633 -5.57 7.00 26.22
CA SER B 633 -4.88 7.85 25.27
C SER B 633 -3.69 7.18 24.61
N SER B 634 -3.26 6.02 25.10
CA SER B 634 -2.08 5.34 24.58
C SER B 634 -2.34 4.65 23.25
N THR B 635 -3.60 4.46 22.87
CA THR B 635 -3.96 3.71 21.69
C THR B 635 -4.01 4.56 20.43
N TYR B 636 -3.64 5.84 20.52
CA TYR B 636 -3.64 6.71 19.36
C TYR B 636 -2.59 7.80 19.53
N LEU B 637 -1.90 8.08 18.42
CA LEU B 637 -0.71 8.94 18.45
C LEU B 637 -1.03 10.40 18.72
N MET B 638 -2.26 10.82 18.46
CA MET B 638 -2.66 12.14 18.92
C MET B 638 -2.81 12.16 20.43
N GLY B 639 -3.24 11.04 21.02
CA GLY B 639 -3.26 10.95 22.46
C GLY B 639 -1.87 10.97 23.05
N TRP B 640 -0.91 10.36 22.35
CA TRP B 640 0.51 10.50 22.71
C TRP B 640 0.96 11.95 22.71
N LEU B 641 0.86 12.60 21.55
CA LEU B 641 1.35 13.98 21.37
C LEU B 641 0.64 14.97 22.26
N ARG B 642 -0.64 14.76 22.56
CA ARG B 642 -1.40 15.69 23.37
C ARG B 642 -1.18 15.46 24.86
N ASP B 643 -1.26 14.20 25.31
CA ASP B 643 -1.33 13.93 26.73
C ASP B 643 0.01 13.58 27.34
N TYR B 644 1.06 13.40 26.54
CA TYR B 644 2.39 13.23 27.11
C TYR B 644 3.30 14.41 26.77
N LEU B 645 3.54 14.69 25.50
CA LEU B 645 4.54 15.69 25.13
C LEU B 645 4.04 17.11 25.35
N TRP B 646 2.80 17.40 24.95
CA TRP B 646 2.26 18.73 25.17
C TRP B 646 1.95 18.95 26.65
N LEU B 647 1.45 17.93 27.33
CA LEU B 647 0.93 18.11 28.67
C LEU B 647 2.04 18.19 29.70
N ASN B 648 3.05 17.32 29.61
CA ASN B 648 4.07 17.27 30.64
C ASN B 648 5.17 18.29 30.45
N SER B 649 5.13 19.09 29.38
CA SER B 649 6.10 20.17 29.19
C SER B 649 5.48 21.53 29.47
N SER B 650 4.57 21.61 30.43
CA SER B 650 3.94 22.88 30.81
C SER B 650 4.76 23.63 31.85
N GLN B 651 5.38 22.91 32.78
CA GLN B 651 6.22 23.53 33.79
C GLN B 651 7.68 23.61 33.37
N LEU B 652 8.09 22.78 32.41
CA LEU B 652 9.42 22.87 31.82
C LEU B 652 9.65 24.23 31.18
N ILE B 653 8.83 24.58 30.18
CA ILE B 653 9.03 25.80 29.41
C ILE B 653 8.66 27.06 30.17
N ASN B 654 8.00 26.93 31.32
CA ASN B 654 7.82 28.02 32.26
C ASN B 654 8.96 28.12 33.27
N GLY B 655 10.11 27.51 32.97
CA GLY B 655 11.25 27.61 33.87
C GLY B 655 11.80 29.03 33.95
N TYR B 656 11.81 29.73 32.82
CA TYR B 656 11.99 31.16 32.82
C TYR B 656 11.00 31.79 31.86
N ASN B 657 10.59 33.00 32.17
CA ASN B 657 9.54 33.72 31.47
C ASN B 657 9.69 35.20 31.79
N PRO B 658 8.96 36.11 31.09
CA PRO B 658 9.07 37.53 31.49
C PRO B 658 8.45 37.92 32.83
N PHE B 659 7.97 36.96 33.62
CA PHE B 659 7.55 37.25 34.98
C PHE B 659 8.57 36.82 36.03
N GLY B 660 9.59 36.06 35.66
CA GLY B 660 10.60 35.65 36.62
C GLY B 660 11.27 34.36 36.18
N MET B 661 11.76 33.61 37.16
CA MET B 661 12.35 32.30 36.91
C MET B 661 12.22 31.46 38.17
N ASN B 662 12.50 30.18 38.04
CA ASN B 662 12.53 29.27 39.18
C ASN B 662 13.60 28.21 38.93
N SER B 663 13.56 27.13 39.71
CA SER B 663 14.60 26.11 39.68
C SER B 663 14.62 25.28 38.41
N LEU B 664 13.57 25.34 37.58
CA LEU B 664 13.52 24.57 36.35
C LEU B 664 14.08 25.33 35.17
N SER B 665 14.67 26.50 35.39
CA SER B 665 15.17 27.31 34.28
C SER B 665 16.40 26.68 33.65
N VAL B 666 17.19 25.94 34.42
CA VAL B 666 18.33 25.22 33.86
C VAL B 666 17.84 24.11 32.94
N TRP B 667 16.71 23.49 33.26
CA TRP B 667 16.22 22.43 32.39
C TRP B 667 15.49 23.00 31.18
N ALA B 668 14.87 24.18 31.31
CA ALA B 668 14.32 24.85 30.13
C ALA B 668 15.42 25.29 29.17
N TRP B 669 16.51 25.83 29.71
CA TRP B 669 17.63 26.24 28.89
C TRP B 669 18.30 25.03 28.24
N THR B 670 18.39 23.91 28.96
CA THR B 670 19.01 22.71 28.40
C THR B 670 18.10 22.02 27.39
N PHE B 671 16.78 22.19 27.55
CA PHE B 671 15.82 21.71 26.58
C PHE B 671 15.98 22.43 25.24
N LEU B 672 16.02 23.77 25.29
CA LEU B 672 16.30 24.53 24.07
C LEU B 672 17.70 24.28 23.52
N PHE B 673 18.66 24.04 24.42
CA PHE B 673 20.02 23.70 24.05
C PHE B 673 20.09 22.41 23.26
N GLY B 674 19.32 21.40 23.68
CA GLY B 674 19.28 20.15 22.94
C GLY B 674 18.57 20.26 21.60
N HIS B 675 17.45 21.00 21.55
CA HIS B 675 16.81 21.31 20.26
C HIS B 675 17.79 22.00 19.30
N LEU B 676 18.64 22.90 19.82
CA LEU B 676 19.61 23.61 18.99
C LEU B 676 20.71 22.68 18.48
N ILE B 677 21.23 21.79 19.33
CA ILE B 677 22.33 20.91 18.89
C ILE B 677 21.83 19.89 17.87
N TYR B 678 20.64 19.33 18.11
CA TYR B 678 19.94 18.49 17.14
C TYR B 678 19.82 19.17 15.78
N ALA B 679 19.30 20.41 15.79
CA ALA B 679 19.13 21.18 14.58
C ALA B 679 20.44 21.49 13.88
N THR B 680 21.50 21.74 14.66
CA THR B 680 22.81 21.99 14.07
C THR B 680 23.38 20.71 13.45
N GLY B 681 23.04 19.56 14.02
CA GLY B 681 23.43 18.30 13.41
C GLY B 681 22.79 18.06 12.08
N PHE B 682 21.54 18.50 11.91
CA PHE B 682 20.87 18.41 10.61
C PHE B 682 21.63 19.12 9.49
N MET B 683 22.42 20.16 9.81
CA MET B 683 23.22 20.86 8.81
C MET B 683 24.30 19.97 8.22
N PHE B 684 25.02 19.24 9.07
CA PHE B 684 26.03 18.30 8.58
C PHE B 684 25.38 17.09 7.94
N LEU B 685 24.18 16.75 8.40
CA LEU B 685 23.49 15.59 7.88
C LEU B 685 22.97 15.80 6.46
N ILE B 686 22.43 16.99 6.16
CA ILE B 686 21.79 17.24 4.87
C ILE B 686 22.78 17.81 3.85
N SER B 687 23.42 18.92 4.20
CA SER B 687 24.39 19.56 3.29
C SER B 687 25.70 18.80 3.31
N TRP B 688 26.30 18.64 2.13
CA TRP B 688 27.50 17.84 1.97
C TRP B 688 28.65 18.73 1.48
N ARG B 689 29.77 18.11 1.07
CA ARG B 689 31.10 18.72 1.23
C ARG B 689 31.40 19.85 0.25
N GLY B 690 31.14 19.64 -1.04
CA GLY B 690 31.74 20.50 -2.05
C GLY B 690 31.25 21.93 -2.04
N TYR B 691 30.01 22.15 -1.61
CA TYR B 691 29.50 23.48 -1.29
C TYR B 691 30.42 24.21 -0.31
N TRP B 692 30.74 23.54 0.79
CA TRP B 692 31.55 24.17 1.83
C TRP B 692 32.99 24.32 1.39
N GLN B 693 33.46 23.43 0.52
CA GLN B 693 34.82 23.57 0.00
C GLN B 693 34.94 24.78 -0.92
N GLU B 694 33.91 25.04 -1.74
CA GLU B 694 33.92 26.24 -2.57
C GLU B 694 33.82 27.51 -1.72
N LEU B 695 32.98 27.47 -0.67
CA LEU B 695 32.84 28.59 0.26
C LEU B 695 34.16 28.90 0.96
N ILE B 696 34.86 27.87 1.42
CA ILE B 696 36.15 28.04 2.09
C ILE B 696 37.22 28.53 1.11
N GLU B 697 37.15 28.14 -0.17
CA GLU B 697 38.10 28.69 -1.14
C GLU B 697 37.89 30.18 -1.37
N THR B 698 36.63 30.64 -1.36
CA THR B 698 36.41 32.09 -1.42
C THR B 698 36.87 32.80 -0.15
N LEU B 699 36.76 32.13 1.01
CA LEU B 699 37.29 32.69 2.25
C LEU B 699 38.81 32.79 2.24
N VAL B 700 39.48 31.81 1.63
CA VAL B 700 40.93 31.81 1.50
C VAL B 700 41.38 32.97 0.62
N TRP B 701 40.66 33.19 -0.49
CA TRP B 701 40.91 34.37 -1.34
C TRP B 701 40.77 35.67 -0.56
N ALA B 702 39.68 35.79 0.22
CA ALA B 702 39.40 37.03 0.93
C ALA B 702 40.46 37.31 1.98
N HIS B 703 40.90 36.28 2.70
CA HIS B 703 41.94 36.50 3.71
C HIS B 703 43.27 36.83 3.08
N GLU B 704 43.64 36.16 1.98
CA GLU B 704 44.94 36.47 1.38
C GLU B 704 44.96 37.79 0.64
N LYS B 705 43.79 38.35 0.28
CA LYS B 705 43.77 39.66 -0.36
C LYS B 705 43.51 40.81 0.61
N THR B 706 42.96 40.56 1.79
CA THR B 706 42.68 41.63 2.73
C THR B 706 43.96 42.24 3.30
N PRO B 707 44.22 43.53 3.13
CA PRO B 707 45.42 44.14 3.71
C PRO B 707 45.32 44.23 5.22
N LEU B 708 46.49 44.12 5.87
CA LEU B 708 46.72 44.22 7.31
C LEU B 708 46.10 43.05 8.09
N ALA B 709 45.51 42.07 7.40
CA ALA B 709 45.18 40.78 7.94
C ALA B 709 45.89 39.65 7.22
N ASN B 710 46.44 39.91 6.03
CA ASN B 710 47.28 38.93 5.35
C ASN B 710 48.71 38.91 5.87
N LEU B 711 49.02 39.74 6.86
CA LEU B 711 50.23 39.57 7.65
C LEU B 711 50.12 38.36 8.57
N VAL B 712 48.90 37.90 8.84
CA VAL B 712 48.64 36.69 9.60
C VAL B 712 48.23 35.60 8.63
N TYR B 713 48.88 34.45 8.71
CA TYR B 713 48.66 33.37 7.77
C TYR B 713 48.54 32.07 8.53
N TRP B 714 47.70 31.16 8.04
CA TRP B 714 47.51 29.88 8.68
C TRP B 714 48.73 28.98 8.48
N LYS B 715 48.95 28.07 9.43
CA LYS B 715 49.95 27.05 9.22
C LYS B 715 49.36 25.81 8.56
N ASP B 716 48.13 25.45 8.94
CA ASP B 716 47.40 24.35 8.32
C ASP B 716 46.40 24.90 7.31
N LYS B 717 46.46 24.39 6.09
CA LYS B 717 45.58 24.84 5.01
C LYS B 717 44.13 24.54 5.32
N PRO B 718 43.24 25.53 5.33
CA PRO B 718 41.83 25.27 5.66
C PRO B 718 41.12 24.57 4.52
N VAL B 719 40.45 23.46 4.85
CA VAL B 719 39.65 22.71 3.91
C VAL B 719 38.34 22.36 4.59
N ALA B 720 37.34 22.02 3.77
CA ALA B 720 36.07 21.55 4.29
C ALA B 720 36.24 20.16 4.91
N LEU B 721 35.31 19.83 5.82
CA LEU B 721 35.33 18.54 6.47
C LEU B 721 35.07 17.44 5.46
N SER B 722 35.73 16.30 5.63
CA SER B 722 35.52 15.19 4.71
C SER B 722 34.14 14.56 4.89
N ILE B 723 33.82 13.62 4.01
CA ILE B 723 32.48 13.04 3.96
C ILE B 723 32.20 12.21 5.21
N VAL B 724 33.14 11.33 5.57
CA VAL B 724 33.01 10.47 6.74
C VAL B 724 33.00 11.30 8.03
N GLN B 725 33.88 12.29 8.11
CA GLN B 725 33.91 13.20 9.25
C GLN B 725 32.62 13.97 9.38
N ALA B 726 32.04 14.37 8.25
CA ALA B 726 30.77 15.09 8.24
C ALA B 726 29.65 14.23 8.79
N ARG B 727 29.60 12.96 8.38
CA ARG B 727 28.63 12.02 8.92
C ARG B 727 28.82 11.83 10.42
N LEU B 728 30.07 11.74 10.88
CA LEU B 728 30.34 11.56 12.31
C LEU B 728 29.94 12.79 13.13
N VAL B 729 30.27 14.00 12.64
CA VAL B 729 29.96 15.23 13.35
C VAL B 729 28.45 15.48 13.38
N GLY B 730 27.77 15.20 12.28
CA GLY B 730 26.32 15.34 12.26
C GLY B 730 25.61 14.36 13.16
N LEU B 731 26.07 13.10 13.16
CA LEU B 731 25.48 12.12 14.06
C LEU B 731 25.79 12.45 15.51
N ALA B 732 26.96 13.04 15.79
CA ALA B 732 27.33 13.42 17.14
C ALA B 732 26.45 14.56 17.66
N HIS B 733 26.29 15.63 16.87
CA HIS B 733 25.41 16.73 17.27
C HIS B 733 23.96 16.26 17.41
N PHE B 734 23.47 15.50 16.42
CA PHE B 734 22.15 14.87 16.47
C PHE B 734 21.91 14.10 17.76
N SER B 735 22.88 13.26 18.12
CA SER B 735 22.73 12.39 19.28
C SER B 735 22.80 13.17 20.58
N VAL B 736 23.74 14.12 20.70
CA VAL B 736 23.86 14.92 21.92
C VAL B 736 22.61 15.77 22.14
N GLY B 737 22.06 16.33 21.06
CA GLY B 737 20.83 17.10 21.19
C GLY B 737 19.64 16.24 21.55
N TYR B 738 19.55 15.04 20.97
CA TYR B 738 18.53 14.06 21.33
C TYR B 738 18.59 13.73 22.82
N ILE B 739 19.79 13.42 23.31
CA ILE B 739 20.00 13.01 24.70
C ILE B 739 19.68 14.16 25.66
N PHE B 740 20.17 15.37 25.35
CA PHE B 740 19.94 16.50 26.26
C PHE B 740 18.48 16.94 26.26
N THR B 741 17.80 16.87 25.11
CA THR B 741 16.40 17.25 25.05
C THR B 741 15.54 16.30 25.88
N TYR B 742 15.76 14.97 25.72
CA TYR B 742 14.91 14.08 26.49
C TYR B 742 15.30 14.01 27.96
N ALA B 743 16.58 14.21 28.27
CA ALA B 743 16.99 14.29 29.67
C ALA B 743 16.37 15.48 30.36
N ALA B 744 16.39 16.66 29.71
CA ALA B 744 15.79 17.85 30.30
C ALA B 744 14.29 17.71 30.47
N PHE B 745 13.60 17.16 29.46
CA PHE B 745 12.16 16.96 29.56
C PHE B 745 11.79 15.96 30.65
N LEU B 746 12.49 14.82 30.72
CA LEU B 746 12.16 13.79 31.69
C LEU B 746 12.42 14.24 33.13
N ILE B 747 13.61 14.79 33.38
CA ILE B 747 13.95 15.28 34.72
C ILE B 747 13.02 16.41 35.13
N ALA B 748 12.75 17.35 34.23
CA ALA B 748 11.97 18.53 34.60
C ALA B 748 10.50 18.19 34.82
N SER B 749 9.92 17.33 33.97
CA SER B 749 8.51 16.96 34.16
C SER B 749 8.32 16.14 35.43
N THR B 750 9.19 15.14 35.66
CA THR B 750 9.02 14.29 36.83
C THR B 750 9.29 15.05 38.12
N SER B 751 10.34 15.89 38.15
CA SER B 751 10.67 16.63 39.35
C SER B 751 9.72 17.80 39.60
N GLY B 752 9.24 18.46 38.55
CA GLY B 752 8.30 19.54 38.73
C GLY B 752 6.92 19.09 39.14
N ARG B 753 6.51 17.89 38.73
CA ARG B 753 5.20 17.41 39.12
C ARG B 753 5.23 16.43 40.28
N PHE B 754 6.42 16.03 40.74
CA PHE B 754 6.53 15.24 41.97
C PHE B 754 7.70 15.71 42.82
N ALA C 2 49.21 10.17 -1.36
CA ALA C 2 49.01 9.68 -2.71
C ALA C 2 47.96 8.58 -2.73
N HIS C 3 47.15 8.58 -3.79
CA HIS C 3 46.13 7.56 -3.96
C HIS C 3 46.68 6.38 -4.75
N ILE C 4 46.22 5.19 -4.39
CA ILE C 4 46.69 3.95 -4.98
C ILE C 4 45.79 3.65 -6.18
N VAL C 5 46.35 3.74 -7.38
CA VAL C 5 45.65 3.41 -8.61
C VAL C 5 46.30 2.18 -9.23
N LYS C 6 45.50 1.15 -9.48
CA LYS C 6 45.96 -0.12 -10.01
C LYS C 6 45.23 -0.46 -11.31
N ILE C 7 45.93 -1.13 -12.22
CA ILE C 7 45.35 -1.60 -13.47
C ILE C 7 45.40 -3.13 -13.43
N TYR C 8 44.30 -3.77 -13.82
CA TYR C 8 44.16 -5.22 -13.79
C TYR C 8 44.08 -5.78 -15.21
N ASP C 9 44.42 -7.06 -15.34
CA ASP C 9 44.63 -7.68 -16.66
C ASP C 9 43.34 -7.91 -17.45
N THR C 10 42.18 -7.50 -16.93
CA THR C 10 40.92 -7.57 -17.68
C THR C 10 40.77 -6.40 -18.64
N CYS C 11 41.75 -5.51 -18.69
CA CYS C 11 41.74 -4.36 -19.58
C CYS C 11 41.67 -4.77 -21.04
N ILE C 12 40.82 -4.10 -21.79
CA ILE C 12 40.61 -4.34 -23.21
C ILE C 12 41.10 -3.19 -24.06
N GLY C 13 41.82 -2.24 -23.45
CA GLY C 13 42.46 -1.12 -24.11
C GLY C 13 41.49 -0.26 -24.90
N CYS C 14 40.38 0.09 -24.27
CA CYS C 14 39.37 0.93 -24.88
C CYS C 14 39.66 2.42 -24.72
N THR C 15 40.67 2.76 -23.92
CA THR C 15 41.22 4.10 -23.66
C THR C 15 40.22 5.02 -22.95
N GLN C 16 39.06 4.49 -22.51
CA GLN C 16 38.02 5.33 -21.91
C GLN C 16 38.47 5.96 -20.60
N CYS C 17 39.25 5.24 -19.79
CA CYS C 17 39.70 5.75 -18.51
C CYS C 17 40.66 6.92 -18.72
N VAL C 18 41.55 6.78 -19.71
CA VAL C 18 42.56 7.78 -20.02
C VAL C 18 41.88 9.07 -20.45
N ARG C 19 40.88 8.98 -21.33
CA ARG C 19 40.20 10.18 -21.78
C ARG C 19 39.16 10.68 -20.78
N ALA C 20 39.06 10.06 -19.62
CA ALA C 20 38.16 10.50 -18.57
C ALA C 20 38.90 11.13 -17.42
N CYS C 21 40.19 10.84 -17.28
CA CYS C 21 40.93 11.41 -16.16
C CYS C 21 41.16 12.91 -16.34
N PRO C 22 40.79 13.73 -15.37
CA PRO C 22 40.97 15.17 -15.51
C PRO C 22 42.34 15.66 -15.09
N LEU C 23 43.33 14.76 -15.00
CA LEU C 23 44.62 15.12 -14.40
C LEU C 23 45.83 14.60 -15.15
N ASP C 24 45.65 13.84 -16.22
CA ASP C 24 46.71 13.15 -16.97
C ASP C 24 47.60 12.31 -16.03
N VAL C 25 46.99 11.24 -15.54
CA VAL C 25 47.66 10.32 -14.64
C VAL C 25 47.89 8.99 -15.33
N LEU C 26 46.94 8.58 -16.18
CA LEU C 26 46.96 7.30 -16.85
C LEU C 26 47.50 7.48 -18.26
N GLU C 27 47.93 6.38 -18.86
CA GLU C 27 48.37 6.35 -20.25
C GLU C 27 48.30 4.93 -20.76
N MET C 28 48.37 4.78 -22.08
CA MET C 28 48.27 3.48 -22.72
C MET C 28 49.67 3.00 -23.12
N VAL C 29 49.94 1.73 -22.85
CA VAL C 29 51.25 1.13 -23.11
C VAL C 29 51.06 -0.05 -24.04
N PRO C 30 52.11 -0.47 -24.75
CA PRO C 30 52.01 -1.71 -25.54
C PRO C 30 51.83 -2.94 -24.65
N TRP C 31 51.03 -3.88 -25.14
CA TRP C 31 50.73 -5.10 -24.41
C TRP C 31 50.26 -6.15 -25.42
N ASP C 32 50.15 -7.40 -24.95
CA ASP C 32 49.72 -8.50 -25.80
C ASP C 32 48.55 -9.27 -25.22
N GLY C 33 48.01 -8.86 -24.07
CA GLY C 33 46.99 -9.62 -23.40
C GLY C 33 45.59 -9.49 -23.94
N CYS C 34 45.33 -8.47 -24.76
CA CYS C 34 44.01 -8.25 -25.34
C CYS C 34 44.15 -7.95 -26.82
N LYS C 35 43.02 -8.08 -27.52
CA LYS C 35 42.97 -7.89 -28.97
C LYS C 35 43.42 -6.49 -29.40
N ALA C 36 43.20 -5.48 -28.55
CA ALA C 36 43.59 -4.11 -28.89
C ALA C 36 45.09 -3.89 -28.80
N SER C 37 45.82 -4.82 -28.19
CA SER C 37 47.27 -4.77 -27.93
C SER C 37 47.64 -3.49 -27.20
N GLN C 38 46.85 -3.18 -26.19
CA GLN C 38 46.98 -1.95 -25.43
C GLN C 38 46.65 -2.25 -23.98
N MET C 39 47.31 -1.58 -23.04
CA MET C 39 46.94 -1.73 -21.65
C MET C 39 47.06 -0.37 -20.98
N ALA C 40 46.20 -0.11 -20.01
CA ALA C 40 46.37 1.11 -19.25
C ALA C 40 47.49 0.95 -18.22
N SER C 41 47.95 2.09 -17.71
CA SER C 41 49.05 2.15 -16.77
C SER C 41 48.93 3.47 -16.03
N ALA C 42 49.41 3.52 -14.79
CA ALA C 42 49.25 4.69 -13.93
C ALA C 42 50.61 5.17 -13.42
N PRO C 43 51.41 5.81 -14.28
CA PRO C 43 52.76 6.21 -13.85
C PRO C 43 52.83 7.49 -13.04
N ARG C 44 51.74 8.25 -12.95
CA ARG C 44 51.74 9.56 -12.29
C ARG C 44 50.61 9.65 -11.27
N THR C 45 50.61 8.72 -10.32
CA THR C 45 49.56 8.70 -9.30
C THR C 45 49.79 9.73 -8.20
N GLU C 46 50.92 10.45 -8.24
CA GLU C 46 51.16 11.52 -7.28
C GLU C 46 50.28 12.72 -7.56
N ASP C 47 49.76 12.84 -8.79
CA ASP C 47 48.89 13.94 -9.14
C ASP C 47 47.42 13.52 -9.11
N CYS C 48 47.14 12.27 -8.79
CA CYS C 48 45.79 11.75 -8.76
C CYS C 48 45.02 12.30 -7.56
N VAL C 49 43.80 12.78 -7.82
CA VAL C 49 42.95 13.33 -6.77
C VAL C 49 41.97 12.27 -6.26
N GLY C 50 41.66 11.26 -7.07
CA GLY C 50 40.75 10.21 -6.63
C GLY C 50 39.31 10.44 -6.98
N CYS C 51 39.04 11.17 -8.07
CA CYS C 51 37.69 11.51 -8.49
C CYS C 51 36.91 10.29 -9.00
N LYS C 52 37.62 9.26 -9.50
CA LYS C 52 37.08 7.99 -10.01
C LYS C 52 36.30 8.14 -11.31
N ARG C 53 36.67 9.11 -12.15
CA ARG C 53 36.09 9.20 -13.48
C ARG C 53 36.54 8.02 -14.33
N CYS C 54 37.77 7.56 -14.11
CA CYS C 54 38.31 6.40 -14.81
C CYS C 54 37.46 5.17 -14.52
N GLU C 55 37.12 4.96 -13.25
CA GLU C 55 36.29 3.85 -12.84
C GLU C 55 34.88 3.96 -13.39
N THR C 56 34.34 5.18 -13.46
CA THR C 56 33.06 5.39 -14.12
C THR C 56 33.14 5.08 -15.62
N ALA C 57 34.28 5.39 -16.24
CA ALA C 57 34.42 5.19 -17.67
C ALA C 57 34.77 3.76 -18.06
N CYS C 58 35.23 2.93 -17.13
CA CYS C 58 35.67 1.59 -17.50
C CYS C 58 34.46 0.70 -17.78
N PRO C 59 34.45 -0.04 -18.91
CA PRO C 59 33.28 -0.84 -19.28
C PRO C 59 33.26 -2.24 -18.69
N THR C 60 34.42 -2.77 -18.33
CA THR C 60 34.52 -4.16 -17.93
C THR C 60 33.81 -4.40 -16.60
N ASP C 61 33.39 -5.65 -16.41
CA ASP C 61 32.70 -6.09 -15.20
C ASP C 61 33.42 -7.31 -14.65
N PHE C 62 34.14 -7.17 -13.52
CA PHE C 62 34.22 -5.93 -12.77
C PHE C 62 35.32 -4.98 -13.33
N LEU C 63 35.60 -3.90 -12.60
CA LEU C 63 36.53 -2.85 -13.01
C LEU C 63 37.93 -3.37 -13.29
N SER C 64 38.58 -2.74 -14.28
CA SER C 64 39.97 -3.04 -14.58
C SER C 64 40.89 -1.93 -14.10
N VAL C 65 40.33 -0.81 -13.68
CA VAL C 65 41.03 0.29 -13.02
C VAL C 65 40.41 0.51 -11.65
N ARG C 66 41.25 0.62 -10.61
CA ARG C 66 40.75 0.77 -9.25
C ARG C 66 41.52 1.86 -8.53
N VAL C 67 40.79 2.71 -7.82
CA VAL C 67 41.33 3.84 -7.09
C VAL C 67 41.08 3.62 -5.61
N TYR C 68 42.16 3.40 -4.86
CA TYR C 68 42.14 3.23 -3.42
C TYR C 68 42.60 4.53 -2.79
N LEU C 69 41.66 5.28 -2.20
CA LEU C 69 41.96 6.54 -1.54
C LEU C 69 42.93 6.35 -0.38
N GLY C 70 44.03 7.09 -0.41
CA GLY C 70 45.11 6.93 0.54
C GLY C 70 45.45 8.18 1.31
N SER C 71 46.75 8.47 1.44
CA SER C 71 47.18 9.63 2.21
C SER C 71 47.10 10.88 1.36
N GLU C 72 46.66 11.97 1.96
CA GLU C 72 46.39 13.20 1.24
C GLU C 72 47.63 14.09 1.21
N SER C 73 47.83 14.73 0.08
CA SER C 73 48.86 15.75 -0.11
C SER C 73 48.18 17.01 -0.62
N THR C 74 48.98 17.99 -1.01
CA THR C 74 48.38 19.21 -1.56
C THR C 74 47.89 18.99 -2.98
N ARG C 75 48.52 18.10 -3.74
CA ARG C 75 48.04 17.81 -5.09
C ARG C 75 46.82 16.88 -5.09
N SER C 76 46.77 15.90 -4.18
CA SER C 76 45.65 14.97 -4.18
C SER C 76 44.38 15.59 -3.60
N MET C 77 44.48 16.66 -2.82
CA MET C 77 43.31 17.33 -2.29
C MET C 77 42.74 18.36 -3.26
N GLY C 78 43.39 18.54 -4.42
CA GLY C 78 42.94 19.47 -5.44
C GLY C 78 42.99 20.92 -5.02
N LEU C 79 43.83 21.26 -4.07
CA LEU C 79 43.93 22.62 -3.58
C LEU C 79 44.68 23.51 -4.56
N SER C 80 44.15 24.71 -4.77
CA SER C 80 44.85 25.75 -5.49
C SER C 80 45.53 26.73 -4.57
N TYR C 81 45.38 26.55 -3.26
CA TYR C 81 46.02 27.42 -2.27
C TYR C 81 46.96 26.60 -1.38
N TRP D 18 61.18 13.91 -31.34
CA TRP D 18 60.66 14.80 -30.30
C TRP D 18 61.65 14.96 -29.15
N THR D 19 61.92 16.21 -28.77
CA THR D 19 62.70 16.53 -27.59
C THR D 19 61.84 17.35 -26.63
N VAL D 20 62.25 17.38 -25.37
CA VAL D 20 61.53 18.10 -24.33
C VAL D 20 61.67 19.61 -24.57
N PRO D 21 60.57 20.33 -24.74
CA PRO D 21 60.67 21.77 -25.01
C PRO D 21 60.99 22.55 -23.74
N THR D 22 61.32 23.83 -23.94
CA THR D 22 61.67 24.73 -22.86
C THR D 22 60.61 25.79 -22.69
N LEU D 23 60.47 26.29 -21.46
CA LEU D 23 59.53 27.35 -21.17
C LEU D 23 60.13 28.69 -21.55
N ASN D 24 59.41 29.45 -22.35
CA ASN D 24 59.77 30.83 -22.63
C ASN D 24 58.92 31.72 -21.74
N PRO D 25 59.50 32.35 -20.71
CA PRO D 25 58.69 33.25 -19.87
C PRO D 25 58.29 34.54 -20.58
N ASP D 26 58.99 34.90 -21.65
CA ASP D 26 58.65 36.09 -22.45
C ASP D 26 57.73 35.75 -23.61
N THR D 27 56.64 35.06 -23.29
CA THR D 27 55.60 34.72 -24.26
C THR D 27 54.38 35.58 -23.97
N PRO D 28 53.77 36.21 -24.98
CA PRO D 28 52.61 37.08 -24.71
C PRO D 28 51.40 36.31 -24.24
N SER D 29 50.68 36.91 -23.31
CA SER D 29 49.53 36.28 -22.68
C SER D 29 48.25 36.64 -23.43
N PRO D 30 47.19 35.84 -23.26
CA PRO D 30 45.88 36.23 -23.80
C PRO D 30 45.35 37.52 -23.20
N ILE D 31 44.46 38.16 -23.97
CA ILE D 31 43.89 39.44 -23.57
C ILE D 31 42.82 39.17 -22.50
N PHE D 32 43.05 39.67 -21.30
CA PHE D 32 42.20 39.31 -20.17
C PHE D 32 42.26 40.42 -19.12
N GLY D 33 41.09 40.86 -18.67
CA GLY D 33 40.98 42.00 -17.78
C GLY D 33 41.32 41.74 -16.33
N GLY D 34 41.47 40.48 -15.93
CA GLY D 34 41.90 40.18 -14.59
C GLY D 34 40.80 39.71 -13.66
N SER D 35 40.83 38.43 -13.29
CA SER D 35 39.84 37.83 -12.44
C SER D 35 40.27 37.84 -10.98
N THR D 36 39.33 37.53 -10.10
CA THR D 36 39.64 37.26 -8.71
C THR D 36 39.90 35.80 -8.45
N GLY D 37 39.91 34.95 -9.47
CA GLY D 37 40.06 33.53 -9.30
C GLY D 37 41.41 33.02 -9.77
N GLY D 38 42.42 33.88 -9.77
CA GLY D 38 43.73 33.50 -10.25
C GLY D 38 44.61 32.91 -9.17
N LEU D 39 45.88 33.29 -9.17
CA LEU D 39 46.87 32.70 -8.29
C LEU D 39 46.72 33.19 -6.85
N LEU D 40 47.37 32.48 -5.95
CA LEU D 40 47.32 32.75 -4.51
C LEU D 40 48.74 32.59 -3.98
N ARG D 41 48.88 32.46 -2.65
CA ARG D 41 50.21 32.27 -2.06
C ARG D 41 50.82 30.91 -2.35
N LYS D 42 50.04 29.95 -2.87
CA LYS D 42 50.62 28.69 -3.31
C LYS D 42 51.56 28.90 -4.49
N ALA D 43 51.26 29.88 -5.36
CA ALA D 43 52.13 30.20 -6.48
C ALA D 43 53.44 30.82 -6.04
N GLN D 44 53.45 31.47 -4.87
CA GLN D 44 54.65 32.11 -4.37
C GLN D 44 55.46 31.22 -3.45
N THR D 45 54.80 30.29 -2.75
CA THR D 45 55.50 29.43 -1.81
C THR D 45 55.79 28.04 -2.36
N GLU D 46 54.86 27.40 -3.05
CA GLU D 46 54.98 25.98 -3.37
C GLU D 46 55.24 25.72 -4.85
N GLU D 47 54.32 26.12 -5.73
CA GLU D 47 54.36 25.86 -7.17
C GLU D 47 53.19 26.55 -7.84
N PHE D 48 53.34 26.76 -9.15
CA PHE D 48 52.23 27.12 -10.03
C PHE D 48 52.54 26.51 -11.40
N TYR D 49 51.53 26.42 -12.24
CA TYR D 49 51.69 25.75 -13.53
C TYR D 49 51.48 26.75 -14.65
N VAL D 50 52.21 26.55 -15.75
CA VAL D 50 52.25 27.49 -16.87
C VAL D 50 51.89 26.74 -18.14
N ILE D 51 50.84 27.18 -18.82
CA ILE D 51 50.33 26.51 -20.01
C ILE D 51 50.68 27.34 -21.26
N THR D 52 51.07 26.63 -22.32
CA THR D 52 51.61 27.26 -23.52
C THR D 52 51.02 26.59 -24.74
N TRP D 53 50.51 27.39 -25.69
CA TRP D 53 50.05 26.86 -26.96
C TRP D 53 50.26 27.91 -28.04
N GLU D 54 50.09 27.49 -29.29
CA GLU D 54 50.23 28.37 -30.44
C GLU D 54 48.94 28.33 -31.25
N ALA D 55 48.30 29.48 -31.40
CA ALA D 55 47.02 29.55 -32.08
C ALA D 55 47.19 29.90 -33.55
N LYS D 56 46.15 29.60 -34.32
CA LYS D 56 46.14 29.90 -35.75
C LYS D 56 45.50 31.24 -36.04
N LYS D 57 44.57 31.68 -35.20
CA LYS D 57 43.89 32.96 -35.40
C LYS D 57 43.45 33.49 -34.04
N GLU D 58 43.08 34.76 -34.03
CA GLU D 58 42.58 35.41 -32.82
C GLU D 58 41.16 34.97 -32.55
N GLN D 59 40.90 34.45 -31.34
CA GLN D 59 39.61 33.82 -31.07
C GLN D 59 39.34 33.81 -29.58
N ILE D 60 38.09 34.00 -29.19
CA ILE D 60 37.70 34.07 -27.79
C ILE D 60 37.52 32.66 -27.25
N PHE D 61 38.10 32.37 -26.10
CA PHE D 61 37.89 31.12 -25.37
C PHE D 61 37.36 31.44 -23.97
N GLU D 62 37.19 30.39 -23.18
CA GLU D 62 36.67 30.52 -21.82
C GLU D 62 37.78 30.19 -20.82
N MET D 63 38.04 31.13 -19.92
CA MET D 63 39.05 30.91 -18.89
C MET D 63 38.52 29.91 -17.87
N PRO D 64 39.34 28.94 -17.44
CA PRO D 64 38.86 27.95 -16.45
C PRO D 64 38.60 28.52 -15.08
N THR D 65 39.14 29.70 -14.75
CA THR D 65 38.90 30.34 -13.48
C THR D 65 37.69 31.26 -13.51
N GLY D 66 36.98 31.32 -14.64
CA GLY D 66 35.83 32.20 -14.76
C GLY D 66 36.11 33.39 -15.64
N GLY D 67 35.26 33.63 -16.63
CA GLY D 67 35.39 34.76 -17.51
C GLY D 67 35.75 34.36 -18.92
N ALA D 68 35.90 35.38 -19.76
CA ALA D 68 36.24 35.22 -21.16
C ALA D 68 37.59 35.88 -21.44
N ALA D 69 38.29 35.36 -22.45
CA ALA D 69 39.59 35.89 -22.82
C ALA D 69 39.80 35.70 -24.31
N ILE D 70 40.60 36.58 -24.89
CA ILE D 70 40.97 36.52 -26.30
C ILE D 70 42.37 35.94 -26.39
N MET D 71 42.52 34.82 -27.10
CA MET D 71 43.86 34.32 -27.37
C MET D 71 44.45 35.10 -28.53
N ARG D 72 45.77 35.26 -28.52
CA ARG D 72 46.43 36.00 -29.57
C ARG D 72 46.66 35.08 -30.77
N GLN D 73 47.15 35.68 -31.86
CA GLN D 73 47.53 34.91 -33.04
C GLN D 73 49.00 34.57 -32.92
N GLY D 74 49.29 33.32 -32.54
CA GLY D 74 50.63 32.89 -32.30
C GLY D 74 50.81 32.30 -30.92
N PRO D 75 51.98 32.51 -30.32
CA PRO D 75 52.26 31.92 -29.01
C PRO D 75 51.44 32.60 -27.91
N ASN D 76 50.85 31.78 -27.05
CA ASN D 76 50.06 32.24 -25.92
C ASN D 76 50.63 31.67 -24.64
N LEU D 77 50.23 32.25 -23.50
CA LEU D 77 50.86 31.90 -22.23
C LEU D 77 49.91 32.26 -21.09
N LEU D 78 49.46 31.27 -20.34
CA LEU D 78 48.71 31.51 -19.12
C LEU D 78 49.35 30.75 -17.97
N LYS D 79 49.05 31.16 -16.75
CA LYS D 79 49.56 30.49 -15.58
C LYS D 79 48.45 30.26 -14.56
N PHE D 80 48.37 29.03 -14.06
CA PHE D 80 47.28 28.58 -13.20
C PHE D 80 47.84 28.01 -11.90
N GLY D 81 46.94 27.81 -10.95
CA GLY D 81 47.31 27.29 -9.63
C GLY D 81 47.48 25.79 -9.56
N LYS D 82 46.43 25.04 -9.86
CA LYS D 82 46.45 23.58 -9.78
C LYS D 82 46.55 22.98 -11.17
N LYS D 83 46.59 21.64 -11.21
CA LYS D 83 46.83 20.93 -12.45
C LYS D 83 45.56 20.74 -13.27
N GLU D 84 44.43 20.54 -12.59
CA GLU D 84 43.17 20.31 -13.27
C GLU D 84 42.69 21.53 -14.05
N GLN D 85 43.13 22.73 -13.66
CA GLN D 85 42.83 23.93 -14.45
C GLN D 85 43.54 23.89 -15.79
N CYS D 86 44.79 23.46 -15.81
CA CYS D 86 45.50 23.31 -17.07
C CYS D 86 44.96 22.16 -17.90
N LEU D 87 44.50 21.07 -17.25
CA LEU D 87 43.85 20.00 -18.01
C LEU D 87 42.52 20.46 -18.61
N ALA D 88 41.76 21.27 -17.88
CA ALA D 88 40.48 21.75 -18.38
C ALA D 88 40.68 22.69 -19.57
N LEU D 89 41.67 23.58 -19.48
CA LEU D 89 41.96 24.44 -20.62
C LEU D 89 42.56 23.66 -21.78
N THR D 90 43.34 22.60 -21.50
CA THR D 90 43.87 21.75 -22.56
C THR D 90 42.76 21.01 -23.28
N THR D 91 41.81 20.46 -22.53
CA THR D 91 40.68 19.75 -23.13
C THR D 91 39.81 20.69 -23.96
N GLN D 92 39.60 21.92 -23.47
CA GLN D 92 38.86 22.92 -24.24
C GLN D 92 39.58 23.29 -25.53
N LEU D 93 40.87 23.64 -25.44
CA LEU D 93 41.64 24.04 -26.62
C LEU D 93 41.89 22.90 -27.58
N ARG D 94 41.75 21.65 -27.12
CA ARG D 94 42.04 20.48 -27.93
C ARG D 94 40.79 19.92 -28.60
N ASN D 95 39.63 19.98 -27.94
CA ASN D 95 38.39 19.50 -28.54
C ASN D 95 37.58 20.58 -29.21
N LYS D 96 37.79 21.85 -28.88
CA LYS D 96 36.99 22.93 -29.46
C LYS D 96 37.74 23.70 -30.54
N PHE D 97 39.06 23.83 -30.41
CA PHE D 97 39.84 24.66 -31.33
C PHE D 97 40.85 23.88 -32.15
N LYS D 98 41.00 22.57 -31.88
CA LYS D 98 41.99 21.68 -32.50
C LYS D 98 43.41 22.24 -32.38
N LEU D 99 43.80 22.53 -31.14
CA LEU D 99 45.11 23.05 -30.82
C LEU D 99 45.90 22.01 -30.02
N THR D 100 47.20 22.21 -29.92
CA THR D 100 48.11 21.28 -29.25
C THR D 100 48.89 21.99 -28.14
N PRO D 101 48.31 22.16 -26.97
CA PRO D 101 49.02 22.81 -25.87
C PRO D 101 49.87 21.86 -25.05
N CYS D 102 50.81 22.44 -24.32
CA CYS D 102 51.62 21.73 -23.34
C CYS D 102 51.79 22.64 -22.13
N PHE D 103 51.65 22.09 -20.92
CA PHE D 103 51.75 22.90 -19.71
C PHE D 103 52.81 22.33 -18.78
N TYR D 104 53.48 23.22 -18.07
CA TYR D 104 54.67 22.85 -17.33
C TYR D 104 54.41 23.06 -15.83
N ARG D 105 55.38 22.68 -15.02
CA ARG D 105 55.35 22.89 -13.57
C ARG D 105 56.50 23.78 -13.18
N VAL D 106 56.22 24.89 -12.51
CA VAL D 106 57.20 25.91 -12.18
C VAL D 106 57.24 26.09 -10.67
N PHE D 107 58.44 26.12 -10.10
CA PHE D 107 58.68 26.28 -8.68
C PHE D 107 59.21 27.68 -8.38
N PRO D 108 59.06 28.17 -7.14
CA PRO D 108 59.62 29.50 -6.80
C PRO D 108 61.13 29.56 -6.83
N ASP D 109 61.82 28.42 -6.81
CA ASP D 109 63.23 28.38 -7.16
C ASP D 109 63.45 28.85 -8.59
N GLY D 110 62.53 28.49 -9.49
CA GLY D 110 62.74 28.63 -10.92
C GLY D 110 62.89 27.31 -11.64
N LYS D 111 62.75 26.19 -10.94
CA LYS D 111 62.83 24.88 -11.57
C LYS D 111 61.59 24.65 -12.43
N VAL D 112 61.82 24.21 -13.66
CA VAL D 112 60.77 24.08 -14.67
C VAL D 112 60.63 22.62 -15.03
N GLN D 113 59.45 22.06 -14.80
CA GLN D 113 59.18 20.64 -15.04
C GLN D 113 58.14 20.49 -16.14
N TYR D 114 58.58 20.07 -17.32
CA TYR D 114 57.69 19.75 -18.42
C TYR D 114 56.88 18.50 -18.13
N LEU D 115 55.63 18.49 -18.61
CA LEU D 115 54.76 17.31 -18.64
C LEU D 115 53.63 17.58 -19.63
N HIS D 116 52.90 16.50 -20.00
CA HIS D 116 51.64 16.52 -20.78
C HIS D 116 51.72 17.28 -22.11
N PRO D 117 52.18 16.66 -23.20
CA PRO D 117 52.48 15.23 -23.30
C PRO D 117 53.92 14.89 -22.91
N ALA D 118 54.07 14.13 -21.82
CA ALA D 118 55.38 13.82 -21.29
C ALA D 118 56.20 12.95 -22.24
N ASP D 119 55.52 12.13 -23.05
CA ASP D 119 56.15 11.37 -24.11
C ASP D 119 56.26 12.19 -25.40
N GLY D 120 55.58 13.33 -25.47
CA GLY D 120 55.42 14.08 -26.68
C GLY D 120 54.20 13.69 -27.48
N VAL D 121 53.80 12.44 -27.38
CA VAL D 121 52.56 11.93 -27.93
C VAL D 121 51.54 11.91 -26.81
N TYR D 122 50.31 12.33 -27.11
CA TYR D 122 49.27 12.45 -26.10
C TYR D 122 48.90 11.09 -25.52
N PRO D 123 48.54 11.03 -24.22
CA PRO D 123 48.43 9.73 -23.55
C PRO D 123 47.23 8.89 -23.97
N GLU D 124 46.35 9.42 -24.78
CA GLU D 124 45.16 8.71 -25.23
C GLU D 124 45.42 7.82 -26.43
N LYS D 125 46.69 7.59 -26.77
CA LYS D 125 47.04 6.65 -27.83
C LYS D 125 48.37 6.01 -27.46
N VAL D 126 48.55 4.79 -27.93
CA VAL D 126 49.69 3.98 -27.51
C VAL D 126 50.95 4.47 -28.19
N ASN D 127 52.05 4.50 -27.44
CA ASN D 127 53.35 4.90 -27.98
C ASN D 127 54.38 3.89 -27.50
N ALA D 128 55.18 3.37 -28.43
CA ALA D 128 56.21 2.40 -28.08
C ALA D 128 57.34 3.08 -27.30
N GLY D 129 57.66 2.53 -26.14
CA GLY D 129 58.65 3.09 -25.24
C GLY D 129 58.12 3.42 -23.87
N ARG D 130 56.81 3.51 -23.71
CA ARG D 130 56.22 3.73 -22.40
C ARG D 130 56.31 2.46 -21.56
N VAL D 131 56.75 2.62 -20.32
CA VAL D 131 56.82 1.50 -19.38
C VAL D 131 55.54 1.46 -18.58
N GLY D 132 54.92 0.29 -18.51
CA GLY D 132 53.68 0.15 -17.77
C GLY D 132 53.94 0.17 -16.28
N ALA D 133 53.23 1.04 -15.58
CA ALA D 133 53.34 1.16 -14.13
C ALA D 133 52.00 0.85 -13.49
N ASN D 134 52.06 0.34 -12.25
CA ASN D 134 50.88 0.07 -11.41
C ASN D 134 49.92 -0.94 -12.05
N GLN D 135 50.49 -1.98 -12.67
CA GLN D 135 49.71 -2.98 -13.38
C GLN D 135 49.74 -4.30 -12.59
N ASN D 136 48.63 -4.61 -11.93
CA ASN D 136 48.46 -5.93 -11.34
C ASN D 136 48.14 -6.92 -12.45
N MET D 137 48.93 -7.99 -12.53
CA MET D 137 48.76 -8.96 -13.62
C MET D 137 47.83 -10.09 -13.20
N ARG D 138 46.65 -9.70 -12.72
CA ARG D 138 45.66 -10.63 -12.19
C ARG D 138 44.32 -9.91 -12.17
N ARG D 139 43.26 -10.65 -11.85
CA ARG D 139 41.97 -10.03 -11.69
C ARG D 139 41.86 -9.33 -10.34
N ILE D 140 40.78 -8.58 -10.18
CA ILE D 140 40.49 -7.97 -8.90
C ILE D 140 39.98 -8.99 -7.90
N GLY D 141 39.31 -10.04 -8.39
CA GLY D 141 38.88 -11.13 -7.52
C GLY D 141 39.98 -12.07 -7.08
N GLN D 142 41.17 -11.93 -7.65
CA GLN D 142 42.33 -12.73 -7.26
C GLN D 142 43.19 -12.03 -6.23
N ASN D 143 42.67 -11.01 -5.56
CA ASN D 143 43.39 -10.39 -4.46
C ASN D 143 43.22 -11.18 -3.18
N VAL D 144 44.14 -10.97 -2.25
CA VAL D 144 44.14 -11.67 -0.97
C VAL D 144 43.16 -11.01 -0.03
N ASN D 145 42.93 -11.64 1.10
CA ASN D 145 42.06 -11.10 2.12
C ASN D 145 42.83 -10.12 3.00
N PRO D 146 42.12 -9.19 3.68
CA PRO D 146 42.83 -8.25 4.57
C PRO D 146 43.47 -8.88 5.79
N ILE D 147 43.15 -10.14 6.13
CA ILE D 147 43.86 -10.83 7.20
C ILE D 147 45.31 -11.10 6.80
N LYS D 148 45.58 -11.30 5.51
CA LYS D 148 46.92 -11.61 5.04
C LYS D 148 47.86 -10.41 5.04
N VAL D 149 47.34 -9.20 5.21
CA VAL D 149 48.17 -8.00 5.20
C VAL D 149 48.06 -7.23 6.52
N LYS D 150 47.65 -7.89 7.60
CA LYS D 150 47.65 -7.24 8.90
C LYS D 150 49.07 -7.12 9.43
N PHE D 151 49.28 -6.05 10.19
CA PHE D 151 50.53 -5.76 10.92
C PHE D 151 51.73 -5.68 9.98
N SER D 152 51.61 -4.81 8.99
CA SER D 152 52.75 -4.31 8.25
C SER D 152 53.16 -2.98 8.88
N GLY D 153 54.02 -2.23 8.19
CA GLY D 153 54.46 -0.96 8.72
C GLY D 153 53.44 0.17 8.64
N ARG D 154 52.26 -0.07 8.07
CA ARG D 154 51.27 0.97 7.83
C ARG D 154 49.92 0.31 7.56
N MET D 155 48.92 1.14 7.29
CA MET D 155 47.70 0.64 6.65
C MET D 155 48.00 0.18 5.24
N MET D 156 47.60 -1.03 4.92
CA MET D 156 47.74 -1.52 3.56
C MET D 156 46.43 -2.11 3.08
N SER D 157 46.17 -1.95 1.87
CA SER D 157 45.12 -2.60 1.13
C SER D 157 45.66 -3.88 0.52
N PRO D 158 44.83 -4.92 0.39
CA PRO D 158 45.30 -6.17 -0.23
C PRO D 158 45.68 -6.05 -1.70
N ALA D 159 45.28 -4.98 -2.39
CA ALA D 159 45.68 -4.75 -3.76
C ALA D 159 47.04 -4.08 -3.88
N GLU D 160 47.65 -3.68 -2.77
CA GLU D 160 48.97 -3.06 -2.84
C GLU D 160 50.04 -4.11 -3.15
N ILE D 161 49.93 -5.28 -2.54
CA ILE D 161 50.85 -6.38 -2.85
C ILE D 161 50.42 -7.05 -4.15
N GLY E 12 36.54 -22.48 -27.44
CA GLY E 12 35.56 -22.99 -26.49
C GLY E 12 34.19 -23.17 -27.10
N PRO E 13 33.18 -22.51 -26.53
CA PRO E 13 31.83 -22.60 -27.10
C PRO E 13 31.73 -21.82 -28.39
N LYS E 14 30.79 -22.24 -29.24
CA LYS E 14 30.62 -21.62 -30.54
C LYS E 14 29.77 -20.36 -30.41
N ARG E 15 29.59 -19.67 -31.54
CA ARG E 15 28.83 -18.42 -31.55
C ARG E 15 27.35 -18.68 -31.32
N GLY E 16 26.73 -17.81 -30.54
CA GLY E 16 25.29 -17.88 -30.31
C GLY E 16 24.84 -18.87 -29.27
N SER E 17 25.71 -19.76 -28.80
CA SER E 17 25.32 -20.72 -27.78
C SER E 17 25.21 -20.04 -26.42
N LEU E 18 24.43 -20.64 -25.54
CA LEU E 18 24.22 -20.10 -24.21
C LEU E 18 25.25 -20.67 -23.24
N VAL E 19 25.83 -19.80 -22.42
CA VAL E 19 26.76 -20.23 -21.38
C VAL E 19 26.25 -19.81 -20.01
N LYS E 20 27.00 -20.17 -18.98
CA LYS E 20 26.70 -19.80 -17.61
C LYS E 20 27.98 -19.28 -16.97
N ILE E 21 27.88 -18.12 -16.33
CA ILE E 21 29.05 -17.39 -15.88
C ILE E 21 29.41 -17.86 -14.48
N LEU E 22 30.71 -18.17 -14.28
CA LEU E 22 31.20 -18.57 -12.97
C LEU E 22 32.34 -17.68 -12.46
N ARG E 23 32.58 -16.54 -13.08
CA ARG E 23 33.43 -15.53 -12.45
C ARG E 23 32.68 -14.95 -11.26
N PRO E 24 33.21 -15.06 -10.04
CA PRO E 24 32.38 -14.74 -8.86
C PRO E 24 32.12 -13.26 -8.67
N GLU E 25 33.00 -12.37 -9.12
CA GLU E 25 32.76 -10.94 -8.96
C GLU E 25 32.09 -10.31 -10.17
N SER E 26 31.65 -11.12 -11.12
CA SER E 26 30.87 -10.60 -12.23
C SER E 26 29.47 -10.23 -11.75
N TYR E 27 28.85 -9.28 -12.46
CA TYR E 27 27.46 -8.95 -12.18
C TYR E 27 26.53 -10.11 -12.56
N TRP E 28 26.87 -10.82 -13.63
CA TRP E 28 26.04 -11.88 -14.15
C TRP E 28 26.53 -13.26 -13.74
N PHE E 29 27.23 -13.34 -12.61
CA PHE E 29 27.61 -14.61 -12.01
C PHE E 29 26.38 -15.45 -11.73
N ASN E 30 26.51 -16.75 -11.98
CA ASN E 30 25.48 -17.76 -11.74
C ASN E 30 24.24 -17.54 -12.61
N GLN E 31 24.39 -16.81 -13.72
CA GLN E 31 23.33 -16.50 -14.67
C GLN E 31 23.78 -16.85 -16.08
N VAL E 32 22.91 -16.58 -17.05
CA VAL E 32 23.04 -17.11 -18.41
C VAL E 32 23.17 -15.95 -19.38
N GLY E 33 24.15 -16.06 -20.29
CA GLY E 33 24.31 -15.11 -21.36
C GLY E 33 24.43 -15.81 -22.70
N LYS E 34 24.86 -15.09 -23.73
CA LYS E 34 24.95 -15.64 -25.08
C LYS E 34 26.29 -15.27 -25.69
N VAL E 35 26.94 -16.23 -26.33
CA VAL E 35 28.30 -16.04 -26.83
C VAL E 35 28.26 -15.25 -28.13
N VAL E 36 29.07 -14.19 -28.21
CA VAL E 36 29.25 -13.44 -29.44
C VAL E 36 30.34 -14.10 -30.27
N SER E 37 31.53 -14.20 -29.70
CA SER E 37 32.67 -14.79 -30.38
C SER E 37 33.68 -15.26 -29.35
N VAL E 38 34.60 -16.11 -29.79
CA VAL E 38 35.75 -16.52 -29.01
C VAL E 38 36.99 -16.18 -29.83
N ASP E 39 37.84 -15.33 -29.29
CA ASP E 39 39.06 -14.94 -29.98
C ASP E 39 40.07 -16.07 -29.90
N GLN E 40 40.82 -16.27 -30.99
CA GLN E 40 41.71 -17.41 -31.12
C GLN E 40 43.19 -17.03 -31.00
N SER E 41 43.46 -15.85 -30.46
CA SER E 41 44.83 -15.41 -30.20
C SER E 41 45.23 -15.86 -28.79
N GLY E 42 46.33 -15.29 -28.28
CA GLY E 42 46.74 -15.55 -26.92
C GLY E 42 46.16 -14.57 -25.92
N VAL E 43 45.00 -14.00 -26.26
CA VAL E 43 44.27 -13.11 -25.39
C VAL E 43 43.79 -13.86 -24.16
N ARG E 44 43.83 -13.19 -23.00
CA ARG E 44 43.56 -13.86 -21.73
C ARG E 44 42.08 -14.10 -21.47
N TYR E 45 41.19 -13.29 -22.05
CA TYR E 45 39.75 -13.38 -21.81
C TYR E 45 39.05 -13.26 -23.15
N PRO E 46 38.96 -14.37 -23.92
CA PRO E 46 38.53 -14.26 -25.32
C PRO E 46 37.04 -14.39 -25.55
N VAL E 47 36.29 -14.91 -24.58
CA VAL E 47 34.90 -15.29 -24.80
C VAL E 47 34.02 -14.06 -24.58
N VAL E 48 33.41 -13.56 -25.65
CA VAL E 48 32.57 -12.38 -25.58
C VAL E 48 31.14 -12.83 -25.36
N VAL E 49 30.55 -12.44 -24.24
CA VAL E 49 29.21 -12.89 -23.86
C VAL E 49 28.31 -11.66 -23.72
N ARG E 50 27.14 -11.71 -24.35
CA ARG E 50 26.13 -10.68 -24.17
C ARG E 50 25.03 -11.14 -23.23
N PHE E 51 24.50 -10.18 -22.48
CA PHE E 51 23.51 -10.44 -21.47
C PHE E 51 22.30 -9.56 -21.75
N GLU E 52 21.09 -10.11 -21.58
CA GLU E 52 19.87 -9.39 -21.90
C GLU E 52 19.51 -8.35 -20.85
N ASN E 53 20.19 -8.35 -19.71
CA ASN E 53 20.02 -7.32 -18.70
C ASN E 53 21.34 -6.59 -18.46
N GLN E 54 21.24 -5.31 -18.14
CA GLN E 54 22.42 -4.47 -17.98
C GLN E 54 22.86 -4.45 -16.53
N ASN E 55 24.16 -4.22 -16.32
CA ASN E 55 24.70 -4.10 -14.98
C ASN E 55 24.45 -2.69 -14.46
N TYR E 56 25.08 -2.33 -13.34
CA TYR E 56 24.87 -1.00 -12.80
C TYR E 56 25.51 0.09 -13.65
N ALA E 57 26.55 -0.25 -14.41
CA ALA E 57 27.15 0.67 -15.36
C ALA E 57 26.36 0.79 -16.66
N GLY E 58 25.29 0.02 -16.84
CA GLY E 58 24.56 0.02 -18.08
C GLY E 58 25.22 -0.73 -19.21
N VAL E 59 26.14 -1.63 -18.90
CA VAL E 59 26.85 -2.44 -19.89
C VAL E 59 26.16 -3.81 -19.95
N THR E 60 26.05 -4.36 -21.16
CA THR E 60 25.44 -5.68 -21.35
C THR E 60 26.41 -6.70 -21.94
N THR E 61 27.70 -6.40 -22.02
CA THR E 61 28.65 -7.25 -22.71
C THR E 61 29.94 -7.32 -21.91
N ASN E 62 30.52 -8.50 -21.77
CA ASN E 62 31.75 -8.66 -21.02
C ASN E 62 32.59 -9.79 -21.60
N ASN E 63 33.90 -9.64 -21.49
CA ASN E 63 34.83 -10.72 -21.83
C ASN E 63 35.00 -11.66 -20.65
N TYR E 64 35.09 -12.96 -20.96
CA TYR E 64 35.29 -13.97 -19.93
C TYR E 64 36.36 -14.95 -20.40
N ALA E 65 36.81 -15.78 -19.47
CA ALA E 65 37.82 -16.78 -19.73
C ALA E 65 37.15 -18.11 -20.09
N LEU E 66 37.96 -19.12 -20.40
CA LEU E 66 37.41 -20.41 -20.78
C LEU E 66 36.90 -21.18 -19.57
N ASP E 67 37.54 -21.00 -18.42
CA ASP E 67 37.11 -21.65 -17.18
C ASP E 67 36.18 -20.79 -16.35
N GLU E 68 35.69 -19.69 -16.92
CA GLU E 68 34.66 -18.88 -16.28
C GLU E 68 33.30 -19.04 -16.93
N VAL E 69 33.23 -19.72 -18.06
CA VAL E 69 31.97 -20.00 -18.76
C VAL E 69 31.76 -21.50 -18.81
N VAL E 70 30.52 -21.92 -18.64
CA VAL E 70 30.12 -23.31 -18.75
C VAL E 70 28.91 -23.36 -19.67
N ALA E 71 28.99 -24.18 -20.72
CA ALA E 71 27.93 -24.25 -21.74
C ALA E 71 26.71 -24.94 -21.14
N ALA E 72 25.91 -24.15 -20.44
CA ALA E 72 24.71 -24.64 -19.78
C ALA E 72 23.54 -23.71 -20.06
N ASP F 1 -15.11 -11.89 31.76
CA ASP F 1 -14.97 -13.03 30.87
C ASP F 1 -13.48 -13.29 30.65
N ILE F 2 -13.01 -13.15 29.42
CA ILE F 2 -11.59 -13.30 29.13
C ILE F 2 -10.84 -12.07 29.64
N ALA F 3 -9.75 -12.30 30.39
CA ALA F 3 -8.81 -11.27 30.85
C ALA F 3 -9.49 -10.23 31.74
N GLY F 4 -10.55 -10.62 32.45
CA GLY F 4 -11.28 -9.70 33.29
C GLY F 4 -12.18 -8.74 32.55
N LEU F 5 -12.41 -8.96 31.26
CA LEU F 5 -13.21 -8.05 30.45
C LEU F 5 -14.67 -8.45 30.53
N THR F 6 -15.52 -7.49 30.84
CA THR F 6 -16.95 -7.70 30.78
C THR F 6 -17.44 -7.64 29.33
N PRO F 7 -18.53 -8.33 29.00
CA PRO F 7 -19.15 -8.14 27.69
C PRO F 7 -19.71 -6.73 27.55
N CYS F 8 -19.71 -6.24 26.30
CA CYS F 8 -20.08 -4.85 26.03
C CYS F 8 -21.56 -4.59 26.30
N SER F 9 -22.42 -5.59 26.09
CA SER F 9 -23.83 -5.43 26.41
C SER F 9 -24.09 -5.45 27.91
N GLU F 10 -23.12 -5.90 28.70
CA GLU F 10 -23.16 -5.84 30.15
C GLU F 10 -22.41 -4.65 30.72
N SER F 11 -21.46 -4.11 29.94
CA SER F 11 -20.63 -2.99 30.39
C SER F 11 -21.45 -1.71 30.51
N LYS F 12 -21.07 -0.89 31.47
CA LYS F 12 -21.75 0.38 31.74
C LYS F 12 -21.09 1.56 31.06
N ALA F 13 -19.76 1.54 30.92
CA ALA F 13 -19.08 2.61 30.19
C ALA F 13 -19.42 2.58 28.71
N TYR F 14 -19.79 1.42 28.19
CA TYR F 14 -20.27 1.29 26.82
C TYR F 14 -21.59 2.04 26.64
N ALA F 15 -22.53 1.85 27.57
CA ALA F 15 -23.79 2.58 27.54
C ALA F 15 -23.58 4.07 27.77
N LYS F 16 -22.63 4.43 28.65
CA LYS F 16 -22.30 5.83 28.87
C LYS F 16 -21.71 6.48 27.62
N LEU F 17 -20.91 5.74 26.86
CA LEU F 17 -20.30 6.29 25.66
C LEU F 17 -21.33 6.44 24.55
N GLU F 18 -22.27 5.49 24.46
CA GLU F 18 -23.38 5.59 23.53
C GLU F 18 -24.27 6.79 23.85
N LYS F 19 -24.58 6.99 25.13
CA LYS F 19 -25.39 8.12 25.56
C LYS F 19 -24.66 9.44 25.34
N LYS F 20 -23.34 9.45 25.51
CA LYS F 20 -22.57 10.67 25.31
C LYS F 20 -22.50 11.07 23.85
N GLU F 21 -22.34 10.09 22.94
CA GLU F 21 -22.33 10.42 21.52
C GLU F 21 -23.70 10.87 21.04
N LEU F 22 -24.77 10.26 21.57
CA LEU F 22 -26.11 10.76 21.25
C LEU F 22 -26.34 12.16 21.81
N LYS F 23 -25.78 12.47 22.98
CA LYS F 23 -25.94 13.80 23.56
C LYS F 23 -25.25 14.87 22.71
N THR F 24 -24.04 14.57 22.22
CA THR F 24 -23.34 15.51 21.34
C THR F 24 -24.09 15.70 20.02
N LEU F 25 -24.59 14.61 19.44
CA LEU F 25 -25.34 14.73 18.19
C LEU F 25 -26.67 15.47 18.37
N GLU F 26 -27.34 15.32 19.51
CA GLU F 26 -28.60 16.04 19.68
C GLU F 26 -28.37 17.49 20.10
N LYS F 27 -27.26 17.81 20.76
CA LYS F 27 -26.89 19.20 20.98
C LYS F 27 -26.56 19.89 19.67
N ARG F 28 -25.96 19.17 18.71
CA ARG F 28 -25.79 19.76 17.40
C ARG F 28 -27.11 19.81 16.62
N LEU F 29 -28.00 18.86 16.87
CA LEU F 29 -29.29 18.81 16.15
C LEU F 29 -30.24 19.92 16.58
N LYS F 30 -30.19 20.35 17.83
CA LYS F 30 -31.24 21.21 18.38
C LYS F 30 -31.16 22.67 17.92
N GLN F 31 -30.37 23.01 16.90
CA GLN F 31 -30.25 24.37 16.41
C GLN F 31 -30.61 24.48 14.93
N TYR F 32 -31.45 23.57 14.44
CA TYR F 32 -31.90 23.63 13.06
C TYR F 32 -33.42 23.52 12.96
N GLU F 33 -33.92 23.38 11.73
CA GLU F 33 -35.33 23.15 11.48
C GLU F 33 -35.62 21.66 11.58
N ALA F 34 -36.78 21.23 11.10
CA ALA F 34 -37.16 19.82 11.14
C ALA F 34 -36.90 19.12 9.80
N ASP F 35 -37.50 19.62 8.72
CA ASP F 35 -37.34 19.02 7.40
C ASP F 35 -36.11 19.53 6.66
N SER F 36 -35.24 20.27 7.32
CA SER F 36 -34.03 20.78 6.69
C SER F 36 -33.01 19.67 6.53
N ALA F 37 -32.21 19.79 5.47
CA ALA F 37 -31.18 18.80 5.17
C ALA F 37 -30.09 18.62 6.24
N PRO F 38 -29.63 19.66 6.99
CA PRO F 38 -28.78 19.35 8.16
C PRO F 38 -29.47 18.50 9.22
N ALA F 39 -30.76 18.74 9.49
CA ALA F 39 -31.47 17.93 10.47
C ALA F 39 -31.65 16.50 9.97
N VAL F 40 -31.89 16.34 8.67
CA VAL F 40 -32.01 15.00 8.08
C VAL F 40 -30.69 14.24 8.15
N ALA F 41 -29.57 14.94 7.87
CA ALA F 41 -28.25 14.30 7.93
C ALA F 41 -27.87 13.94 9.36
N LEU F 42 -28.22 14.78 10.32
CA LEU F 42 -27.91 14.45 11.71
C LEU F 42 -28.79 13.34 12.26
N LYS F 43 -30.05 13.24 11.80
CA LYS F 43 -30.87 12.10 12.21
C LYS F 43 -30.40 10.81 11.58
N ALA F 44 -29.87 10.87 10.35
CA ALA F 44 -29.24 9.68 9.75
C ALA F 44 -27.97 9.30 10.51
N THR F 45 -27.23 10.30 10.98
CA THR F 45 -26.03 10.04 11.80
C THR F 45 -26.40 9.36 13.12
N MET F 46 -27.46 9.83 13.77
CA MET F 46 -27.90 9.23 15.02
C MET F 46 -28.43 7.81 14.81
N GLU F 47 -29.12 7.59 13.68
CA GLU F 47 -29.57 6.24 13.34
C GLU F 47 -28.40 5.29 13.12
N ARG F 48 -27.36 5.74 12.42
CA ARG F 48 -26.17 4.91 12.23
C ARG F 48 -25.42 4.67 13.53
N THR F 49 -25.41 5.65 14.44
CA THR F 49 -24.76 5.46 15.73
C THR F 49 -25.47 4.41 16.58
N LYS F 50 -26.81 4.51 16.65
CA LYS F 50 -27.58 3.51 17.40
C LYS F 50 -27.46 2.12 16.78
N ALA F 51 -27.47 2.05 15.44
CA ALA F 51 -27.31 0.77 14.76
C ALA F 51 -25.94 0.17 15.00
N ARG F 52 -24.89 1.01 15.05
CA ARG F 52 -23.54 0.52 15.28
C ARG F 52 -23.35 -0.01 16.69
N PHE F 53 -23.85 0.73 17.70
CA PHE F 53 -23.75 0.25 19.06
C PHE F 53 -24.58 -1.01 19.29
N ALA F 54 -25.75 -1.10 18.66
CA ALA F 54 -26.55 -2.31 18.77
C ALA F 54 -25.87 -3.50 18.08
N ASN F 55 -25.20 -3.27 16.96
CA ASN F 55 -24.53 -4.37 16.26
C ASN F 55 -23.30 -4.85 17.02
N TYR F 56 -22.57 -3.92 17.65
CA TYR F 56 -21.41 -4.34 18.44
C TYR F 56 -21.83 -5.03 19.72
N ALA F 57 -22.96 -4.63 20.32
CA ALA F 57 -23.47 -5.37 21.47
C ALA F 57 -24.03 -6.72 21.06
N LYS F 58 -24.55 -6.83 19.83
CA LYS F 58 -25.09 -8.09 19.35
C LYS F 58 -23.99 -9.08 18.99
N ALA F 59 -22.85 -8.61 18.49
CA ALA F 59 -21.79 -9.49 18.05
C ALA F 59 -21.00 -10.12 19.20
N GLY F 60 -21.31 -9.78 20.45
CA GLY F 60 -20.66 -10.42 21.58
C GLY F 60 -19.26 -9.94 21.87
N LEU F 61 -18.97 -8.67 21.59
CA LEU F 61 -17.64 -8.12 21.82
C LEU F 61 -17.40 -7.89 23.31
N LEU F 62 -16.12 -7.90 23.69
CA LEU F 62 -15.71 -7.71 25.07
C LEU F 62 -15.20 -6.29 25.25
N CYS F 63 -15.75 -5.59 26.25
CA CYS F 63 -15.37 -4.23 26.58
C CYS F 63 -14.55 -4.20 27.86
N GLY F 64 -13.72 -3.16 27.98
CA GLY F 64 -12.85 -2.98 29.12
C GLY F 64 -13.42 -2.01 30.14
N ASN F 65 -12.52 -1.31 30.83
CA ASN F 65 -12.95 -0.28 31.76
C ASN F 65 -13.34 1.01 31.05
N ASP F 66 -12.92 1.19 29.82
CA ASP F 66 -13.22 2.36 29.01
C ASP F 66 -14.45 2.19 28.13
N GLY F 67 -15.07 1.01 28.13
CA GLY F 67 -16.24 0.79 27.31
C GLY F 67 -15.95 0.60 25.86
N LEU F 68 -14.77 0.10 25.52
CA LEU F 68 -14.40 -0.03 24.12
C LEU F 68 -14.18 -1.49 23.76
N PRO F 69 -14.57 -1.92 22.56
CA PRO F 69 -14.46 -3.34 22.18
C PRO F 69 -13.01 -3.80 22.07
N HIS F 70 -12.70 -4.91 22.71
CA HIS F 70 -11.37 -5.51 22.68
C HIS F 70 -11.39 -6.78 21.86
N LEU F 71 -10.32 -7.00 21.10
CA LEU F 71 -10.22 -8.16 20.23
C LEU F 71 -9.32 -9.22 20.87
N ILE F 72 -9.61 -10.47 20.56
CA ILE F 72 -8.91 -11.61 21.14
C ILE F 72 -8.17 -12.32 20.01
N ALA F 73 -6.84 -12.31 20.06
CA ALA F 73 -6.01 -12.95 19.05
C ALA F 73 -5.29 -14.14 19.70
N ASP F 74 -5.99 -15.26 19.74
CA ASP F 74 -5.54 -16.58 20.13
C ASP F 74 -6.55 -17.52 19.48
N PRO F 75 -6.12 -18.44 18.61
CA PRO F 75 -7.07 -19.31 17.92
C PRO F 75 -7.89 -20.18 18.85
N GLY F 76 -7.26 -20.78 19.86
CA GLY F 76 -8.00 -21.65 20.75
C GLY F 76 -8.93 -20.92 21.68
N LEU F 77 -8.49 -19.79 22.23
CA LEU F 77 -9.33 -19.03 23.14
C LEU F 77 -10.49 -18.37 22.39
N ALA F 78 -10.24 -17.92 21.16
CA ALA F 78 -11.29 -17.34 20.33
C ALA F 78 -12.32 -18.39 19.92
N LEU F 79 -11.85 -19.55 19.43
CA LEU F 79 -12.76 -20.64 19.07
C LEU F 79 -13.47 -21.25 20.28
N LYS F 80 -12.93 -21.05 21.48
CA LYS F 80 -13.59 -21.57 22.67
C LYS F 80 -14.67 -20.62 23.19
N TYR F 81 -14.42 -19.31 23.16
CA TYR F 81 -15.39 -18.36 23.69
C TYR F 81 -16.19 -17.64 22.61
N GLY F 82 -16.11 -18.09 21.37
CA GLY F 82 -16.94 -17.51 20.32
C GLY F 82 -16.45 -16.15 19.87
N HIS F 83 -15.18 -16.08 19.45
CA HIS F 83 -14.57 -14.84 18.99
C HIS F 83 -13.72 -15.07 17.76
N ALA F 84 -14.07 -16.06 16.94
CA ALA F 84 -13.30 -16.33 15.73
C ALA F 84 -13.54 -15.29 14.65
N GLY F 85 -14.64 -14.53 14.74
CA GLY F 85 -14.97 -13.56 13.72
C GLY F 85 -14.17 -12.28 13.74
N GLU F 86 -13.35 -12.06 14.76
CA GLU F 86 -12.67 -10.78 14.89
C GLU F 86 -11.21 -10.82 14.48
N VAL F 87 -10.50 -11.94 14.66
CA VAL F 87 -9.12 -12.07 14.23
C VAL F 87 -8.93 -13.26 13.29
N PHE F 88 -9.56 -14.39 13.58
CA PHE F 88 -9.27 -15.67 12.95
C PHE F 88 -9.90 -15.79 11.55
N ILE F 89 -11.20 -15.54 11.45
CA ILE F 89 -11.84 -15.44 10.13
C ILE F 89 -11.29 -14.26 9.32
N PRO F 90 -11.04 -13.06 9.88
CA PRO F 90 -10.32 -12.04 9.09
C PRO F 90 -8.91 -12.43 8.64
N THR F 91 -8.14 -13.20 9.43
CA THR F 91 -6.80 -13.53 8.95
C THR F 91 -6.86 -14.56 7.83
N PHE F 92 -7.81 -15.49 7.85
CA PHE F 92 -7.87 -16.39 6.70
C PHE F 92 -8.48 -15.73 5.47
N GLY F 93 -9.40 -14.77 5.66
CA GLY F 93 -9.87 -13.98 4.53
C GLY F 93 -8.78 -13.13 3.91
N PHE F 94 -7.95 -12.49 4.74
CA PHE F 94 -6.83 -11.71 4.22
C PHE F 94 -5.83 -12.59 3.51
N LEU F 95 -5.50 -13.75 4.08
CA LEU F 95 -4.49 -14.58 3.43
C LEU F 95 -4.99 -15.11 2.09
N TYR F 96 -6.31 -15.35 1.97
CA TYR F 96 -6.87 -15.72 0.68
C TYR F 96 -6.72 -14.60 -0.35
N VAL F 97 -7.09 -13.37 0.01
CA VAL F 97 -7.00 -12.30 -1.00
C VAL F 97 -5.55 -11.83 -1.25
N ALA F 98 -4.67 -11.94 -0.26
CA ALA F 98 -3.29 -11.52 -0.45
C ALA F 98 -2.51 -12.53 -1.30
N GLY F 99 -2.76 -13.82 -1.08
CA GLY F 99 -2.20 -14.82 -1.97
C GLY F 99 -2.81 -14.78 -3.35
N TYR F 100 -4.07 -14.34 -3.46
CA TYR F 100 -4.69 -14.10 -4.76
C TYR F 100 -3.89 -13.09 -5.56
N ILE F 101 -3.64 -11.91 -4.94
CA ILE F 101 -2.89 -10.84 -5.60
C ILE F 101 -1.48 -11.30 -5.96
N GLY F 102 -0.80 -11.96 -5.02
CA GLY F 102 0.56 -12.41 -5.28
C GLY F 102 0.66 -13.50 -6.34
N TYR F 103 -0.32 -14.42 -6.37
CA TYR F 103 -0.27 -15.50 -7.33
C TYR F 103 -0.62 -15.01 -8.73
N VAL F 104 -1.55 -14.06 -8.83
CA VAL F 104 -1.88 -13.48 -10.14
C VAL F 104 -0.69 -12.68 -10.68
N GLY F 105 0.00 -11.94 -9.81
CA GLY F 105 1.21 -11.24 -10.23
C GLY F 105 2.32 -12.18 -10.66
N ARG F 106 2.50 -13.29 -9.95
CA ARG F 106 3.52 -14.27 -10.30
C ARG F 106 3.21 -14.96 -11.62
N GLN F 107 1.93 -15.29 -11.86
CA GLN F 107 1.58 -15.91 -13.13
C GLN F 107 1.70 -14.94 -14.29
N TYR F 108 1.45 -13.65 -14.06
CA TYR F 108 1.66 -12.66 -15.11
C TYR F 108 3.14 -12.50 -15.43
N LEU F 109 3.99 -12.51 -14.40
CA LEU F 109 5.44 -12.43 -14.62
C LEU F 109 5.97 -13.63 -15.40
N ILE F 110 5.54 -14.83 -15.04
CA ILE F 110 5.99 -16.03 -15.76
C ILE F 110 5.44 -16.04 -17.18
N ALA F 111 4.22 -15.52 -17.38
CA ALA F 111 3.66 -15.47 -18.74
C ALA F 111 4.38 -14.46 -19.62
N VAL F 112 4.83 -13.33 -19.05
CA VAL F 112 5.48 -12.32 -19.90
C VAL F 112 6.98 -12.50 -20.03
N LYS F 113 7.61 -13.33 -19.20
CA LYS F 113 9.04 -13.60 -19.41
C LYS F 113 9.28 -14.47 -20.63
N GLY F 114 8.27 -15.18 -21.14
CA GLY F 114 8.47 -16.07 -22.26
C GLY F 114 8.22 -15.43 -23.61
N GLU F 115 8.57 -14.15 -23.75
CA GLU F 115 8.45 -13.46 -25.02
C GLU F 115 9.75 -12.76 -25.39
N ALA F 116 9.72 -11.97 -26.45
CA ALA F 116 10.88 -11.21 -26.89
C ALA F 116 10.90 -9.80 -26.31
N LYS F 117 9.91 -9.43 -25.50
CA LYS F 117 9.85 -8.09 -24.89
C LYS F 117 9.17 -8.17 -23.52
N PRO F 118 9.87 -8.71 -22.51
CA PRO F 118 9.23 -8.83 -21.19
C PRO F 118 9.06 -7.50 -20.50
N THR F 119 10.04 -6.60 -20.67
CA THR F 119 9.93 -5.25 -20.14
C THR F 119 8.83 -4.47 -20.83
N ASP F 120 8.58 -4.74 -22.12
CA ASP F 120 7.50 -4.03 -22.82
C ASP F 120 6.13 -4.49 -22.34
N LYS F 121 5.98 -5.79 -22.03
CA LYS F 121 4.76 -6.28 -21.41
C LYS F 121 4.67 -5.93 -19.93
N GLU F 122 5.77 -5.45 -19.34
CA GLU F 122 5.73 -4.93 -17.98
C GLU F 122 5.39 -3.44 -17.93
N ILE F 123 5.77 -2.67 -18.95
CA ILE F 123 5.39 -1.27 -19.00
C ILE F 123 3.96 -1.10 -19.54
N ILE F 124 3.62 -1.80 -20.62
CA ILE F 124 2.29 -1.70 -21.22
C ILE F 124 1.61 -3.03 -20.98
N ILE F 125 0.63 -3.02 -20.07
CA ILE F 125 0.05 -4.25 -19.53
C ILE F 125 -0.78 -4.95 -20.60
N ASP F 126 -0.53 -6.25 -20.77
CA ASP F 126 -1.38 -7.07 -21.62
C ASP F 126 -2.70 -7.30 -20.90
N VAL F 127 -3.73 -6.54 -21.28
CA VAL F 127 -5.00 -6.57 -20.54
C VAL F 127 -5.78 -7.88 -20.71
N PRO F 128 -5.90 -8.51 -21.91
CA PRO F 128 -6.58 -9.81 -21.95
C PRO F 128 -5.88 -10.91 -21.16
N LEU F 129 -4.54 -10.95 -21.20
CA LEU F 129 -3.81 -11.95 -20.45
C LEU F 129 -3.89 -11.68 -18.96
N ALA F 130 -3.90 -10.41 -18.57
CA ALA F 130 -4.01 -10.06 -17.15
C ALA F 130 -5.40 -10.38 -16.60
N THR F 131 -6.45 -10.14 -17.39
CA THR F 131 -7.80 -10.51 -16.94
C THR F 131 -8.00 -12.01 -16.93
N LYS F 132 -7.38 -12.73 -17.88
CA LYS F 132 -7.44 -14.20 -17.90
C LYS F 132 -6.81 -14.77 -16.64
N LEU F 133 -5.61 -14.30 -16.29
CA LEU F 133 -4.96 -14.79 -15.07
C LEU F 133 -5.67 -14.29 -13.81
N ALA F 134 -6.30 -13.12 -13.87
CA ALA F 134 -7.03 -12.61 -12.72
C ALA F 134 -8.31 -13.41 -12.46
N TRP F 135 -8.96 -13.92 -13.50
CA TRP F 135 -10.09 -14.81 -13.24
C TRP F 135 -9.63 -16.21 -12.85
N GLN F 136 -8.56 -16.72 -13.47
CA GLN F 136 -8.06 -18.04 -13.12
C GLN F 136 -7.36 -18.10 -11.77
N GLY F 137 -7.11 -16.96 -11.12
CA GLY F 137 -6.44 -16.96 -9.84
C GLY F 137 -7.26 -17.38 -8.63
N ALA F 138 -8.50 -17.81 -8.83
CA ALA F 138 -9.34 -18.20 -7.71
C ALA F 138 -8.95 -19.54 -7.11
N GLY F 139 -8.27 -20.38 -7.86
CA GLY F 139 -7.78 -21.64 -7.32
C GLY F 139 -6.33 -21.55 -6.92
N TRP F 140 -5.92 -20.38 -6.41
CA TRP F 140 -4.54 -20.16 -6.04
C TRP F 140 -4.05 -21.02 -4.87
N PRO F 141 -4.81 -21.36 -3.80
CA PRO F 141 -4.17 -22.19 -2.76
C PRO F 141 -3.91 -23.61 -3.22
N LEU F 142 -4.83 -24.18 -4.00
CA LEU F 142 -4.63 -25.50 -4.57
C LEU F 142 -3.48 -25.50 -5.57
N ALA F 143 -3.45 -24.49 -6.46
CA ALA F 143 -2.36 -24.40 -7.43
C ALA F 143 -1.01 -24.12 -6.76
N ALA F 144 -1.02 -23.39 -5.65
CA ALA F 144 0.22 -23.09 -4.94
C ALA F 144 0.76 -24.31 -4.23
N VAL F 145 -0.10 -25.11 -3.60
CA VAL F 145 0.41 -26.29 -2.92
C VAL F 145 0.79 -27.37 -3.93
N GLN F 146 0.17 -27.37 -5.12
CA GLN F 146 0.62 -28.31 -6.15
C GLN F 146 1.98 -27.90 -6.73
N GLU F 147 2.18 -26.60 -6.98
CA GLU F 147 3.50 -26.14 -7.46
C GLU F 147 4.56 -26.27 -6.38
N LEU F 148 4.17 -26.22 -5.11
CA LEU F 148 5.07 -26.57 -4.03
C LEU F 148 5.49 -28.03 -4.08
N GLN F 149 4.51 -28.94 -4.22
CA GLN F 149 4.82 -30.36 -4.15
C GLN F 149 5.50 -30.91 -5.39
N ARG F 150 5.53 -30.15 -6.50
CA ARG F 150 6.26 -30.59 -7.68
C ARG F 150 7.70 -30.09 -7.72
N GLY F 151 8.08 -29.19 -6.82
CA GLY F 151 9.40 -28.60 -6.90
C GLY F 151 9.55 -27.56 -7.98
N THR F 152 8.45 -26.90 -8.36
CA THR F 152 8.49 -25.84 -9.35
C THR F 152 8.09 -24.48 -8.79
N LEU F 153 7.74 -24.43 -7.50
CA LEU F 153 7.51 -23.16 -6.83
C LEU F 153 8.81 -22.39 -6.66
N LEU F 154 9.93 -23.11 -6.53
CA LEU F 154 11.20 -22.55 -6.12
C LEU F 154 12.25 -22.67 -7.21
N GLU F 155 12.99 -21.58 -7.40
CA GLU F 155 14.18 -21.59 -8.22
C GLU F 155 15.30 -22.28 -7.45
N LYS F 156 16.18 -22.98 -8.18
CA LYS F 156 17.33 -23.63 -7.58
C LYS F 156 18.42 -22.58 -7.33
N GLU F 157 19.64 -23.03 -7.00
CA GLU F 157 20.74 -22.10 -6.82
C GLU F 157 21.44 -21.80 -8.15
N GLU F 158 20.64 -21.26 -9.06
CA GLU F 158 21.12 -20.46 -10.19
C GLU F 158 20.82 -18.99 -9.97
N ASN F 159 20.60 -18.60 -8.72
CA ASN F 159 20.31 -17.23 -8.37
C ASN F 159 21.58 -16.40 -8.39
N ILE F 160 21.39 -15.08 -8.39
CA ILE F 160 22.52 -14.16 -8.29
C ILE F 160 23.02 -14.12 -6.85
N THR F 161 24.33 -14.27 -6.68
CA THR F 161 24.93 -14.22 -5.36
C THR F 161 26.15 -13.31 -5.38
N VAL F 162 26.46 -12.74 -4.21
CA VAL F 162 27.59 -11.83 -4.10
C VAL F 162 28.90 -12.61 -4.03
N SER F 163 30.01 -11.88 -3.98
CA SER F 163 31.33 -12.49 -3.92
C SER F 163 31.50 -13.31 -2.66
N PRO F 164 30.95 -12.83 -1.55
CA PRO F 164 31.04 -13.53 -0.27
C PRO F 164 30.21 -14.82 -0.24
N ARG F 165 28.97 -14.72 -0.71
CA ARG F 165 28.05 -15.83 -0.81
C ARG F 165 26.79 -15.60 0.02
N LEU G 2 22.24 -33.11 63.52
CA LEU G 2 22.46 -34.29 62.70
C LEU G 2 23.77 -34.98 63.06
N ASP G 3 24.40 -35.61 62.06
CA ASP G 3 25.70 -36.25 62.20
C ASP G 3 26.60 -35.65 61.12
N PRO G 4 27.17 -34.47 61.36
CA PRO G 4 27.88 -33.76 60.28
C PRO G 4 29.17 -34.44 59.86
N GLN G 5 29.92 -34.99 60.82
CA GLN G 5 31.15 -35.71 60.50
C GLN G 5 30.86 -36.96 59.69
N ILE G 6 29.79 -37.68 60.04
CA ILE G 6 29.42 -38.89 59.32
C ILE G 6 28.97 -38.55 57.91
N VAL G 7 28.16 -37.50 57.74
CA VAL G 7 27.64 -37.16 56.41
C VAL G 7 28.76 -36.65 55.51
N ILE G 8 29.61 -35.75 56.01
CA ILE G 8 30.69 -35.19 55.20
C ILE G 8 31.74 -36.25 54.87
N SER G 9 32.13 -37.07 55.86
CA SER G 9 33.13 -38.09 55.62
C SER G 9 32.62 -39.19 54.70
N GLY G 10 31.34 -39.57 54.83
CA GLY G 10 30.79 -40.59 53.96
C GLY G 10 30.60 -40.09 52.54
N SER G 11 30.20 -38.83 52.38
CA SER G 11 30.04 -38.27 51.03
C SER G 11 31.39 -38.10 50.34
N THR G 12 32.39 -37.65 51.07
CA THR G 12 33.73 -37.51 50.49
C THR G 12 34.33 -38.88 50.17
N ALA G 13 34.10 -39.87 51.03
CA ALA G 13 34.57 -41.22 50.78
C ALA G 13 33.88 -41.84 49.56
N ALA G 14 32.57 -41.59 49.42
CA ALA G 14 31.83 -42.13 48.28
C ALA G 14 32.28 -41.51 46.97
N PHE G 15 32.46 -40.18 46.94
CA PHE G 15 32.87 -39.54 45.70
C PHE G 15 34.33 -39.84 45.35
N LEU G 16 35.21 -39.91 46.34
CA LEU G 16 36.60 -40.30 46.08
C LEU G 16 36.70 -41.74 45.61
N ALA G 17 35.92 -42.65 46.22
CA ALA G 17 35.93 -44.04 45.79
C ALA G 17 35.34 -44.19 44.39
N ILE G 18 34.31 -43.43 44.08
CA ILE G 18 33.66 -43.63 42.79
C ILE G 18 34.51 -43.04 41.66
N GLY G 19 35.19 -41.91 41.90
CA GLY G 19 36.12 -41.38 40.92
C GLY G 19 37.42 -42.14 40.87
N ARG G 20 37.79 -42.82 41.95
CA ARG G 20 38.97 -43.66 41.96
C ARG G 20 38.75 -44.95 41.18
N PHE G 21 37.56 -45.53 41.28
CA PHE G 21 37.38 -46.87 40.73
C PHE G 21 36.62 -46.94 39.41
N VAL G 22 35.60 -46.12 39.16
CA VAL G 22 34.83 -46.31 37.93
C VAL G 22 34.95 -45.15 36.94
N PHE G 23 35.30 -43.95 37.38
CA PHE G 23 35.39 -42.83 36.46
C PHE G 23 36.83 -42.45 36.14
N LEU G 24 37.81 -43.15 36.71
CA LEU G 24 39.21 -42.81 36.47
C LEU G 24 39.61 -43.09 35.03
N GLY G 25 39.23 -44.24 34.48
CA GLY G 25 39.58 -44.56 33.11
C GLY G 25 38.91 -43.64 32.11
N TYR G 26 37.67 -43.24 32.39
CA TYR G 26 36.98 -42.30 31.50
C TYR G 26 37.58 -40.91 31.59
N GLN G 27 38.04 -40.51 32.78
CA GLN G 27 38.72 -39.22 32.91
C GLN G 27 40.09 -39.24 32.24
N ARG G 28 40.76 -40.39 32.21
CA ARG G 28 42.03 -40.47 31.49
C ARG G 28 41.82 -40.56 29.99
N ARG G 29 40.68 -41.08 29.55
CA ARG G 29 40.38 -41.06 28.12
C ARG G 29 40.02 -39.67 27.64
N GLU G 30 39.26 -38.92 28.44
CA GLU G 30 38.80 -37.61 27.99
C GLU G 30 39.85 -36.51 28.13
N ALA G 31 40.83 -36.67 29.03
CA ALA G 31 41.88 -35.69 29.21
C ALA G 31 43.01 -35.83 28.20
N ASN G 32 42.95 -36.82 27.31
CA ASN G 32 44.00 -37.02 26.32
C ASN G 32 43.44 -36.85 24.92
N ILE G 56 52.13 -34.33 42.11
CA ILE G 56 51.41 -33.86 40.93
C ILE G 56 51.79 -34.69 39.71
N PHE G 57 53.08 -34.74 39.40
CA PHE G 57 53.55 -35.44 38.21
C PHE G 57 53.95 -36.89 38.49
N ALA G 58 53.96 -37.32 39.74
CA ALA G 58 54.38 -38.68 40.09
C ALA G 58 53.80 -39.06 41.44
N THR G 59 53.16 -40.22 41.50
CA THR G 59 52.59 -40.75 42.74
C THR G 59 52.91 -42.23 42.85
N ASN G 60 52.78 -42.75 44.08
CA ASN G 60 52.95 -44.16 44.36
C ASN G 60 51.76 -45.00 43.92
N ASP G 61 50.61 -44.37 43.71
CA ASP G 61 49.39 -45.09 43.35
C ASP G 61 49.51 -45.83 42.04
N PRO G 62 48.94 -47.03 41.97
CA PRO G 62 49.08 -47.77 40.70
C PRO G 62 48.17 -47.29 39.59
N ALA G 63 47.26 -46.35 39.84
CA ALA G 63 46.41 -45.79 38.81
C ALA G 63 46.77 -44.35 38.45
N GLY G 64 47.79 -43.79 39.10
CA GLY G 64 48.11 -42.39 38.87
C GLY G 64 47.10 -41.43 39.46
N PHE G 65 46.44 -41.82 40.55
CA PHE G 65 45.40 -41.02 41.18
C PHE G 65 46.07 -40.00 42.08
N ASN G 66 46.39 -38.84 41.52
CA ASN G 66 47.29 -37.90 42.16
C ASN G 66 46.54 -36.91 43.06
N ILE G 67 47.26 -35.88 43.52
CA ILE G 67 46.76 -34.92 44.49
C ILE G 67 45.63 -34.09 43.89
N ILE G 68 45.71 -33.80 42.59
CA ILE G 68 44.69 -32.98 41.94
C ILE G 68 43.41 -33.77 41.69
N ASP G 69 43.54 -35.07 41.40
CA ASP G 69 42.38 -35.95 41.35
C ASP G 69 41.72 -36.05 42.73
N VAL G 70 42.54 -36.18 43.79
CA VAL G 70 42.02 -36.16 45.15
C VAL G 70 41.29 -34.86 45.44
N ALA G 71 41.85 -33.73 44.99
CA ALA G 71 41.26 -32.42 45.24
C ALA G 71 39.93 -32.26 44.53
N GLY G 72 39.84 -32.68 43.26
CA GLY G 72 38.60 -32.57 42.52
C GLY G 72 37.49 -33.45 43.06
N TRP G 73 37.80 -34.74 43.28
CA TRP G 73 36.74 -35.65 43.72
C TRP G 73 36.36 -35.41 45.19
N GLY G 74 37.30 -35.00 46.03
CA GLY G 74 36.94 -34.61 47.38
C GLY G 74 36.20 -33.28 47.43
N ALA G 75 36.45 -32.39 46.46
CA ALA G 75 35.67 -31.16 46.36
C ALA G 75 34.22 -31.47 46.02
N LEU G 76 33.99 -32.39 45.07
CA LEU G 76 32.64 -32.85 44.79
C LEU G 76 32.02 -33.53 46.00
N GLY G 77 32.82 -34.27 46.77
CA GLY G 77 32.31 -34.93 47.97
C GLY G 77 31.87 -33.95 49.05
N HIS G 78 32.73 -32.98 49.39
CA HIS G 78 32.37 -31.93 50.35
C HIS G 78 31.17 -31.11 49.88
N ALA G 79 31.09 -30.81 48.57
CA ALA G 79 29.98 -29.99 48.07
C ALA G 79 28.65 -30.73 48.17
N VAL G 80 28.60 -31.99 47.74
CA VAL G 80 27.37 -32.77 47.83
C VAL G 80 27.03 -33.07 49.29
N GLY G 81 28.03 -33.28 50.15
CA GLY G 81 27.75 -33.52 51.56
C GLY G 81 27.15 -32.32 52.27
N PHE G 82 27.70 -31.13 52.03
CA PHE G 82 27.11 -29.94 52.63
C PHE G 82 25.77 -29.59 52.01
N ALA G 83 25.54 -29.94 50.74
CA ALA G 83 24.21 -29.76 50.15
C ALA G 83 23.18 -30.66 50.82
N VAL G 84 23.54 -31.92 51.08
CA VAL G 84 22.65 -32.85 51.77
C VAL G 84 22.40 -32.39 53.21
N LEU G 85 23.44 -31.90 53.89
CA LEU G 85 23.27 -31.36 55.25
C LEU G 85 22.36 -30.13 55.27
N ALA G 86 22.48 -29.27 54.26
CA ALA G 86 21.65 -28.06 54.23
C ALA G 86 20.19 -28.39 53.91
N ILE G 87 19.95 -29.33 52.98
CA ILE G 87 18.59 -29.73 52.66
C ILE G 87 17.94 -30.43 53.86
N ASN G 88 18.70 -31.26 54.57
CA ASN G 88 18.17 -31.89 55.77
C ASN G 88 17.98 -30.89 56.91
N SER G 89 18.76 -29.81 56.94
CA SER G 89 18.54 -28.77 57.94
C SER G 89 17.28 -27.97 57.64
N LEU G 90 17.00 -27.74 56.36
CA LEU G 90 15.74 -27.13 55.96
C LEU G 90 14.56 -28.07 56.16
N GLN G 91 14.82 -29.39 56.19
CA GLN G 91 13.82 -30.46 56.30
C GLN G 91 12.85 -30.41 55.13
N GLY G 92 13.41 -30.55 53.93
CA GLY G 92 12.62 -30.47 52.70
C GLY G 92 12.58 -31.78 51.92
N PRO H 68 39.69 15.58 59.11
CA PRO H 68 40.49 16.59 58.39
C PRO H 68 40.30 16.49 56.88
N PHE H 69 39.07 16.73 56.43
CA PHE H 69 38.70 16.46 55.05
C PHE H 69 38.08 17.64 54.32
N VAL H 70 37.39 18.54 55.01
CA VAL H 70 36.56 19.56 54.39
C VAL H 70 37.43 20.66 53.79
N PRO H 71 37.35 20.90 52.47
CA PRO H 71 38.06 22.04 51.91
C PRO H 71 37.38 23.34 52.30
N PRO H 72 38.13 24.46 52.35
CA PRO H 72 37.60 25.67 53.00
C PRO H 72 36.49 26.38 52.25
N SER H 73 35.96 27.46 52.84
CA SER H 73 34.79 28.14 52.30
C SER H 73 35.11 28.98 51.06
N TRP H 74 36.37 29.32 50.82
CA TRP H 74 36.75 30.07 49.64
C TRP H 74 37.08 29.19 48.44
N ALA H 75 36.91 27.88 48.57
CA ALA H 75 37.47 26.95 47.58
C ALA H 75 36.83 27.00 46.18
N PRO H 76 35.50 27.13 46.00
CA PRO H 76 35.01 27.27 44.62
C PRO H 76 35.47 28.54 43.92
N SER H 77 35.62 29.64 44.67
CA SER H 77 36.04 30.93 44.11
C SER H 77 37.43 30.89 43.49
N VAL H 78 38.26 29.92 43.85
CA VAL H 78 39.54 29.71 43.21
C VAL H 78 39.49 28.54 42.24
N PHE H 79 38.93 27.39 42.66
CA PHE H 79 39.06 26.18 41.88
C PHE H 79 38.17 26.18 40.64
N VAL H 80 37.01 26.81 40.68
CA VAL H 80 36.13 26.85 39.50
C VAL H 80 36.70 27.75 38.42
N PRO H 81 37.17 29.00 38.67
CA PRO H 81 37.82 29.72 37.57
C PRO H 81 39.17 29.17 37.16
N LEU H 82 39.85 28.41 38.04
CA LEU H 82 41.12 27.79 37.69
C LEU H 82 40.94 26.78 36.57
N THR H 83 40.16 25.72 36.82
CA THR H 83 39.87 24.73 35.79
C THR H 83 38.87 25.22 34.75
N GLY H 84 38.25 26.38 34.95
CA GLY H 84 37.38 26.95 33.94
C GLY H 84 38.11 27.78 32.91
N LEU H 85 39.13 28.52 33.33
CA LEU H 85 39.82 29.47 32.46
C LEU H 85 41.30 29.18 32.33
N VAL H 86 42.02 28.98 33.43
CA VAL H 86 43.48 28.99 33.41
C VAL H 86 44.02 27.69 32.82
N LEU H 87 43.59 26.56 33.37
CA LEU H 87 43.97 25.27 32.78
C LEU H 87 43.44 25.02 31.37
N PRO H 88 42.23 25.47 30.96
CA PRO H 88 41.93 25.40 29.52
C PRO H 88 42.81 26.28 28.66
N ALA H 89 43.22 27.46 29.14
CA ALA H 89 44.09 28.33 28.35
C ALA H 89 45.48 27.73 28.19
N ILE H 90 46.04 27.23 29.29
CA ILE H 90 47.35 26.58 29.26
C ILE H 90 47.29 25.31 28.42
N ALA H 91 46.21 24.54 28.55
CA ALA H 91 46.07 23.28 27.81
C ALA H 91 45.90 23.52 26.32
N MET H 92 45.09 24.51 25.93
CA MET H 92 44.89 24.79 24.51
C MET H 92 46.12 25.42 23.89
N ALA H 93 46.85 26.27 24.63
CA ALA H 93 48.10 26.82 24.12
C ALA H 93 49.16 25.73 23.95
N THR H 94 49.27 24.83 24.93
CA THR H 94 50.25 23.75 24.87
C THR H 94 49.92 22.76 23.76
N LEU H 95 48.65 22.39 23.61
CA LEU H 95 48.25 21.49 22.54
C LEU H 95 48.36 22.15 21.18
N PHE H 96 48.15 23.46 21.08
CA PHE H 96 48.33 24.17 19.81
C PHE H 96 49.79 24.21 19.39
N VAL H 97 50.71 24.47 20.34
CA VAL H 97 52.12 24.45 20.03
C VAL H 97 52.60 23.03 19.72
N TYR H 98 51.99 22.02 20.36
CA TYR H 98 52.35 20.64 20.04
C TYR H 98 51.83 20.21 18.67
N ILE H 99 50.64 20.68 18.29
CA ILE H 99 50.09 20.37 16.96
C ILE H 99 50.95 21.00 15.87
N GLU H 100 51.29 22.28 16.01
CA GLU H 100 51.91 23.00 14.91
C GLU H 100 53.43 22.83 14.85
N LYS H 101 53.99 21.88 15.59
CA LYS H 101 55.44 21.75 15.66
C LYS H 101 55.99 21.00 14.46
N GLU H 102 57.07 21.53 13.89
CA GLU H 102 57.72 20.96 12.73
C GLU H 102 58.53 19.72 13.13
N ALA H 103 58.58 18.74 12.24
CA ALA H 103 59.48 17.61 12.42
C ALA H 103 60.85 17.94 11.81
N PRO H 104 61.95 17.48 12.43
CA PRO H 104 63.30 17.70 11.88
C PRO H 104 63.54 17.00 10.55
N MET I 1 -7.15 4.11 -32.83
CA MET I 1 -7.95 3.49 -31.77
C MET I 1 -7.16 2.36 -31.12
N LYS I 2 -6.38 1.66 -31.95
CA LYS I 2 -5.46 0.65 -31.42
C LYS I 2 -4.38 1.29 -30.56
N ASP I 3 -3.85 2.43 -31.01
CA ASP I 3 -2.86 3.16 -30.23
C ASP I 3 -3.46 3.79 -28.99
N PHE I 4 -4.73 4.20 -29.05
CA PHE I 4 -5.40 4.72 -27.86
C PHE I 4 -5.65 3.62 -26.84
N THR I 5 -5.94 2.39 -27.31
CA THR I 5 -6.08 1.29 -26.37
C THR I 5 -4.73 0.85 -25.80
N THR I 6 -3.64 0.99 -26.57
CA THR I 6 -2.32 0.73 -26.03
C THR I 6 -1.95 1.76 -24.96
N TYR I 7 -2.31 3.02 -25.20
CA TYR I 7 -2.11 4.06 -24.18
C TYR I 7 -2.95 3.80 -22.94
N LEU I 8 -4.17 3.29 -23.11
CA LEU I 8 -4.96 2.92 -21.95
C LEU I 8 -4.43 1.68 -21.26
N SER I 9 -3.70 0.84 -21.99
CA SER I 9 -3.03 -0.32 -21.41
C SER I 9 -1.73 0.02 -20.71
N THR I 10 -1.18 1.22 -20.93
CA THR I 10 0.02 1.66 -20.21
C THR I 10 -0.21 1.68 -18.69
N ALA I 11 0.90 1.62 -17.96
CA ALA I 11 0.89 1.34 -16.51
C ALA I 11 0.18 2.36 -15.63
N PRO I 12 0.37 3.70 -15.74
CA PRO I 12 -0.32 4.59 -14.79
C PRO I 12 -1.82 4.68 -15.03
N VAL I 13 -2.27 4.50 -16.28
CA VAL I 13 -3.69 4.56 -16.57
C VAL I 13 -4.40 3.34 -15.98
N ILE I 14 -3.79 2.16 -16.10
CA ILE I 14 -4.36 0.96 -15.52
C ILE I 14 -4.31 1.00 -14.00
N ALA I 15 -3.24 1.58 -13.43
CA ALA I 15 -3.19 1.77 -11.98
C ALA I 15 -4.29 2.69 -11.51
N THR I 16 -4.59 3.74 -12.29
CA THR I 16 -5.66 4.68 -11.95
C THR I 16 -7.03 4.03 -12.03
N ILE I 17 -7.30 3.31 -13.12
CA ILE I 17 -8.59 2.65 -13.30
C ILE I 17 -8.79 1.56 -12.25
N TRP I 18 -7.74 0.78 -11.97
CA TRP I 18 -7.86 -0.33 -11.04
C TRP I 18 -7.99 0.14 -9.60
N PHE I 19 -7.27 1.20 -9.23
CA PHE I 19 -7.42 1.74 -7.89
C PHE I 19 -8.74 2.48 -7.73
N THR I 20 -9.26 3.06 -8.81
CA THR I 20 -10.59 3.66 -8.78
C THR I 20 -11.65 2.59 -8.57
N PHE I 21 -11.51 1.44 -9.25
CA PHE I 21 -12.43 0.33 -9.07
C PHE I 21 -12.35 -0.24 -7.66
N THR I 22 -11.13 -0.45 -7.15
CA THR I 22 -10.96 -1.05 -5.82
C THR I 22 -11.43 -0.11 -4.72
N ALA I 23 -11.11 1.18 -4.84
CA ALA I 23 -11.55 2.16 -3.86
C ALA I 23 -13.05 2.36 -3.91
N GLY I 24 -13.65 2.41 -5.11
CA GLY I 24 -15.09 2.49 -5.22
C GLY I 24 -15.80 1.27 -4.69
N LEU I 25 -15.22 0.08 -4.89
CA LEU I 25 -15.79 -1.15 -4.35
C LEU I 25 -15.79 -1.15 -2.83
N LEU I 26 -14.67 -0.74 -2.22
CA LEU I 26 -14.61 -0.62 -0.76
C LEU I 26 -15.55 0.47 -0.24
N ILE I 27 -15.68 1.57 -0.99
CA ILE I 27 -16.58 2.65 -0.61
C ILE I 27 -18.04 2.20 -0.65
N GLU I 28 -18.40 1.47 -1.70
CA GLU I 28 -19.76 0.95 -1.82
C GLU I 28 -20.07 -0.04 -0.69
N ILE I 29 -19.11 -0.92 -0.38
CA ILE I 29 -19.28 -1.89 0.70
C ILE I 29 -19.42 -1.18 2.05
N ASN I 30 -18.65 -0.12 2.28
CA ASN I 30 -18.78 0.62 3.53
C ASN I 30 -20.03 1.49 3.58
N ARG I 31 -20.60 1.84 2.43
CA ARG I 31 -21.90 2.52 2.48
C ARG I 31 -23.02 1.55 2.82
N TYR I 32 -23.16 0.47 2.05
CA TYR I 32 -24.30 -0.43 2.26
C TYR I 32 -24.14 -1.28 3.51
N PHE I 33 -22.92 -1.55 3.94
CA PHE I 33 -22.65 -2.23 5.21
C PHE I 33 -21.91 -1.23 6.08
N PRO I 34 -22.61 -0.36 6.80
CA PRO I 34 -21.93 0.71 7.53
C PRO I 34 -21.25 0.20 8.79
N ASP I 35 -20.00 0.64 8.99
CA ASP I 35 -19.13 0.42 10.13
C ASP I 35 -18.89 -1.05 10.49
N PRO I 36 -18.24 -1.88 9.62
CA PRO I 36 -17.99 -3.27 10.03
C PRO I 36 -16.67 -3.46 10.76
N LEU I 37 -16.70 -4.12 11.90
CA LEU I 37 -15.49 -4.40 12.67
C LEU I 37 -15.18 -5.88 12.81
N VAL I 38 -16.20 -6.74 12.78
CA VAL I 38 -16.04 -8.17 13.02
C VAL I 38 -16.61 -8.97 11.84
N PHE I 39 -16.64 -10.29 12.00
CA PHE I 39 -17.03 -11.28 10.97
C PHE I 39 -16.17 -11.17 9.73
N PHE J 3 -19.11 75.65 -25.22
CA PHE J 3 -17.81 74.98 -25.14
C PHE J 3 -16.87 75.48 -26.22
N ILE J 4 -17.42 75.87 -27.36
CA ILE J 4 -16.62 76.37 -28.47
C ILE J 4 -16.13 77.77 -28.14
N GLY J 5 -14.81 77.98 -28.25
CA GLY J 5 -14.20 79.23 -27.89
C GLY J 5 -13.77 79.34 -26.45
N SER J 6 -14.03 78.32 -25.63
CA SER J 6 -13.64 78.35 -24.23
C SER J 6 -12.13 78.13 -24.10
N SER J 7 -11.64 78.28 -22.86
CA SER J 7 -10.21 78.18 -22.61
C SER J 7 -9.70 76.76 -22.80
N THR J 8 -10.51 75.77 -22.41
CA THR J 8 -10.12 74.37 -22.60
C THR J 8 -10.06 74.02 -24.09
N ASN J 9 -11.02 74.53 -24.87
CA ASN J 9 -11.02 74.34 -26.31
C ASN J 9 -9.79 74.99 -26.94
N LEU J 10 -9.44 76.20 -26.48
CA LEU J 10 -8.27 76.91 -27.03
C LEU J 10 -6.98 76.18 -26.70
N ILE J 11 -6.86 75.66 -25.48
CA ILE J 11 -5.64 74.92 -25.09
C ILE J 11 -5.54 73.61 -25.86
N MET J 12 -6.66 72.90 -26.05
CA MET J 12 -6.63 71.65 -26.79
C MET J 12 -6.29 71.85 -28.27
N VAL J 13 -6.90 72.86 -28.89
CA VAL J 13 -6.60 73.16 -30.30
C VAL J 13 -5.17 73.66 -30.46
N ALA J 14 -4.69 74.46 -29.50
CA ALA J 14 -3.31 74.95 -29.56
C ALA J 14 -2.31 73.83 -29.37
N SER J 15 -2.62 72.86 -28.50
CA SER J 15 -1.73 71.73 -28.28
C SER J 15 -1.68 70.82 -29.50
N THR J 16 -2.84 70.56 -30.11
CA THR J 16 -2.88 69.71 -31.30
C THR J 16 -2.18 70.38 -32.48
N THR J 17 -2.39 71.68 -32.67
CA THR J 17 -1.70 72.39 -33.75
C THR J 17 -0.20 72.50 -33.50
N ALA J 18 0.23 72.66 -32.24
CA ALA J 18 1.65 72.73 -31.94
C ALA J 18 2.34 71.40 -32.18
N THR J 19 1.70 70.29 -31.80
CA THR J 19 2.33 68.99 -32.03
C THR J 19 2.25 68.58 -33.50
N LEU J 20 1.21 69.01 -34.23
CA LEU J 20 1.16 68.72 -35.66
C LEU J 20 2.12 69.60 -36.46
N ALA J 21 2.41 70.81 -35.98
CA ALA J 21 3.43 71.64 -36.62
C ALA J 21 4.84 71.22 -36.23
N ALA J 22 5.01 70.57 -35.09
CA ALA J 22 6.30 70.03 -34.70
C ALA J 22 6.68 68.83 -35.57
N THR J 59 2.39 61.74 -43.08
CA THR J 59 1.53 60.60 -43.36
C THR J 59 0.45 60.46 -42.29
N ILE J 60 -0.34 59.39 -42.41
CA ILE J 60 -1.41 59.12 -41.44
C ILE J 60 -0.82 58.74 -40.09
N VAL J 61 0.35 58.09 -40.09
CA VAL J 61 0.99 57.63 -38.86
C VAL J 61 1.46 58.82 -38.03
N ASP J 62 2.06 59.82 -38.68
CA ASP J 62 2.49 61.02 -37.96
C ASP J 62 1.29 61.82 -37.47
N VAL J 63 0.18 61.81 -38.21
CA VAL J 63 -1.04 62.46 -37.77
C VAL J 63 -1.58 61.81 -36.49
N LEU J 64 -1.64 60.47 -36.48
CA LEU J 64 -2.12 59.75 -35.29
C LEU J 64 -1.19 59.95 -34.10
N ALA J 65 0.13 59.88 -34.33
CA ALA J 65 1.10 59.97 -33.23
C ALA J 65 1.12 61.38 -32.63
N MET J 66 1.20 62.41 -33.48
CA MET J 66 1.25 63.76 -32.94
C MET J 66 -0.11 64.22 -32.44
N GLY J 67 -1.21 63.65 -32.93
CA GLY J 67 -2.50 63.98 -32.36
C GLY J 67 -2.71 63.35 -31.00
N ALA J 68 -2.21 62.12 -30.80
CA ALA J 68 -2.24 61.50 -29.48
C ALA J 68 -1.36 62.25 -28.49
N ALA J 69 -0.17 62.69 -28.93
CA ALA J 69 0.70 63.48 -28.07
C ALA J 69 0.10 64.85 -27.76
N GLY J 70 -0.58 65.46 -28.75
CA GLY J 70 -1.21 66.74 -28.52
C GLY J 70 -2.39 66.66 -27.57
N HIS J 71 -3.21 65.60 -27.70
CA HIS J 71 -4.29 65.39 -26.75
C HIS J 71 -3.78 65.09 -25.35
N GLY J 72 -2.68 64.34 -25.23
CA GLY J 72 -2.11 64.09 -23.91
C GLY J 72 -1.58 65.35 -23.25
N LEU J 73 -0.79 66.13 -24.00
CA LEU J 73 -0.26 67.39 -23.50
C LEU J 73 -1.37 68.40 -23.20
N GLY J 74 -2.42 68.42 -24.02
CA GLY J 74 -3.51 69.36 -23.80
C GLY J 74 -4.36 69.01 -22.59
N VAL J 75 -4.66 67.71 -22.41
CA VAL J 75 -5.39 67.27 -21.22
C VAL J 75 -4.57 67.54 -19.96
N GLY J 76 -3.24 67.35 -20.04
CA GLY J 76 -2.38 67.69 -18.92
C GLY J 76 -2.38 69.16 -18.56
N ILE J 77 -2.29 70.04 -19.56
CA ILE J 77 -2.27 71.48 -19.31
C ILE J 77 -3.63 71.97 -18.82
N VAL J 78 -4.72 71.44 -19.39
CA VAL J 78 -6.06 71.85 -18.97
C VAL J 78 -6.34 71.44 -17.53
N LEU J 79 -6.03 70.18 -17.18
CA LEU J 79 -6.25 69.74 -15.81
C LEU J 79 -5.23 70.32 -14.83
N GLY J 80 -4.11 70.83 -15.33
CA GLY J 80 -3.12 71.40 -14.44
C GLY J 80 -3.29 72.88 -14.16
N LEU J 81 -3.83 73.63 -15.12
CA LEU J 81 -4.08 75.04 -14.89
C LEU J 81 -5.29 75.26 -13.99
N LYS J 82 -6.13 74.26 -13.79
CA LYS J 82 -7.24 74.38 -12.85
C LYS J 82 -6.75 74.33 -11.41
N GLY J 83 -5.73 73.52 -11.13
CA GLY J 83 -5.18 73.41 -9.79
C GLY J 83 -3.88 74.19 -9.62
N GLY K 13 45.97 37.67 -14.81
CA GLY K 13 46.00 39.04 -14.32
C GLY K 13 45.10 39.20 -13.09
N MET K 14 45.30 40.30 -12.37
CA MET K 14 44.50 40.59 -11.18
C MET K 14 43.51 41.69 -11.50
N LEU K 15 42.32 41.59 -10.94
CA LEU K 15 41.26 42.57 -11.15
C LEU K 15 41.67 43.92 -10.57
N GLU K 16 41.31 44.99 -11.29
CA GLU K 16 41.64 46.34 -10.87
C GLU K 16 40.44 47.05 -10.25
N THR K 17 40.65 47.60 -9.06
CA THR K 17 39.62 48.31 -8.33
C THR K 17 40.23 49.53 -7.66
N PRO K 18 39.46 50.60 -7.50
CA PRO K 18 40.01 51.79 -6.82
C PRO K 18 40.47 51.43 -5.42
N VAL K 19 39.73 50.53 -4.79
CA VAL K 19 40.01 50.09 -3.44
C VAL K 19 41.36 49.42 -3.26
N THR K 20 41.81 48.61 -4.22
CA THR K 20 43.08 47.94 -4.03
C THR K 20 44.25 48.71 -4.63
N SER K 21 44.00 49.64 -5.55
CA SER K 21 45.07 50.29 -6.31
C SER K 21 44.93 51.80 -6.28
N ALA K 22 44.50 52.35 -5.12
CA ALA K 22 44.49 53.80 -5.08
C ALA K 22 45.75 54.33 -4.40
N PRO K 23 46.26 55.48 -4.86
CA PRO K 23 47.47 56.03 -4.23
C PRO K 23 47.25 56.50 -2.80
N ILE K 24 46.08 57.04 -2.48
CA ILE K 24 45.79 57.43 -1.10
C ILE K 24 45.70 56.20 -0.20
N VAL K 25 45.17 55.09 -0.73
CA VAL K 25 45.12 53.84 0.02
C VAL K 25 46.52 53.30 0.24
N ALA K 26 47.38 53.38 -0.78
CA ALA K 26 48.76 52.91 -0.66
C ALA K 26 49.55 53.74 0.35
N THR K 27 49.37 55.06 0.35
CA THR K 27 50.05 55.91 1.32
C THR K 27 49.53 55.68 2.74
N TYR K 28 48.23 55.46 2.90
CA TYR K 28 47.68 55.20 4.22
C TYR K 28 48.15 53.87 4.79
N LEU K 29 48.18 52.82 3.94
CA LEU K 29 48.70 51.54 4.38
C LEU K 29 50.19 51.58 4.64
N SER K 30 50.95 52.39 3.88
CA SER K 30 52.37 52.51 4.16
C SER K 30 52.64 53.36 5.39
N ASN K 31 51.68 54.18 5.82
CA ASN K 31 51.86 54.97 7.03
C ASN K 31 51.35 54.29 8.29
N LEU K 32 50.52 53.26 8.18
CA LEU K 32 50.09 52.53 9.37
C LEU K 32 51.25 51.68 9.95
N PRO K 33 51.31 51.54 11.28
CA PRO K 33 52.54 51.01 11.92
C PRO K 33 52.83 49.54 11.70
N ALA K 34 52.05 48.81 10.93
CA ALA K 34 52.38 47.42 10.63
C ALA K 34 53.16 47.27 9.33
N TYR K 35 53.68 48.37 8.78
CA TYR K 35 54.17 48.37 7.41
C TYR K 35 55.46 49.15 7.20
N ARG K 36 56.02 49.81 8.21
CA ARG K 36 57.00 50.86 7.94
C ARG K 36 58.37 50.32 7.54
N THR K 37 58.69 49.07 7.88
CA THR K 37 59.85 48.31 7.39
C THR K 37 61.16 49.04 7.74
N GLY K 38 61.45 49.03 9.03
CA GLY K 38 62.62 49.73 9.54
C GLY K 38 62.41 50.34 10.91
N VAL K 39 61.21 50.21 11.46
CA VAL K 39 60.97 50.50 12.85
C VAL K 39 61.00 49.19 13.63
N ALA K 40 61.20 49.30 14.94
CA ALA K 40 61.42 48.13 15.76
C ALA K 40 60.11 47.38 16.02
N PRO K 41 60.17 46.05 16.16
CA PRO K 41 58.96 45.29 16.53
C PRO K 41 58.41 45.65 17.90
N VAL K 42 59.26 46.04 18.85
CA VAL K 42 58.81 46.55 20.13
C VAL K 42 57.99 47.82 19.95
N LEU K 43 58.45 48.71 19.05
CA LEU K 43 57.76 49.97 18.82
C LEU K 43 56.45 49.75 18.09
N ARG K 44 56.42 48.83 17.12
CA ARG K 44 55.18 48.45 16.46
C ARG K 44 54.18 47.88 17.45
N GLY K 45 54.67 47.03 18.36
CA GLY K 45 53.80 46.45 19.37
C GLY K 45 53.23 47.47 20.33
N VAL K 46 54.06 48.41 20.79
CA VAL K 46 53.55 49.38 21.76
C VAL K 46 52.59 50.36 21.10
N GLU K 47 52.80 50.69 19.81
CA GLU K 47 51.85 51.60 19.15
C GLU K 47 50.53 50.91 18.86
N ILE K 48 50.58 49.65 18.38
CA ILE K 48 49.36 48.89 18.14
C ILE K 48 48.61 48.60 19.44
N GLY K 49 49.33 48.38 20.53
CA GLY K 49 48.68 48.18 21.81
C GLY K 49 48.05 49.44 22.38
N LEU K 50 48.74 50.57 22.25
CA LEU K 50 48.17 51.86 22.67
C LEU K 50 46.92 52.22 21.87
N ALA K 51 46.84 51.79 20.61
CA ALA K 51 45.61 51.98 19.87
C ALA K 51 44.51 51.04 20.37
N HIS K 52 44.80 49.73 20.39
CA HIS K 52 43.73 48.75 20.56
C HIS K 52 43.22 48.65 21.99
N GLY K 53 44.08 48.82 23.02
CA GLY K 53 43.56 48.81 24.37
C GLY K 53 42.71 50.03 24.68
N PHE K 54 43.10 51.19 24.13
CA PHE K 54 42.33 52.42 24.29
C PHE K 54 40.97 52.31 23.64
N LEU K 55 40.88 51.64 22.47
CA LEU K 55 39.54 51.45 21.92
C LEU K 55 38.76 50.35 22.64
N LEU K 56 39.44 49.30 23.12
CA LEU K 56 38.76 48.18 23.76
C LEU K 56 38.23 48.49 25.15
N ALA K 57 38.73 49.53 25.81
CA ALA K 57 38.25 49.82 27.16
C ALA K 57 36.79 50.28 27.18
N GLY K 58 36.30 50.84 26.08
CA GLY K 58 34.97 51.42 26.00
C GLY K 58 33.75 50.53 26.23
N PRO K 59 33.53 49.52 25.37
CA PRO K 59 32.27 48.77 25.46
C PRO K 59 32.11 47.93 26.72
N PHE K 60 33.21 47.51 27.35
CA PHE K 60 33.12 46.83 28.64
C PHE K 60 32.55 47.75 29.71
N ILE K 61 33.00 49.01 29.72
CA ILE K 61 32.48 49.99 30.66
C ILE K 61 31.01 50.29 30.36
N LYS K 62 30.69 50.55 29.10
CA LYS K 62 29.34 51.02 28.79
C LYS K 62 28.29 49.92 28.80
N LEU K 63 28.66 48.66 28.56
CA LEU K 63 27.65 47.61 28.43
C LEU K 63 27.89 46.42 29.34
N GLY K 64 28.92 46.43 30.19
CA GLY K 64 29.22 45.29 31.02
C GLY K 64 28.19 45.06 32.11
N PRO K 65 28.37 43.99 32.88
CA PRO K 65 27.39 43.64 33.92
C PRO K 65 27.34 44.61 35.10
N LEU K 66 28.36 45.44 35.28
CA LEU K 66 28.38 46.42 36.37
C LEU K 66 28.18 47.85 35.85
N ARG K 67 27.58 48.00 34.67
CA ARG K 67 27.49 49.29 34.00
C ARG K 67 26.56 50.28 34.70
N ASN K 68 25.68 49.80 35.58
CA ASN K 68 24.69 50.65 36.23
C ASN K 68 25.03 50.92 37.68
N VAL K 69 26.20 50.52 38.14
CA VAL K 69 26.66 50.80 39.50
C VAL K 69 27.68 51.93 39.41
N PRO K 70 27.52 53.02 40.16
CA PRO K 70 28.45 54.14 40.05
C PRO K 70 29.81 53.83 40.63
N GLU K 71 30.84 54.42 40.00
CA GLU K 71 32.26 54.46 40.39
C GLU K 71 32.96 53.12 40.16
N THR K 72 32.21 52.06 39.86
CA THR K 72 32.78 50.74 39.66
C THR K 72 32.60 50.20 38.25
N ALA K 73 31.74 50.84 37.44
CA ALA K 73 31.57 50.43 36.04
C ALA K 73 32.85 50.61 35.26
N GLU K 74 33.52 51.76 35.45
CA GLU K 74 34.74 52.05 34.71
C GLU K 74 35.89 51.19 35.20
N ILE K 75 35.93 50.89 36.51
CA ILE K 75 36.95 50.01 37.06
C ILE K 75 36.80 48.59 36.52
N ALA K 76 35.58 48.05 36.56
CA ALA K 76 35.35 46.68 36.08
C ALA K 76 35.54 46.58 34.58
N GLY K 77 35.18 47.63 33.83
CA GLY K 77 35.38 47.60 32.39
C GLY K 77 36.84 47.68 32.00
N SER K 78 37.62 48.53 32.68
CA SER K 78 39.05 48.59 32.41
C SER K 78 39.77 47.33 32.86
N LEU K 79 39.30 46.70 33.94
CA LEU K 79 39.92 45.47 34.42
C LEU K 79 39.66 44.32 33.44
N SER K 80 38.44 44.24 32.92
CA SER K 80 38.13 43.25 31.88
C SER K 80 38.86 43.55 30.58
N ALA K 81 39.07 44.82 30.25
CA ALA K 81 39.85 45.19 29.08
C ALA K 81 41.30 44.76 29.24
N ALA K 82 41.86 44.92 30.44
CA ALA K 82 43.23 44.47 30.70
C ALA K 82 43.34 42.95 30.63
N GLY K 83 42.33 42.25 31.13
CA GLY K 83 42.31 40.79 31.00
C GLY K 83 42.25 40.33 29.54
N LEU K 84 41.44 41.02 28.73
CA LEU K 84 41.38 40.66 27.31
C LEU K 84 42.67 40.99 26.58
N VAL K 85 43.35 42.08 26.97
CA VAL K 85 44.66 42.40 26.38
C VAL K 85 45.70 41.34 26.75
N LEU K 86 45.62 40.82 27.98
CA LEU K 86 46.51 39.73 28.38
C LEU K 86 46.25 38.46 27.57
N ILE K 87 44.97 38.16 27.33
CA ILE K 87 44.60 37.01 26.49
C ILE K 87 45.11 37.19 25.06
N LEU K 88 45.02 38.41 24.54
CA LEU K 88 45.51 38.69 23.18
C LEU K 88 47.02 38.58 23.08
N ALA K 89 47.73 38.98 24.13
CA ALA K 89 49.19 38.85 24.13
C ALA K 89 49.61 37.39 24.19
N LEU K 90 48.88 36.58 24.95
CA LEU K 90 49.12 35.14 24.97
C LEU K 90 48.85 34.52 23.59
N CYS K 91 47.81 35.01 22.90
CA CYS K 91 47.49 34.54 21.56
C CYS K 91 48.61 34.90 20.57
N LEU K 92 49.14 36.12 20.67
CA LEU K 92 50.27 36.51 19.82
C LEU K 92 51.50 35.66 20.08
N SER K 93 51.77 35.36 21.35
CA SER K 93 52.95 34.55 21.71
C SER K 93 52.83 33.13 21.16
N ILE K 94 51.64 32.51 21.29
CA ILE K 94 51.53 31.15 20.78
C ILE K 94 51.44 31.13 19.25
N TYR K 95 50.94 32.21 18.64
CA TYR K 95 51.00 32.32 17.19
C TYR K 95 52.42 32.40 16.69
N GLY K 96 53.28 33.13 17.39
CA GLY K 96 54.68 33.19 17.00
C GLY K 96 55.40 31.88 17.20
N SER K 97 55.11 31.20 18.32
CA SER K 97 55.68 29.88 18.60
C SER K 97 55.25 28.85 17.57
N ALA K 98 54.06 29.01 16.98
CA ALA K 98 53.63 28.09 15.93
C ALA K 98 54.15 28.48 14.55
N GLN K 99 54.19 29.78 14.25
CA GLN K 99 54.46 30.23 12.90
C GLN K 99 55.95 30.23 12.58
N PHE K 100 56.80 30.61 13.52
CA PHE K 100 58.22 30.80 13.22
C PHE K 100 59.03 29.82 14.06
N GLN K 101 59.57 28.80 13.39
CA GLN K 101 60.25 27.70 14.06
C GLN K 101 61.59 27.40 13.40
N PRO K 120 62.13 41.40 9.90
CA PRO K 120 62.39 41.61 11.33
C PRO K 120 61.16 41.34 12.20
N LEU K 121 59.97 41.74 11.72
CA LEU K 121 58.75 41.40 12.42
C LEU K 121 58.40 39.93 12.26
N PHE K 122 58.78 39.34 11.13
CA PHE K 122 58.41 37.96 10.82
C PHE K 122 59.55 37.00 11.18
N SER K 123 59.85 36.98 12.47
CA SER K 123 60.84 36.07 13.04
C SER K 123 60.36 35.68 14.43
N ALA K 124 61.06 34.72 15.03
CA ALA K 124 60.68 34.26 16.37
C ALA K 124 60.98 35.32 17.41
N ASP K 125 62.23 35.82 17.43
CA ASP K 125 62.62 36.86 18.38
C ASP K 125 61.86 38.16 18.10
N GLY K 126 61.67 38.50 16.83
CA GLY K 126 60.95 39.72 16.49
C GLY K 126 59.49 39.66 16.85
N TRP K 127 58.85 38.50 16.67
CA TRP K 127 57.45 38.37 17.05
C TRP K 127 57.30 38.32 18.57
N SER K 128 58.28 37.76 19.28
CA SER K 128 58.20 37.78 20.74
C SER K 128 58.36 39.20 21.28
N GLU K 129 59.26 39.99 20.67
CA GLU K 129 59.36 41.40 20.96
C GLU K 129 58.07 42.14 20.66
N PHE K 130 57.43 41.82 19.53
CA PHE K 130 56.17 42.45 19.14
C PHE K 130 55.04 42.11 20.11
N ALA K 131 54.99 40.87 20.58
CA ALA K 131 53.95 40.45 21.52
C ALA K 131 54.15 41.09 22.89
N ALA K 132 55.41 41.21 23.34
CA ALA K 132 55.68 41.90 24.60
C ALA K 132 55.36 43.38 24.50
N GLY K 133 55.67 43.98 23.34
CA GLY K 133 55.30 45.37 23.12
C GLY K 133 53.80 45.57 23.06
N PHE K 134 53.07 44.61 22.50
CA PHE K 134 51.61 44.71 22.49
C PHE K 134 51.04 44.59 23.89
N LEU K 135 51.63 43.73 24.73
CA LEU K 135 51.19 43.61 26.12
C LEU K 135 51.40 44.93 26.86
N VAL K 136 52.59 45.52 26.74
CA VAL K 136 52.92 46.76 27.45
C VAL K 136 52.06 47.92 26.93
N GLY K 137 51.97 48.07 25.61
CA GLY K 137 51.17 49.14 25.04
C GLY K 137 49.69 48.99 25.26
N GLY K 138 49.18 47.75 25.32
CA GLY K 138 47.77 47.55 25.58
C GLY K 138 47.40 47.85 27.01
N GLU K 139 48.25 47.45 27.96
CA GLU K 139 48.00 47.79 29.36
C GLU K 139 48.15 49.29 29.59
N ALA K 140 49.08 49.93 28.88
CA ALA K 140 49.21 51.39 28.98
C ALA K 140 48.01 52.10 28.37
N GLY K 141 47.47 51.55 27.27
CA GLY K 141 46.30 52.15 26.66
C GLY K 141 45.05 52.01 27.51
N VAL K 142 44.92 50.87 28.20
CA VAL K 142 43.81 50.70 29.13
C VAL K 142 43.95 51.62 30.34
N ALA K 143 45.18 51.77 30.85
CA ALA K 143 45.41 52.65 31.99
C ALA K 143 45.24 54.12 31.62
N TRP K 144 45.48 54.47 30.36
CA TRP K 144 45.23 55.85 29.93
C TRP K 144 43.76 56.08 29.59
N ALA K 145 43.05 55.02 29.16
CA ALA K 145 41.61 55.14 28.97
C ALA K 145 40.85 55.17 30.28
N TYR K 146 41.46 54.69 31.37
CA TYR K 146 40.88 54.90 32.69
C TYR K 146 41.21 56.30 33.21
N VAL K 147 42.50 56.60 33.33
CA VAL K 147 42.93 57.90 33.81
C VAL K 147 42.10 58.99 33.13
N CYS K 148 40.87 58.63 32.75
CA CYS K 148 39.97 59.57 32.08
C CYS K 148 38.62 59.60 32.80
N LYS L 1 14.24 -58.55 8.25
CA LYS L 1 13.23 -57.53 8.45
C LYS L 1 12.07 -58.11 9.27
N ALA L 2 11.68 -57.40 10.32
CA ALA L 2 10.65 -57.90 11.22
C ALA L 2 9.28 -57.87 10.55
N GLY L 3 8.97 -56.79 9.84
CA GLY L 3 7.70 -56.64 9.17
C GLY L 3 7.66 -55.34 8.39
N ASN L 4 6.53 -54.63 8.44
CA ASN L 4 6.44 -53.34 7.78
C ASN L 4 5.45 -52.49 8.56
N TRP L 5 5.93 -51.35 9.07
CA TRP L 5 5.13 -50.50 9.94
C TRP L 5 3.98 -49.83 9.18
N LEU L 6 4.15 -49.66 7.88
CA LEU L 6 3.17 -49.12 6.97
C LEU L 6 3.32 -49.94 5.69
N PRO L 7 2.34 -50.77 5.34
CA PRO L 7 2.52 -51.70 4.23
C PRO L 7 2.57 -51.01 2.87
N GLY L 8 3.41 -51.54 1.99
CA GLY L 8 3.60 -51.03 0.66
C GLY L 8 4.66 -49.96 0.54
N SER L 9 4.93 -49.22 1.61
CA SER L 9 6.01 -48.26 1.58
C SER L 9 7.35 -48.97 1.67
N ASP L 10 8.34 -48.43 0.96
CA ASP L 10 9.66 -49.06 0.94
C ASP L 10 10.39 -48.82 2.25
N ALA L 11 11.30 -49.73 2.56
CA ALA L 11 12.12 -49.58 3.74
C ALA L 11 13.25 -48.58 3.47
N PRO L 12 13.66 -47.83 4.49
CA PRO L 12 14.86 -46.99 4.34
C PRO L 12 16.11 -47.84 4.11
N ALA L 13 16.99 -47.34 3.26
CA ALA L 13 18.17 -48.11 2.85
C ALA L 13 19.26 -48.13 3.90
N TRP L 14 19.12 -47.37 4.99
CA TRP L 14 20.14 -47.35 6.03
C TRP L 14 19.84 -48.31 7.17
N LEU L 15 18.64 -48.86 7.24
CA LEU L 15 18.30 -49.82 8.29
C LEU L 15 18.61 -51.22 7.80
N PRO L 16 19.62 -51.89 8.34
CA PRO L 16 19.96 -53.23 7.85
C PRO L 16 18.96 -54.27 8.29
N ASP L 17 18.81 -55.32 7.48
CA ASP L 17 17.72 -56.27 7.66
C ASP L 17 17.94 -57.19 8.86
N ASP L 18 19.20 -57.49 9.19
CA ASP L 18 19.48 -58.41 10.28
C ASP L 18 19.61 -57.71 11.63
N LEU L 19 18.62 -56.88 11.96
CA LEU L 19 18.64 -56.14 13.20
C LEU L 19 17.30 -56.34 13.88
N PRO L 20 17.29 -56.63 15.19
CA PRO L 20 16.02 -56.94 15.86
C PRO L 20 15.08 -55.74 15.93
N GLY L 21 13.83 -55.96 15.51
CA GLY L 21 12.83 -54.93 15.49
C GLY L 21 12.78 -54.08 14.25
N ASN L 22 13.42 -54.53 13.16
CA ASN L 22 13.51 -53.74 11.93
C ASN L 22 12.18 -53.84 11.19
N TYR L 23 11.30 -52.89 11.46
CA TYR L 23 10.05 -52.75 10.71
C TYR L 23 10.15 -51.70 9.63
N GLY L 24 11.33 -51.10 9.44
CA GLY L 24 11.48 -50.05 8.45
C GLY L 24 10.95 -48.71 8.89
N PHE L 25 10.83 -48.47 10.19
CA PHE L 25 10.19 -47.27 10.71
C PHE L 25 11.24 -46.22 11.00
N ASP L 26 11.40 -45.28 10.08
CA ASP L 26 12.18 -44.08 10.30
C ASP L 26 11.65 -42.97 9.40
N PRO L 27 10.54 -42.32 9.80
CA PRO L 27 10.03 -41.22 8.96
C PRO L 27 10.90 -39.98 8.99
N LEU L 28 11.40 -39.60 10.17
CA LEU L 28 12.19 -38.38 10.30
C LEU L 28 13.65 -38.58 9.89
N SER L 29 14.02 -39.80 9.46
CA SER L 29 15.37 -40.16 9.01
C SER L 29 16.43 -39.85 10.07
N LEU L 30 16.12 -40.23 11.31
CA LEU L 30 17.02 -39.96 12.42
C LEU L 30 18.23 -40.88 12.46
N GLY L 31 18.18 -42.03 11.77
CA GLY L 31 19.26 -42.98 11.88
C GLY L 31 20.06 -43.20 10.62
N LYS L 32 20.11 -42.19 9.75
CA LYS L 32 20.81 -42.33 8.48
C LYS L 32 22.32 -42.40 8.67
N GLU L 33 22.84 -41.85 9.77
CA GLU L 33 24.27 -41.93 9.98
C GLU L 33 24.62 -43.07 10.94
N PRO L 34 25.64 -43.87 10.56
CA PRO L 34 25.83 -45.18 11.22
C PRO L 34 26.21 -45.12 12.69
N ALA L 35 27.01 -44.14 13.10
CA ALA L 35 27.39 -44.05 14.52
C ALA L 35 26.19 -43.64 15.38
N SER L 36 25.39 -42.71 14.87
CA SER L 36 24.13 -42.36 15.52
C SER L 36 23.20 -43.55 15.60
N LEU L 37 23.14 -44.35 14.52
CA LEU L 37 22.26 -45.52 14.50
C LEU L 37 22.72 -46.58 15.48
N LYS L 38 24.04 -46.75 15.64
CA LYS L 38 24.57 -47.67 16.64
C LYS L 38 24.22 -47.23 18.04
N ARG L 39 24.35 -45.93 18.31
CA ARG L 39 23.94 -45.39 19.61
C ARG L 39 22.43 -45.55 19.83
N PHE L 40 21.64 -45.41 18.77
CA PHE L 40 20.19 -45.54 18.95
C PHE L 40 19.77 -46.99 19.19
N THR L 41 20.47 -47.96 18.59
CA THR L 41 20.21 -49.37 18.91
C THR L 41 20.51 -49.65 20.36
N GLU L 42 21.66 -49.17 20.84
CA GLU L 42 22.02 -49.30 22.26
C GLU L 42 20.97 -48.67 23.18
N SER L 43 20.57 -47.44 22.86
CA SER L 43 19.65 -46.70 23.71
C SER L 43 18.24 -47.26 23.66
N GLU L 44 17.86 -47.82 22.51
CA GLU L 44 16.55 -48.45 22.37
C GLU L 44 16.43 -49.72 23.24
N VAL L 45 17.49 -50.54 23.24
CA VAL L 45 17.47 -51.74 24.07
C VAL L 45 17.53 -51.39 25.56
N ILE L 46 18.32 -50.36 25.92
CA ILE L 46 18.44 -49.97 27.33
C ILE L 46 17.15 -49.35 27.85
N HIS L 47 16.56 -48.41 27.09
CA HIS L 47 15.27 -47.82 27.46
C HIS L 47 14.17 -48.87 27.54
N GLY L 48 14.20 -49.86 26.63
CA GLY L 48 13.21 -50.93 26.68
C GLY L 48 13.32 -51.79 27.93
N ARG L 49 14.54 -52.12 28.34
CA ARG L 49 14.72 -52.94 29.54
C ARG L 49 14.33 -52.17 30.82
N TRP L 50 14.71 -50.89 30.90
CA TRP L 50 14.28 -50.09 32.04
C TRP L 50 12.77 -49.91 32.10
N ALA L 51 12.13 -49.77 30.92
CA ALA L 51 10.69 -49.61 30.91
C ALA L 51 9.97 -50.92 31.23
N MET L 52 10.54 -52.07 30.85
CA MET L 52 9.99 -53.36 31.26
C MET L 52 10.00 -53.49 32.77
N LEU L 53 11.14 -53.20 33.39
CA LEU L 53 11.20 -53.27 34.86
C LEU L 53 10.29 -52.24 35.51
N GLY L 54 10.11 -51.08 34.90
CA GLY L 54 9.23 -50.07 35.47
C GLY L 54 7.77 -50.41 35.39
N VAL L 55 7.33 -50.96 34.25
CA VAL L 55 5.93 -51.36 34.10
C VAL L 55 5.62 -52.58 34.97
N ALA L 56 6.57 -53.52 35.06
CA ALA L 56 6.41 -54.65 35.96
C ALA L 56 6.35 -54.20 37.41
N GLY L 57 7.12 -53.18 37.77
CA GLY L 57 7.07 -52.66 39.13
C GLY L 57 5.76 -51.97 39.44
N SER L 58 5.24 -51.17 38.50
CA SER L 58 3.97 -50.48 38.73
C SER L 58 2.81 -51.46 38.83
N LEU L 59 2.78 -52.46 37.94
CA LEU L 59 1.81 -53.54 38.02
C LEU L 59 1.91 -54.31 39.33
N ALA L 60 3.13 -54.67 39.75
CA ALA L 60 3.26 -55.50 40.95
C ALA L 60 3.00 -54.72 42.22
N VAL L 61 3.21 -53.41 42.21
CA VAL L 61 2.82 -52.60 43.37
C VAL L 61 1.30 -52.50 43.45
N GLU L 62 0.63 -52.21 42.32
CA GLU L 62 -0.79 -51.92 42.43
C GLU L 62 -1.65 -53.17 42.53
N LEU L 63 -1.26 -54.26 41.88
CA LEU L 63 -2.04 -55.49 41.94
C LEU L 63 -1.97 -56.15 43.32
N LEU L 64 -0.84 -56.01 44.01
CA LEU L 64 -0.65 -56.66 45.30
C LEU L 64 -1.15 -55.83 46.46
N GLY L 65 -1.58 -54.59 46.23
CA GLY L 65 -2.26 -53.81 47.25
C GLY L 65 -1.38 -52.89 48.07
N TYR L 66 -0.51 -52.11 47.41
CA TYR L 66 0.37 -51.19 48.13
C TYR L 66 0.37 -49.84 47.44
N GLY L 67 -0.81 -49.35 47.09
CA GLY L 67 -0.91 -48.09 46.36
C GLY L 67 -0.51 -48.26 44.91
N ASN L 68 -0.47 -47.15 44.19
CA ASN L 68 -0.03 -47.16 42.81
C ASN L 68 1.44 -46.75 42.74
N TRP L 69 1.94 -46.56 41.52
CA TRP L 69 3.32 -46.13 41.30
C TRP L 69 3.56 -44.69 41.69
N TYR L 70 2.49 -43.91 41.87
CA TYR L 70 2.58 -42.50 42.24
C TYR L 70 2.57 -42.30 43.75
N ASP L 71 1.97 -43.22 44.50
CA ASP L 71 1.92 -43.17 45.95
C ASP L 71 3.20 -43.71 46.59
N ALA L 72 4.07 -44.34 45.81
CA ALA L 72 5.25 -45.02 46.35
C ALA L 72 6.36 -44.13 46.90
N PRO L 73 6.68 -42.94 46.38
CA PRO L 73 7.61 -42.06 47.11
C PRO L 73 6.95 -41.08 48.07
N LEU L 74 5.68 -41.25 48.40
CA LEU L 74 4.98 -40.28 49.23
C LEU L 74 5.40 -40.35 50.69
N TRP L 75 5.99 -41.47 51.13
CA TRP L 75 6.55 -41.53 52.47
C TRP L 75 7.75 -40.62 52.63
N ALA L 76 8.48 -40.38 51.54
CA ALA L 76 9.65 -39.50 51.56
C ALA L 76 9.32 -38.08 51.14
N VAL L 77 8.28 -37.88 50.31
CA VAL L 77 7.76 -36.54 50.10
C VAL L 77 7.19 -36.00 51.41
N ASN L 78 6.41 -36.80 52.11
CA ASN L 78 5.92 -36.45 53.44
C ASN L 78 6.90 -36.97 54.50
N GLY L 79 6.47 -36.97 55.75
CA GLY L 79 7.25 -37.59 56.81
C GLY L 79 6.75 -38.98 57.14
N GLY L 80 7.43 -40.00 56.63
CA GLY L 80 7.01 -41.37 56.83
C GLY L 80 8.14 -42.37 56.76
N LYS L 81 7.80 -43.65 56.69
CA LYS L 81 8.78 -44.73 56.66
C LYS L 81 8.51 -45.62 55.46
N ALA L 82 9.58 -46.12 54.84
CA ALA L 82 9.47 -46.94 53.64
C ALA L 82 8.90 -48.32 53.97
N THR L 83 8.44 -49.00 52.93
CA THR L 83 7.89 -50.34 53.06
C THR L 83 8.08 -51.07 51.74
N TRP L 84 8.10 -52.41 51.83
CA TRP L 84 8.36 -53.26 50.68
C TRP L 84 7.76 -54.62 50.98
N PHE L 85 6.74 -55.01 50.20
CA PHE L 85 5.88 -56.18 50.48
C PHE L 85 5.26 -56.12 51.88
N GLY L 86 4.99 -54.92 52.38
CA GLY L 86 4.56 -54.72 53.74
C GLY L 86 5.69 -54.63 54.76
N ILE L 87 6.84 -55.22 54.46
CA ILE L 87 7.98 -55.21 55.37
C ILE L 87 8.64 -53.84 55.32
N GLU L 88 8.88 -53.26 56.49
CA GLU L 88 9.47 -51.93 56.59
C GLU L 88 10.93 -51.95 56.15
N VAL L 89 11.40 -50.80 55.67
CA VAL L 89 12.79 -50.61 55.29
C VAL L 89 13.38 -49.53 56.19
N PRO L 90 14.43 -49.83 56.95
CA PRO L 90 14.92 -48.90 57.99
C PRO L 90 15.92 -47.87 57.46
N PHE L 91 15.54 -47.17 56.40
CA PHE L 91 16.43 -46.17 55.81
C PHE L 91 15.66 -44.88 55.53
N ASP L 92 16.42 -43.80 55.38
CA ASP L 92 15.92 -42.48 55.10
C ASP L 92 16.27 -42.10 53.67
N LEU L 93 15.69 -40.99 53.19
CA LEU L 93 15.79 -40.62 51.77
C LEU L 93 17.21 -40.26 51.37
N ASN L 94 17.95 -39.58 52.25
CA ASN L 94 19.33 -39.21 51.96
C ASN L 94 20.23 -40.44 51.87
N ALA L 95 20.03 -41.39 52.80
CA ALA L 95 20.81 -42.62 52.79
C ALA L 95 20.51 -43.46 51.55
N LEU L 96 19.23 -43.54 51.17
CA LEU L 96 18.85 -44.30 49.98
C LEU L 96 19.36 -43.66 48.70
N LEU L 97 19.36 -42.32 48.65
CA LEU L 97 19.94 -41.64 47.50
C LEU L 97 21.45 -41.85 47.44
N ALA L 98 22.11 -41.95 48.60
CA ALA L 98 23.53 -42.28 48.61
C ALA L 98 23.81 -43.68 48.09
N PHE L 99 23.03 -44.68 48.57
CA PHE L 99 23.15 -46.06 48.09
C PHE L 99 22.90 -46.15 46.59
N GLU L 100 21.86 -45.47 46.11
CA GLU L 100 21.51 -45.52 44.70
C GLU L 100 22.56 -44.84 43.84
N PHE L 101 23.09 -43.69 44.29
CA PHE L 101 24.11 -43.00 43.52
C PHE L 101 25.38 -43.82 43.40
N VAL L 102 25.84 -44.42 44.51
CA VAL L 102 27.06 -45.24 44.47
C VAL L 102 26.85 -46.48 43.59
N ALA L 103 25.70 -47.16 43.77
CA ALA L 103 25.45 -48.40 43.05
C ALA L 103 25.25 -48.16 41.57
N MET L 104 24.43 -47.17 41.20
CA MET L 104 24.18 -46.88 39.80
C MET L 104 25.38 -46.27 39.12
N ALA L 105 26.17 -45.46 39.85
CA ALA L 105 27.39 -44.93 39.26
C ALA L 105 28.39 -46.03 38.96
N ALA L 106 28.53 -46.99 39.88
CA ALA L 106 29.44 -48.12 39.64
C ALA L 106 28.96 -48.99 38.47
N ALA L 107 27.68 -49.38 38.47
CA ALA L 107 27.18 -50.30 37.46
C ALA L 107 27.13 -49.65 36.08
N GLU L 108 26.63 -48.42 36.05
CA GLU L 108 26.55 -47.64 34.82
C GLU L 108 27.94 -47.35 34.28
N GLY L 109 28.90 -47.04 35.15
CA GLY L 109 30.25 -46.76 34.71
C GLY L 109 30.94 -47.99 34.15
N GLN L 110 30.71 -49.15 34.76
CA GLN L 110 31.25 -50.39 34.21
C GLN L 110 30.60 -50.74 32.88
N ARG L 111 29.31 -50.42 32.71
CA ARG L 111 28.68 -50.64 31.41
C ARG L 111 29.22 -49.67 30.36
N GLY L 112 29.42 -48.41 30.73
CA GLY L 112 29.94 -47.42 29.80
C GLY L 112 31.40 -47.58 29.44
N ASP L 113 32.19 -48.22 30.33
CA ASP L 113 33.57 -48.53 29.98
C ASP L 113 33.67 -49.50 28.82
N ALA L 114 32.69 -50.40 28.68
CA ALA L 114 32.61 -51.25 27.51
C ALA L 114 32.28 -50.41 26.27
N GLY L 115 32.70 -50.91 25.11
CA GLY L 115 32.59 -50.14 23.88
C GLY L 115 31.17 -49.96 23.37
N GLY L 116 30.58 -51.05 22.89
CA GLY L 116 29.25 -51.00 22.34
C GLY L 116 28.42 -52.20 22.77
N VAL L 117 28.71 -52.70 23.97
CA VAL L 117 28.14 -53.96 24.43
C VAL L 117 26.67 -53.77 24.76
N VAL L 118 25.81 -54.46 24.00
CA VAL L 118 24.38 -54.46 24.23
C VAL L 118 23.91 -55.79 24.80
N TYR L 119 24.47 -56.88 24.29
CA TYR L 119 24.08 -58.24 24.66
C TYR L 119 25.32 -58.93 25.21
N PRO L 120 25.65 -58.71 26.50
CA PRO L 120 26.94 -59.17 27.03
C PRO L 120 27.06 -60.68 27.20
N GLY L 121 26.06 -61.31 27.80
CA GLY L 121 26.17 -62.72 28.13
C GLY L 121 27.01 -62.93 29.37
N GLY L 122 27.53 -64.15 29.49
CA GLY L 122 28.41 -64.52 30.59
C GLY L 122 27.75 -64.49 31.94
N ALA L 123 28.14 -63.55 32.79
CA ALA L 123 27.54 -63.44 34.12
C ALA L 123 26.12 -62.89 34.04
N PHE L 124 25.83 -62.07 33.04
CA PHE L 124 24.50 -61.54 32.87
C PHE L 124 23.52 -62.61 32.34
N ASP L 125 24.06 -63.67 31.72
CA ASP L 125 23.24 -64.72 31.12
C ASP L 125 23.56 -66.04 31.80
N PRO L 126 23.08 -66.25 33.03
CA PRO L 126 23.48 -67.48 33.75
C PRO L 126 22.78 -68.73 33.25
N LEU L 127 21.54 -68.64 32.79
CA LEU L 127 20.80 -69.83 32.38
C LEU L 127 21.09 -70.22 30.94
N GLY L 128 21.88 -69.45 30.21
CA GLY L 128 22.41 -69.87 28.92
C GLY L 128 21.41 -70.01 27.79
N PHE L 129 20.48 -69.06 27.66
CA PHE L 129 19.53 -69.13 26.55
C PHE L 129 20.11 -68.61 25.26
N ALA L 130 21.00 -67.62 25.33
CA ALA L 130 21.62 -67.04 24.13
C ALA L 130 22.94 -67.69 23.77
N LYS L 131 23.11 -68.97 24.10
CA LYS L 131 24.30 -69.73 23.75
C LYS L 131 24.06 -70.61 22.53
N ASP L 132 23.25 -70.13 21.59
CA ASP L 132 22.80 -70.97 20.49
C ASP L 132 23.11 -70.34 19.14
N SER L 133 23.04 -69.01 19.07
CA SER L 133 23.33 -68.17 17.89
C SER L 133 22.40 -68.44 16.72
N SER L 134 21.27 -69.12 16.93
CA SER L 134 20.25 -69.26 15.91
C SER L 134 18.86 -68.86 16.43
N LYS L 135 18.56 -69.17 17.68
CA LYS L 135 17.37 -68.65 18.35
C LYS L 135 17.63 -67.31 19.02
N SER L 136 18.89 -66.85 18.98
CA SER L 136 19.26 -65.58 19.61
C SER L 136 18.61 -64.40 18.91
N GLY L 137 18.51 -64.45 17.57
CA GLY L 137 17.84 -63.37 16.86
C GLY L 137 16.36 -63.29 17.15
N GLU L 138 15.71 -64.45 17.30
CA GLU L 138 14.30 -64.48 17.66
C GLU L 138 14.09 -63.97 19.08
N LEU L 139 14.99 -64.32 20.00
CA LEU L 139 14.85 -63.82 21.37
C LEU L 139 15.17 -62.34 21.49
N LYS L 140 16.11 -61.82 20.69
CA LYS L 140 16.36 -60.38 20.65
C LYS L 140 15.17 -59.63 20.06
N LEU L 141 14.52 -60.22 19.06
CA LEU L 141 13.32 -59.63 18.47
C LEU L 141 12.17 -59.60 19.47
N LYS L 142 12.00 -60.69 20.24
CA LYS L 142 11.02 -60.70 21.32
C LYS L 142 11.34 -59.68 22.40
N GLU L 143 12.62 -59.52 22.69
CA GLU L 143 13.10 -58.57 23.67
C GLU L 143 12.83 -57.11 23.27
N ILE L 144 13.04 -56.77 21.99
CA ILE L 144 12.83 -55.40 21.58
C ILE L 144 11.34 -55.12 21.39
N LYS L 145 10.52 -56.13 21.07
CA LYS L 145 9.09 -55.90 20.94
C LYS L 145 8.39 -55.73 22.29
N ASN L 146 8.71 -56.61 23.27
CA ASN L 146 8.23 -56.40 24.63
C ASN L 146 8.74 -55.09 25.22
N GLY L 147 9.94 -54.65 24.84
CA GLY L 147 10.46 -53.39 25.35
C GLY L 147 9.75 -52.17 24.78
N ARG L 148 9.44 -52.20 23.48
CA ARG L 148 8.67 -51.11 22.89
C ARG L 148 7.26 -51.05 23.47
N LEU L 149 6.64 -52.22 23.67
CA LEU L 149 5.33 -52.24 24.32
C LEU L 149 5.40 -51.73 25.75
N ALA L 150 6.50 -51.99 26.45
CA ALA L 150 6.65 -51.50 27.82
C ALA L 150 6.89 -50.00 27.86
N MET L 151 7.66 -49.47 26.90
CA MET L 151 7.84 -48.01 26.82
C MET L 151 6.53 -47.29 26.55
N VAL L 152 5.74 -47.83 25.60
CA VAL L 152 4.43 -47.26 25.30
C VAL L 152 3.50 -47.37 26.51
N ALA L 153 3.62 -48.47 27.27
CA ALA L 153 2.79 -48.67 28.45
C ALA L 153 3.17 -47.71 29.57
N PHE L 154 4.46 -47.43 29.76
CA PHE L 154 4.83 -46.53 30.85
C PHE L 154 4.50 -45.09 30.51
N LEU L 155 4.66 -44.68 29.24
CA LEU L 155 4.18 -43.36 28.86
C LEU L 155 2.66 -43.28 28.95
N GLY L 156 1.96 -44.40 28.75
CA GLY L 156 0.54 -44.44 29.03
C GLY L 156 0.22 -44.26 30.49
N PHE L 157 1.01 -44.87 31.37
CA PHE L 157 0.86 -44.68 32.81
C PHE L 157 1.00 -43.22 33.19
N VAL L 158 2.03 -42.57 32.64
CA VAL L 158 2.33 -41.18 32.99
C VAL L 158 1.24 -40.24 32.47
N ALA L 159 0.84 -40.42 31.20
CA ALA L 159 -0.18 -39.55 30.62
C ALA L 159 -1.55 -39.79 31.26
N GLN L 160 -1.87 -41.05 31.58
CA GLN L 160 -3.13 -41.36 32.23
C GLN L 160 -3.19 -40.79 33.64
N HIS L 161 -2.08 -40.83 34.38
CA HIS L 161 -2.11 -40.24 35.72
C HIS L 161 -2.10 -38.72 35.65
N ALA L 162 -1.49 -38.16 34.60
CA ALA L 162 -1.53 -36.70 34.43
C ALA L 162 -2.93 -36.21 34.11
N ALA L 163 -3.69 -37.00 33.35
CA ALA L 163 -5.04 -36.61 32.99
C ALA L 163 -6.07 -36.96 34.06
N THR L 164 -6.26 -38.25 34.33
CA THR L 164 -7.32 -38.67 35.24
C THR L 164 -6.91 -38.57 36.70
N GLY L 165 -5.70 -39.00 37.02
CA GLY L 165 -5.21 -38.97 38.38
C GLY L 165 -5.39 -40.24 39.18
N LYS L 166 -5.45 -41.39 38.54
CA LYS L 166 -5.56 -42.68 39.22
C LYS L 166 -4.50 -43.63 38.69
N GLY L 167 -4.43 -44.80 39.31
CA GLY L 167 -3.52 -45.83 38.87
C GLY L 167 -4.01 -46.50 37.60
N PRO L 168 -3.12 -47.20 36.90
CA PRO L 168 -3.55 -47.91 35.69
C PRO L 168 -4.51 -49.06 35.93
N ILE L 169 -4.43 -49.75 37.07
CA ILE L 169 -5.36 -50.84 37.34
C ILE L 169 -6.75 -50.29 37.66
N ALA L 170 -6.81 -49.17 38.38
CA ALA L 170 -8.10 -48.53 38.63
C ALA L 170 -8.67 -47.89 37.37
N ALA L 171 -7.80 -47.38 36.48
CA ALA L 171 -8.26 -46.87 35.20
C ALA L 171 -8.80 -47.99 34.32
N LEU L 172 -8.17 -49.17 34.36
CA LEU L 172 -8.69 -50.31 33.64
C LEU L 172 -9.99 -50.81 34.26
N GLY L 173 -10.14 -50.67 35.58
CA GLY L 173 -11.42 -50.98 36.20
C GLY L 173 -12.53 -50.05 35.76
N GLU L 174 -12.22 -48.77 35.62
CA GLU L 174 -13.21 -47.81 35.11
C GLU L 174 -13.53 -48.07 33.64
N HIS L 175 -12.51 -48.40 32.84
CA HIS L 175 -12.76 -48.68 31.43
C HIS L 175 -13.50 -50.00 31.23
N LEU L 176 -13.40 -50.94 32.17
CA LEU L 176 -14.24 -52.13 32.07
C LEU L 176 -15.65 -51.87 32.60
N ALA L 177 -15.78 -50.99 33.60
CA ALA L 177 -17.11 -50.70 34.15
C ALA L 177 -17.96 -49.89 33.19
N ASN L 178 -17.36 -48.95 32.46
CA ASN L 178 -18.09 -48.13 31.51
C ASN L 178 -17.13 -47.73 30.39
N PRO L 179 -17.05 -48.55 29.34
CA PRO L 179 -16.06 -48.28 28.29
C PRO L 179 -16.36 -47.04 27.46
N TRP L 180 -17.63 -46.66 27.36
CA TRP L 180 -18.01 -45.50 26.58
C TRP L 180 -18.06 -44.23 27.43
N GLY L 181 -18.46 -44.35 28.68
CA GLY L 181 -18.52 -43.22 29.59
C GLY L 181 -17.27 -42.97 30.40
N ALA L 182 -16.16 -43.66 30.09
CA ALA L 182 -14.90 -43.43 30.79
C ALA L 182 -13.76 -43.80 29.85
N ASN L 183 -13.18 -42.78 29.20
CA ASN L 183 -12.04 -42.93 28.31
C ASN L 183 -11.38 -41.56 28.14
N PHE L 184 -10.43 -41.46 27.19
CA PHE L 184 -9.69 -40.23 27.02
C PHE L 184 -10.50 -39.14 26.34
N ALA L 185 -11.71 -39.46 25.87
CA ALA L 185 -12.61 -38.45 25.32
C ALA L 185 -13.71 -38.05 26.28
N THR L 186 -13.98 -38.87 27.30
CA THR L 186 -14.78 -38.45 28.44
C THR L 186 -13.90 -37.81 29.51
N ASN L 187 -12.60 -37.79 29.24
CA ASN L 187 -11.57 -37.22 30.12
C ASN L 187 -11.83 -35.75 30.44
N GLY L 188 -11.87 -34.91 29.41
CA GLY L 188 -11.90 -33.48 29.59
C GLY L 188 -10.54 -32.82 29.55
N ILE L 189 -9.47 -33.60 29.33
CA ILE L 189 -8.11 -33.08 29.29
C ILE L 189 -7.44 -33.35 27.96
N SER L 190 -7.61 -34.56 27.41
CA SER L 190 -6.82 -34.98 26.25
C SER L 190 -7.33 -34.32 24.98
N VAL L 191 -8.64 -34.20 24.83
CA VAL L 191 -9.24 -33.45 23.74
C VAL L 191 -10.06 -32.33 24.35
N PRO L 192 -9.68 -31.06 24.15
CA PRO L 192 -10.34 -29.97 24.87
C PRO L 192 -11.73 -29.64 24.36
N PHE L 193 -12.06 -29.95 23.11
CA PHE L 193 -13.32 -29.51 22.52
C PHE L 193 -14.42 -30.57 22.54
N PHE L 194 -14.14 -31.76 23.06
CA PHE L 194 -15.20 -32.76 23.21
C PHE L 194 -16.10 -32.42 24.40
N LEU M 31 -8.63 39.99 -54.76
CA LEU M 31 -8.60 40.74 -56.01
C LEU M 31 -9.76 41.75 -56.25
N PRO M 32 -11.03 41.45 -55.92
CA PRO M 32 -12.03 42.53 -55.98
C PRO M 32 -11.86 43.48 -54.80
N GLY M 33 -11.88 44.78 -55.10
CA GLY M 33 -11.66 45.78 -54.08
C GLY M 33 -10.21 45.96 -53.67
N ASP M 34 -9.28 45.55 -54.54
CA ASP M 34 -7.85 45.67 -54.26
C ASP M 34 -7.44 47.12 -54.48
N PHE M 35 -7.49 47.92 -53.43
CA PHE M 35 -7.03 49.30 -53.47
C PHE M 35 -5.69 49.49 -52.79
N GLY M 36 -5.02 48.41 -52.40
CA GLY M 36 -3.73 48.48 -51.77
C GLY M 36 -3.74 48.81 -50.30
N PHE M 37 -4.91 49.07 -49.71
CA PHE M 37 -4.99 49.44 -48.30
C PHE M 37 -4.84 48.20 -47.45
N ASP M 38 -3.62 47.95 -46.97
CA ASP M 38 -3.37 46.91 -45.97
C ASP M 38 -2.25 47.39 -45.07
N PRO M 39 -2.57 48.24 -44.08
CA PRO M 39 -1.51 48.75 -43.19
C PRO M 39 -0.96 47.70 -42.25
N LEU M 40 -1.76 46.70 -41.88
CA LEU M 40 -1.33 45.68 -40.93
C LEU M 40 -0.90 44.39 -41.61
N GLY M 41 -0.78 44.38 -42.93
CA GLY M 41 -0.15 43.33 -43.71
C GLY M 41 -0.68 41.93 -43.55
N LEU M 42 -1.99 41.73 -43.67
CA LEU M 42 -2.59 40.44 -43.39
C LEU M 42 -2.78 39.56 -44.62
N LEU M 43 -2.68 40.11 -45.84
CA LEU M 43 -2.69 39.27 -47.04
C LEU M 43 -1.30 38.88 -47.50
N ASP M 44 -0.35 38.75 -46.59
CA ASP M 44 0.98 38.29 -46.97
C ASP M 44 0.92 36.79 -47.24
N PRO M 45 1.26 36.32 -48.45
CA PRO M 45 1.21 34.87 -48.70
C PRO M 45 2.32 34.11 -48.00
N VAL M 46 3.43 34.77 -47.67
CA VAL M 46 4.57 34.11 -47.05
C VAL M 46 4.23 33.79 -45.60
N ASN M 47 4.34 32.51 -45.24
CA ASN M 47 4.22 31.99 -43.87
C ASN M 47 2.85 32.29 -43.27
N SER M 48 1.81 31.90 -44.00
CA SER M 48 0.44 32.09 -43.56
C SER M 48 -0.17 30.74 -43.18
N GLY M 49 -1.42 30.78 -42.75
CA GLY M 49 -2.10 29.58 -42.31
C GLY M 49 -3.23 29.94 -41.37
N GLY M 50 -3.92 28.90 -40.91
CA GLY M 50 -5.08 29.13 -40.06
C GLY M 50 -6.19 29.81 -40.84
N PHE M 51 -6.88 30.74 -40.17
CA PHE M 51 -7.91 31.54 -40.81
C PHE M 51 -7.40 32.90 -41.26
N ILE M 52 -6.10 33.13 -41.22
CA ILE M 52 -5.49 34.31 -41.82
C ILE M 52 -4.79 33.85 -43.09
N GLU M 53 -5.39 34.16 -44.21
CA GLU M 53 -5.13 33.52 -45.49
C GLU M 53 -5.86 34.38 -46.51
N PRO M 54 -5.34 34.54 -47.73
CA PRO M 54 -6.12 35.27 -48.75
C PRO M 54 -7.46 34.62 -49.08
N LYS M 55 -7.47 33.28 -49.17
CA LYS M 55 -8.70 32.56 -49.50
C LYS M 55 -9.74 32.63 -48.39
N TRP M 56 -9.32 32.72 -47.13
CA TRP M 56 -10.33 32.87 -46.09
C TRP M 56 -10.73 34.32 -45.89
N LEU M 57 -9.79 35.27 -46.04
CA LEU M 57 -10.07 36.65 -45.71
C LEU M 57 -10.92 37.33 -46.78
N GLN M 58 -10.66 37.08 -48.06
CA GLN M 58 -11.48 37.67 -49.12
C GLN M 58 -12.90 37.10 -49.10
N TYR M 59 -13.00 35.80 -48.80
CA TYR M 59 -14.29 35.13 -48.73
C TYR M 59 -15.09 35.57 -47.52
N SER M 60 -14.44 35.74 -46.36
CA SER M 60 -15.18 36.27 -45.22
C SER M 60 -15.49 37.75 -45.37
N GLU M 61 -14.71 38.45 -46.20
CA GLU M 61 -14.99 39.85 -46.49
C GLU M 61 -16.28 39.97 -47.29
N VAL M 62 -16.48 39.11 -48.29
CA VAL M 62 -17.72 39.21 -49.07
C VAL M 62 -18.90 38.62 -48.28
N ILE M 63 -18.66 37.69 -47.35
CA ILE M 63 -19.77 37.18 -46.52
C ILE M 63 -20.26 38.25 -45.54
N HIS M 64 -19.33 38.92 -44.86
CA HIS M 64 -19.69 40.06 -44.01
C HIS M 64 -20.33 41.19 -44.81
N ALA M 65 -19.88 41.39 -46.06
CA ALA M 65 -20.45 42.44 -46.90
C ALA M 65 -21.89 42.15 -47.27
N ARG M 66 -22.19 40.91 -47.66
CA ARG M 66 -23.55 40.56 -48.05
C ARG M 66 -24.49 40.55 -46.85
N TRP M 67 -24.06 40.00 -45.73
CA TRP M 67 -24.89 40.04 -44.53
C TRP M 67 -25.08 41.47 -44.02
N ALA M 68 -24.11 42.35 -44.27
CA ALA M 68 -24.27 43.72 -43.81
C ALA M 68 -25.12 44.56 -44.75
N MET M 69 -25.13 44.23 -46.05
CA MET M 69 -26.10 44.86 -46.95
C MET M 69 -27.52 44.50 -46.55
N LEU M 70 -27.75 43.22 -46.29
CA LEU M 70 -29.07 42.79 -45.83
C LEU M 70 -29.40 43.39 -44.47
N GLY M 71 -28.39 43.53 -43.60
CA GLY M 71 -28.60 44.15 -42.31
C GLY M 71 -28.93 45.62 -42.39
N ALA M 72 -28.29 46.34 -43.32
CA ALA M 72 -28.53 47.77 -43.47
C ALA M 72 -29.91 48.04 -44.05
N ALA M 73 -30.28 47.30 -45.10
CA ALA M 73 -31.62 47.44 -45.67
C ALA M 73 -32.70 47.02 -44.68
N GLY M 74 -32.45 45.96 -43.91
CA GLY M 74 -33.44 45.50 -42.96
C GLY M 74 -33.59 46.38 -41.74
N CYS M 75 -32.51 47.05 -41.33
CA CYS M 75 -32.63 47.97 -40.21
C CYS M 75 -33.17 49.34 -40.63
N ILE M 76 -33.07 49.70 -41.90
CA ILE M 76 -33.75 50.90 -42.36
C ILE M 76 -35.24 50.67 -42.57
N ALA M 77 -35.60 49.59 -43.28
CA ALA M 77 -36.89 49.50 -43.97
C ALA M 77 -38.18 49.67 -43.13
N PRO M 78 -38.31 49.15 -41.90
CA PRO M 78 -39.54 49.45 -41.13
C PRO M 78 -39.75 50.91 -40.81
N GLU M 79 -38.67 51.66 -40.52
CA GLU M 79 -38.81 53.07 -40.18
C GLU M 79 -39.24 53.90 -41.38
N VAL M 80 -38.64 53.65 -42.55
CA VAL M 80 -39.03 54.43 -43.73
C VAL M 80 -40.39 54.00 -44.26
N LEU M 81 -40.77 52.72 -44.09
CA LEU M 81 -42.10 52.31 -44.54
C LEU M 81 -43.18 52.67 -43.55
N GLY M 82 -42.83 52.99 -42.31
CA GLY M 82 -43.81 53.51 -41.38
C GLY M 82 -43.89 55.02 -41.42
N ALA M 83 -42.82 55.67 -41.87
CA ALA M 83 -42.88 57.11 -42.10
C ALA M 83 -43.55 57.45 -43.42
N ALA M 84 -43.43 56.58 -44.42
CA ALA M 84 -44.13 56.75 -45.68
C ALA M 84 -45.60 56.36 -45.60
N GLY M 85 -46.02 55.71 -44.52
CA GLY M 85 -47.41 55.32 -44.37
C GLY M 85 -47.80 54.08 -45.14
N LEU M 86 -46.86 53.17 -45.38
CA LEU M 86 -47.15 51.95 -46.12
C LEU M 86 -47.43 50.76 -45.22
N ILE M 87 -46.72 50.63 -44.10
CA ILE M 87 -46.96 49.57 -43.14
C ILE M 87 -47.58 50.22 -41.91
N PRO M 88 -48.38 49.50 -41.09
CA PRO M 88 -49.05 50.17 -39.95
C PRO M 88 -48.11 50.51 -38.81
N ASP M 89 -48.68 51.07 -37.74
CA ASP M 89 -47.90 51.50 -36.60
C ASP M 89 -47.75 50.44 -35.52
N ALA M 90 -48.43 49.30 -35.65
CA ALA M 90 -48.15 48.18 -34.75
C ALA M 90 -46.79 47.57 -35.07
N THR M 91 -46.45 47.50 -36.35
CA THR M 91 -45.09 47.27 -36.82
C THR M 91 -44.41 48.64 -36.92
N ASN M 92 -43.32 48.73 -37.69
CA ASN M 92 -42.46 49.90 -37.95
C ASN M 92 -41.64 50.31 -36.73
N ILE M 93 -41.48 49.40 -35.78
CA ILE M 93 -40.72 49.62 -34.57
C ILE M 93 -39.23 49.76 -34.88
N LYS M 94 -38.47 50.28 -33.91
CA LYS M 94 -37.03 50.36 -34.05
C LYS M 94 -36.42 48.97 -34.11
N TRP M 95 -35.28 48.87 -34.81
CA TRP M 95 -34.76 47.56 -35.19
C TRP M 95 -34.22 46.78 -34.00
N PHE M 96 -33.72 47.47 -32.98
CA PHE M 96 -33.26 46.78 -31.78
C PHE M 96 -34.39 46.41 -30.84
N GLU M 97 -35.62 46.86 -31.11
CA GLU M 97 -36.79 46.44 -30.35
C GLU M 97 -37.54 45.30 -31.01
N SER M 98 -36.94 44.65 -32.00
CA SER M 98 -37.59 43.59 -32.75
C SER M 98 -37.72 42.30 -31.96
N GLY M 99 -36.91 42.13 -30.92
CA GLY M 99 -36.74 40.84 -30.26
C GLY M 99 -35.32 40.32 -30.36
N VAL M 100 -34.43 41.07 -30.99
CA VAL M 100 -32.99 40.76 -30.96
C VAL M 100 -32.49 40.88 -29.54
N ILE M 101 -32.83 41.99 -28.89
CA ILE M 101 -32.48 42.26 -27.50
C ILE M 101 -33.80 42.48 -26.75
N PRO M 102 -34.31 41.45 -26.08
CA PRO M 102 -35.51 41.61 -25.24
C PRO M 102 -35.34 42.59 -24.07
N PRO M 103 -34.13 42.85 -23.54
CA PRO M 103 -34.00 44.06 -22.71
C PRO M 103 -34.30 45.36 -23.43
N ALA M 104 -33.98 45.45 -24.72
CA ALA M 104 -34.29 46.67 -25.47
C ALA M 104 -35.75 46.75 -25.85
N GLY M 105 -36.48 45.64 -25.78
CA GLY M 105 -37.89 45.61 -26.13
C GLY M 105 -38.16 44.45 -27.07
N SER M 106 -39.35 43.88 -26.95
CA SER M 106 -39.75 42.75 -27.78
C SER M 106 -41.07 43.09 -28.46
N TYR M 107 -41.45 42.25 -29.42
CA TYR M 107 -42.68 42.45 -30.18
C TYR M 107 -43.55 41.21 -30.09
N ASN M 108 -44.72 41.36 -29.46
CA ASN M 108 -45.72 40.30 -29.43
C ASN M 108 -46.67 40.49 -30.60
N GLY M 109 -46.78 39.47 -31.44
CA GLY M 109 -47.50 39.61 -32.70
C GLY M 109 -46.87 38.78 -33.79
N TYR M 110 -45.69 38.23 -33.49
CA TYR M 110 -45.12 37.17 -34.30
C TYR M 110 -45.97 35.91 -34.15
N TRP M 111 -45.82 34.98 -35.10
CA TRP M 111 -46.64 33.78 -35.06
C TRP M 111 -46.20 32.78 -34.00
N ALA M 112 -45.04 32.99 -33.37
CA ALA M 112 -44.58 32.12 -32.31
C ALA M 112 -43.67 32.92 -31.38
N ASP M 113 -43.19 32.24 -30.34
CA ASP M 113 -42.17 32.81 -29.48
C ASP M 113 -40.84 32.91 -30.24
N PRO M 114 -39.98 33.87 -29.86
CA PRO M 114 -38.70 34.02 -30.57
C PRO M 114 -37.77 32.83 -30.43
N TYR M 115 -37.89 32.01 -29.39
CA TYR M 115 -37.10 30.79 -29.33
C TYR M 115 -37.63 29.71 -30.26
N THR M 116 -38.95 29.65 -30.43
CA THR M 116 -39.54 28.79 -31.46
C THR M 116 -39.10 29.22 -32.84
N ILE M 117 -38.97 30.53 -33.07
CA ILE M 117 -38.40 31.05 -34.31
C ILE M 117 -36.93 30.66 -34.42
N PHE M 118 -36.20 30.79 -33.31
CA PHE M 118 -34.76 30.63 -33.33
C PHE M 118 -34.34 29.18 -33.55
N PHE M 119 -35.15 28.21 -33.15
CA PHE M 119 -34.78 26.82 -33.43
C PHE M 119 -34.91 26.51 -34.92
N VAL M 120 -35.94 27.05 -35.57
CA VAL M 120 -36.07 26.95 -37.02
C VAL M 120 -34.91 27.64 -37.71
N GLU M 121 -34.47 28.77 -37.14
CA GLU M 121 -33.28 29.46 -37.65
C GLU M 121 -32.01 28.62 -37.48
N ILE M 122 -31.88 27.93 -36.34
CA ILE M 122 -30.73 27.04 -36.10
C ILE M 122 -30.65 25.96 -37.15
N VAL M 123 -31.78 25.27 -37.39
CA VAL M 123 -31.79 24.16 -38.34
C VAL M 123 -31.54 24.66 -39.77
N ALA M 124 -32.21 25.76 -40.14
CA ALA M 124 -32.14 26.27 -41.50
C ALA M 124 -30.76 26.83 -41.82
N MET M 125 -30.23 27.69 -40.93
CA MET M 125 -28.91 28.26 -41.14
C MET M 125 -27.82 27.22 -40.97
N GLN M 126 -28.05 26.16 -40.18
CA GLN M 126 -27.11 25.07 -40.08
C GLN M 126 -26.95 24.35 -41.42
N PHE M 127 -28.09 23.97 -42.04
CA PHE M 127 -28.08 23.41 -43.40
C PHE M 127 -27.37 24.32 -44.40
N ALA M 128 -27.75 25.61 -44.42
CA ALA M 128 -27.24 26.53 -45.43
C ALA M 128 -25.75 26.80 -45.28
N GLU M 129 -25.38 27.30 -44.12
CA GLU M 129 -24.00 27.63 -43.83
C GLU M 129 -23.08 26.42 -43.83
N LEU M 130 -23.63 25.25 -43.54
CA LEU M 130 -22.81 24.07 -43.41
C LEU M 130 -22.53 23.45 -44.78
N ARG M 131 -23.51 23.50 -45.69
CA ARG M 131 -23.24 23.09 -47.07
C ARG M 131 -22.34 24.11 -47.78
N ARG M 132 -22.43 25.38 -47.40
CA ARG M 132 -21.51 26.38 -47.93
C ARG M 132 -20.08 26.14 -47.45
N LEU M 133 -19.91 25.78 -46.18
CA LEU M 133 -18.61 25.39 -45.64
C LEU M 133 -18.05 24.17 -46.36
N GLN M 134 -18.90 23.21 -46.68
CA GLN M 134 -18.40 22.02 -47.36
C GLN M 134 -18.00 22.31 -48.80
N ASP M 135 -18.64 23.26 -49.46
CA ASP M 135 -18.12 23.63 -50.78
C ASP M 135 -16.82 24.42 -50.67
N PHE M 136 -16.63 25.19 -49.60
CA PHE M 136 -15.33 25.83 -49.42
C PHE M 136 -14.22 24.82 -49.16
N ARG M 137 -14.49 23.81 -48.32
CA ARG M 137 -13.43 22.87 -47.96
C ARG M 137 -13.18 21.85 -49.06
N TYR M 138 -14.22 21.43 -49.77
CA TYR M 138 -14.09 20.49 -50.87
C TYR M 138 -14.81 21.09 -52.08
N PRO M 139 -14.08 21.73 -53.00
CA PRO M 139 -14.72 22.46 -54.09
C PRO M 139 -15.41 21.54 -55.08
N GLY M 140 -16.70 21.79 -55.30
CA GLY M 140 -17.49 21.00 -56.21
C GLY M 140 -18.16 19.78 -55.60
N SER M 141 -17.94 19.53 -54.32
CA SER M 141 -18.45 18.32 -53.68
C SER M 141 -19.94 18.39 -53.34
N MET M 142 -20.59 19.52 -53.57
CA MET M 142 -22.01 19.66 -53.28
C MET M 142 -22.89 19.40 -54.50
N GLY M 143 -22.39 18.68 -55.49
CA GLY M 143 -23.21 18.31 -56.62
C GLY M 143 -23.20 16.83 -56.93
N GLN M 144 -22.93 15.98 -55.93
CA GLN M 144 -22.95 14.53 -56.13
C GLN M 144 -23.99 13.83 -55.28
N GLN M 145 -23.95 14.01 -53.96
CA GLN M 145 -24.89 13.34 -53.08
C GLN M 145 -26.28 13.93 -53.24
N TYR M 146 -27.29 13.05 -53.22
CA TYR M 146 -28.67 13.41 -53.54
C TYR M 146 -29.22 14.39 -52.52
N PHE M 147 -29.70 15.53 -53.01
CA PHE M 147 -30.28 16.59 -52.19
C PHE M 147 -31.58 17.07 -52.85
N LEU M 148 -32.51 16.13 -53.07
CA LEU M 148 -33.85 16.37 -53.61
C LEU M 148 -33.84 16.83 -55.06
N GLY M 149 -32.81 16.44 -55.80
CA GLY M 149 -32.62 16.96 -57.15
C GLY M 149 -31.88 18.26 -57.21
N LEU M 150 -31.56 18.86 -56.07
CA LEU M 150 -30.83 20.13 -56.03
C LEU M 150 -29.33 19.84 -55.95
N GLU M 151 -28.78 19.41 -57.08
CA GLU M 151 -27.35 19.14 -57.16
C GLU M 151 -26.65 19.90 -58.27
N ALA M 152 -27.31 20.13 -59.40
CA ALA M 152 -26.73 20.95 -60.45
C ALA M 152 -26.69 22.42 -60.07
N ILE M 153 -27.57 22.83 -59.15
CA ILE M 153 -27.57 24.18 -58.61
C ILE M 153 -26.32 24.47 -57.78
N PHE M 154 -25.79 23.47 -57.08
CA PHE M 154 -24.69 23.68 -56.13
C PHE M 154 -23.39 23.10 -56.61
N LYS M 155 -23.16 23.09 -57.92
CA LYS M 155 -21.85 22.69 -58.41
C LYS M 155 -20.79 23.74 -58.10
N GLY M 156 -21.19 24.99 -57.94
CA GLY M 156 -20.23 26.05 -57.67
C GLY M 156 -19.41 26.35 -58.90
N SER M 157 -18.29 27.01 -58.68
CA SER M 157 -17.28 27.21 -59.72
C SER M 157 -15.97 26.69 -59.19
N GLY M 158 -14.87 27.00 -59.88
CA GLY M 158 -13.55 26.76 -59.33
C GLY M 158 -13.07 27.89 -58.45
N ASP M 159 -13.95 28.32 -57.53
CA ASP M 159 -13.78 29.54 -56.75
C ASP M 159 -14.83 29.52 -55.65
N ALA M 160 -14.44 29.92 -54.45
CA ALA M 160 -15.42 30.24 -53.43
C ALA M 160 -16.01 31.61 -53.71
N ALA M 161 -16.97 32.02 -52.87
CA ALA M 161 -17.53 33.37 -52.77
C ALA M 161 -18.40 33.78 -53.95
N TYR M 162 -18.35 33.02 -55.03
CA TYR M 162 -19.04 33.37 -56.27
C TYR M 162 -19.43 32.08 -56.98
N PRO M 163 -20.41 31.31 -56.44
CA PRO M 163 -20.75 30.02 -57.06
C PRO M 163 -21.41 30.17 -58.42
N GLY M 164 -22.48 30.94 -58.47
CA GLY M 164 -23.22 31.15 -59.71
C GLY M 164 -24.31 30.11 -59.88
N GLY M 165 -24.28 29.41 -61.01
CA GLY M 165 -25.26 28.40 -61.32
C GLY M 165 -26.62 28.96 -61.61
N PRO M 166 -27.59 28.08 -61.87
CA PRO M 166 -28.92 28.55 -62.30
C PRO M 166 -29.72 29.26 -61.22
N PHE M 167 -29.36 29.14 -59.95
CA PHE M 167 -30.02 29.92 -58.91
C PHE M 167 -29.15 31.02 -58.32
N PHE M 168 -27.86 30.77 -58.06
CA PHE M 168 -27.09 31.87 -57.50
C PHE M 168 -26.73 32.92 -58.55
N ASN M 169 -26.88 32.60 -59.84
CA ASN M 169 -26.84 33.60 -60.90
C ASN M 169 -28.10 33.33 -61.73
N LEU M 170 -29.23 33.91 -61.32
CA LEU M 170 -30.50 33.67 -62.00
C LEU M 170 -30.47 34.21 -63.42
N PHE M 171 -30.32 35.53 -63.52
CA PHE M 171 -30.08 36.20 -64.78
C PHE M 171 -28.58 36.18 -65.03
N ASN M 172 -28.18 35.84 -66.26
CA ASN M 172 -26.75 35.80 -66.55
C ASN M 172 -26.17 37.20 -66.61
N LEU M 173 -25.77 37.72 -65.45
CA LEU M 173 -25.19 39.04 -65.32
C LEU M 173 -23.69 38.89 -65.11
N GLY M 174 -22.90 39.57 -65.93
CA GLY M 174 -21.48 39.37 -65.92
C GLY M 174 -21.07 38.31 -66.91
N LYS M 175 -21.72 38.31 -68.08
CA LYS M 175 -21.34 37.39 -69.14
C LYS M 175 -20.01 37.79 -69.77
N THR M 176 -19.68 39.07 -69.72
CA THR M 176 -18.36 39.56 -70.09
C THR M 176 -17.48 39.51 -68.85
N GLU M 177 -16.20 39.17 -69.03
CA GLU M 177 -15.28 39.09 -67.91
C GLU M 177 -15.04 40.45 -67.26
N ALA M 178 -14.96 41.51 -68.07
CA ALA M 178 -14.78 42.85 -67.53
C ALA M 178 -16.02 43.33 -66.81
N ALA M 179 -17.21 43.00 -67.33
CA ALA M 179 -18.45 43.30 -66.64
C ALA M 179 -18.57 42.52 -65.34
N MET M 180 -18.04 41.30 -65.31
CA MET M 180 -18.04 40.51 -64.08
C MET M 180 -17.10 41.12 -63.03
N LYS M 181 -15.94 41.62 -63.48
CA LYS M 181 -15.04 42.32 -62.57
C LYS M 181 -15.66 43.60 -62.03
N GLU M 182 -16.36 44.35 -62.90
CA GLU M 182 -17.01 45.58 -62.47
C GLU M 182 -18.13 45.31 -61.48
N LEU M 183 -18.88 44.22 -61.68
CA LEU M 183 -19.95 43.87 -60.75
C LEU M 183 -19.38 43.39 -59.41
N LYS M 184 -18.28 42.63 -59.44
CA LYS M 184 -17.63 42.23 -58.18
C LYS M 184 -17.11 43.44 -57.41
N LEU M 185 -16.56 44.43 -58.12
CA LEU M 185 -16.05 45.62 -57.47
C LEU M 185 -17.17 46.47 -56.88
N LYS M 186 -18.31 46.55 -57.60
CA LYS M 186 -19.46 47.27 -57.07
C LYS M 186 -20.07 46.56 -55.87
N GLU M 187 -20.06 45.23 -55.88
CA GLU M 187 -20.50 44.46 -54.72
C GLU M 187 -19.60 44.71 -53.52
N ILE M 188 -18.28 44.76 -53.74
CA ILE M 188 -17.32 45.06 -52.68
C ILE M 188 -17.55 46.45 -52.10
N LYS M 189 -17.75 47.45 -52.96
CA LYS M 189 -17.87 48.83 -52.46
C LYS M 189 -19.19 49.08 -51.75
N ASN M 190 -20.32 48.65 -52.34
CA ASN M 190 -21.61 48.71 -51.65
C ASN M 190 -21.59 47.89 -50.36
N GLY M 191 -20.83 46.79 -50.33
CA GLY M 191 -20.76 45.99 -49.12
C GLY M 191 -19.98 46.65 -48.00
N ARG M 192 -18.81 47.21 -48.31
CA ARG M 192 -18.00 47.90 -47.29
C ARG M 192 -18.72 49.13 -46.76
N LEU M 193 -19.45 49.83 -47.65
CA LEU M 193 -20.29 50.94 -47.20
C LEU M 193 -21.39 50.47 -46.26
N ALA M 194 -22.01 49.31 -46.56
CA ALA M 194 -23.04 48.81 -45.67
C ALA M 194 -22.49 48.26 -44.37
N MET M 195 -21.23 47.80 -44.36
CA MET M 195 -20.59 47.36 -43.13
C MET M 195 -20.33 48.54 -42.19
N LEU M 196 -19.80 49.63 -42.76
CA LEU M 196 -19.67 50.89 -42.00
C LEU M 196 -21.03 51.39 -41.53
N ALA M 197 -22.06 51.22 -42.35
CA ALA M 197 -23.40 51.66 -41.97
C ALA M 197 -23.99 50.81 -40.85
N MET M 198 -23.67 49.51 -40.82
CA MET M 198 -24.24 48.67 -39.77
C MET M 198 -23.51 48.88 -38.44
N LEU M 199 -22.19 49.10 -38.48
CA LEU M 199 -21.49 49.56 -37.29
C LEU M 199 -22.02 50.91 -36.82
N GLY M 200 -22.38 51.77 -37.77
CA GLY M 200 -23.05 53.00 -37.44
C GLY M 200 -24.39 52.80 -36.75
N TYR M 201 -25.21 51.87 -37.25
CA TYR M 201 -26.52 51.61 -36.65
C TYR M 201 -26.38 51.12 -35.23
N GLY M 202 -25.41 50.22 -34.99
CA GLY M 202 -25.13 49.78 -33.63
C GLY M 202 -24.69 50.90 -32.71
N ALA M 203 -23.79 51.78 -33.20
CA ALA M 203 -23.27 52.86 -32.38
C ALA M 203 -24.35 53.89 -32.03
N GLN M 204 -25.08 54.34 -33.03
CA GLN M 204 -26.14 55.31 -32.80
C GLN M 204 -27.23 54.72 -31.93
N ALA M 205 -27.55 53.45 -32.15
CA ALA M 205 -28.58 52.80 -31.36
C ALA M 205 -28.20 52.72 -29.89
N VAL M 206 -26.92 52.45 -29.61
CA VAL M 206 -26.47 52.43 -28.21
C VAL M 206 -26.48 53.82 -27.61
N MET M 207 -25.96 54.82 -28.35
CA MET M 207 -25.73 56.10 -27.71
C MET M 207 -27.00 56.94 -27.57
N THR M 208 -27.66 57.26 -28.68
CA THR M 208 -28.81 58.16 -28.56
C THR M 208 -30.12 57.42 -28.30
N GLY M 209 -30.13 56.09 -28.41
CA GLY M 209 -31.31 55.32 -28.04
C GLY M 209 -32.47 55.41 -29.01
N LYS M 210 -32.23 55.85 -30.24
CA LYS M 210 -33.29 55.98 -31.23
C LYS M 210 -32.93 55.21 -32.50
N GLY M 211 -33.74 55.36 -33.55
CA GLY M 211 -33.50 54.69 -34.80
C GLY M 211 -32.71 55.52 -35.79
N PRO M 212 -32.11 54.86 -36.79
CA PRO M 212 -31.27 55.59 -37.76
C PRO M 212 -32.04 56.57 -38.63
N PHE M 213 -33.29 56.27 -38.98
CA PHE M 213 -34.08 57.24 -39.73
C PHE M 213 -34.47 58.43 -38.85
N GLN M 214 -34.67 58.18 -37.54
CA GLN M 214 -34.86 59.28 -36.61
C GLN M 214 -33.60 60.14 -36.50
N ASN M 215 -32.42 59.51 -36.61
CA ASN M 215 -31.18 60.28 -36.64
C ASN M 215 -31.05 61.10 -37.92
N LEU M 216 -31.50 60.55 -39.05
CA LEU M 216 -31.60 61.34 -40.28
C LEU M 216 -32.51 62.55 -40.11
N VAL M 217 -33.67 62.35 -39.48
CA VAL M 217 -34.63 63.45 -39.31
C VAL M 217 -34.04 64.54 -38.40
N GLU M 218 -33.32 64.14 -37.35
CA GLU M 218 -32.76 65.13 -36.44
C GLU M 218 -31.55 65.86 -37.05
N HIS M 219 -30.68 65.15 -37.77
CA HIS M 219 -29.53 65.80 -38.40
C HIS M 219 -29.95 66.67 -39.58
N LEU M 220 -31.02 66.31 -40.29
CA LEU M 220 -31.50 67.16 -41.36
C LEU M 220 -32.34 68.32 -40.85
N ALA M 221 -32.94 68.19 -39.66
CA ALA M 221 -33.62 69.33 -39.06
C ALA M 221 -32.60 70.35 -38.55
N ASP M 222 -31.71 69.92 -37.66
CA ASP M 222 -30.69 70.81 -37.09
C ASP M 222 -29.32 70.18 -37.30
N PRO M 223 -28.62 70.52 -38.39
CA PRO M 223 -27.27 69.96 -38.60
C PRO M 223 -26.23 70.50 -37.61
N VAL M 224 -26.49 71.64 -36.99
CA VAL M 224 -25.57 72.21 -36.01
C VAL M 224 -25.83 71.63 -34.63
N ASN M 225 -27.09 71.60 -34.21
CA ASN M 225 -27.45 71.26 -32.83
C ASN M 225 -27.83 69.80 -32.65
N ASN M 226 -27.63 68.96 -33.66
CA ASN M 226 -27.86 67.51 -33.54
C ASN M 226 -26.70 66.80 -34.23
N ASN M 227 -25.65 66.52 -33.48
CA ASN M 227 -24.46 65.84 -33.97
C ASN M 227 -24.03 64.84 -32.91
N ILE M 228 -22.87 64.22 -33.12
CA ILE M 228 -22.28 63.40 -32.06
C ILE M 228 -21.85 64.28 -30.90
N LEU M 229 -21.43 65.53 -31.17
CA LEU M 229 -20.91 66.42 -30.15
C LEU M 229 -22.00 66.93 -29.21
N THR M 230 -23.26 66.88 -29.64
CA THR M 230 -24.39 67.29 -28.81
C THR M 230 -24.86 66.17 -27.90
N ASN M 231 -24.89 64.94 -28.40
CA ASN M 231 -25.47 63.82 -27.66
C ASN M 231 -24.59 63.28 -26.54
N PHE M 232 -23.41 63.86 -26.28
CA PHE M 232 -22.58 63.40 -25.17
C PHE M 232 -23.24 63.74 -23.84
N VAL N 3 -19.61 8.35 -53.94
CA VAL N 3 -20.66 7.65 -54.66
C VAL N 3 -21.86 7.45 -53.76
N ARG N 4 -21.70 6.63 -52.73
CA ARG N 4 -22.80 6.35 -51.82
C ARG N 4 -23.04 7.55 -50.90
N PRO N 5 -24.29 7.79 -50.50
CA PRO N 5 -24.57 8.97 -49.66
C PRO N 5 -23.98 8.83 -48.27
N VAL N 6 -23.21 9.83 -47.88
CA VAL N 6 -22.53 9.88 -46.60
C VAL N 6 -23.41 10.68 -45.65
N TRP N 7 -23.27 10.43 -44.34
CA TRP N 7 -24.00 11.17 -43.30
C TRP N 7 -23.72 12.66 -43.33
N PHE N 8 -22.57 13.05 -43.87
CA PHE N 8 -22.07 14.42 -43.84
C PHE N 8 -21.53 14.65 -45.24
N PRO N 9 -22.31 15.28 -46.12
CA PRO N 9 -21.90 15.42 -47.52
C PRO N 9 -20.67 16.31 -47.67
N GLY N 10 -19.73 15.84 -48.50
CA GLY N 10 -18.47 16.50 -48.71
C GLY N 10 -17.30 15.76 -48.10
N ASN N 11 -17.46 15.24 -46.88
CA ASN N 11 -16.37 14.46 -46.32
C ASN N 11 -16.36 13.05 -46.91
N PRO N 12 -15.18 12.51 -47.21
CA PRO N 12 -15.10 11.10 -47.59
C PRO N 12 -15.40 10.21 -46.39
N PRO N 13 -15.87 8.99 -46.63
CA PRO N 13 -16.10 8.07 -45.51
C PRO N 13 -14.77 7.51 -44.99
N PRO N 14 -14.76 7.01 -43.75
CA PRO N 14 -13.54 6.39 -43.23
C PRO N 14 -13.21 5.10 -43.97
N ALA N 15 -11.96 4.65 -43.76
CA ALA N 15 -11.45 3.51 -44.51
C ALA N 15 -12.04 2.20 -44.02
N HIS N 16 -12.47 2.14 -42.76
CA HIS N 16 -13.02 0.90 -42.22
C HIS N 16 -14.51 0.72 -42.49
N LEU N 17 -15.21 1.77 -42.93
CA LEU N 17 -16.60 1.68 -43.33
C LEU N 17 -16.66 1.72 -44.86
N ASP N 18 -16.98 0.58 -45.46
CA ASP N 18 -16.85 0.41 -46.90
C ASP N 18 -18.17 0.52 -47.66
N GLY N 19 -19.28 0.10 -47.05
CA GLY N 19 -20.55 0.01 -47.74
C GLY N 19 -21.10 -1.39 -47.82
N SER N 20 -20.33 -2.40 -47.38
CA SER N 20 -20.84 -3.77 -47.36
C SER N 20 -21.91 -3.95 -46.29
N LEU N 21 -21.87 -3.16 -45.23
CA LEU N 21 -22.82 -3.28 -44.14
C LEU N 21 -24.10 -2.53 -44.47
N ALA N 22 -25.17 -2.92 -43.77
CA ALA N 22 -26.45 -2.26 -43.93
C ALA N 22 -26.49 -1.01 -43.06
N GLY N 23 -26.87 0.12 -43.66
CA GLY N 23 -26.81 1.38 -42.96
C GLY N 23 -25.44 2.00 -42.93
N ASP N 24 -24.57 1.63 -43.86
CA ASP N 24 -23.19 2.11 -43.88
C ASP N 24 -23.19 3.49 -44.52
N TYR N 25 -23.16 4.52 -43.68
CA TYR N 25 -23.10 5.90 -44.14
C TYR N 25 -21.76 6.56 -43.86
N GLY N 26 -20.78 5.79 -43.39
CA GLY N 26 -19.51 6.36 -43.03
C GLY N 26 -19.55 7.22 -41.79
N PHE N 27 -20.46 6.93 -40.87
CA PHE N 27 -20.59 7.72 -39.65
C PHE N 27 -19.81 7.03 -38.54
N ASP N 28 -18.55 7.43 -38.40
CA ASP N 28 -17.72 7.03 -37.25
C ASP N 28 -16.70 8.12 -36.99
N PRO N 29 -17.12 9.27 -36.43
CA PRO N 29 -16.16 10.35 -36.19
C PRO N 29 -15.21 10.08 -35.03
N LEU N 30 -15.58 9.22 -34.09
CA LEU N 30 -14.68 8.86 -33.00
C LEU N 30 -13.89 7.60 -33.26
N PHE N 31 -14.07 6.97 -34.43
CA PHE N 31 -13.30 5.82 -34.90
C PHE N 31 -13.39 4.63 -33.95
N LEU N 32 -14.58 4.41 -33.40
CA LEU N 32 -14.80 3.34 -32.44
C LEU N 32 -14.74 1.95 -33.06
N GLY N 33 -14.83 1.84 -34.38
CA GLY N 33 -14.81 0.55 -35.02
C GLY N 33 -13.71 0.35 -36.04
N GLN N 34 -12.50 0.84 -35.77
CA GLN N 34 -11.40 0.63 -36.72
C GLN N 34 -10.97 -0.83 -36.79
N GLU N 35 -10.93 -1.51 -35.64
CA GLU N 35 -10.62 -2.92 -35.65
C GLU N 35 -11.80 -3.72 -36.19
N PRO N 36 -11.56 -4.69 -37.07
CA PRO N 36 -12.69 -5.45 -37.65
C PRO N 36 -13.44 -6.31 -36.66
N GLN N 37 -12.78 -6.82 -35.62
CA GLN N 37 -13.49 -7.59 -34.60
C GLN N 37 -14.37 -6.69 -33.75
N THR N 38 -13.87 -5.50 -33.42
CA THR N 38 -14.67 -4.55 -32.65
C THR N 38 -15.82 -4.02 -33.49
N LEU N 39 -15.63 -3.88 -34.79
CA LEU N 39 -16.72 -3.46 -35.67
C LEU N 39 -17.76 -4.57 -35.82
N LYS N 40 -17.32 -5.83 -35.88
CA LYS N 40 -18.23 -6.97 -35.90
C LYS N 40 -19.10 -7.01 -34.65
N TRP N 41 -18.46 -6.84 -33.50
CA TRP N 41 -19.16 -6.82 -32.22
C TRP N 41 -20.11 -5.64 -32.10
N TYR N 42 -19.73 -4.48 -32.66
CA TYR N 42 -20.60 -3.32 -32.62
C TYR N 42 -21.76 -3.41 -33.60
N VAL N 43 -21.56 -4.07 -34.75
CA VAL N 43 -22.67 -4.39 -35.65
C VAL N 43 -23.73 -5.21 -34.93
N GLN N 44 -23.28 -6.24 -34.21
CA GLN N 44 -24.25 -7.08 -33.52
C GLN N 44 -24.89 -6.36 -32.32
N ALA N 45 -24.13 -5.48 -31.65
CA ALA N 45 -24.73 -4.69 -30.57
C ALA N 45 -25.72 -3.67 -31.08
N GLU N 46 -25.43 -3.10 -32.26
CA GLU N 46 -26.34 -2.14 -32.88
C GLU N 46 -27.65 -2.81 -33.26
N LEU N 47 -27.57 -4.02 -33.82
CA LEU N 47 -28.78 -4.75 -34.19
C LEU N 47 -29.59 -5.16 -32.96
N VAL N 48 -28.92 -5.54 -31.86
CA VAL N 48 -29.67 -5.93 -30.66
C VAL N 48 -30.34 -4.72 -30.00
N HIS N 49 -29.62 -3.60 -29.87
CA HIS N 49 -30.21 -2.36 -29.36
C HIS N 49 -31.35 -1.87 -30.26
N GLY N 50 -31.18 -1.96 -31.57
CA GLY N 50 -32.21 -1.53 -32.49
C GLY N 50 -33.47 -2.37 -32.39
N ARG N 51 -33.31 -3.69 -32.31
CA ARG N 51 -34.47 -4.58 -32.25
C ARG N 51 -35.21 -4.45 -30.94
N PHE N 52 -34.50 -4.29 -29.82
CA PHE N 52 -35.18 -3.97 -28.57
C PHE N 52 -35.86 -2.62 -28.61
N ALA N 53 -35.28 -1.64 -29.31
CA ALA N 53 -35.92 -0.33 -29.37
C ALA N 53 -37.16 -0.33 -30.24
N MET N 54 -37.16 -1.13 -31.32
CA MET N 54 -38.35 -1.25 -32.16
C MET N 54 -39.48 -1.94 -31.41
N LEU N 55 -39.15 -3.02 -30.71
CA LEU N 55 -40.16 -3.72 -29.91
C LEU N 55 -40.67 -2.84 -28.76
N GLY N 56 -39.77 -2.11 -28.11
CA GLY N 56 -40.16 -1.24 -27.02
C GLY N 56 -40.99 -0.06 -27.49
N ALA N 57 -40.61 0.56 -28.60
CA ALA N 57 -41.35 1.71 -29.13
C ALA N 57 -42.72 1.31 -29.64
N ALA N 58 -42.85 0.11 -30.23
CA ALA N 58 -44.18 -0.36 -30.60
C ALA N 58 -45.05 -0.60 -29.38
N GLY N 59 -44.45 -1.10 -28.29
CA GLY N 59 -45.20 -1.23 -27.04
C GLY N 59 -45.64 0.10 -26.47
N ILE N 60 -44.75 1.10 -26.49
CA ILE N 60 -45.06 2.47 -26.03
C ILE N 60 -46.23 3.03 -26.82
N ILE N 61 -46.15 2.94 -28.16
CA ILE N 61 -47.13 3.57 -29.03
C ILE N 61 -48.49 2.89 -28.91
N LEU N 62 -48.52 1.55 -28.88
CA LEU N 62 -49.81 0.86 -28.79
C LEU N 62 -50.46 1.05 -27.44
N THR N 63 -49.68 1.01 -26.35
CA THR N 63 -50.27 1.23 -25.03
C THR N 63 -50.68 2.70 -24.84
N SER N 64 -50.01 3.64 -25.50
CA SER N 64 -50.42 5.03 -25.39
C SER N 64 -51.66 5.34 -26.23
N ILE N 65 -51.80 4.70 -27.39
CA ILE N 65 -53.06 4.77 -28.14
C ILE N 65 -54.20 4.21 -27.32
N GLY N 66 -53.99 3.03 -26.71
CA GLY N 66 -54.99 2.45 -25.84
C GLY N 66 -55.19 3.17 -24.52
N ALA N 67 -54.31 4.11 -24.17
CA ALA N 67 -54.49 4.92 -22.98
C ALA N 67 -55.21 6.23 -23.28
N LYS N 68 -54.98 6.83 -24.45
CA LYS N 68 -55.74 8.03 -24.81
C LYS N 68 -57.16 7.66 -25.19
N VAL N 69 -57.33 6.67 -26.07
CA VAL N 69 -58.66 6.12 -26.28
C VAL N 69 -59.06 5.35 -25.03
N GLY N 70 -60.26 5.58 -24.52
CA GLY N 70 -60.59 5.17 -23.17
C GLY N 70 -60.74 3.69 -22.92
N LEU N 71 -59.63 2.94 -22.97
CA LEU N 71 -59.64 1.51 -22.71
C LEU N 71 -59.14 1.14 -21.32
N GLY N 72 -58.51 2.07 -20.62
CA GLY N 72 -57.99 1.77 -19.29
C GLY N 72 -56.56 1.30 -19.25
N PHE N 73 -55.81 1.45 -20.33
CA PHE N 73 -54.41 1.08 -20.32
C PHE N 73 -53.60 2.14 -19.57
N PRO N 74 -52.64 1.72 -18.74
CA PRO N 74 -51.80 2.68 -18.03
C PRO N 74 -50.87 3.38 -19.00
N GLU N 75 -50.16 4.37 -18.47
CA GLU N 75 -49.04 4.94 -19.19
C GLU N 75 -47.78 4.19 -18.79
N TRP N 76 -46.82 4.14 -19.72
CA TRP N 76 -45.72 3.19 -19.67
C TRP N 76 -44.79 3.38 -18.48
N TYR N 77 -44.75 4.58 -17.91
CA TYR N 77 -44.00 4.82 -16.69
C TYR N 77 -44.76 4.41 -15.44
N ASP N 78 -46.00 3.93 -15.57
CA ASP N 78 -46.75 3.36 -14.47
C ASP N 78 -47.18 1.93 -14.74
N ALA N 79 -46.90 1.43 -15.95
CA ALA N 79 -47.41 0.14 -16.40
C ALA N 79 -46.85 -1.03 -15.59
N GLY N 80 -45.55 -1.00 -15.28
CA GLY N 80 -44.96 -2.09 -14.54
C GLY N 80 -45.48 -2.18 -13.12
N LYS N 81 -45.64 -1.03 -12.47
CA LYS N 81 -46.19 -0.99 -11.12
C LYS N 81 -47.63 -1.46 -11.09
N VAL N 82 -48.44 -1.05 -12.08
CA VAL N 82 -49.84 -1.46 -12.01
C VAL N 82 -50.01 -2.93 -12.42
N VAL N 83 -49.12 -3.48 -13.26
CA VAL N 83 -49.21 -4.90 -13.59
C VAL N 83 -48.83 -5.75 -12.38
N VAL N 84 -47.72 -5.40 -11.72
CA VAL N 84 -47.27 -6.15 -10.54
C VAL N 84 -48.27 -6.02 -9.39
N GLU N 85 -48.90 -4.86 -9.24
CA GLU N 85 -49.82 -4.70 -8.12
C GLU N 85 -51.23 -5.20 -8.40
N LYS N 86 -51.71 -5.15 -9.63
CA LYS N 86 -53.05 -5.64 -9.92
C LYS N 86 -53.08 -7.13 -10.20
N ASN N 87 -51.98 -7.72 -10.65
CA ASN N 87 -51.91 -9.17 -10.72
C ASN N 87 -51.41 -9.70 -9.38
N ASN N 88 -51.18 -11.02 -9.33
CA ASN N 88 -50.70 -11.68 -8.12
C ASN N 88 -49.20 -11.89 -8.20
N ILE N 89 -48.48 -10.94 -8.78
CA ILE N 89 -47.09 -11.10 -9.18
C ILE N 89 -46.18 -10.46 -8.13
N ASP N 90 -45.23 -11.23 -7.61
CA ASP N 90 -44.11 -10.65 -6.89
C ASP N 90 -43.03 -10.22 -7.88
N PHE N 91 -42.45 -9.05 -7.61
CA PHE N 91 -41.44 -8.48 -8.50
C PHE N 91 -40.13 -9.28 -8.62
N PRO N 92 -39.43 -9.69 -7.53
CA PRO N 92 -38.08 -10.24 -7.75
C PRO N 92 -38.07 -11.62 -8.37
N THR N 93 -39.12 -12.43 -8.17
CA THR N 93 -39.18 -13.72 -8.84
C THR N 93 -39.37 -13.56 -10.35
N LEU N 94 -40.19 -12.61 -10.78
CA LEU N 94 -40.35 -12.36 -12.22
C LEU N 94 -39.08 -11.79 -12.82
N MET N 95 -38.35 -10.98 -12.05
CA MET N 95 -37.05 -10.49 -12.52
C MET N 95 -36.03 -11.62 -12.65
N VAL N 96 -36.03 -12.57 -11.71
CA VAL N 96 -35.08 -13.70 -11.76
C VAL N 96 -35.41 -14.65 -12.90
N ILE N 97 -36.71 -14.90 -13.14
CA ILE N 97 -37.11 -15.74 -14.28
C ILE N 97 -36.74 -15.06 -15.60
N GLN N 98 -36.87 -13.73 -15.66
CA GLN N 98 -36.35 -12.98 -16.80
C GLN N 98 -34.85 -13.16 -16.96
N PHE N 99 -34.10 -13.13 -15.84
CA PHE N 99 -32.65 -13.35 -15.92
C PHE N 99 -32.32 -14.75 -16.42
N TYR N 100 -33.08 -15.76 -15.99
CA TYR N 100 -32.86 -17.13 -16.44
C TYR N 100 -33.05 -17.27 -17.95
N LEU N 101 -34.22 -16.85 -18.44
CA LEU N 101 -34.54 -17.06 -19.86
C LEU N 101 -33.66 -16.19 -20.75
N MET N 102 -33.47 -14.93 -20.36
CA MET N 102 -32.68 -14.02 -21.18
C MET N 102 -31.20 -14.37 -21.10
N GLY N 103 -30.74 -14.92 -19.98
CA GLY N 103 -29.35 -15.31 -19.87
C GLY N 103 -29.04 -16.55 -20.67
N TRP N 104 -29.97 -17.51 -20.69
CA TRP N 104 -29.85 -18.67 -21.56
C TRP N 104 -29.72 -18.24 -23.02
N ALA N 105 -30.71 -17.48 -23.51
CA ALA N 105 -30.74 -17.08 -24.93
C ALA N 105 -29.57 -16.18 -25.30
N GLU N 106 -29.28 -15.24 -24.41
CA GLU N 106 -28.21 -14.27 -24.57
C GLU N 106 -26.84 -14.94 -24.60
N THR N 107 -26.65 -15.96 -23.77
CA THR N 107 -25.38 -16.67 -23.69
C THR N 107 -25.18 -17.56 -24.91
N LYS N 108 -26.27 -18.12 -25.44
CA LYS N 108 -26.21 -18.77 -26.75
C LYS N 108 -25.75 -17.80 -27.83
N ARG N 109 -26.27 -16.57 -27.80
CA ARG N 109 -25.86 -15.54 -28.74
C ARG N 109 -24.37 -15.16 -28.56
N TRP N 110 -23.94 -15.01 -27.31
CA TRP N 110 -22.55 -14.72 -26.97
C TRP N 110 -21.59 -15.78 -27.51
N TYR N 111 -21.84 -17.04 -27.20
CA TYR N 111 -20.90 -18.07 -27.64
C TYR N 111 -21.06 -18.43 -29.11
N ASP N 112 -22.15 -18.02 -29.76
CA ASP N 112 -22.15 -18.11 -31.22
C ASP N 112 -21.41 -16.95 -31.85
N PHE N 113 -21.29 -15.81 -31.16
CA PHE N 113 -20.34 -14.80 -31.62
C PHE N 113 -18.92 -15.30 -31.50
N LYS N 114 -18.59 -15.95 -30.38
CA LYS N 114 -17.22 -16.42 -30.15
C LYS N 114 -16.84 -17.54 -31.11
N ASN N 115 -17.62 -18.60 -31.15
CA ASN N 115 -17.35 -19.73 -32.03
C ASN N 115 -18.51 -19.82 -33.01
N PRO N 116 -18.32 -19.50 -34.30
CA PRO N 116 -19.44 -19.00 -35.12
C PRO N 116 -20.47 -20.05 -35.53
N GLY N 117 -20.10 -21.32 -35.65
CA GLY N 117 -21.10 -22.31 -36.04
C GLY N 117 -21.40 -23.31 -34.95
N SER N 118 -21.02 -22.98 -33.73
CA SER N 118 -20.88 -23.97 -32.68
C SER N 118 -22.16 -24.29 -31.94
N GLN N 119 -23.19 -23.47 -32.05
CA GLN N 119 -24.43 -23.78 -31.35
C GLN N 119 -25.29 -24.76 -32.13
N ALA N 120 -24.89 -25.11 -33.35
CA ALA N 120 -25.60 -26.08 -34.17
C ALA N 120 -24.98 -27.47 -34.08
N ASP N 121 -24.39 -27.80 -32.94
CA ASP N 121 -23.78 -29.12 -32.75
C ASP N 121 -24.78 -30.19 -32.36
N GLY N 122 -25.94 -29.79 -31.85
CA GLY N 122 -26.91 -30.72 -31.33
C GLY N 122 -26.93 -30.85 -29.84
N SER N 123 -26.12 -30.05 -29.13
CA SER N 123 -26.01 -30.17 -27.69
C SER N 123 -27.26 -29.63 -26.99
N PHE N 124 -27.77 -28.50 -27.46
CA PHE N 124 -29.14 -28.13 -27.14
C PHE N 124 -30.06 -29.12 -27.84
N LEU N 125 -31.26 -29.30 -27.28
CA LEU N 125 -31.97 -30.57 -27.09
C LEU N 125 -31.73 -31.64 -28.17
N GLY N 126 -32.00 -31.32 -29.42
CA GLY N 126 -31.55 -32.16 -30.51
C GLY N 126 -31.28 -31.34 -31.75
N PHE N 127 -31.34 -30.03 -31.60
CA PHE N 127 -31.47 -29.12 -32.73
C PHE N 127 -30.12 -28.88 -33.41
N THR N 128 -30.10 -29.03 -34.74
CA THR N 128 -28.91 -28.87 -35.56
C THR N 128 -29.29 -28.04 -36.77
N GLU N 129 -28.44 -27.05 -37.08
CA GLU N 129 -28.54 -26.09 -38.20
C GLU N 129 -29.68 -25.09 -38.06
N GLU N 130 -30.49 -25.23 -37.01
CA GLU N 130 -31.52 -24.26 -36.69
C GLU N 130 -31.03 -23.21 -35.71
N PHE N 131 -29.89 -23.46 -35.06
CA PHE N 131 -29.18 -22.46 -34.27
C PHE N 131 -27.85 -22.07 -34.89
N LYS N 132 -27.60 -22.47 -36.12
CA LYS N 132 -26.49 -21.93 -36.88
C LYS N 132 -26.88 -20.57 -37.43
N GLY N 133 -25.96 -19.60 -37.33
CA GLY N 133 -26.23 -18.30 -37.86
C GLY N 133 -26.02 -18.23 -39.36
N LEU N 134 -26.63 -17.22 -39.98
CA LEU N 134 -26.41 -16.98 -41.39
C LEU N 134 -25.29 -15.96 -41.60
N GLU N 135 -25.37 -14.83 -40.89
CA GLU N 135 -24.33 -13.81 -40.89
C GLU N 135 -24.14 -13.34 -39.46
N ASN N 136 -23.31 -12.31 -39.29
CA ASN N 136 -23.13 -11.65 -38.01
C ASN N 136 -24.44 -10.97 -37.60
N GLY N 137 -25.05 -11.45 -36.52
CA GLY N 137 -26.27 -10.82 -36.05
C GLY N 137 -27.50 -11.11 -36.87
N TYR N 138 -27.42 -12.05 -37.82
CA TYR N 138 -28.54 -12.42 -38.68
C TYR N 138 -28.75 -13.93 -38.56
N PRO N 139 -29.49 -14.39 -37.52
CA PRO N 139 -29.56 -15.83 -37.20
C PRO N 139 -30.73 -16.57 -37.83
N GLY N 140 -30.86 -16.49 -39.15
CA GLY N 140 -32.07 -17.01 -39.76
C GLY N 140 -32.08 -18.49 -40.11
N GLY N 141 -32.85 -19.27 -39.35
CA GLY N 141 -33.02 -20.67 -39.65
C GLY N 141 -34.47 -21.05 -39.86
N ARG N 142 -34.98 -21.91 -38.99
CA ARG N 142 -36.41 -22.24 -38.94
C ARG N 142 -37.10 -21.55 -37.77
N PHE N 143 -36.39 -21.27 -36.68
CA PHE N 143 -37.00 -20.61 -35.54
C PHE N 143 -37.02 -19.09 -35.70
N PHE N 144 -35.87 -18.48 -36.01
CA PHE N 144 -35.77 -17.04 -36.01
C PHE N 144 -36.21 -16.42 -37.34
N ASP N 145 -36.12 -17.17 -38.43
CA ASP N 145 -36.71 -16.79 -39.72
C ASP N 145 -37.67 -17.89 -40.15
N PRO N 146 -38.86 -17.98 -39.53
CA PRO N 146 -39.77 -19.08 -39.92
C PRO N 146 -40.43 -18.87 -41.26
N MET N 147 -40.79 -17.64 -41.60
CA MET N 147 -41.39 -17.37 -42.90
C MET N 147 -40.38 -17.38 -44.04
N GLY N 148 -39.08 -17.34 -43.72
CA GLY N 148 -38.04 -17.70 -44.66
C GLY N 148 -37.76 -16.69 -45.75
N LEU N 149 -37.48 -15.45 -45.37
CA LEU N 149 -37.25 -14.40 -46.34
C LEU N 149 -35.78 -14.19 -46.66
N SER N 150 -34.88 -14.74 -45.87
CA SER N 150 -33.45 -14.52 -46.05
C SER N 150 -32.80 -15.50 -47.02
N ARG N 151 -33.52 -16.52 -47.46
CA ARG N 151 -32.96 -17.52 -48.35
C ARG N 151 -33.65 -17.53 -49.72
N GLY N 152 -34.50 -16.54 -50.00
CA GLY N 152 -35.01 -16.31 -51.33
C GLY N 152 -35.01 -14.83 -51.66
N ASP N 153 -34.65 -14.48 -52.89
CA ASP N 153 -34.53 -13.10 -53.38
C ASP N 153 -33.54 -12.29 -52.53
N ALA N 154 -32.27 -12.66 -52.69
CA ALA N 154 -31.19 -12.13 -51.86
C ALA N 154 -31.04 -10.61 -51.93
N ALA N 155 -31.30 -10.01 -53.10
CA ALA N 155 -31.25 -8.55 -53.20
C ALA N 155 -32.39 -7.90 -52.42
N LYS N 156 -33.56 -8.53 -52.43
CA LYS N 156 -34.67 -8.07 -51.60
C LYS N 156 -34.36 -8.26 -50.12
N TYR N 157 -33.61 -9.31 -49.77
CA TYR N 157 -33.17 -9.49 -48.40
C TYR N 157 -32.15 -8.42 -47.98
N GLN N 158 -31.29 -7.99 -48.89
CA GLN N 158 -30.42 -6.85 -48.62
C GLN N 158 -31.23 -5.57 -48.40
N GLU N 159 -32.29 -5.39 -49.19
CA GLU N 159 -33.23 -4.29 -48.97
C GLU N 159 -33.88 -4.36 -47.58
N TYR N 160 -34.26 -5.57 -47.15
CA TYR N 160 -34.84 -5.71 -45.80
C TYR N 160 -33.81 -5.45 -44.71
N LYS N 161 -32.54 -5.79 -44.94
CA LYS N 161 -31.49 -5.45 -43.99
C LYS N 161 -31.34 -3.95 -43.84
N GLN N 162 -31.40 -3.23 -44.98
CA GLN N 162 -31.35 -1.78 -44.95
C GLN N 162 -32.55 -1.19 -44.21
N LYS N 163 -33.75 -1.72 -44.48
CA LYS N 163 -34.96 -1.25 -43.81
C LYS N 163 -34.92 -1.52 -42.32
N GLU N 164 -34.39 -2.68 -41.93
CA GLU N 164 -34.28 -3.05 -40.52
C GLU N 164 -33.32 -2.14 -39.75
N VAL N 165 -32.18 -1.81 -40.34
CA VAL N 165 -31.21 -0.92 -39.70
C VAL N 165 -31.77 0.49 -39.59
N LYS N 166 -32.47 0.97 -40.63
CA LYS N 166 -33.02 2.32 -40.58
C LYS N 166 -34.15 2.45 -39.57
N ASN N 167 -35.09 1.49 -39.57
CA ASN N 167 -36.16 1.48 -38.59
C ASN N 167 -35.63 1.28 -37.17
N GLY N 168 -34.51 0.56 -37.00
CA GLY N 168 -33.95 0.38 -35.68
C GLY N 168 -33.28 1.63 -35.14
N ARG N 169 -32.55 2.36 -35.99
CA ARG N 169 -31.98 3.64 -35.56
C ARG N 169 -33.08 4.66 -35.26
N LEU N 170 -34.14 4.65 -36.08
CA LEU N 170 -35.28 5.53 -35.86
C LEU N 170 -35.99 5.20 -34.56
N ALA N 171 -36.09 3.92 -34.22
CA ALA N 171 -36.73 3.56 -32.96
C ALA N 171 -35.83 3.77 -31.76
N MET N 172 -34.51 3.70 -31.92
CA MET N 172 -33.62 4.06 -30.82
C MET N 172 -33.72 5.54 -30.48
N ILE N 173 -33.71 6.41 -31.50
CA ILE N 173 -33.89 7.83 -31.19
C ILE N 173 -35.33 8.13 -30.77
N ALA N 174 -36.29 7.30 -31.17
CA ALA N 174 -37.67 7.48 -30.69
C ALA N 174 -37.81 7.11 -29.22
N CYS N 175 -37.13 6.04 -28.77
CA CYS N 175 -37.19 5.67 -27.36
C CYS N 175 -36.45 6.66 -26.49
N LEU N 176 -35.30 7.16 -26.97
CA LEU N 176 -34.63 8.27 -26.28
C LEU N 176 -35.53 9.49 -26.23
N GLY N 177 -36.29 9.72 -27.30
CA GLY N 177 -37.44 10.62 -27.33
C GLY N 177 -38.36 10.42 -26.16
N PHE N 178 -39.05 9.27 -26.08
CA PHE N 178 -40.07 9.00 -25.05
C PHE N 178 -39.53 9.23 -23.64
N ALA N 179 -38.28 8.80 -23.40
CA ALA N 179 -37.64 9.04 -22.10
C ALA N 179 -37.45 10.52 -21.84
N ALA N 180 -36.97 11.27 -22.83
CA ALA N 180 -36.69 12.69 -22.62
C ALA N 180 -37.98 13.51 -22.52
N GLN N 181 -38.97 13.11 -23.30
CA GLN N 181 -40.28 13.75 -23.34
C GLN N 181 -40.96 13.61 -21.99
N TYR N 182 -40.90 12.41 -21.42
CA TYR N 182 -41.45 12.15 -20.10
C TYR N 182 -40.67 12.89 -19.01
N ALA N 183 -39.34 12.92 -19.12
CA ALA N 183 -38.53 13.62 -18.13
C ALA N 183 -38.78 15.13 -18.16
N ALA N 184 -39.15 15.68 -19.32
CA ALA N 184 -39.44 17.11 -19.39
C ALA N 184 -40.87 17.41 -18.97
N THR N 185 -41.85 16.78 -19.61
CA THR N 185 -43.24 17.18 -19.46
C THR N 185 -43.99 16.46 -18.35
N GLY N 186 -43.55 15.26 -17.98
CA GLY N 186 -44.28 14.49 -16.98
C GLY N 186 -45.62 13.96 -17.45
N LYS N 187 -45.76 13.73 -18.76
CA LYS N 187 -47.02 13.33 -19.36
C LYS N 187 -46.78 12.12 -20.24
N GLY N 188 -47.87 11.53 -20.72
CA GLY N 188 -47.80 10.52 -21.74
C GLY N 188 -47.35 11.11 -23.05
N PRO N 189 -46.62 10.33 -23.86
CA PRO N 189 -46.04 10.88 -25.08
C PRO N 189 -47.07 11.17 -26.16
N LEU N 190 -48.15 10.40 -26.21
CA LEU N 190 -49.18 10.71 -27.19
C LEU N 190 -50.09 11.82 -26.68
N ASP N 191 -50.12 12.06 -25.36
CA ASP N 191 -50.67 13.31 -24.84
C ASP N 191 -49.83 14.51 -25.26
N ASN N 192 -48.49 14.34 -25.29
CA ASN N 192 -47.62 15.40 -25.81
C ASN N 192 -47.85 15.63 -27.29
N LEU N 193 -48.08 14.56 -28.04
CA LEU N 193 -48.43 14.68 -29.46
C LEU N 193 -49.76 15.37 -29.65
N ALA N 194 -50.73 15.10 -28.78
CA ALA N 194 -52.02 15.80 -28.83
C ALA N 194 -51.86 17.28 -28.52
N ASP N 195 -50.96 17.62 -27.59
CA ASP N 195 -50.70 19.02 -27.27
C ASP N 195 -50.02 19.74 -28.42
N HIS N 196 -49.07 19.08 -29.09
CA HIS N 196 -48.43 19.67 -30.26
C HIS N 196 -49.40 19.80 -31.42
N LEU N 197 -50.35 18.89 -31.57
CA LEU N 197 -51.36 19.07 -32.61
C LEU N 197 -52.35 20.16 -32.24
N ALA N 198 -52.57 20.40 -30.94
CA ALA N 198 -53.46 21.46 -30.52
C ALA N 198 -52.84 22.84 -30.78
N ASP N 199 -51.68 23.10 -30.19
CA ASP N 199 -50.95 24.36 -30.43
C ASP N 199 -49.55 24.04 -30.92
N PRO N 200 -49.33 23.98 -32.24
CA PRO N 200 -47.97 23.72 -32.74
C PRO N 200 -47.01 24.87 -32.48
N ASN N 201 -47.48 26.09 -32.66
CA ASN N 201 -46.63 27.28 -32.54
C ASN N 201 -46.28 27.61 -31.09
N HIS N 202 -47.00 27.04 -30.12
CA HIS N 202 -46.89 27.48 -28.75
C HIS N 202 -46.64 26.38 -27.74
N VAL N 203 -46.84 25.11 -28.09
CA VAL N 203 -46.60 24.00 -27.18
C VAL N 203 -45.52 23.12 -27.79
N ASN N 204 -44.32 23.21 -27.23
CA ASN N 204 -43.11 22.60 -27.80
C ASN N 204 -42.00 22.67 -26.75
N PHE N 205 -40.79 22.26 -27.15
CA PHE N 205 -39.69 22.18 -26.21
C PHE N 205 -39.16 23.56 -25.84
N ALA N 206 -39.40 24.56 -26.68
CA ALA N 206 -39.08 25.95 -26.37
C ALA N 206 -40.14 26.63 -25.51
N THR N 207 -41.11 25.86 -25.00
CA THR N 207 -42.11 26.36 -24.07
C THR N 207 -42.27 25.44 -22.88
N ASN N 208 -41.66 24.25 -22.89
CA ASN N 208 -41.65 23.39 -21.70
C ASN N 208 -40.94 24.03 -20.52
N GLY N 209 -39.94 24.87 -20.78
CA GLY N 209 -39.21 25.51 -19.71
C GLY N 209 -38.09 24.68 -19.11
N VAL N 210 -37.70 23.59 -19.78
CA VAL N 210 -36.66 22.69 -19.31
C VAL N 210 -35.54 22.57 -20.34
N SER N 211 -35.90 22.37 -21.61
CA SER N 211 -34.93 22.02 -22.64
C SER N 211 -34.02 23.19 -22.99
N ILE N 212 -34.55 24.41 -22.95
CA ILE N 212 -33.72 25.60 -23.07
C ILE N 212 -34.04 26.50 -21.87
N PRO N 213 -33.18 26.52 -20.85
CA PRO N 213 -33.51 27.26 -19.63
C PRO N 213 -33.16 28.73 -19.68
N ILE N 214 -33.51 29.40 -20.78
CA ILE N 214 -33.25 30.83 -20.93
C ILE N 214 -34.54 31.55 -21.26
N ARG O 1 -17.31 -33.70 -28.91
CA ARG O 1 -17.96 -34.42 -27.82
C ARG O 1 -18.81 -33.48 -26.97
N GLN O 2 -19.40 -34.01 -25.92
CA GLN O 2 -20.29 -33.23 -25.07
C GLN O 2 -19.48 -32.29 -24.18
N SER O 3 -20.07 -31.14 -23.87
CA SER O 3 -19.36 -30.16 -23.06
C SER O 3 -20.34 -29.37 -22.20
N TRP O 4 -19.79 -28.76 -21.15
CA TRP O 4 -20.57 -27.96 -20.21
C TRP O 4 -20.98 -26.63 -20.81
N LEU O 5 -20.22 -26.15 -21.80
CA LEU O 5 -20.61 -25.04 -22.65
C LEU O 5 -20.34 -25.44 -24.10
N PRO O 6 -21.36 -25.48 -24.95
CA PRO O 6 -21.10 -25.53 -26.39
C PRO O 6 -20.44 -24.24 -26.85
N GLY O 7 -19.38 -24.38 -27.65
CA GLY O 7 -18.71 -23.25 -28.24
C GLY O 7 -17.53 -22.72 -27.44
N SER O 8 -17.51 -22.95 -26.14
CA SER O 8 -16.31 -22.64 -25.37
C SER O 8 -15.21 -23.61 -25.74
N GLN O 9 -13.97 -23.14 -25.63
CA GLN O 9 -12.83 -24.01 -25.90
C GLN O 9 -12.60 -24.94 -24.71
N ILE O 10 -12.39 -26.22 -25.00
CA ILE O 10 -12.10 -27.21 -23.97
C ILE O 10 -10.65 -26.99 -23.55
N PRO O 11 -10.35 -27.02 -22.25
CA PRO O 11 -8.95 -26.92 -21.81
C PRO O 11 -8.12 -28.08 -22.31
N ALA O 12 -6.87 -27.80 -22.63
CA ALA O 12 -6.02 -28.78 -23.29
C ALA O 12 -5.59 -29.92 -22.38
N HIS O 13 -5.73 -29.77 -21.06
CA HIS O 13 -5.42 -30.87 -20.17
C HIS O 13 -6.59 -31.82 -19.98
N LEU O 14 -7.82 -31.38 -20.26
CA LEU O 14 -8.98 -32.26 -20.25
C LEU O 14 -9.25 -32.86 -21.62
N ASP O 15 -8.37 -32.66 -22.58
CA ASP O 15 -8.50 -33.24 -23.92
C ASP O 15 -7.18 -33.94 -24.22
N THR O 16 -7.06 -35.16 -23.69
CA THR O 16 -5.97 -36.12 -23.81
C THR O 16 -6.64 -37.48 -23.65
N PRO O 17 -6.00 -38.60 -24.01
CA PRO O 17 -6.63 -39.91 -23.75
C PRO O 17 -6.81 -40.20 -22.26
N ALA O 18 -5.85 -39.80 -21.42
CA ALA O 18 -5.92 -40.08 -19.99
C ALA O 18 -7.03 -39.27 -19.31
N ALA O 19 -7.34 -38.09 -19.83
CA ALA O 19 -8.43 -37.30 -19.27
C ALA O 19 -9.77 -37.66 -19.88
N GLN O 20 -9.82 -37.91 -21.20
CA GLN O 20 -11.07 -38.27 -21.86
C GLN O 20 -11.55 -39.66 -21.49
N ALA O 21 -10.67 -40.52 -20.99
CA ALA O 21 -11.08 -41.86 -20.60
C ALA O 21 -11.50 -41.96 -19.14
N LEU O 22 -11.72 -40.84 -18.45
CA LEU O 22 -11.84 -40.98 -17.00
C LEU O 22 -13.23 -41.36 -16.55
N ALA O 23 -14.14 -40.38 -16.45
CA ALA O 23 -15.59 -40.49 -16.22
C ALA O 23 -16.15 -39.08 -16.16
N GLY O 24 -17.30 -38.84 -16.78
CA GLY O 24 -17.96 -37.54 -16.68
C GLY O 24 -17.17 -36.38 -17.23
N ASN O 25 -16.31 -36.62 -18.21
CA ASN O 25 -15.52 -35.55 -18.79
C ASN O 25 -16.40 -34.67 -19.67
N PHE O 26 -16.55 -33.41 -19.28
CA PHE O 26 -17.25 -32.44 -20.09
C PHE O 26 -16.42 -31.18 -20.32
N GLY O 27 -15.13 -31.22 -19.99
CA GLY O 27 -14.27 -30.09 -20.24
C GLY O 27 -14.45 -28.94 -19.26
N PHE O 28 -14.87 -29.22 -18.03
CA PHE O 28 -15.16 -28.18 -17.05
C PHE O 28 -13.97 -28.05 -16.10
N ASP O 29 -12.99 -27.24 -16.50
CA ASP O 29 -11.98 -26.74 -15.58
C ASP O 29 -11.65 -25.30 -15.97
N PRO O 30 -12.51 -24.33 -15.61
CA PRO O 30 -12.21 -22.94 -15.95
C PRO O 30 -11.13 -22.33 -15.06
N LEU O 31 -10.99 -22.81 -13.82
CA LEU O 31 -9.92 -22.33 -12.96
C LEU O 31 -8.61 -23.07 -13.15
N GLY O 32 -8.54 -24.01 -14.08
CA GLY O 32 -7.30 -24.68 -14.47
C GLY O 32 -6.62 -25.50 -13.39
N LEU O 33 -7.40 -26.16 -12.53
CA LEU O 33 -6.81 -26.87 -11.40
C LEU O 33 -6.15 -28.17 -11.81
N GLY O 34 -6.62 -28.81 -12.87
CA GLY O 34 -6.11 -30.11 -13.25
C GLY O 34 -5.09 -30.09 -14.37
N LYS O 35 -4.38 -28.97 -14.54
CA LYS O 35 -3.33 -28.88 -15.56
C LYS O 35 -2.19 -29.85 -15.26
N ASP O 36 -1.88 -30.02 -13.99
CA ASP O 36 -0.91 -31.00 -13.54
C ASP O 36 -1.58 -32.38 -13.53
N PRO O 37 -1.00 -33.37 -14.22
CA PRO O 37 -1.62 -34.71 -14.24
C PRO O 37 -1.65 -35.40 -12.88
N VAL O 38 -0.66 -35.16 -12.03
CA VAL O 38 -0.67 -35.71 -10.68
C VAL O 38 -1.81 -35.09 -9.87
N ALA O 39 -2.01 -33.77 -10.05
CA ALA O 39 -3.13 -33.09 -9.41
C ALA O 39 -4.46 -33.60 -9.95
N LEU O 40 -4.53 -33.92 -11.24
CA LEU O 40 -5.78 -34.42 -11.80
C LEU O 40 -6.08 -35.84 -11.30
N ARG O 41 -5.05 -36.64 -11.07
CA ARG O 41 -5.23 -37.96 -10.46
C ARG O 41 -5.75 -37.84 -9.02
N TRP O 42 -5.12 -36.96 -8.25
CA TRP O 42 -5.55 -36.73 -6.86
C TRP O 42 -6.95 -36.15 -6.79
N TYR O 43 -7.32 -35.30 -7.76
CA TYR O 43 -8.62 -34.66 -7.74
C TYR O 43 -9.71 -35.59 -8.25
N GLN O 44 -9.38 -36.49 -9.19
CA GLN O 44 -10.26 -37.60 -9.54
C GLN O 44 -10.62 -38.42 -8.31
N GLN O 45 -9.61 -38.75 -7.51
CA GLN O 45 -9.85 -39.52 -6.30
C GLN O 45 -10.69 -38.74 -5.29
N ALA O 46 -10.40 -37.46 -5.11
CA ALA O 46 -11.18 -36.64 -4.18
C ALA O 46 -12.62 -36.47 -4.63
N GLU O 47 -12.84 -36.38 -5.95
CA GLU O 47 -14.20 -36.29 -6.48
C GLU O 47 -14.95 -37.61 -6.24
N LEU O 48 -14.30 -38.75 -6.49
CA LEU O 48 -14.94 -40.04 -6.24
C LEU O 48 -15.35 -40.21 -4.78
N ILE O 49 -14.48 -39.78 -3.86
CA ILE O 49 -14.80 -39.96 -2.44
C ILE O 49 -15.90 -39.00 -2.01
N HIS O 50 -15.85 -37.74 -2.45
CA HIS O 50 -16.93 -36.80 -2.15
C HIS O 50 -18.24 -37.22 -2.80
N CYS O 51 -18.20 -37.81 -4.00
CA CYS O 51 -19.40 -38.34 -4.66
C CYS O 51 -20.05 -39.43 -3.82
N ARG O 52 -19.26 -40.43 -3.40
CA ARG O 52 -19.84 -41.58 -2.73
C ARG O 52 -20.35 -41.23 -1.33
N THR O 53 -19.58 -40.45 -0.56
CA THR O 53 -20.08 -40.08 0.75
C THR O 53 -21.20 -39.05 0.67
N ALA O 54 -21.28 -38.26 -0.42
CA ALA O 54 -22.39 -37.33 -0.58
C ALA O 54 -23.66 -38.06 -0.95
N MET O 55 -23.57 -39.11 -1.78
CA MET O 55 -24.75 -39.91 -2.08
C MET O 55 -25.27 -40.63 -0.85
N ALA O 56 -24.37 -41.23 -0.07
CA ALA O 56 -24.78 -41.90 1.16
C ALA O 56 -25.40 -40.92 2.15
N GLY O 57 -24.82 -39.72 2.26
CA GLY O 57 -25.36 -38.72 3.15
C GLY O 57 -26.73 -38.21 2.71
N VAL O 58 -26.87 -37.87 1.44
CA VAL O 58 -28.12 -37.32 0.93
C VAL O 58 -29.22 -38.39 0.89
N ALA O 59 -28.86 -39.66 0.72
CA ALA O 59 -29.84 -40.73 0.88
C ALA O 59 -30.30 -40.83 2.33
N GLY O 60 -29.38 -40.70 3.28
CA GLY O 60 -29.75 -40.63 4.69
C GLY O 60 -30.54 -39.39 5.07
N ILE O 61 -30.47 -38.33 4.26
CA ILE O 61 -31.34 -37.18 4.48
C ILE O 61 -32.74 -37.46 3.91
N LEU O 62 -32.79 -37.90 2.65
CA LEU O 62 -34.03 -37.90 1.88
C LEU O 62 -34.95 -39.05 2.27
N ILE O 63 -34.44 -40.29 2.26
CA ILE O 63 -35.31 -41.46 2.47
C ILE O 63 -35.96 -41.48 3.86
N PRO O 64 -35.26 -41.19 4.97
CA PRO O 64 -36.00 -40.95 6.21
C PRO O 64 -36.85 -39.70 6.17
N GLY O 65 -36.43 -38.66 5.45
CA GLY O 65 -37.21 -37.44 5.36
C GLY O 65 -38.42 -37.54 4.45
N LEU O 66 -38.36 -38.43 3.45
CA LEU O 66 -39.55 -38.72 2.67
C LEU O 66 -40.50 -39.63 3.42
N LEU O 67 -39.97 -40.69 4.04
CA LEU O 67 -40.83 -41.65 4.70
C LEU O 67 -41.39 -41.13 6.01
N THR O 68 -40.80 -40.09 6.61
CA THR O 68 -41.39 -39.52 7.82
C THR O 68 -42.63 -38.69 7.51
N LYS O 69 -42.86 -38.33 6.24
CA LYS O 69 -44.10 -37.68 5.85
C LYS O 69 -45.20 -38.70 5.57
N ALA O 70 -44.83 -39.94 5.29
CA ALA O 70 -45.76 -41.06 5.29
C ALA O 70 -45.91 -41.59 6.70
N GLY O 71 -46.49 -42.77 6.85
CA GLY O 71 -46.81 -43.32 8.16
C GLY O 71 -45.63 -43.73 9.03
N ALA O 72 -44.81 -44.65 8.54
CA ALA O 72 -43.75 -45.23 9.36
C ALA O 72 -42.55 -44.28 9.44
N LEU O 73 -41.55 -44.71 10.23
CA LEU O 73 -40.26 -44.05 10.38
C LEU O 73 -40.41 -42.60 10.89
N ASN O 74 -40.84 -42.51 12.14
CA ASN O 74 -40.83 -41.21 12.81
C ASN O 74 -39.37 -40.81 13.07
N VAL O 75 -38.79 -40.09 12.13
CA VAL O 75 -37.37 -39.74 12.14
C VAL O 75 -37.29 -38.23 12.30
N PRO O 76 -36.42 -37.71 13.18
CA PRO O 76 -36.31 -36.25 13.32
C PRO O 76 -35.68 -35.60 12.10
N GLU O 77 -35.67 -34.27 12.13
CA GLU O 77 -35.04 -33.50 11.08
C GLU O 77 -33.54 -33.73 11.08
N TRP O 78 -32.93 -33.61 9.90
CA TRP O 78 -31.54 -33.99 9.72
C TRP O 78 -30.59 -33.08 10.46
N TYR O 79 -31.00 -31.87 10.78
CA TYR O 79 -30.24 -30.96 11.63
C TYR O 79 -30.60 -31.11 13.11
N ASP O 80 -31.43 -32.09 13.46
CA ASP O 80 -31.73 -32.43 14.84
C ASP O 80 -31.42 -33.88 15.17
N ALA O 81 -31.03 -34.69 14.17
CA ALA O 81 -30.90 -36.13 14.36
C ALA O 81 -29.71 -36.47 15.24
N GLY O 82 -28.65 -35.67 15.21
CA GLY O 82 -27.52 -35.93 16.08
C GLY O 82 -27.87 -35.75 17.55
N LYS O 83 -28.60 -34.68 17.87
CA LYS O 83 -29.05 -34.46 19.24
C LYS O 83 -30.03 -35.53 19.71
N VAL O 84 -31.01 -35.87 18.85
CA VAL O 84 -32.01 -36.87 19.23
C VAL O 84 -31.37 -38.25 19.37
N ALA O 85 -30.41 -38.57 18.51
CA ALA O 85 -29.73 -39.86 18.58
C ALA O 85 -28.82 -39.94 19.79
N ILE O 86 -28.11 -38.85 20.12
CA ILE O 86 -27.23 -38.89 21.28
C ILE O 86 -28.01 -38.83 22.58
N GLU O 87 -29.26 -38.37 22.56
CA GLU O 87 -30.13 -38.61 23.71
C GLU O 87 -30.56 -40.06 23.77
N ASN O 88 -30.83 -40.66 22.61
CA ASN O 88 -31.18 -42.07 22.54
C ASN O 88 -29.99 -42.98 22.82
N SER O 89 -28.77 -42.51 22.62
CA SER O 89 -27.60 -43.37 22.59
C SER O 89 -27.14 -43.73 24.00
N PHE O 90 -25.95 -44.33 24.05
CA PHE O 90 -25.32 -44.85 25.24
C PHE O 90 -23.98 -44.19 25.55
N ALA O 91 -23.27 -43.73 24.53
CA ALA O 91 -21.96 -43.11 24.58
C ALA O 91 -22.07 -41.61 24.44
N PRO O 92 -21.12 -40.85 24.99
CA PRO O 92 -21.03 -39.44 24.62
C PRO O 92 -20.50 -39.26 23.21
N TRP O 93 -20.83 -38.11 22.63
CA TRP O 93 -20.50 -37.84 21.24
C TRP O 93 -19.01 -37.69 21.05
N GLY O 94 -18.28 -37.26 22.08
CA GLY O 94 -16.84 -37.19 21.98
C GLY O 94 -16.19 -38.56 21.86
N SER O 95 -16.65 -39.53 22.68
CA SER O 95 -16.13 -40.88 22.58
C SER O 95 -16.53 -41.54 21.28
N LEU O 96 -17.74 -41.26 20.81
CA LEU O 96 -18.19 -41.81 19.53
C LEU O 96 -17.40 -41.22 18.37
N LEU O 97 -17.05 -39.93 18.46
CA LEU O 97 -16.22 -39.30 17.44
C LEU O 97 -14.80 -39.82 17.49
N ALA O 98 -14.28 -40.13 18.68
CA ALA O 98 -12.92 -40.67 18.77
C ALA O 98 -12.85 -42.07 18.17
N VAL O 99 -13.86 -42.89 18.43
CA VAL O 99 -13.93 -44.23 17.82
C VAL O 99 -14.03 -44.13 16.31
N GLN O 100 -14.84 -43.20 15.79
CA GLN O 100 -14.95 -43.09 14.34
C GLN O 100 -13.69 -42.49 13.74
N LEU O 101 -12.93 -41.67 14.49
CA LEU O 101 -11.67 -41.17 13.97
C LEU O 101 -10.63 -42.28 13.84
N PHE O 102 -10.56 -43.18 14.82
CA PHE O 102 -9.61 -44.29 14.70
C PHE O 102 -10.02 -45.27 13.58
N LEU O 103 -11.30 -45.66 13.58
CA LEU O 103 -11.78 -46.62 12.59
C LEU O 103 -11.77 -46.06 11.18
N CYS O 104 -12.04 -44.77 11.01
CA CYS O 104 -11.92 -44.16 9.70
C CYS O 104 -10.47 -43.92 9.32
N GLY O 105 -9.59 -43.61 10.29
CA GLY O 105 -8.21 -43.30 9.96
C GLY O 105 -7.45 -44.50 9.47
N PHE O 106 -7.77 -45.69 9.98
CA PHE O 106 -7.18 -46.92 9.47
C PHE O 106 -7.50 -47.14 7.99
N VAL O 107 -8.79 -47.17 7.66
CA VAL O 107 -9.28 -47.36 6.30
C VAL O 107 -8.80 -46.26 5.36
N GLU O 108 -8.81 -45.03 5.87
CA GLU O 108 -8.35 -43.89 5.09
C GLU O 108 -6.87 -43.99 4.75
N ALA O 109 -6.05 -44.44 5.70
CA ALA O 109 -4.63 -44.58 5.43
C ALA O 109 -4.37 -45.73 4.47
N LYS O 110 -5.20 -46.77 4.50
CA LYS O 110 -5.17 -47.82 3.48
C LYS O 110 -5.39 -47.25 2.09
N ARG O 111 -6.45 -46.44 1.94
CA ARG O 111 -6.73 -45.79 0.66
C ARG O 111 -5.61 -44.81 0.27
N TRP O 112 -5.06 -44.11 1.25
CA TRP O 112 -3.99 -43.17 1.02
C TRP O 112 -2.73 -43.83 0.45
N GLN O 113 -2.34 -44.98 1.02
CA GLN O 113 -1.17 -45.67 0.52
C GLN O 113 -1.45 -46.37 -0.81
N ASP O 114 -2.71 -46.73 -1.07
CA ASP O 114 -3.06 -47.19 -2.41
C ASP O 114 -3.00 -46.08 -3.45
N ILE O 115 -3.34 -44.86 -3.08
CA ILE O 115 -3.21 -43.74 -4.01
C ILE O 115 -1.74 -43.47 -4.30
N ARG O 116 -0.90 -43.57 -3.26
CA ARG O 116 0.54 -43.35 -3.44
C ARG O 116 1.16 -44.42 -4.32
N LYS O 117 0.93 -45.69 -4.01
CA LYS O 117 1.39 -46.80 -4.84
C LYS O 117 0.19 -47.68 -5.14
N PRO O 118 -0.12 -47.96 -6.42
CA PRO O 118 -1.28 -48.79 -6.72
C PRO O 118 -1.14 -50.25 -6.27
N GLY O 119 0.02 -50.86 -6.54
CA GLY O 119 0.28 -52.19 -6.05
C GLY O 119 0.97 -52.17 -4.70
N SER O 120 0.25 -51.76 -3.66
CA SER O 120 0.82 -51.52 -2.35
C SER O 120 0.23 -52.40 -1.25
N GLN O 121 -1.09 -52.45 -1.15
CA GLN O 121 -1.72 -53.16 -0.03
C GLN O 121 -1.84 -54.65 -0.27
N GLY O 122 -1.20 -55.17 -1.31
CA GLY O 122 -1.12 -56.59 -1.53
C GLY O 122 0.26 -57.15 -1.23
N GLU O 123 0.90 -56.66 -0.18
CA GLU O 123 2.12 -57.28 0.31
C GLU O 123 1.82 -58.66 0.88
N PRO O 124 2.50 -59.71 0.42
CA PRO O 124 2.29 -61.03 1.02
C PRO O 124 2.87 -61.12 2.43
N GLY O 125 1.99 -61.14 3.43
CA GLY O 125 2.37 -61.18 4.83
C GLY O 125 1.81 -60.03 5.64
N SER O 126 1.53 -58.90 4.99
CA SER O 126 1.13 -57.69 5.71
C SER O 126 -0.28 -57.78 6.28
N PHE O 127 -1.12 -58.65 5.74
CA PHE O 127 -2.45 -58.85 6.29
C PHE O 127 -2.69 -60.34 6.46
N LEU O 128 -3.64 -60.65 7.34
CA LEU O 128 -3.93 -62.03 7.68
C LEU O 128 -4.47 -62.79 6.48
N GLY O 129 -5.59 -62.35 5.95
CA GLY O 129 -6.07 -62.86 4.68
C GLY O 129 -6.67 -61.77 3.81
N PHE O 130 -6.65 -60.53 4.32
CA PHE O 130 -7.09 -59.39 3.53
C PHE O 130 -6.22 -59.16 2.31
N GLU O 131 -4.90 -59.44 2.42
CA GLU O 131 -3.87 -58.96 1.51
C GLU O 131 -4.06 -59.39 0.06
N ALA O 132 -4.67 -60.54 -0.19
CA ALA O 132 -4.97 -60.97 -1.54
C ALA O 132 -6.08 -60.17 -2.20
N SER O 133 -7.06 -59.71 -1.43
CA SER O 133 -8.22 -59.00 -1.96
C SER O 133 -8.17 -57.51 -1.64
N LEU O 134 -6.98 -56.92 -1.58
CA LEU O 134 -6.86 -55.48 -1.34
C LEU O 134 -5.95 -54.79 -2.35
N LYS O 135 -5.79 -55.36 -3.54
CA LYS O 135 -5.19 -54.61 -4.63
C LYS O 135 -6.27 -53.77 -5.31
N GLY O 136 -5.87 -53.00 -6.30
CA GLY O 136 -6.82 -52.29 -7.13
C GLY O 136 -7.42 -53.21 -8.18
N THR O 137 -8.08 -52.58 -9.15
CA THR O 137 -8.66 -53.29 -10.29
C THR O 137 -8.26 -52.57 -11.58
N SER O 138 -6.97 -52.22 -11.66
CA SER O 138 -6.26 -51.55 -12.75
C SER O 138 -6.70 -50.10 -12.97
N GLU O 139 -7.69 -49.61 -12.22
CA GLU O 139 -8.16 -48.24 -12.28
C GLU O 139 -8.28 -47.77 -10.85
N LEU O 140 -7.59 -46.69 -10.51
CA LEU O 140 -7.48 -46.31 -9.12
C LEU O 140 -8.75 -45.60 -8.69
N GLY O 141 -9.20 -45.89 -7.47
CA GLY O 141 -10.47 -45.42 -7.00
C GLY O 141 -11.62 -46.37 -7.25
N TYR O 142 -11.37 -47.46 -7.98
CA TYR O 142 -12.36 -48.47 -8.28
C TYR O 142 -11.82 -49.81 -7.82
N PRO O 143 -11.88 -50.11 -6.52
CA PRO O 143 -11.29 -51.35 -6.01
C PRO O 143 -12.17 -52.55 -6.33
N GLY O 144 -11.65 -53.73 -6.07
CA GLY O 144 -12.43 -54.93 -6.30
C GLY O 144 -12.58 -55.78 -5.07
N GLY O 145 -12.83 -57.08 -5.26
CA GLY O 145 -12.86 -58.03 -4.17
C GLY O 145 -14.04 -57.88 -3.25
N PRO O 146 -13.77 -57.59 -1.97
CA PRO O 146 -14.89 -57.41 -1.01
C PRO O 146 -15.71 -56.17 -1.29
N PHE O 147 -15.07 -55.09 -1.70
CA PHE O 147 -15.77 -54.01 -2.36
C PHE O 147 -16.28 -54.55 -3.69
N ASP O 148 -17.52 -54.14 -4.07
CA ASP O 148 -18.30 -54.73 -5.16
C ASP O 148 -18.48 -56.24 -4.99
N PRO O 149 -19.39 -56.69 -4.12
CA PRO O 149 -19.62 -58.14 -3.99
C PRO O 149 -20.32 -58.77 -5.18
N LEU O 150 -21.33 -58.11 -5.76
CA LEU O 150 -22.24 -58.77 -6.69
C LEU O 150 -21.67 -58.94 -8.09
N GLY O 151 -20.44 -58.50 -8.35
CA GLY O 151 -19.82 -58.74 -9.63
C GLY O 151 -20.40 -57.93 -10.77
N LEU O 152 -20.97 -56.77 -10.48
CA LEU O 152 -21.53 -55.94 -11.54
C LEU O 152 -20.47 -55.30 -12.40
N SER O 153 -19.25 -55.17 -11.89
CA SER O 153 -18.15 -54.58 -12.63
C SER O 153 -17.38 -55.60 -13.46
N LYS O 154 -17.95 -56.78 -13.70
CA LYS O 154 -17.26 -57.82 -14.44
C LYS O 154 -17.49 -57.73 -15.94
N GLU O 155 -18.65 -57.23 -16.37
CA GLU O 155 -18.96 -57.12 -17.79
C GLU O 155 -18.47 -55.77 -18.31
N ALA O 156 -17.60 -55.80 -19.30
CA ALA O 156 -16.93 -54.61 -19.80
C ALA O 156 -17.83 -53.72 -20.64
N ASP O 157 -18.90 -54.27 -21.22
CA ASP O 157 -19.81 -53.50 -22.06
C ASP O 157 -20.80 -52.67 -21.26
N LYS O 158 -20.78 -52.75 -19.93
CA LYS O 158 -21.58 -51.90 -19.06
C LYS O 158 -20.76 -50.89 -18.29
N TRP O 159 -19.42 -50.97 -18.37
CA TRP O 159 -18.56 -50.43 -17.34
C TRP O 159 -18.44 -48.90 -17.40
N ALA O 160 -18.32 -48.33 -18.59
CA ALA O 160 -18.33 -46.87 -18.71
C ALA O 160 -19.69 -46.28 -18.36
N ASP O 161 -20.76 -47.04 -18.62
CA ASP O 161 -22.10 -46.59 -18.24
C ASP O 161 -22.27 -46.54 -16.74
N TRP O 162 -21.78 -47.57 -16.02
CA TRP O 162 -21.84 -47.55 -14.56
C TRP O 162 -20.99 -46.42 -13.98
N LYS O 163 -19.81 -46.20 -14.55
CA LYS O 163 -18.94 -45.09 -14.15
C LYS O 163 -19.65 -43.75 -14.30
N LEU O 164 -20.29 -43.52 -15.44
CA LEU O 164 -20.84 -42.21 -15.72
C LEU O 164 -22.14 -41.97 -14.95
N LYS O 165 -22.92 -43.03 -14.70
CA LYS O 165 -24.05 -42.94 -13.78
C LYS O 165 -23.59 -42.58 -12.38
N GLU O 166 -22.47 -43.17 -11.93
CA GLU O 166 -21.96 -42.87 -10.60
C GLU O 166 -21.49 -41.44 -10.48
N VAL O 167 -20.77 -40.94 -11.50
CA VAL O 167 -20.24 -39.59 -11.37
C VAL O 167 -21.36 -38.55 -11.50
N LYS O 168 -22.41 -38.83 -12.28
CA LYS O 168 -23.53 -37.89 -12.37
C LYS O 168 -24.37 -37.88 -11.09
N ASN O 169 -24.74 -39.06 -10.58
CA ASN O 169 -25.48 -39.13 -9.32
C ASN O 169 -24.67 -38.57 -8.16
N GLY O 170 -23.34 -38.67 -8.21
CA GLY O 170 -22.52 -38.12 -7.15
C GLY O 170 -22.46 -36.60 -7.17
N ARG O 171 -22.25 -36.02 -8.36
CA ARG O 171 -22.24 -34.56 -8.47
C ARG O 171 -23.60 -33.97 -8.12
N LEU O 172 -24.67 -34.67 -8.50
CA LEU O 172 -26.01 -34.21 -8.19
C LEU O 172 -26.31 -34.34 -6.69
N ALA O 173 -25.79 -35.36 -6.02
CA ALA O 173 -25.94 -35.48 -4.58
C ALA O 173 -25.10 -34.45 -3.83
N MET O 174 -23.95 -34.05 -4.37
CA MET O 174 -23.18 -32.97 -3.76
C MET O 174 -23.94 -31.64 -3.84
N LEU O 175 -24.55 -31.37 -5.00
CA LEU O 175 -25.44 -30.21 -5.12
C LEU O 175 -26.60 -30.30 -4.14
N ALA O 176 -27.12 -31.51 -3.93
CA ALA O 176 -28.21 -31.70 -2.99
C ALA O 176 -27.80 -31.40 -1.55
N PHE O 177 -26.57 -31.78 -1.18
CA PHE O 177 -26.17 -31.52 0.21
C PHE O 177 -25.87 -30.04 0.44
N LEU O 178 -25.24 -29.38 -0.55
CA LEU O 178 -25.04 -27.93 -0.44
C LEU O 178 -26.38 -27.21 -0.41
N GLY O 179 -27.36 -27.73 -1.14
CA GLY O 179 -28.72 -27.25 -1.03
C GLY O 179 -29.31 -27.46 0.35
N PHE O 180 -29.09 -28.62 0.95
CA PHE O 180 -29.65 -28.91 2.28
C PHE O 180 -29.13 -27.91 3.31
N VAL O 181 -27.82 -27.63 3.26
CA VAL O 181 -27.20 -26.67 4.17
C VAL O 181 -27.73 -25.26 3.91
N ALA O 182 -27.84 -24.87 2.63
CA ALA O 182 -28.25 -23.52 2.28
C ALA O 182 -29.71 -23.25 2.65
N GLN O 183 -30.57 -24.20 2.32
CA GLN O 183 -31.99 -24.07 2.63
C GLN O 183 -32.19 -24.05 4.14
N LYS O 184 -31.44 -24.89 4.85
CA LYS O 184 -31.53 -24.93 6.31
C LYS O 184 -31.20 -23.57 6.90
N TYR O 185 -30.13 -22.93 6.43
CA TYR O 185 -29.80 -21.61 6.96
C TYR O 185 -30.80 -20.54 6.50
N ALA O 186 -31.34 -20.65 5.29
CA ALA O 186 -32.23 -19.61 4.78
C ALA O 186 -33.64 -19.74 5.35
N THR O 187 -34.26 -20.90 5.19
CA THR O 187 -35.68 -21.02 5.50
C THR O 187 -35.94 -21.41 6.95
N GLY O 188 -35.24 -22.43 7.44
CA GLY O 188 -35.45 -22.93 8.78
C GLY O 188 -36.27 -24.19 8.88
N ALA O 189 -36.71 -24.75 7.75
CA ALA O 189 -37.47 -25.99 7.72
C ALA O 189 -36.66 -27.05 6.99
N GLY O 190 -37.20 -28.27 6.97
CA GLY O 190 -36.56 -29.37 6.32
C GLY O 190 -36.69 -29.30 4.81
N PRO O 191 -35.90 -30.08 4.09
CA PRO O 191 -35.91 -30.00 2.62
C PRO O 191 -37.19 -30.53 2.01
N VAL O 192 -37.83 -31.52 2.64
CA VAL O 192 -39.12 -31.99 2.15
C VAL O 192 -40.19 -30.92 2.38
N ASP O 193 -40.07 -30.15 3.47
CA ASP O 193 -40.97 -29.02 3.68
C ASP O 193 -40.72 -27.91 2.67
N ASN O 194 -39.46 -27.67 2.31
CA ASN O 194 -39.16 -26.70 1.26
C ASN O 194 -39.75 -27.13 -0.08
N LEU O 195 -39.68 -28.42 -0.37
CA LEU O 195 -40.26 -28.95 -1.62
C LEU O 195 -41.78 -28.85 -1.59
N ALA O 196 -42.40 -29.09 -0.44
CA ALA O 196 -43.84 -28.95 -0.31
C ALA O 196 -44.29 -27.50 -0.45
N ALA O 197 -43.47 -26.56 0.02
CA ALA O 197 -43.81 -25.14 -0.12
C ALA O 197 -43.66 -24.67 -1.56
N HIS O 198 -42.59 -25.10 -2.26
CA HIS O 198 -42.44 -24.76 -3.67
C HIS O 198 -43.49 -25.45 -4.54
N LEU O 199 -44.03 -26.58 -4.10
CA LEU O 199 -45.15 -27.16 -4.85
C LEU O 199 -46.47 -26.51 -4.50
N LYS O 200 -46.63 -25.99 -3.28
CA LYS O 200 -47.88 -25.36 -2.91
C LYS O 200 -48.02 -23.99 -3.54
N ASP O 201 -46.93 -23.23 -3.63
CA ASP O 201 -46.97 -21.90 -4.24
C ASP O 201 -45.61 -21.64 -4.87
N PRO O 202 -45.44 -21.98 -6.16
CA PRO O 202 -44.11 -21.85 -6.77
C PRO O 202 -43.73 -20.40 -7.04
N TRP O 203 -44.70 -19.59 -7.44
CA TRP O 203 -44.43 -18.24 -7.94
C TRP O 203 -44.28 -17.23 -6.81
N HIS O 204 -44.41 -17.66 -5.55
CA HIS O 204 -44.29 -16.77 -4.41
C HIS O 204 -43.36 -17.31 -3.32
N VAL O 205 -43.05 -18.60 -3.30
CA VAL O 205 -42.23 -19.20 -2.25
C VAL O 205 -41.00 -19.79 -2.95
N ASN O 206 -39.91 -19.03 -2.96
CA ASN O 206 -38.65 -19.43 -3.59
C ASN O 206 -37.53 -18.59 -2.97
N TYR O 207 -36.34 -18.68 -3.55
CA TYR O 207 -35.20 -17.97 -2.96
C TYR O 207 -35.20 -16.49 -3.28
N ALA O 208 -36.04 -16.05 -4.22
CA ALA O 208 -36.19 -14.62 -4.46
C ALA O 208 -37.09 -13.95 -3.43
N THR O 209 -37.74 -14.73 -2.55
CA THR O 209 -38.72 -14.19 -1.63
C THR O 209 -38.34 -14.45 -0.16
N ASN O 210 -37.31 -15.26 0.10
CA ASN O 210 -36.97 -15.62 1.47
C ASN O 210 -36.31 -14.49 2.26
N GLY O 211 -35.90 -13.41 1.59
CA GLY O 211 -35.31 -12.28 2.28
C GLY O 211 -33.87 -12.44 2.70
N VAL O 212 -33.19 -13.49 2.21
CA VAL O 212 -31.82 -13.80 2.61
C VAL O 212 -30.88 -13.86 1.42
N SER O 213 -31.25 -14.63 0.39
CA SER O 213 -30.31 -15.05 -0.64
C SER O 213 -29.91 -13.90 -1.56
N LEU O 214 -30.81 -12.95 -1.79
CA LEU O 214 -30.48 -11.74 -2.53
C LEU O 214 -31.23 -10.57 -1.86
N PRO O 215 -30.56 -9.84 -0.98
CA PRO O 215 -31.24 -8.83 -0.16
C PRO O 215 -31.24 -7.41 -0.73
N PHE O 216 -30.79 -7.26 -1.96
CA PHE O 216 -30.77 -5.96 -2.60
C PHE O 216 -32.15 -5.65 -3.18
N LEU O 217 -32.82 -6.70 -3.66
CA LEU O 217 -34.15 -6.56 -4.23
C LEU O 217 -35.19 -6.36 -3.13
N LYS P 1 -15.28 -81.98 -5.08
CA LYS P 1 -16.36 -81.00 -5.15
C LYS P 1 -17.62 -81.56 -4.53
N ALA P 2 -18.08 -80.93 -3.44
CA ALA P 2 -19.23 -81.42 -2.70
C ALA P 2 -20.57 -81.03 -3.32
N GLY P 3 -20.56 -80.18 -4.34
CA GLY P 3 -21.79 -79.76 -4.98
C GLY P 3 -21.65 -78.43 -5.69
N ASN P 4 -22.69 -77.60 -5.63
CA ASN P 4 -22.64 -76.28 -6.23
C ASN P 4 -23.57 -75.36 -5.44
N TRP P 5 -23.02 -74.26 -4.92
CA TRP P 5 -23.76 -73.34 -4.06
C TRP P 5 -24.85 -72.61 -4.80
N LEU P 6 -24.73 -72.50 -6.11
CA LEU P 6 -25.67 -71.90 -7.04
C LEU P 6 -25.53 -72.65 -8.36
N PRO P 7 -26.52 -73.45 -8.75
CA PRO P 7 -26.39 -74.24 -9.98
C PRO P 7 -26.40 -73.38 -11.22
N GLY P 8 -25.69 -73.86 -12.24
CA GLY P 8 -25.52 -73.10 -13.46
C GLY P 8 -24.22 -72.34 -13.46
N SER P 9 -23.85 -71.77 -12.32
CA SER P 9 -22.59 -71.07 -12.19
C SER P 9 -21.43 -72.06 -12.17
N ASP P 10 -20.25 -71.55 -12.51
CA ASP P 10 -19.05 -72.37 -12.64
C ASP P 10 -18.23 -72.35 -11.37
N ALA P 11 -17.37 -73.35 -11.24
CA ALA P 11 -16.47 -73.40 -10.10
C ALA P 11 -15.24 -72.53 -10.36
N PRO P 12 -14.77 -71.80 -9.35
CA PRO P 12 -13.52 -71.05 -9.50
C PRO P 12 -12.33 -71.97 -9.69
N ALA P 13 -11.38 -71.52 -10.51
CA ALA P 13 -10.22 -72.33 -10.85
C ALA P 13 -9.15 -72.36 -9.78
N TRP P 14 -9.36 -71.70 -8.64
CA TRP P 14 -8.39 -71.72 -7.56
C TRP P 14 -8.76 -72.66 -6.41
N LEU P 15 -9.99 -73.16 -6.38
CA LEU P 15 -10.41 -74.09 -5.35
C LEU P 15 -10.27 -75.50 -5.88
N PRO P 16 -9.37 -76.32 -5.35
CA PRO P 16 -9.20 -77.69 -5.87
C PRO P 16 -10.31 -78.61 -5.42
N ASP P 17 -10.41 -79.75 -6.12
CA ASP P 17 -11.52 -80.67 -5.91
C ASP P 17 -11.37 -81.50 -4.65
N ASP P 18 -10.14 -81.84 -4.27
CA ASP P 18 -9.92 -82.73 -3.12
C ASP P 18 -9.86 -81.97 -1.80
N LEU P 19 -10.89 -81.17 -1.54
CA LEU P 19 -10.89 -80.28 -0.40
C LEU P 19 -12.25 -80.42 0.28
N PRO P 20 -12.28 -80.55 1.61
CA PRO P 20 -13.56 -80.78 2.30
C PRO P 20 -14.49 -79.57 2.29
N GLY P 21 -15.59 -79.68 1.56
CA GLY P 21 -16.59 -78.63 1.50
C GLY P 21 -16.51 -77.73 0.30
N ASN P 22 -15.91 -78.19 -0.80
CA ASN P 22 -15.72 -77.37 -2.00
C ASN P 22 -17.02 -77.31 -2.78
N TYR P 23 -17.90 -76.40 -2.39
CA TYR P 23 -19.08 -76.08 -3.20
C TYR P 23 -18.79 -74.98 -4.22
N GLY P 24 -17.57 -74.44 -4.23
CA GLY P 24 -17.21 -73.38 -5.16
C GLY P 24 -17.62 -72.00 -4.72
N PHE P 25 -18.09 -71.84 -3.48
CA PHE P 25 -18.59 -70.58 -2.99
C PHE P 25 -17.44 -69.63 -2.67
N ASP P 26 -17.11 -68.76 -3.61
CA ASP P 26 -16.17 -67.66 -3.37
C ASP P 26 -16.53 -66.50 -4.28
N PRO P 27 -17.55 -65.70 -3.91
CA PRO P 27 -17.88 -64.54 -4.75
C PRO P 27 -16.86 -63.41 -4.66
N LEU P 28 -16.35 -63.13 -3.46
CA LEU P 28 -15.42 -62.03 -3.27
C LEU P 28 -14.00 -62.36 -3.75
N SER P 29 -13.76 -63.61 -4.15
CA SER P 29 -12.45 -64.13 -4.58
C SER P 29 -11.39 -63.89 -3.50
N LEU P 30 -11.74 -64.23 -2.26
CA LEU P 30 -10.84 -63.99 -1.14
C LEU P 30 -9.68 -64.96 -1.10
N GLY P 31 -9.83 -66.14 -1.68
CA GLY P 31 -8.79 -67.14 -1.60
C GLY P 31 -8.18 -67.51 -2.95
N LYS P 32 -7.99 -66.51 -3.80
CA LYS P 32 -7.41 -66.77 -5.12
C LYS P 32 -5.92 -67.10 -5.02
N GLU P 33 -5.26 -66.66 -3.95
CA GLU P 33 -3.87 -66.81 -3.53
C GLU P 33 -3.72 -67.94 -2.52
N PRO P 34 -2.71 -68.79 -2.74
CA PRO P 34 -2.66 -70.07 -2.01
C PRO P 34 -2.37 -69.95 -0.54
N ALA P 35 -1.54 -68.99 -0.12
CA ALA P 35 -1.25 -68.82 1.30
C ALA P 35 -2.48 -68.33 2.05
N SER P 36 -3.22 -67.39 1.45
CA SER P 36 -4.49 -66.95 1.98
C SER P 36 -5.47 -68.10 2.08
N LEU P 37 -5.56 -68.93 1.03
CA LEU P 37 -6.52 -70.04 1.02
C LEU P 37 -6.16 -71.09 2.06
N LYS P 38 -4.86 -71.32 2.29
CA LYS P 38 -4.41 -72.24 3.33
C LYS P 38 -4.80 -71.74 4.71
N ARG P 39 -4.54 -70.46 4.98
CA ARG P 39 -4.93 -69.86 6.25
C ARG P 39 -6.45 -69.88 6.45
N PHE P 40 -7.22 -69.67 5.37
CA PHE P 40 -8.66 -69.67 5.55
C PHE P 40 -9.23 -71.06 5.74
N THR P 41 -8.62 -72.09 5.15
CA THR P 41 -9.06 -73.46 5.44
C THR P 41 -8.82 -73.81 6.90
N GLU P 42 -7.64 -73.43 7.41
CA GLU P 42 -7.35 -73.58 8.84
C GLU P 42 -8.38 -72.86 9.70
N SER P 43 -8.69 -71.61 9.36
CA SER P 43 -9.59 -70.78 10.17
C SER P 43 -11.02 -71.27 10.09
N GLU P 44 -11.43 -71.79 8.93
CA GLU P 44 -12.77 -72.33 8.74
C GLU P 44 -12.99 -73.59 9.59
N VAL P 45 -11.99 -74.47 9.63
CA VAL P 45 -12.10 -75.69 10.43
C VAL P 45 -12.09 -75.35 11.93
N ILE P 46 -11.26 -74.39 12.34
CA ILE P 46 -11.20 -74.02 13.76
C ILE P 46 -12.48 -73.31 14.22
N HIS P 47 -12.99 -72.38 13.41
CA HIS P 47 -14.27 -71.72 13.71
C HIS P 47 -15.43 -72.71 13.74
N GLY P 48 -15.40 -73.71 12.84
CA GLY P 48 -16.46 -74.71 12.84
C GLY P 48 -16.44 -75.57 14.09
N ARG P 49 -15.25 -75.97 14.54
CA ARG P 49 -15.16 -76.80 15.75
C ARG P 49 -15.56 -76.02 17.00
N TRP P 50 -15.09 -74.77 17.14
CA TRP P 50 -15.50 -73.95 18.28
C TRP P 50 -16.99 -73.65 18.25
N ALA P 51 -17.58 -73.47 17.06
CA ALA P 51 -19.00 -73.18 17.01
C ALA P 51 -19.85 -74.42 17.28
N MET P 52 -19.38 -75.61 16.89
CA MET P 52 -20.07 -76.84 17.29
C MET P 52 -20.07 -76.98 18.80
N LEU P 53 -18.92 -76.74 19.43
CA LEU P 53 -18.84 -76.81 20.89
C LEU P 53 -19.74 -75.77 21.56
N GLY P 54 -19.78 -74.55 21.01
CA GLY P 54 -20.59 -73.50 21.62
C GLY P 54 -22.08 -73.72 21.46
N VAL P 55 -22.51 -74.19 20.29
CA VAL P 55 -23.93 -74.47 20.05
C VAL P 55 -24.38 -75.66 20.88
N ALA P 56 -23.55 -76.72 20.95
CA ALA P 56 -23.86 -77.87 21.80
C ALA P 56 -23.92 -77.47 23.27
N GLY P 57 -23.07 -76.54 23.69
CA GLY P 57 -23.09 -76.07 25.05
C GLY P 57 -24.33 -75.25 25.39
N SER P 58 -24.71 -74.35 24.48
CA SER P 58 -25.90 -73.52 24.73
C SER P 58 -27.17 -74.36 24.71
N LEU P 59 -27.27 -75.31 23.78
CA LEU P 59 -28.37 -76.27 23.78
C LEU P 59 -28.40 -77.10 25.06
N ALA P 60 -27.24 -77.54 25.54
CA ALA P 60 -27.22 -78.37 26.74
C ALA P 60 -27.62 -77.57 27.98
N VAL P 61 -27.16 -76.32 28.08
CA VAL P 61 -27.52 -75.45 29.20
C VAL P 61 -29.04 -75.21 29.22
N GLU P 62 -29.61 -74.87 28.05
CA GLU P 62 -31.02 -74.52 28.07
C GLU P 62 -31.93 -75.75 28.17
N LEU P 63 -31.52 -76.89 27.61
CA LEU P 63 -32.33 -78.10 27.72
C LEU P 63 -32.27 -78.69 29.12
N LEU P 64 -31.10 -78.66 29.76
CA LEU P 64 -31.02 -79.11 31.15
C LEU P 64 -31.60 -78.10 32.12
N GLY P 65 -31.78 -76.85 31.72
CA GLY P 65 -32.59 -75.94 32.49
C GLY P 65 -31.88 -75.22 33.61
N TYR P 66 -30.82 -74.50 33.28
CA TYR P 66 -30.11 -73.65 34.23
C TYR P 66 -29.95 -72.25 33.66
N GLY P 67 -30.97 -71.79 32.94
CA GLY P 67 -30.85 -70.58 32.16
C GLY P 67 -30.47 -70.87 30.74
N ASN P 68 -30.21 -69.80 30.00
CA ASN P 68 -29.74 -69.90 28.64
C ASN P 68 -28.24 -69.58 28.59
N TRP P 69 -27.70 -69.44 27.37
CA TRP P 69 -26.32 -69.03 27.18
C TRP P 69 -26.07 -67.57 27.54
N TYR P 70 -27.13 -66.79 27.76
CA TYR P 70 -27.04 -65.38 28.09
C TYR P 70 -27.09 -65.12 29.59
N ASP P 71 -27.68 -66.04 30.37
CA ASP P 71 -27.75 -65.92 31.81
C ASP P 71 -26.48 -66.44 32.49
N ALA P 72 -25.66 -67.19 31.78
CA ALA P 72 -24.50 -67.85 32.37
C ALA P 72 -23.38 -66.93 32.89
N PRO P 73 -23.06 -65.77 32.32
CA PRO P 73 -22.15 -64.86 33.02
C PRO P 73 -22.81 -63.82 33.92
N LEU P 74 -24.10 -63.96 34.26
CA LEU P 74 -24.77 -62.94 35.04
C LEU P 74 -24.32 -62.92 36.50
N TRP P 75 -23.81 -64.04 37.02
CA TRP P 75 -23.22 -64.02 38.37
C TRP P 75 -21.94 -63.20 38.40
N ALA P 76 -21.23 -63.13 37.28
CA ALA P 76 -19.93 -62.47 37.22
C ALA P 76 -20.00 -61.05 36.69
N VAL P 77 -21.03 -60.70 35.92
CA VAL P 77 -21.36 -59.30 35.71
C VAL P 77 -21.73 -58.66 37.04
N ASN P 78 -22.49 -59.39 37.87
CA ASN P 78 -22.75 -59.03 39.25
C ASN P 78 -21.44 -59.04 40.05
N LYS P 81 -22.47 -66.02 42.21
CA LYS P 81 -21.69 -67.24 42.40
C LYS P 81 -21.91 -68.18 41.22
N ALA P 82 -20.83 -68.81 40.76
CA ALA P 82 -20.88 -69.69 39.59
C ALA P 82 -21.56 -71.01 39.93
N THR P 83 -21.84 -71.79 38.89
CA THR P 83 -22.47 -73.10 39.03
C THR P 83 -22.15 -73.94 37.80
N TRP P 84 -22.23 -75.25 37.97
CA TRP P 84 -22.03 -76.20 36.88
C TRP P 84 -22.71 -77.50 37.26
N PHE P 85 -23.60 -78.00 36.38
CA PHE P 85 -24.52 -79.11 36.66
C PHE P 85 -25.39 -78.85 37.88
N GLY P 86 -25.67 -77.58 38.18
CA GLY P 86 -26.31 -77.21 39.43
C GLY P 86 -25.40 -77.12 40.63
N ILE P 87 -24.21 -77.72 40.57
CA ILE P 87 -23.26 -77.69 41.68
C ILE P 87 -22.47 -76.39 41.59
N GLU P 88 -22.40 -75.66 42.71
CA GLU P 88 -21.69 -74.40 42.72
C GLU P 88 -20.17 -74.63 42.63
N VAL P 89 -19.50 -73.72 41.93
CA VAL P 89 -18.09 -73.83 41.63
C VAL P 89 -17.39 -72.68 42.34
N PRO P 90 -16.38 -72.94 43.19
CA PRO P 90 -15.83 -71.89 44.09
C PRO P 90 -14.71 -71.07 43.46
N PHE P 91 -15.05 -70.22 42.49
CA PHE P 91 -14.07 -69.37 41.83
C PHE P 91 -14.67 -68.00 41.54
N ASP P 92 -13.79 -67.08 41.17
CA ASP P 92 -14.13 -65.69 40.87
C ASP P 92 -13.63 -65.36 39.47
N LEU P 93 -14.09 -64.20 38.95
CA LEU P 93 -13.88 -63.82 37.56
C LEU P 93 -12.39 -63.68 37.22
N ASN P 94 -11.62 -63.05 38.11
CA ASN P 94 -10.21 -62.80 37.84
C ASN P 94 -9.41 -64.10 37.83
N ALA P 95 -9.72 -65.01 38.74
CA ALA P 95 -9.08 -66.32 38.76
C ALA P 95 -9.44 -67.14 37.53
N LEU P 96 -10.71 -67.08 37.10
CA LEU P 96 -11.14 -67.81 35.91
C LEU P 96 -10.47 -67.26 34.66
N LEU P 97 -10.34 -65.94 34.56
CA LEU P 97 -9.66 -65.33 33.43
C LEU P 97 -8.17 -65.67 33.44
N ALA P 98 -7.58 -65.80 34.63
CA ALA P 98 -6.18 -66.20 34.73
C ALA P 98 -5.96 -67.63 34.26
N PHE P 99 -6.75 -68.58 34.78
CA PHE P 99 -6.61 -69.99 34.39
C PHE P 99 -6.91 -70.17 32.91
N GLU P 100 -7.95 -69.49 32.40
CA GLU P 100 -8.30 -69.61 30.99
C GLU P 100 -7.22 -69.03 30.09
N PHE P 101 -6.65 -67.88 30.47
CA PHE P 101 -5.61 -67.26 29.66
C PHE P 101 -4.35 -68.12 29.63
N VAL P 102 -3.95 -68.69 30.77
CA VAL P 102 -2.77 -69.55 30.81
C VAL P 102 -2.99 -70.82 29.99
N ALA P 103 -4.14 -71.49 30.18
CA ALA P 103 -4.39 -72.75 29.50
C ALA P 103 -4.58 -72.57 28.00
N MET P 104 -5.34 -71.55 27.59
CA MET P 104 -5.54 -71.30 26.17
C MET P 104 -4.28 -70.76 25.51
N ALA P 105 -3.48 -69.96 26.21
CA ALA P 105 -2.21 -69.52 25.65
C ALA P 105 -1.27 -70.68 25.42
N ALA P 106 -1.22 -71.63 26.37
CA ALA P 106 -0.39 -72.82 26.21
C ALA P 106 -0.86 -73.69 25.04
N ALA P 107 -2.17 -73.99 25.00
CA ALA P 107 -2.68 -74.91 23.97
C ALA P 107 -2.64 -74.29 22.59
N GLU P 108 -3.06 -73.03 22.50
CA GLU P 108 -3.04 -72.29 21.26
C GLU P 108 -1.61 -72.13 20.76
N GLY P 109 -0.67 -71.87 21.68
CA GLY P 109 0.71 -71.70 21.28
C GLY P 109 1.33 -73.00 20.79
N GLN P 110 0.97 -74.13 21.40
CA GLN P 110 1.41 -75.41 20.88
C GLN P 110 0.79 -75.70 19.52
N ARG P 111 -0.45 -75.28 19.29
CA ARG P 111 -1.06 -75.46 17.98
C ARG P 111 -0.43 -74.56 16.93
N GLY P 112 -0.14 -73.31 17.29
CA GLY P 112 0.43 -72.36 16.34
C GLY P 112 1.88 -72.62 15.99
N ASP P 113 2.60 -73.42 16.78
CA ASP P 113 3.96 -73.79 16.43
C ASP P 113 3.99 -74.71 15.20
N ALA P 114 3.01 -75.58 15.06
CA ALA P 114 2.86 -76.36 13.85
C ALA P 114 2.31 -75.47 12.72
N GLY P 115 2.89 -75.60 11.54
CA GLY P 115 2.59 -74.70 10.44
C GLY P 115 1.20 -74.85 9.83
N GLY P 116 0.95 -75.97 9.17
CA GLY P 116 -0.30 -76.15 8.47
C GLY P 116 -1.08 -77.37 8.89
N VAL P 117 -1.08 -77.66 10.19
CA VAL P 117 -1.76 -78.83 10.73
C VAL P 117 -3.21 -78.47 10.96
N VAL P 118 -4.10 -79.06 10.18
CA VAL P 118 -5.54 -78.92 10.35
C VAL P 118 -6.14 -80.18 10.95
N TYR P 119 -5.65 -81.34 10.53
CA TYR P 119 -6.14 -82.64 10.94
C TYR P 119 -5.00 -83.38 11.63
N PRO P 120 -4.80 -83.16 12.95
CA PRO P 120 -3.57 -83.66 13.60
C PRO P 120 -3.54 -85.17 13.85
N GLY P 121 -4.63 -85.74 14.36
CA GLY P 121 -4.58 -87.14 14.74
C GLY P 121 -3.78 -87.35 16.02
N GLY P 122 -3.28 -88.57 16.17
CA GLY P 122 -2.44 -88.88 17.31
C GLY P 122 -3.24 -89.00 18.58
N ALA P 123 -2.81 -88.29 19.63
CA ALA P 123 -3.54 -88.32 20.89
C ALA P 123 -4.82 -87.49 20.85
N PHE P 124 -4.96 -86.69 19.82
CA PHE P 124 -6.20 -85.99 19.59
C PHE P 124 -7.26 -87.00 19.11
N ASP P 125 -6.79 -88.02 18.38
CA ASP P 125 -7.64 -89.03 17.75
C ASP P 125 -7.39 -90.38 18.44
N PRO P 126 -7.97 -90.61 19.63
CA PRO P 126 -7.69 -91.85 20.35
C PRO P 126 -8.39 -93.07 19.77
N LEU P 127 -9.61 -92.89 19.25
CA LEU P 127 -10.37 -94.02 18.74
C LEU P 127 -9.94 -94.46 17.34
N GLY P 128 -9.13 -93.66 16.65
CA GLY P 128 -8.52 -94.07 15.40
C GLY P 128 -9.46 -94.22 14.22
N PHE P 129 -10.40 -93.30 14.05
CA PHE P 129 -11.29 -93.36 12.89
C PHE P 129 -10.61 -92.96 11.60
N ALA P 130 -9.52 -92.22 11.66
CA ALA P 130 -8.90 -91.62 10.48
C ALA P 130 -7.68 -92.38 10.01
N LYS P 131 -7.70 -93.71 10.12
CA LYS P 131 -6.61 -94.56 9.65
C LYS P 131 -6.96 -95.29 8.35
N ASP P 132 -7.75 -94.66 7.48
CA ASP P 132 -8.25 -95.32 6.28
C ASP P 132 -8.02 -94.47 5.04
N SER P 133 -7.91 -93.14 5.24
CA SER P 133 -7.64 -92.08 4.27
C SER P 133 -8.77 -91.85 3.27
N SER P 134 -9.89 -92.58 3.35
CA SER P 134 -11.05 -92.31 2.53
C SER P 134 -12.28 -91.97 3.36
N LYS P 135 -12.62 -92.81 4.33
CA LYS P 135 -13.67 -92.48 5.30
C LYS P 135 -13.27 -91.31 6.16
N SER P 136 -11.97 -91.11 6.37
CA SER P 136 -11.49 -89.89 7.04
C SER P 136 -11.84 -88.66 6.23
N GLY P 137 -11.71 -88.72 4.89
CA GLY P 137 -12.07 -87.58 4.06
C GLY P 137 -13.57 -87.34 4.00
N GLU P 138 -14.35 -88.42 4.01
CA GLU P 138 -15.81 -88.26 4.08
C GLU P 138 -16.23 -87.66 5.42
N LEU P 139 -15.54 -88.04 6.51
CA LEU P 139 -15.83 -87.41 7.79
C LEU P 139 -15.32 -85.99 7.86
N LYS P 140 -14.27 -85.65 7.09
CA LYS P 140 -13.88 -84.25 6.94
C LYS P 140 -14.99 -83.43 6.31
N LEU P 141 -15.62 -83.99 5.27
CA LEU P 141 -16.73 -83.31 4.61
C LEU P 141 -17.93 -83.17 5.54
N LYS P 142 -18.22 -84.22 6.32
CA LYS P 142 -19.28 -84.15 7.32
C LYS P 142 -18.94 -83.14 8.42
N GLU P 143 -17.66 -83.08 8.78
CA GLU P 143 -17.16 -82.16 9.78
C GLU P 143 -17.28 -80.69 9.36
N ILE P 144 -16.95 -80.39 8.11
CA ILE P 144 -17.05 -79.00 7.64
C ILE P 144 -18.50 -78.61 7.44
N LYS P 145 -19.38 -79.58 7.10
CA LYS P 145 -20.80 -79.23 6.95
C LYS P 145 -21.49 -79.01 8.30
N ASN P 146 -21.18 -79.85 9.26
CA ASN P 146 -21.72 -79.67 10.61
C ASN P 146 -21.19 -78.36 11.19
N GLY P 147 -19.94 -78.02 10.90
CA GLY P 147 -19.32 -76.83 11.46
C GLY P 147 -19.89 -75.54 10.88
N ARG P 148 -20.11 -75.52 9.56
CA ARG P 148 -20.79 -74.39 8.94
C ARG P 148 -22.21 -74.25 9.46
N LEU P 149 -22.90 -75.38 9.66
CA LEU P 149 -24.26 -75.35 10.21
C LEU P 149 -24.27 -74.82 11.63
N ALA P 150 -23.26 -75.15 12.44
CA ALA P 150 -23.22 -74.66 13.80
C ALA P 150 -22.78 -73.20 13.89
N MET P 151 -21.94 -72.73 12.94
CA MET P 151 -21.65 -71.30 12.88
C MET P 151 -22.89 -70.48 12.55
N VAL P 152 -23.67 -70.94 11.55
CA VAL P 152 -24.93 -70.29 11.21
C VAL P 152 -25.91 -70.35 12.38
N ALA P 153 -25.91 -71.47 13.11
CA ALA P 153 -26.78 -71.63 14.27
C ALA P 153 -26.40 -70.67 15.39
N PHE P 154 -25.10 -70.45 15.62
CA PHE P 154 -24.70 -69.56 16.71
C PHE P 154 -24.96 -68.10 16.36
N LEU P 155 -24.73 -67.71 15.10
CA LEU P 155 -25.10 -66.35 14.70
C LEU P 155 -26.61 -66.16 14.75
N GLY P 156 -27.37 -67.22 14.45
CA GLY P 156 -28.81 -67.16 14.63
C GLY P 156 -29.22 -67.01 16.09
N PHE P 157 -28.48 -67.64 17.00
CA PHE P 157 -28.72 -67.49 18.43
C PHE P 157 -28.51 -66.05 18.87
N VAL P 158 -27.40 -65.45 18.41
CA VAL P 158 -27.05 -64.09 18.81
C VAL P 158 -28.06 -63.08 18.26
N ALA P 159 -28.40 -63.21 16.97
CA ALA P 159 -29.37 -62.29 16.36
C ALA P 159 -30.77 -62.49 16.93
N GLN P 160 -31.13 -63.74 17.21
CA GLN P 160 -32.46 -64.05 17.73
C GLN P 160 -32.62 -63.55 19.15
N HIS P 161 -31.56 -63.61 19.96
CA HIS P 161 -31.62 -63.05 21.30
C HIS P 161 -31.57 -61.53 21.28
N ALA P 162 -30.82 -60.93 20.35
CA ALA P 162 -30.83 -59.47 20.23
C ALA P 162 -32.19 -58.96 19.77
N ALA P 163 -32.94 -59.79 19.04
CA ALA P 163 -34.29 -59.45 18.65
C ALA P 163 -35.28 -59.60 19.80
N THR P 164 -35.45 -60.84 20.29
CA THR P 164 -36.55 -61.13 21.19
C THR P 164 -36.17 -61.06 22.66
N GLY P 165 -34.91 -61.26 23.00
CA GLY P 165 -34.51 -61.27 24.39
C GLY P 165 -34.76 -62.57 25.11
N LYS P 166 -34.94 -63.66 24.37
CA LYS P 166 -35.23 -64.97 24.95
C LYS P 166 -34.26 -66.01 24.38
N GLY P 167 -34.28 -67.18 25.00
CA GLY P 167 -33.42 -68.26 24.58
C GLY P 167 -33.93 -68.91 23.31
N PRO P 168 -33.07 -69.64 22.61
CA PRO P 168 -33.49 -70.29 21.37
C PRO P 168 -34.51 -71.40 21.55
N ILE P 169 -34.48 -72.16 22.65
CA ILE P 169 -35.48 -73.21 22.85
C ILE P 169 -36.84 -72.61 23.20
N ALA P 170 -36.84 -71.52 23.99
CA ALA P 170 -38.08 -70.84 24.31
C ALA P 170 -38.67 -70.14 23.07
N ALA P 171 -37.81 -69.58 22.22
CA ALA P 171 -38.28 -68.99 20.99
C ALA P 171 -38.76 -70.05 19.99
N LEU P 172 -38.16 -71.24 20.01
CA LEU P 172 -38.67 -72.36 19.24
C LEU P 172 -40.02 -72.83 19.78
N GLY P 173 -40.23 -72.76 21.09
CA GLY P 173 -41.54 -73.03 21.64
C GLY P 173 -42.58 -72.01 21.21
N GLU P 174 -42.18 -70.74 21.11
CA GLU P 174 -43.08 -69.72 20.58
C GLU P 174 -43.39 -69.96 19.11
N HIS P 175 -42.39 -70.34 18.32
CA HIS P 175 -42.60 -70.62 16.89
C HIS P 175 -43.44 -71.87 16.68
N LEU P 176 -43.40 -72.82 17.61
CA LEU P 176 -44.28 -73.98 17.48
C LEU P 176 -45.69 -73.68 18.00
N ALA P 177 -45.83 -72.78 18.97
CA ALA P 177 -47.15 -72.43 19.48
C ALA P 177 -47.90 -71.55 18.50
N ASN P 178 -47.33 -70.40 18.15
CA ASN P 178 -47.96 -69.43 17.26
C ASN P 178 -47.01 -69.18 16.10
N PRO P 179 -47.06 -70.03 15.05
CA PRO P 179 -46.07 -69.89 13.97
C PRO P 179 -46.27 -68.65 13.11
N TRP P 180 -47.52 -68.27 12.84
CA TRP P 180 -47.83 -67.07 12.10
C TRP P 180 -47.97 -65.85 12.99
N GLY P 181 -47.55 -65.94 14.25
CA GLY P 181 -47.59 -64.82 15.17
C GLY P 181 -46.33 -64.71 16.00
N ALA P 182 -45.33 -65.56 15.72
CA ALA P 182 -44.05 -65.49 16.42
C ALA P 182 -42.96 -65.94 15.44
N ASN P 183 -42.35 -64.97 14.77
CA ASN P 183 -41.23 -65.19 13.86
C ASN P 183 -40.38 -63.92 13.90
N PHE P 184 -39.54 -63.72 12.89
CA PHE P 184 -38.71 -62.52 12.86
C PHE P 184 -39.47 -61.27 12.41
N ALA P 185 -40.79 -61.33 12.25
CA ALA P 185 -41.55 -60.19 11.78
C ALA P 185 -42.54 -59.65 12.80
N THR P 186 -42.98 -60.47 13.76
CA THR P 186 -43.66 -59.95 14.95
C THR P 186 -42.65 -59.28 15.88
N ASN P 187 -41.36 -59.61 15.69
CA ASN P 187 -40.19 -58.94 16.24
C ASN P 187 -40.30 -57.42 16.29
N GLY P 188 -40.60 -56.79 15.15
CA GLY P 188 -40.53 -55.35 15.05
C GLY P 188 -39.13 -54.79 14.86
N ILE P 189 -38.12 -55.66 14.74
CA ILE P 189 -36.73 -55.23 14.61
C ILE P 189 -36.13 -55.67 13.28
N SER P 190 -36.38 -56.91 12.87
CA SER P 190 -35.74 -57.47 11.69
C SER P 190 -36.28 -56.86 10.41
N VAL P 191 -37.57 -56.53 10.40
CA VAL P 191 -38.18 -55.75 9.33
C VAL P 191 -38.73 -54.48 9.97
N PRO P 192 -38.15 -53.31 9.69
CA PRO P 192 -38.43 -52.11 10.50
C PRO P 192 -39.82 -51.54 10.28
N PHE P 193 -40.48 -51.86 9.17
CA PHE P 193 -41.79 -51.29 8.89
C PHE P 193 -42.87 -52.03 9.70
N PHE P 194 -44.10 -51.55 9.55
CA PHE P 194 -45.31 -52.10 10.20
C PHE P 194 -45.22 -52.10 11.72
N LEU Q 30 -44.81 -53.34 -41.79
CA LEU Q 30 -44.48 -53.06 -40.40
C LEU Q 30 -45.47 -52.08 -39.80
N PRO Q 31 -46.33 -52.55 -38.89
CA PRO Q 31 -47.35 -51.67 -38.30
C PRO Q 31 -46.76 -50.65 -37.33
N SER Q 32 -46.72 -49.39 -37.76
CA SER Q 32 -46.10 -48.35 -36.97
C SER Q 32 -47.05 -47.85 -35.89
N TRP Q 33 -46.45 -47.27 -34.84
CA TRP Q 33 -47.22 -46.57 -33.82
C TRP Q 33 -47.77 -45.25 -34.34
N MET Q 34 -47.16 -44.73 -35.40
CA MET Q 34 -47.46 -43.51 -36.11
C MET Q 34 -47.06 -43.75 -37.56
N PRO Q 35 -48.02 -44.01 -38.45
CA PRO Q 35 -47.69 -44.34 -39.85
C PRO Q 35 -47.04 -43.17 -40.59
N GLY Q 36 -46.03 -43.51 -41.40
CA GLY Q 36 -45.27 -42.54 -42.14
C GLY Q 36 -44.01 -42.06 -41.44
N ALA Q 37 -43.92 -42.18 -40.12
CA ALA Q 37 -42.77 -41.69 -39.37
C ALA Q 37 -41.56 -42.60 -39.58
N ASP Q 38 -40.38 -42.05 -39.28
CA ASP Q 38 -39.13 -42.78 -39.39
C ASP Q 38 -38.88 -43.56 -38.10
N LEU Q 39 -38.80 -44.83 -38.22
CA LEU Q 39 -38.68 -45.68 -37.05
C LEU Q 39 -37.21 -45.89 -36.70
N PRO Q 40 -36.91 -46.15 -35.42
CA PRO Q 40 -35.53 -46.47 -35.04
C PRO Q 40 -35.06 -47.77 -35.66
N GLY Q 41 -33.81 -47.74 -36.16
CA GLY Q 41 -33.29 -48.85 -36.96
C GLY Q 41 -33.00 -50.11 -36.18
N TYR Q 42 -32.77 -50.00 -34.86
CA TYR Q 42 -32.49 -51.17 -34.05
C TYR Q 42 -33.72 -52.03 -33.76
N LEU Q 43 -34.91 -51.51 -34.03
CA LEU Q 43 -36.14 -52.26 -33.84
C LEU Q 43 -36.48 -52.99 -35.14
N ASN Q 44 -36.56 -54.31 -35.08
CA ASN Q 44 -36.56 -55.13 -36.30
C ASN Q 44 -37.68 -56.16 -36.35
N GLY Q 45 -38.55 -56.22 -35.35
CA GLY Q 45 -39.59 -57.23 -35.34
C GLY Q 45 -39.22 -58.52 -34.65
N THR Q 46 -38.00 -58.63 -34.12
CA THR Q 46 -37.63 -59.81 -33.35
C THR Q 46 -38.31 -59.83 -31.99
N LEU Q 47 -38.56 -58.66 -31.43
CA LEU Q 47 -39.28 -58.55 -30.17
C LEU Q 47 -40.79 -58.64 -30.41
N PRO Q 48 -41.55 -59.18 -29.45
CA PRO Q 48 -43.01 -59.18 -29.60
C PRO Q 48 -43.58 -57.79 -29.37
N GLY Q 49 -44.46 -57.38 -30.28
CA GLY Q 49 -45.02 -56.04 -30.21
C GLY Q 49 -44.05 -54.96 -30.63
N ASP Q 50 -43.28 -55.20 -31.69
CA ASP Q 50 -42.29 -54.25 -32.18
C ASP Q 50 -42.99 -53.31 -33.14
N PHE Q 51 -43.34 -52.12 -32.67
CA PHE Q 51 -44.06 -51.13 -33.45
C PHE Q 51 -43.22 -49.89 -33.72
N GLY Q 52 -41.93 -49.95 -33.41
CA GLY Q 52 -41.04 -48.83 -33.67
C GLY Q 52 -41.23 -47.62 -32.79
N PHE Q 53 -41.77 -47.79 -31.59
CA PHE Q 53 -42.03 -46.67 -30.69
C PHE Q 53 -40.89 -46.53 -29.69
N ASP Q 54 -39.98 -45.59 -29.95
CA ASP Q 54 -38.98 -45.19 -28.98
C ASP Q 54 -38.53 -43.77 -29.29
N PRO Q 55 -39.30 -42.75 -28.90
CA PRO Q 55 -38.88 -41.37 -29.19
C PRO Q 55 -37.72 -40.90 -28.35
N LEU Q 56 -37.53 -41.46 -27.15
CA LEU Q 56 -36.42 -41.08 -26.30
C LEU Q 56 -35.16 -41.89 -26.56
N TYR Q 57 -35.21 -42.82 -27.53
CA TYR Q 57 -34.07 -43.62 -27.99
C TYR Q 57 -33.46 -44.44 -26.84
N LEU Q 58 -34.32 -44.98 -25.97
CA LEU Q 58 -33.84 -45.70 -24.80
C LEU Q 58 -33.31 -47.09 -25.11
N GLY Q 59 -33.54 -47.61 -26.31
CA GLY Q 59 -33.11 -48.96 -26.62
C GLY Q 59 -31.96 -49.04 -27.60
N GLN Q 60 -31.07 -48.05 -27.60
CA GLN Q 60 -29.94 -48.04 -28.53
C GLN Q 60 -28.97 -49.18 -28.23
N ASP Q 61 -28.55 -49.31 -26.98
CA ASP Q 61 -27.67 -50.41 -26.61
C ASP Q 61 -28.44 -51.71 -26.54
N PRO Q 62 -27.97 -52.77 -27.20
CA PRO Q 62 -28.71 -54.04 -27.19
C PRO Q 62 -28.75 -54.71 -25.83
N VAL Q 63 -27.76 -54.44 -24.96
CA VAL Q 63 -27.78 -54.98 -23.60
C VAL Q 63 -28.93 -54.37 -22.81
N LYS Q 64 -29.06 -53.05 -22.88
CA LYS Q 64 -30.20 -52.36 -22.28
C LYS Q 64 -31.51 -52.79 -22.93
N LEU Q 65 -31.50 -53.14 -24.23
CA LEU Q 65 -32.73 -53.58 -24.86
C LEU Q 65 -33.13 -54.97 -24.41
N LYS Q 66 -32.16 -55.85 -24.14
CA LYS Q 66 -32.46 -57.16 -23.55
C LYS Q 66 -33.06 -57.02 -22.16
N TRP Q 67 -32.44 -56.15 -21.34
CA TRP Q 67 -32.96 -55.91 -20.00
C TRP Q 67 -34.36 -55.30 -20.03
N TYR Q 68 -34.60 -54.37 -20.96
CA TYR Q 68 -35.88 -53.72 -21.05
C TYR Q 68 -36.96 -54.65 -21.62
N ALA Q 69 -36.58 -55.57 -22.50
CA ALA Q 69 -37.54 -56.56 -23.00
C ALA Q 69 -37.99 -57.50 -21.88
N GLN Q 70 -37.03 -57.99 -21.09
CA GLN Q 70 -37.39 -58.86 -19.97
C GLN Q 70 -38.18 -58.10 -18.90
N ALA Q 71 -37.86 -56.83 -18.69
CA ALA Q 71 -38.58 -56.05 -17.69
C ALA Q 71 -39.97 -55.67 -18.17
N GLU Q 72 -40.13 -55.50 -19.47
CA GLU Q 72 -41.45 -55.23 -20.06
C GLU Q 72 -42.33 -56.47 -19.85
N LEU Q 73 -41.78 -57.65 -20.10
CA LEU Q 73 -42.51 -58.89 -19.87
C LEU Q 73 -42.92 -59.05 -18.41
N MET Q 74 -42.01 -58.76 -17.48
CA MET Q 74 -42.30 -59.00 -16.07
C MET Q 74 -43.31 -57.99 -15.52
N ASN Q 75 -43.09 -56.69 -15.80
CA ASN Q 75 -44.06 -55.66 -15.41
C ASN Q 75 -45.42 -55.89 -16.05
N ALA Q 76 -45.44 -56.37 -17.31
CA ALA Q 76 -46.70 -56.61 -18.01
C ALA Q 76 -47.46 -57.78 -17.40
N ARG Q 77 -46.77 -58.87 -17.04
CA ARG Q 77 -47.45 -60.03 -16.49
C ARG Q 77 -47.95 -59.80 -15.07
N PHE Q 78 -47.15 -59.11 -14.24
CA PHE Q 78 -47.65 -58.74 -12.93
C PHE Q 78 -48.77 -57.70 -13.01
N ALA Q 79 -48.77 -56.84 -14.04
CA ALA Q 79 -49.87 -55.90 -14.19
C ALA Q 79 -51.14 -56.59 -14.67
N MET Q 80 -51.01 -57.61 -15.53
CA MET Q 80 -52.18 -58.38 -15.93
C MET Q 80 -52.82 -59.11 -14.74
N LEU Q 81 -51.99 -59.74 -13.90
CA LEU Q 81 -52.50 -60.34 -12.67
C LEU Q 81 -53.09 -59.30 -11.73
N ALA Q 82 -52.52 -58.09 -11.70
CA ALA Q 82 -53.04 -57.04 -10.82
C ALA Q 82 -54.40 -56.53 -11.28
N VAL Q 83 -54.57 -56.33 -12.58
CA VAL Q 83 -55.84 -55.82 -13.08
C VAL Q 83 -56.92 -56.91 -12.96
N ALA Q 84 -56.54 -58.18 -13.11
CA ALA Q 84 -57.49 -59.26 -12.84
C ALA Q 84 -57.90 -59.30 -11.38
N GLY Q 85 -56.94 -59.13 -10.47
CA GLY Q 85 -57.24 -59.16 -9.04
C GLY Q 85 -57.91 -57.92 -8.51
N ILE Q 86 -57.92 -56.83 -9.28
CA ILE Q 86 -58.71 -55.66 -8.90
C ILE Q 86 -60.10 -55.68 -9.52
N LEU Q 87 -60.22 -56.17 -10.76
CA LEU Q 87 -61.53 -56.29 -11.40
C LEU Q 87 -62.41 -57.33 -10.74
N VAL Q 88 -61.94 -58.58 -10.66
CA VAL Q 88 -62.83 -59.72 -10.38
C VAL Q 88 -63.45 -59.70 -8.99
N PRO Q 89 -62.75 -59.37 -7.89
CA PRO Q 89 -63.47 -59.19 -6.62
C PRO Q 89 -64.44 -58.01 -6.61
N GLU Q 90 -64.13 -56.94 -7.31
CA GLU Q 90 -65.10 -55.83 -7.38
C GLU Q 90 -66.23 -56.14 -8.35
N LEU Q 91 -65.95 -56.90 -9.42
CA LEU Q 91 -66.99 -57.32 -10.34
C LEU Q 91 -67.93 -58.34 -9.68
N LEU Q 92 -67.44 -59.06 -8.66
CA LEU Q 92 -68.30 -59.98 -7.91
C LEU Q 92 -68.90 -59.35 -6.66
N SER Q 93 -68.37 -58.21 -6.21
CA SER Q 93 -68.94 -57.57 -5.02
C SER Q 93 -70.24 -56.85 -5.33
N ASN Q 94 -70.43 -56.41 -6.58
CA ASN Q 94 -71.65 -55.72 -6.97
C ASN Q 94 -72.77 -56.68 -7.34
N ILE Q 95 -72.45 -57.93 -7.62
CA ILE Q 95 -73.46 -58.93 -7.97
C ILE Q 95 -73.50 -59.97 -6.86
N GLY Q 96 -74.39 -60.95 -6.98
CA GLY Q 96 -74.50 -62.01 -5.99
C GLY Q 96 -73.32 -62.96 -5.97
N PRO Q 100 -66.05 -64.64 -1.38
CA PRO Q 100 -67.05 -63.73 -0.81
C PRO Q 100 -66.85 -63.53 0.69
N GLY Q 101 -65.62 -63.70 1.16
CA GLY Q 101 -65.33 -63.41 2.56
C GLY Q 101 -65.33 -61.93 2.86
N ALA Q 102 -65.05 -61.09 1.86
CA ALA Q 102 -65.07 -59.65 2.02
C ALA Q 102 -65.31 -59.00 0.67
N GLY Q 103 -66.07 -57.91 0.67
CA GLY Q 103 -66.28 -57.11 -0.53
C GLY Q 103 -65.52 -55.81 -0.46
N VAL Q 104 -64.36 -55.84 0.19
CA VAL Q 104 -63.58 -54.66 0.47
C VAL Q 104 -62.83 -54.24 -0.79
N ALA Q 105 -62.70 -52.93 -1.00
CA ALA Q 105 -62.03 -52.35 -2.17
C ALA Q 105 -60.56 -52.77 -2.23
N TRP Q 106 -59.97 -52.61 -3.43
CA TRP Q 106 -58.65 -53.16 -3.71
C TRP Q 106 -57.54 -52.44 -2.93
N TYR Q 107 -57.73 -51.15 -2.64
CA TYR Q 107 -56.72 -50.40 -1.91
C TYR Q 107 -56.96 -50.38 -0.41
N ASP Q 108 -57.92 -51.17 0.07
CA ASP Q 108 -58.13 -51.36 1.50
C ASP Q 108 -57.95 -52.82 1.88
N ALA Q 109 -57.13 -53.55 1.13
CA ALA Q 109 -56.85 -54.94 1.44
C ALA Q 109 -55.91 -55.09 2.62
N GLY Q 110 -55.19 -54.04 2.99
CA GLY Q 110 -54.30 -54.12 4.14
C GLY Q 110 -55.01 -54.09 5.48
N LYS Q 111 -56.18 -53.46 5.54
CA LYS Q 111 -56.95 -53.37 6.78
C LYS Q 111 -57.96 -54.51 6.91
N PHE Q 112 -57.48 -55.74 6.72
CA PHE Q 112 -58.29 -56.94 6.86
C PHE Q 112 -57.43 -57.99 7.53
N GLU Q 113 -58.06 -58.96 8.19
CA GLU Q 113 -57.36 -59.74 9.22
C GLU Q 113 -56.38 -60.75 8.61
N TYR Q 114 -56.86 -61.61 7.69
CA TYR Q 114 -56.07 -62.64 6.98
C TYR Q 114 -55.29 -63.55 7.92
N PHE Q 115 -55.91 -63.94 9.05
CA PHE Q 115 -55.47 -64.92 10.05
C PHE Q 115 -54.08 -64.69 10.64
N ALA Q 116 -53.44 -63.55 10.36
CA ALA Q 116 -52.03 -63.31 10.63
C ALA Q 116 -51.71 -61.84 10.34
N PRO Q 117 -50.70 -61.25 10.99
CA PRO Q 117 -50.27 -59.91 10.60
C PRO Q 117 -49.60 -59.92 9.24
N ALA Q 118 -49.60 -58.74 8.60
CA ALA Q 118 -49.09 -58.62 7.24
C ALA Q 118 -47.57 -58.69 7.19
N SER Q 119 -46.89 -58.50 8.31
CA SER Q 119 -45.43 -58.57 8.33
C SER Q 119 -44.93 -59.99 8.13
N SER Q 120 -45.60 -60.97 8.75
CA SER Q 120 -45.22 -62.37 8.58
C SER Q 120 -45.46 -62.83 7.14
N LEU Q 121 -46.57 -62.39 6.55
CA LEU Q 121 -46.87 -62.65 5.15
C LEU Q 121 -45.86 -61.98 4.23
N PHE Q 122 -45.38 -60.79 4.62
CA PHE Q 122 -44.29 -60.13 3.90
C PHE Q 122 -43.02 -60.95 3.92
N GLY Q 123 -42.70 -61.53 5.09
CA GLY Q 123 -41.50 -62.37 5.20
C GLY Q 123 -41.59 -63.64 4.37
N VAL Q 124 -42.76 -64.29 4.40
CA VAL Q 124 -42.98 -65.50 3.59
C VAL Q 124 -42.89 -65.17 2.10
N GLN Q 125 -43.54 -64.06 1.70
CA GLN Q 125 -43.48 -63.57 0.33
C GLN Q 125 -42.05 -63.32 -0.13
N MET Q 126 -41.24 -62.67 0.72
CA MET Q 126 -39.87 -62.36 0.33
C MET Q 126 -38.98 -63.60 0.28
N LEU Q 127 -39.24 -64.61 1.11
CA LEU Q 127 -38.45 -65.83 1.00
C LEU Q 127 -38.76 -66.60 -0.29
N LEU Q 128 -40.05 -66.84 -0.55
CA LEU Q 128 -40.42 -67.63 -1.72
C LEU Q 128 -40.10 -66.89 -3.02
N PHE Q 129 -40.30 -65.57 -3.04
CA PHE Q 129 -39.90 -64.81 -4.20
C PHE Q 129 -38.39 -64.61 -4.31
N ALA Q 130 -37.62 -64.67 -3.21
CA ALA Q 130 -36.17 -64.69 -3.33
C ALA Q 130 -35.72 -65.91 -4.11
N TRP Q 131 -36.28 -67.07 -3.77
CA TRP Q 131 -36.01 -68.32 -4.49
C TRP Q 131 -36.36 -68.21 -5.98
N VAL Q 132 -37.63 -67.88 -6.27
CA VAL Q 132 -38.12 -67.90 -7.65
C VAL Q 132 -37.45 -66.82 -8.50
N GLU Q 133 -37.34 -65.62 -7.92
CA GLU Q 133 -36.73 -64.48 -8.62
C GLU Q 133 -35.25 -64.68 -8.96
N ILE Q 134 -34.47 -65.22 -8.04
CA ILE Q 134 -33.06 -65.47 -8.32
C ILE Q 134 -32.91 -66.64 -9.29
N ARG Q 135 -33.87 -67.57 -9.30
CA ARG Q 135 -33.81 -68.65 -10.28
C ARG Q 135 -34.09 -68.15 -11.71
N ARG Q 136 -35.09 -67.26 -11.86
CA ARG Q 136 -35.32 -66.58 -13.14
C ARG Q 136 -34.11 -65.75 -13.57
N TYR Q 137 -33.46 -65.07 -12.61
CA TYR Q 137 -32.31 -64.24 -12.95
C TYR Q 137 -31.13 -65.08 -13.41
N GLN Q 138 -30.95 -66.26 -12.82
CA GLN Q 138 -29.87 -67.12 -13.27
C GLN Q 138 -30.16 -67.68 -14.67
N ASP Q 139 -31.45 -67.89 -14.99
CA ASP Q 139 -31.78 -68.22 -16.37
C ASP Q 139 -31.45 -67.07 -17.33
N PHE Q 140 -31.75 -65.83 -16.92
CA PHE Q 140 -31.48 -64.69 -17.79
C PHE Q 140 -29.99 -64.43 -17.96
N VAL Q 141 -29.20 -64.69 -16.92
CA VAL Q 141 -27.75 -64.53 -17.03
C VAL Q 141 -27.17 -65.63 -17.92
N LYS Q 142 -27.45 -66.89 -17.61
CA LYS Q 142 -26.96 -67.99 -18.43
C LYS Q 142 -28.15 -68.77 -18.98
N PRO Q 143 -28.53 -68.54 -20.23
CA PRO Q 143 -29.67 -69.28 -20.80
C PRO Q 143 -29.33 -70.74 -21.03
N GLY Q 144 -30.28 -71.60 -20.68
CA GLY Q 144 -30.02 -73.03 -20.70
C GLY Q 144 -29.29 -73.55 -19.49
N SER Q 145 -29.50 -72.93 -18.33
CA SER Q 145 -28.81 -73.36 -17.12
C SER Q 145 -29.72 -73.42 -15.90
N ALA Q 146 -31.01 -73.11 -16.02
CA ALA Q 146 -31.97 -73.28 -14.94
C ALA Q 146 -33.16 -74.03 -15.54
N ASN Q 147 -33.04 -75.34 -15.59
CA ASN Q 147 -34.05 -76.15 -16.24
C ASN Q 147 -34.51 -77.34 -15.41
N GLN Q 148 -33.61 -77.99 -14.69
CA GLN Q 148 -33.95 -79.22 -13.99
C GLN Q 148 -34.30 -78.94 -12.53
N ASP Q 149 -35.18 -79.78 -12.01
CA ASP Q 149 -35.63 -79.68 -10.62
C ASP Q 149 -34.46 -80.02 -9.71
N PRO Q 150 -34.12 -79.15 -8.75
CA PRO Q 150 -32.98 -79.44 -7.87
C PRO Q 150 -33.18 -80.61 -6.92
N ILE Q 151 -34.40 -80.80 -6.40
CA ILE Q 151 -34.62 -81.92 -5.48
C ILE Q 151 -34.87 -83.20 -6.26
N PHE Q 152 -35.83 -83.18 -7.18
CA PHE Q 152 -36.19 -84.37 -7.94
C PHE Q 152 -35.58 -84.25 -9.34
N THR Q 153 -34.34 -84.71 -9.45
CA THR Q 153 -33.47 -84.36 -10.58
C THR Q 153 -33.83 -85.04 -11.90
N ASN Q 154 -34.96 -85.74 -11.97
CA ASN Q 154 -35.47 -86.25 -13.24
C ASN Q 154 -36.35 -85.23 -13.95
N ASN Q 155 -37.07 -84.40 -13.18
CA ASN Q 155 -37.89 -83.36 -13.76
C ASN Q 155 -37.03 -82.26 -14.38
N LYS Q 156 -37.46 -81.77 -15.54
CA LYS Q 156 -36.61 -80.90 -16.34
C LYS Q 156 -37.48 -80.12 -17.33
N LEU Q 157 -37.14 -78.85 -17.55
CA LEU Q 157 -37.70 -78.09 -18.65
C LEU Q 157 -36.94 -78.40 -19.94
N PRO Q 158 -37.64 -78.47 -21.08
CA PRO Q 158 -36.98 -78.83 -22.34
C PRO Q 158 -36.05 -77.72 -22.84
N ASP Q 159 -35.31 -78.06 -23.89
CA ASP Q 159 -34.20 -77.23 -24.36
C ASP Q 159 -34.63 -76.03 -25.20
N GLY Q 160 -35.93 -75.79 -25.35
CA GLY Q 160 -36.42 -74.57 -25.96
C GLY Q 160 -36.40 -73.45 -24.95
N ASN Q 161 -35.23 -72.89 -24.69
CA ASN Q 161 -35.00 -72.10 -23.48
C ASN Q 161 -35.72 -70.76 -23.51
N GLU Q 162 -35.30 -69.84 -24.41
CA GLU Q 162 -35.93 -68.54 -24.71
C GLU Q 162 -36.16 -67.72 -23.44
N PRO Q 163 -35.13 -67.04 -22.92
CA PRO Q 163 -35.22 -66.36 -21.61
C PRO Q 163 -36.34 -65.34 -21.54
N GLY Q 164 -37.24 -65.53 -20.58
CA GLY Q 164 -38.51 -64.84 -20.50
C GLY Q 164 -39.69 -65.69 -20.92
N TYR Q 165 -39.44 -66.73 -21.71
CA TYR Q 165 -40.49 -67.64 -22.17
C TYR Q 165 -40.07 -69.06 -21.81
N PRO Q 166 -40.31 -69.49 -20.56
CA PRO Q 166 -39.75 -70.76 -20.05
C PRO Q 166 -40.24 -72.02 -20.75
N GLY Q 167 -41.55 -72.26 -20.72
CA GLY Q 167 -42.12 -73.46 -21.29
C GLY Q 167 -42.23 -74.58 -20.26
N GLY Q 168 -42.39 -75.80 -20.79
CA GLY Q 168 -42.44 -77.01 -19.99
C GLY Q 168 -43.60 -77.10 -19.02
N ILE Q 169 -43.30 -77.08 -17.72
CA ILE Q 169 -44.37 -77.12 -16.72
C ILE Q 169 -45.07 -75.77 -16.61
N PHE Q 170 -44.41 -74.69 -17.04
CA PHE Q 170 -45.05 -73.38 -17.09
C PHE Q 170 -46.05 -73.27 -18.23
N ASP Q 171 -46.05 -74.23 -19.15
CA ASP Q 171 -47.08 -74.38 -20.18
C ASP Q 171 -47.70 -75.76 -20.02
N PRO Q 172 -48.54 -75.96 -19.00
CA PRO Q 172 -49.03 -77.32 -18.71
C PRO Q 172 -50.13 -77.80 -19.64
N PHE Q 173 -50.90 -76.90 -20.23
CA PHE Q 173 -52.03 -77.29 -21.06
C PHE Q 173 -51.67 -77.50 -22.53
N GLY Q 174 -50.39 -77.49 -22.86
CA GLY Q 174 -49.98 -77.85 -24.20
C GLY Q 174 -50.16 -76.77 -25.24
N TRP Q 175 -50.16 -75.50 -24.84
CA TRP Q 175 -50.27 -74.40 -25.77
C TRP Q 175 -48.91 -74.10 -26.40
N SER Q 176 -48.83 -72.99 -27.11
CA SER Q 176 -47.60 -72.61 -27.80
C SER Q 176 -47.50 -73.38 -29.11
N LYS Q 177 -48.54 -74.17 -29.39
CA LYS Q 177 -48.61 -74.98 -30.60
C LYS Q 177 -48.56 -74.02 -31.77
N GLY Q 178 -49.19 -72.87 -31.58
CA GLY Q 178 -49.21 -71.82 -32.58
C GLY Q 178 -47.78 -71.31 -32.59
N ASP Q 179 -47.44 -70.50 -33.57
CA ASP Q 179 -46.08 -69.99 -33.70
C ASP Q 179 -45.65 -69.24 -32.45
N ILE Q 180 -46.59 -68.49 -31.87
CA ILE Q 180 -46.37 -67.69 -30.67
C ILE Q 180 -45.95 -66.27 -31.06
N LYS Q 181 -45.72 -66.08 -32.36
CA LYS Q 181 -45.37 -64.77 -32.88
C LYS Q 181 -46.63 -63.97 -32.58
N SER Q 182 -47.75 -64.66 -32.80
CA SER Q 182 -49.09 -64.15 -32.57
C SER Q 182 -49.44 -64.18 -31.09
N LEU Q 183 -49.14 -65.28 -30.41
CA LEU Q 183 -49.47 -65.40 -28.99
C LEU Q 183 -48.57 -64.50 -28.14
N LYS Q 184 -47.29 -64.37 -28.52
CA LYS Q 184 -46.40 -63.43 -27.84
C LYS Q 184 -46.87 -61.98 -28.03
N LEU Q 185 -47.37 -61.68 -29.24
CA LEU Q 185 -47.84 -60.32 -29.52
C LEU Q 185 -49.13 -60.02 -28.76
N LYS Q 186 -50.03 -61.02 -28.65
CA LYS Q 186 -51.22 -60.85 -27.83
C LYS Q 186 -50.87 -60.69 -26.36
N GLU Q 187 -49.83 -61.40 -25.93
CA GLU Q 187 -49.36 -61.32 -24.56
C GLU Q 187 -48.79 -59.95 -24.22
N ILE Q 188 -48.01 -59.35 -25.12
CA ILE Q 188 -47.46 -58.04 -24.84
C ILE Q 188 -48.50 -56.95 -25.06
N LYS Q 189 -49.52 -57.17 -25.90
CA LYS Q 189 -50.57 -56.17 -26.07
C LYS Q 189 -51.50 -56.11 -24.85
N ASN Q 190 -51.99 -57.28 -24.40
CA ASN Q 190 -52.76 -57.34 -23.15
C ASN Q 190 -51.95 -56.86 -21.96
N GLY Q 191 -50.62 -57.08 -21.98
CA GLY Q 191 -49.79 -56.62 -20.89
C GLY Q 191 -49.59 -55.12 -20.86
N ARG Q 192 -49.34 -54.50 -22.03
CA ARG Q 192 -49.26 -53.04 -22.10
C ARG Q 192 -50.58 -52.40 -21.73
N LEU Q 193 -51.69 -53.04 -22.14
CA LEU Q 193 -53.01 -52.51 -21.84
C LEU Q 193 -53.29 -52.59 -20.33
N ALA Q 194 -52.84 -53.68 -19.68
CA ALA Q 194 -53.03 -53.79 -18.24
C ALA Q 194 -52.04 -52.95 -17.43
N MET Q 195 -50.84 -52.68 -17.97
CA MET Q 195 -49.94 -51.72 -17.33
C MET Q 195 -50.55 -50.32 -17.33
N LEU Q 196 -51.09 -49.90 -18.49
CA LEU Q 196 -51.82 -48.64 -18.56
C LEU Q 196 -53.05 -48.66 -17.67
N ALA Q 197 -53.70 -49.81 -17.54
CA ALA Q 197 -54.87 -49.91 -16.67
C ALA Q 197 -54.51 -49.77 -15.20
N PHE Q 198 -53.36 -50.32 -14.77
CA PHE Q 198 -52.99 -50.21 -13.37
C PHE Q 198 -52.50 -48.80 -13.02
N ALA Q 199 -51.74 -48.19 -13.93
CA ALA Q 199 -51.41 -46.77 -13.78
C ALA Q 199 -52.67 -45.92 -13.76
N GLY Q 200 -53.67 -46.33 -14.55
CA GLY Q 200 -55.03 -45.88 -14.35
C GLY Q 200 -55.49 -45.98 -12.91
N PHE Q 201 -55.65 -47.21 -12.38
CA PHE Q 201 -56.27 -47.46 -11.06
C PHE Q 201 -55.63 -46.64 -9.96
N ILE Q 202 -54.31 -46.51 -10.00
CA ILE Q 202 -53.60 -45.64 -9.06
C ILE Q 202 -54.01 -44.18 -9.26
N GLY Q 203 -53.99 -43.69 -10.51
CA GLY Q 203 -54.34 -42.29 -10.75
C GLY Q 203 -55.80 -41.96 -10.47
N GLN Q 204 -56.70 -42.78 -11.00
CA GLN Q 204 -58.13 -42.56 -10.83
C GLN Q 204 -58.52 -42.64 -9.36
N ALA Q 205 -57.94 -43.58 -8.64
CA ALA Q 205 -58.23 -43.70 -7.23
C ALA Q 205 -57.69 -42.51 -6.44
N TYR Q 206 -56.46 -42.07 -6.75
CA TYR Q 206 -55.88 -40.94 -6.02
C TYR Q 206 -56.60 -39.64 -6.33
N THR Q 207 -57.20 -39.53 -7.51
CA THR Q 207 -57.97 -38.33 -7.85
C THR Q 207 -59.40 -38.38 -7.32
N THR Q 208 -60.17 -39.39 -7.74
CA THR Q 208 -61.58 -39.44 -7.40
C THR Q 208 -61.83 -39.89 -5.96
N GLY Q 209 -60.84 -40.47 -5.28
CA GLY Q 209 -61.04 -40.98 -3.94
C GLY Q 209 -61.79 -42.28 -3.84
N THR Q 210 -62.28 -42.83 -4.96
CA THR Q 210 -63.11 -44.02 -4.94
C THR Q 210 -62.58 -45.12 -5.85
N THR Q 211 -63.37 -46.16 -6.05
CA THR Q 211 -63.25 -47.47 -6.68
C THR Q 211 -63.50 -47.38 -8.20
N PRO Q 212 -62.77 -48.18 -8.99
CA PRO Q 212 -62.79 -47.97 -10.45
C PRO Q 212 -64.06 -48.43 -11.13
N LEU Q 213 -64.72 -49.49 -10.67
CA LEU Q 213 -65.98 -49.86 -11.32
C LEU Q 213 -67.09 -48.88 -10.98
N LYS Q 214 -67.02 -48.21 -9.83
CA LYS Q 214 -67.95 -47.13 -9.56
C LYS Q 214 -67.62 -45.90 -10.41
N ASN Q 215 -66.34 -45.68 -10.69
CA ASN Q 215 -65.96 -44.64 -11.65
C ASN Q 215 -66.50 -44.93 -13.05
N LEU Q 216 -66.41 -46.19 -13.48
CA LEU Q 216 -66.97 -46.58 -14.77
C LEU Q 216 -68.50 -46.50 -14.76
N SER Q 217 -69.13 -46.78 -13.61
CA SER Q 217 -70.58 -46.64 -13.51
C SER Q 217 -71.01 -45.18 -13.58
N THR Q 218 -70.21 -44.26 -13.05
CA THR Q 218 -70.52 -42.84 -13.22
C THR Q 218 -70.31 -42.38 -14.66
N HIS Q 219 -69.23 -42.87 -15.32
CA HIS Q 219 -69.01 -42.51 -16.72
C HIS Q 219 -70.07 -43.15 -17.64
N LEU Q 220 -70.70 -44.24 -17.21
CA LEU Q 220 -71.81 -44.78 -17.99
C LEU Q 220 -73.13 -44.10 -17.64
N ALA Q 221 -73.26 -43.59 -16.41
CA ALA Q 221 -74.49 -42.92 -16.02
C ALA Q 221 -74.61 -41.55 -16.69
N ASP Q 222 -73.51 -40.80 -16.76
CA ASP Q 222 -73.51 -39.50 -17.42
C ASP Q 222 -72.11 -39.21 -17.92
N PRO Q 223 -71.79 -39.66 -19.15
CA PRO Q 223 -70.44 -39.42 -19.67
C PRO Q 223 -70.16 -37.97 -20.02
N TRP Q 224 -71.20 -37.16 -20.24
CA TRP Q 224 -71.00 -35.82 -20.75
C TRP Q 224 -70.75 -34.80 -19.65
N SER Q 225 -71.15 -35.09 -18.42
CA SER Q 225 -70.86 -34.22 -17.29
C SER Q 225 -69.83 -34.82 -16.35
N THR Q 226 -69.38 -36.05 -16.59
CA THR Q 226 -68.35 -36.70 -15.77
C THR Q 226 -67.21 -37.08 -16.69
N THR Q 227 -66.32 -36.13 -16.93
CA THR Q 227 -65.06 -36.38 -17.61
C THR Q 227 -63.92 -36.01 -16.67
N VAL Q 228 -62.69 -36.27 -17.13
CA VAL Q 228 -61.49 -35.88 -16.39
C VAL Q 228 -61.44 -34.37 -16.24
N TRP Q 229 -61.81 -33.64 -17.29
CA TRP Q 229 -61.82 -32.19 -17.23
C TRP Q 229 -62.93 -31.68 -16.33
N GLN Q 230 -64.09 -32.35 -16.33
CA GLN Q 230 -65.18 -31.99 -15.43
C GLN Q 230 -64.80 -32.16 -13.96
N ASN Q 231 -64.18 -33.30 -13.62
CA ASN Q 231 -63.82 -33.52 -12.22
C ASN Q 231 -62.64 -32.66 -11.79
N ASP Q 232 -61.67 -32.50 -12.69
CA ASP Q 232 -60.51 -31.66 -12.42
C ASP Q 232 -60.94 -30.23 -12.18
N LEU Q 233 -61.89 -29.72 -12.98
CA LEU Q 233 -62.37 -28.37 -12.76
C LEU Q 233 -63.34 -28.28 -11.61
N ALA Q 234 -64.03 -29.37 -11.27
CA ALA Q 234 -64.85 -29.42 -10.06
C ALA Q 234 -64.03 -29.44 -8.79
N ARG Q 235 -62.72 -29.74 -8.89
CA ARG Q 235 -61.82 -29.51 -7.76
C ARG Q 235 -61.78 -28.00 -7.47
N ARG R 4 -35.61 31.96 -80.84
CA ARG R 4 -36.53 31.31 -79.91
C ARG R 4 -36.47 31.95 -78.53
N LYS R 5 -37.62 32.35 -78.01
CA LYS R 5 -37.67 33.18 -76.82
C LYS R 5 -37.62 32.32 -75.56
N LEU R 6 -37.01 32.88 -74.52
CA LEU R 6 -36.89 32.23 -73.22
C LEU R 6 -37.57 33.08 -72.15
N TRP R 7 -37.42 32.68 -70.90
CA TRP R 7 -38.13 33.31 -69.79
C TRP R 7 -37.57 34.67 -69.42
N ALA R 8 -36.37 35.00 -69.88
CA ALA R 8 -35.73 36.28 -69.60
C ALA R 8 -34.69 36.52 -70.69
N PRO R 9 -34.40 37.77 -71.04
CA PRO R 9 -33.35 38.03 -72.02
C PRO R 9 -31.96 37.87 -71.41
N GLY R 10 -31.07 37.25 -72.18
CA GLY R 10 -29.70 37.03 -71.77
C GLY R 10 -29.45 35.75 -71.01
N VAL R 11 -30.50 35.03 -70.61
CA VAL R 11 -30.36 33.79 -69.85
C VAL R 11 -30.21 32.64 -70.83
N VAL R 12 -29.24 31.76 -70.58
CA VAL R 12 -29.02 30.58 -71.40
C VAL R 12 -29.83 29.43 -70.83
N ALA R 13 -30.56 28.73 -71.70
CA ALA R 13 -31.37 27.60 -71.28
C ALA R 13 -30.48 26.41 -70.90
N PRO R 14 -30.96 25.52 -70.02
CA PRO R 14 -30.20 24.32 -69.70
C PRO R 14 -30.11 23.36 -70.89
N GLU R 15 -29.22 22.39 -70.76
CA GLU R 15 -28.95 21.49 -71.87
C GLU R 15 -30.04 20.43 -72.03
N TYR R 16 -30.76 20.11 -70.96
CA TYR R 16 -31.85 19.15 -71.07
C TYR R 16 -33.16 19.79 -71.53
N LEU R 17 -33.26 21.10 -71.51
CA LEU R 17 -34.41 21.82 -72.02
C LEU R 17 -34.12 22.24 -73.46
N LYS R 18 -34.90 21.73 -74.40
CA LYS R 18 -34.58 21.81 -75.81
C LYS R 18 -35.74 22.28 -76.68
N GLY R 19 -36.97 22.12 -76.23
CA GLY R 19 -38.14 22.32 -77.07
C GLY R 19 -38.94 21.07 -77.32
N ASP R 20 -38.56 19.94 -76.71
CA ASP R 20 -39.28 18.69 -76.90
C ASP R 20 -40.63 18.73 -76.18
N LEU R 21 -40.65 19.23 -74.96
CA LEU R 21 -41.89 19.41 -74.23
C LEU R 21 -42.51 20.76 -74.58
N ALA R 22 -43.81 20.85 -74.43
CA ALA R 22 -44.52 22.09 -74.72
C ALA R 22 -44.37 23.07 -73.56
N GLY R 23 -44.53 24.36 -73.88
CA GLY R 23 -44.36 25.40 -72.89
C GLY R 23 -42.95 25.54 -72.36
N ASP R 24 -41.97 25.28 -73.21
CA ASP R 24 -40.57 25.22 -72.80
C ASP R 24 -39.94 26.59 -72.99
N TYR R 25 -39.71 27.29 -71.88
CA TYR R 25 -39.01 28.58 -71.88
C TYR R 25 -37.60 28.46 -71.34
N GLY R 26 -37.10 27.26 -71.11
CA GLY R 26 -35.77 27.08 -70.55
C GLY R 26 -35.65 27.51 -69.11
N TRP R 27 -36.75 27.50 -68.36
CA TRP R 27 -36.76 28.01 -67.00
C TRP R 27 -36.72 26.85 -66.02
N ASP R 28 -35.56 26.60 -65.45
CA ASP R 28 -35.41 25.72 -64.30
C ASP R 28 -34.23 26.19 -63.49
N PRO R 29 -34.43 27.19 -62.62
CA PRO R 29 -33.32 27.71 -61.81
C PRO R 29 -32.90 26.78 -60.69
N LEU R 30 -33.70 25.77 -60.34
CA LEU R 30 -33.30 24.85 -59.29
C LEU R 30 -32.76 23.54 -59.82
N GLY R 31 -32.79 23.32 -61.14
CA GLY R 31 -32.27 22.09 -61.71
C GLY R 31 -33.05 20.86 -61.33
N LEU R 32 -34.36 21.00 -61.11
CA LEU R 32 -35.17 19.87 -60.67
C LEU R 32 -35.39 18.86 -61.79
N GLY R 33 -35.36 19.30 -63.04
CA GLY R 33 -35.58 18.39 -64.15
C GLY R 33 -34.30 17.86 -64.75
N ALA R 34 -33.20 17.90 -64.00
CA ALA R 34 -31.92 17.46 -64.50
C ALA R 34 -31.88 15.95 -64.75
N ASP R 35 -32.61 15.19 -63.92
CA ASP R 35 -32.78 13.76 -64.18
C ASP R 35 -34.04 13.53 -65.00
N PRO R 36 -33.97 12.73 -66.07
CA PRO R 36 -35.12 12.65 -66.99
C PRO R 36 -36.33 11.92 -66.44
N THR R 37 -36.15 10.94 -65.56
CA THR R 37 -37.31 10.28 -64.95
C THR R 37 -38.06 11.22 -64.02
N ALA R 38 -37.31 12.02 -63.25
CA ALA R 38 -37.92 13.06 -62.43
C ALA R 38 -38.57 14.12 -63.31
N LEU R 39 -37.98 14.41 -64.47
CA LEU R 39 -38.58 15.38 -65.39
C LEU R 39 -39.90 14.88 -65.95
N LYS R 40 -39.98 13.58 -66.23
CA LYS R 40 -41.25 12.99 -66.69
C LYS R 40 -42.30 13.03 -65.59
N TRP R 41 -41.90 12.74 -64.36
CA TRP R 41 -42.82 12.81 -63.22
C TRP R 41 -43.31 14.23 -62.98
N TYR R 42 -42.43 15.21 -63.07
CA TYR R 42 -42.86 16.58 -62.84
C TYR R 42 -43.66 17.13 -64.02
N ARG R 43 -43.44 16.60 -65.23
CA ARG R 43 -44.30 16.96 -66.35
C ARG R 43 -45.72 16.44 -66.14
N GLN R 44 -45.85 15.21 -65.65
CA GLN R 44 -47.17 14.67 -65.36
C GLN R 44 -47.84 15.42 -64.20
N SER R 45 -47.06 15.80 -63.20
CA SER R 45 -47.62 16.58 -62.10
C SER R 45 -47.99 17.99 -62.52
N GLU R 46 -47.24 18.55 -63.49
CA GLU R 46 -47.56 19.87 -64.02
C GLU R 46 -48.90 19.80 -64.77
N LEU R 47 -49.06 18.77 -65.60
CA LEU R 47 -50.32 18.57 -66.32
C LEU R 47 -51.49 18.37 -65.36
N GLN R 48 -51.28 17.64 -64.27
CA GLN R 48 -52.36 17.41 -63.30
C GLN R 48 -52.73 18.69 -62.56
N HIS R 49 -51.73 19.44 -62.06
CA HIS R 49 -52.00 20.71 -61.39
C HIS R 49 -52.61 21.72 -62.35
N ALA R 50 -52.17 21.73 -63.61
CA ALA R 50 -52.71 22.67 -64.59
C ALA R 50 -54.15 22.38 -64.92
N ARG R 51 -54.49 21.09 -65.12
CA ARG R 51 -55.86 20.75 -65.49
C ARG R 51 -56.82 20.89 -64.31
N TRP R 52 -56.40 20.48 -63.10
CA TRP R 52 -57.26 20.69 -61.95
C TRP R 52 -57.39 22.17 -61.60
N ALA R 53 -56.38 22.98 -61.90
CA ALA R 53 -56.50 24.40 -61.62
C ALA R 53 -57.35 25.13 -62.66
N MET R 54 -57.27 24.72 -63.93
CA MET R 54 -58.21 25.26 -64.92
C MET R 54 -59.64 24.90 -64.58
N LEU R 55 -59.87 23.67 -64.14
CA LEU R 55 -61.20 23.27 -63.68
C LEU R 55 -61.64 24.06 -62.45
N GLY R 56 -60.71 24.34 -61.53
CA GLY R 56 -61.08 25.09 -60.34
C GLY R 56 -61.37 26.55 -60.62
N VAL R 57 -60.61 27.17 -61.53
CA VAL R 57 -60.85 28.56 -61.90
C VAL R 57 -62.18 28.69 -62.63
N ALA R 58 -62.42 27.81 -63.62
CA ALA R 58 -63.72 27.81 -64.31
C ALA R 58 -64.86 27.50 -63.36
N GLY R 59 -64.61 26.65 -62.37
CA GLY R 59 -65.58 26.42 -61.32
C GLY R 59 -65.96 27.68 -60.59
N VAL R 60 -65.00 28.26 -59.83
CA VAL R 60 -65.22 29.46 -59.00
C VAL R 60 -65.82 30.60 -59.82
N LEU R 61 -65.37 30.75 -61.06
CA LEU R 61 -65.91 31.74 -61.99
C LEU R 61 -67.39 31.49 -62.28
N VAL R 62 -67.75 30.29 -62.73
CA VAL R 62 -69.14 30.04 -63.14
C VAL R 62 -70.07 29.98 -61.92
N GLN R 63 -69.59 29.44 -60.80
CA GLN R 63 -70.38 29.37 -59.58
C GLN R 63 -70.72 30.77 -59.05
N GLU R 64 -69.74 31.67 -59.05
CA GLU R 64 -69.97 33.05 -58.63
C GLU R 64 -70.83 33.82 -59.64
N ILE R 65 -70.73 33.51 -60.93
CA ILE R 65 -71.57 34.20 -61.92
C ILE R 65 -73.02 33.76 -61.80
N VAL R 66 -73.24 32.44 -61.76
CA VAL R 66 -74.61 31.91 -61.81
C VAL R 66 -75.32 32.12 -60.48
N LYS R 67 -74.69 31.73 -59.38
CA LYS R 67 -75.28 31.90 -58.05
C LYS R 67 -74.35 32.78 -57.22
N PRO R 68 -74.49 34.13 -57.29
CA PRO R 68 -73.60 35.04 -56.55
C PRO R 68 -73.94 35.17 -55.06
N ASP R 69 -74.17 34.04 -54.40
CA ASP R 69 -74.38 34.00 -52.97
C ASP R 69 -73.77 32.72 -52.40
N VAL R 70 -72.97 32.00 -53.18
CA VAL R 70 -72.42 30.72 -52.76
C VAL R 70 -71.27 30.93 -51.79
N TYR R 71 -70.31 31.77 -52.17
CA TYR R 71 -69.03 31.96 -51.49
C TYR R 71 -68.28 30.63 -51.42
N PHE R 72 -67.67 30.26 -52.54
CA PHE R 72 -66.89 29.05 -52.81
C PHE R 72 -65.95 28.64 -51.68
N TYR R 73 -65.44 29.61 -50.92
CA TYR R 73 -64.60 29.32 -49.76
C TYR R 73 -65.41 28.69 -48.62
N GLU R 74 -66.73 28.87 -48.60
CA GLU R 74 -67.59 28.17 -47.66
C GLU R 74 -68.59 27.25 -48.35
N ALA R 75 -68.43 27.02 -49.66
CA ALA R 75 -69.31 26.11 -50.38
C ALA R 75 -69.18 24.65 -49.93
N GLY R 76 -68.06 24.28 -49.32
CA GLY R 76 -67.83 22.89 -48.93
C GLY R 76 -68.62 22.43 -47.72
N LEU R 77 -69.31 23.35 -47.03
CA LEU R 77 -70.10 22.98 -45.88
C LEU R 77 -71.34 22.19 -46.29
N PRO R 78 -71.87 21.33 -45.42
CA PRO R 78 -73.10 20.60 -45.76
C PRO R 78 -74.32 21.49 -45.93
N GLN R 79 -74.42 22.60 -45.19
CA GLN R 79 -75.56 23.49 -45.33
C GLN R 79 -75.57 24.21 -46.68
N ASN R 80 -74.39 24.48 -47.23
CA ASN R 80 -74.26 25.23 -48.48
C ASN R 80 -74.19 24.30 -49.68
N LEU R 81 -75.16 23.42 -49.82
CA LEU R 81 -75.24 22.45 -50.89
C LEU R 81 -76.49 22.68 -51.75
N PRO R 82 -76.52 22.18 -53.00
CA PRO R 82 -77.69 22.39 -53.85
C PRO R 82 -78.96 21.68 -53.41
N GLU R 83 -79.98 21.77 -54.28
CA GLU R 83 -81.36 21.41 -53.92
C GLU R 83 -81.59 19.96 -53.51
N PRO R 84 -81.08 18.88 -54.22
CA PRO R 84 -81.46 17.51 -53.79
C PRO R 84 -80.90 17.09 -52.46
N PHE R 85 -79.60 17.25 -52.26
CA PHE R 85 -78.91 16.76 -51.08
C PHE R 85 -78.21 17.94 -50.40
N THR R 86 -78.86 18.52 -49.40
CA THR R 86 -78.35 19.72 -48.72
C THR R 86 -78.18 19.53 -47.22
N ASN R 87 -78.32 18.31 -46.71
CA ASN R 87 -77.91 17.94 -45.36
C ASN R 87 -77.26 16.57 -45.38
N ILE R 88 -76.41 16.35 -46.39
CA ILE R 88 -75.93 15.02 -46.72
C ILE R 88 -74.90 14.56 -45.70
N ASN R 89 -74.66 13.25 -45.65
CA ASN R 89 -73.59 12.70 -44.82
C ASN R 89 -72.28 12.86 -45.57
N MET R 90 -71.39 13.70 -45.02
CA MET R 90 -70.10 13.95 -45.65
C MET R 90 -69.20 12.73 -45.60
N GLY R 91 -69.44 11.82 -44.64
CA GLY R 91 -68.75 10.54 -44.64
C GLY R 91 -69.05 9.72 -45.89
N GLY R 92 -70.33 9.52 -46.21
CA GLY R 92 -70.69 8.78 -47.41
C GLY R 92 -70.30 9.49 -48.69
N LEU R 93 -70.34 10.82 -48.68
CA LEU R 93 -69.87 11.60 -49.83
C LEU R 93 -68.38 11.38 -50.07
N LEU R 94 -67.59 11.44 -49.01
CA LEU R 94 -66.16 11.18 -49.09
C LEU R 94 -65.89 9.72 -49.44
N ALA R 95 -66.80 8.81 -49.08
CA ALA R 95 -66.64 7.40 -49.43
C ALA R 95 -66.78 7.19 -50.94
N TRP R 96 -67.82 7.79 -51.54
CA TRP R 96 -67.96 7.79 -53.00
C TRP R 96 -66.72 8.36 -53.68
N GLU R 97 -66.28 9.53 -53.20
CA GLU R 97 -65.12 10.19 -53.81
C GLU R 97 -63.86 9.36 -53.66
N PHE R 98 -63.65 8.76 -52.49
CA PHE R 98 -62.46 7.96 -52.23
C PHE R 98 -62.40 6.75 -53.15
N ILE R 99 -63.51 6.03 -53.31
CA ILE R 99 -63.51 4.83 -54.14
C ILE R 99 -63.27 5.19 -55.62
N LEU R 100 -64.03 6.16 -56.14
CA LEU R 100 -63.93 6.43 -57.58
C LEU R 100 -62.62 7.12 -57.94
N MET R 101 -62.15 8.04 -57.08
CA MET R 101 -60.88 8.71 -57.34
C MET R 101 -59.70 7.76 -57.16
N HIS R 102 -59.76 6.84 -56.18
CA HIS R 102 -58.69 5.86 -56.00
C HIS R 102 -58.60 4.96 -57.22
N TRP R 103 -59.74 4.60 -57.80
CA TRP R 103 -59.77 3.84 -59.05
C TRP R 103 -59.05 4.57 -60.18
N VAL R 104 -59.53 5.77 -60.52
CA VAL R 104 -59.01 6.47 -61.71
C VAL R 104 -57.55 6.88 -61.52
N GLU R 105 -57.22 7.27 -60.30
CA GLU R 105 -55.85 7.64 -59.94
C GLU R 105 -54.87 6.46 -60.08
N VAL R 106 -55.26 5.26 -59.61
CA VAL R 106 -54.37 4.11 -59.75
C VAL R 106 -54.25 3.70 -61.22
N ARG R 107 -55.32 3.89 -62.01
CA ARG R 107 -55.22 3.64 -63.46
C ARG R 107 -54.20 4.58 -64.13
N ARG R 108 -54.22 5.86 -63.75
CA ARG R 108 -53.25 6.81 -64.33
C ARG R 108 -51.84 6.58 -63.79
N TRP R 109 -51.72 6.13 -62.53
CA TRP R 109 -50.41 5.79 -61.97
C TRP R 109 -49.79 4.60 -62.69
N GLN R 110 -50.61 3.61 -63.04
CA GLN R 110 -50.09 2.48 -63.79
C GLN R 110 -49.79 2.87 -65.23
N ASP R 111 -50.49 3.88 -65.76
CA ASP R 111 -50.08 4.44 -67.04
C ASP R 111 -48.69 5.08 -66.96
N TYR R 112 -48.40 5.77 -65.85
CA TYR R 112 -47.07 6.35 -65.70
C TYR R 112 -46.01 5.26 -65.54
N LYS R 113 -46.29 4.24 -64.73
CA LYS R 113 -45.31 3.19 -64.47
C LYS R 113 -45.04 2.35 -65.71
N ASN R 114 -46.09 1.85 -66.35
CA ASN R 114 -45.97 1.10 -67.60
C ASN R 114 -46.75 1.86 -68.66
N PHE R 115 -46.04 2.56 -69.54
CA PHE R 115 -46.69 3.33 -70.59
C PHE R 115 -47.23 2.41 -71.66
N GLY R 116 -48.54 2.46 -71.87
CA GLY R 116 -49.18 1.62 -72.86
C GLY R 116 -49.73 0.33 -72.34
N SER R 117 -50.07 0.26 -71.04
CA SER R 117 -50.50 -0.98 -70.42
C SER R 117 -51.90 -0.94 -69.85
N VAL R 118 -52.50 0.23 -69.71
CA VAL R 118 -53.86 0.34 -69.19
C VAL R 118 -54.76 1.03 -70.21
N ASN R 119 -54.44 0.86 -71.50
CA ASN R 119 -55.27 1.46 -72.55
C ASN R 119 -56.60 0.74 -72.69
N GLU R 120 -56.62 -0.57 -72.48
CA GLU R 120 -57.82 -1.36 -72.74
C GLU R 120 -58.78 -1.29 -71.56
N ASP R 121 -60.06 -1.40 -71.88
CA ASP R 121 -61.10 -1.54 -70.86
C ASP R 121 -61.02 -2.95 -70.30
N PRO R 122 -60.90 -3.11 -68.98
CA PRO R 122 -60.80 -4.47 -68.42
C PRO R 122 -62.10 -5.24 -68.45
N ILE R 123 -63.25 -4.57 -68.35
CA ILE R 123 -64.53 -5.28 -68.43
C ILE R 123 -64.88 -5.60 -69.87
N PHE R 124 -65.03 -4.58 -70.70
CA PHE R 124 -65.45 -4.74 -72.09
C PHE R 124 -64.20 -4.74 -72.96
N LYS R 125 -63.79 -5.93 -73.40
CA LYS R 125 -62.48 -6.12 -74.01
C LYS R 125 -62.35 -5.55 -75.43
N GLY R 126 -63.38 -4.89 -75.97
CA GLY R 126 -63.27 -4.28 -77.28
C GLY R 126 -63.18 -2.77 -77.25
N ASN R 127 -62.52 -2.23 -76.24
CA ASN R 127 -62.39 -0.79 -76.06
C ASN R 127 -60.97 -0.45 -75.68
N LYS R 128 -60.47 0.67 -76.20
CA LYS R 128 -59.05 0.99 -76.13
C LYS R 128 -58.85 2.46 -76.48
N VAL R 129 -57.95 3.13 -75.78
CA VAL R 129 -57.57 4.51 -76.07
C VAL R 129 -56.14 4.52 -76.59
N PRO R 130 -55.86 5.14 -77.73
CA PRO R 130 -54.47 5.36 -78.14
C PRO R 130 -53.86 6.62 -77.54
N ASN R 131 -52.90 6.49 -76.63
CA ASN R 131 -52.21 7.66 -76.13
C ASN R 131 -50.90 7.87 -76.88
N PRO R 132 -50.79 8.91 -77.71
CA PRO R 132 -49.54 9.10 -78.47
C PRO R 132 -48.39 9.57 -77.60
N GLU R 133 -48.68 10.32 -76.54
CA GLU R 133 -47.68 10.76 -75.58
C GLU R 133 -48.18 10.44 -74.18
N MET R 134 -47.28 10.45 -73.21
CA MET R 134 -47.68 10.26 -71.83
C MET R 134 -48.40 11.49 -71.31
N GLY R 135 -49.51 11.28 -70.63
CA GLY R 135 -50.33 12.37 -70.15
C GLY R 135 -51.33 12.88 -71.14
N TYR R 136 -51.49 12.22 -72.28
CA TYR R 136 -52.40 12.65 -73.34
C TYR R 136 -53.15 11.43 -73.83
N PRO R 137 -54.22 11.01 -73.12
CA PRO R 137 -54.86 9.72 -73.39
C PRO R 137 -55.59 9.64 -74.72
N GLY R 138 -56.47 10.60 -75.00
CA GLY R 138 -57.19 10.60 -76.26
C GLY R 138 -58.37 9.64 -76.26
N GLY R 139 -58.86 9.36 -77.46
CA GLY R 139 -59.96 8.43 -77.66
C GLY R 139 -61.28 8.90 -77.10
N ILE R 140 -61.72 8.27 -76.02
CA ILE R 140 -62.94 8.70 -75.34
C ILE R 140 -62.66 9.92 -74.47
N PHE R 141 -61.39 10.23 -74.21
CA PHE R 141 -61.01 11.45 -73.53
C PHE R 141 -60.90 12.62 -74.51
N ASP R 142 -60.81 12.35 -75.80
CA ASP R 142 -60.84 13.34 -76.86
C ASP R 142 -62.01 13.00 -77.77
N PRO R 143 -63.25 13.28 -77.35
CA PRO R 143 -64.41 12.84 -78.15
C PRO R 143 -64.60 13.65 -79.43
N PHE R 144 -64.27 14.95 -79.42
CA PHE R 144 -64.41 15.75 -80.63
C PHE R 144 -63.22 15.56 -81.56
N GLY R 145 -62.03 15.35 -81.00
CA GLY R 145 -60.88 14.94 -81.78
C GLY R 145 -60.26 15.99 -82.67
N PHE R 146 -59.80 17.10 -82.08
CA PHE R 146 -59.09 18.11 -82.86
C PHE R 146 -57.64 17.73 -83.13
N SER R 147 -57.11 16.75 -82.42
CA SER R 147 -55.74 16.31 -82.62
C SER R 147 -55.65 15.25 -83.72
N ASN R 150 -52.01 21.12 -85.32
CA ASN R 150 -51.69 19.79 -84.83
C ASN R 150 -51.89 19.70 -83.31
N LEU R 151 -51.17 18.75 -82.70
CA LEU R 151 -51.28 18.56 -81.25
C LEU R 151 -50.35 19.48 -80.47
N LYS R 152 -49.23 19.87 -81.07
CA LYS R 152 -48.16 20.55 -80.34
C LYS R 152 -48.58 21.96 -79.91
N GLU R 153 -49.15 22.74 -80.83
CA GLU R 153 -49.60 24.08 -80.49
C GLU R 153 -50.78 24.06 -79.51
N LEU R 154 -51.62 23.04 -79.59
CA LEU R 154 -52.70 22.89 -78.63
C LEU R 154 -52.17 22.51 -77.25
N GLN R 155 -51.09 21.74 -77.20
CA GLN R 155 -50.43 21.45 -75.92
C GLN R 155 -49.80 22.69 -75.32
N THR R 156 -49.21 23.55 -76.15
CA THR R 156 -48.68 24.81 -75.66
C THR R 156 -49.78 25.71 -75.12
N LYS R 157 -50.92 25.77 -75.82
CA LYS R 157 -52.07 26.53 -75.33
C LYS R 157 -52.60 25.97 -74.02
N GLU R 158 -52.62 24.65 -73.93
CA GLU R 158 -53.06 23.96 -72.73
C GLU R 158 -52.18 24.20 -71.51
N ILE R 159 -50.86 24.21 -71.69
CA ILE R 159 -49.96 24.41 -70.57
C ILE R 159 -49.85 25.88 -70.20
N LYS R 160 -50.06 26.79 -71.16
CA LYS R 160 -50.01 28.22 -70.82
C LYS R 160 -51.27 28.66 -70.08
N ASN R 161 -52.41 28.18 -70.54
CA ASN R 161 -53.67 28.45 -69.87
C ASN R 161 -53.62 27.83 -68.48
N GLY R 162 -53.03 26.64 -68.37
CA GLY R 162 -52.92 25.94 -67.10
C GLY R 162 -52.00 26.59 -66.08
N ARG R 163 -50.86 27.11 -66.53
CA ARG R 163 -49.99 27.87 -65.62
C ARG R 163 -50.66 29.16 -65.17
N LEU R 164 -51.33 29.85 -66.10
CA LEU R 164 -52.08 31.05 -65.75
C LEU R 164 -53.22 30.73 -64.78
N ALA R 165 -53.85 29.57 -64.94
CA ALA R 165 -54.92 29.19 -64.03
C ALA R 165 -54.43 28.69 -62.68
N MET R 166 -53.23 28.09 -62.62
CA MET R 166 -52.62 27.79 -61.33
C MET R 166 -52.35 29.05 -60.53
N ILE R 167 -51.70 30.03 -61.18
CA ILE R 167 -51.46 31.34 -60.55
C ILE R 167 -52.77 32.00 -60.17
N ALA R 168 -53.78 31.89 -61.05
CA ALA R 168 -55.07 32.52 -60.80
C ALA R 168 -55.86 31.85 -59.69
N TYR R 169 -55.75 30.54 -59.53
CA TYR R 169 -56.52 29.91 -58.46
C TYR R 169 -55.87 30.12 -57.10
N MET R 170 -54.53 30.05 -57.04
CA MET R 170 -53.91 30.36 -55.74
C MET R 170 -54.05 31.84 -55.43
N ALA R 171 -54.16 32.67 -56.46
CA ALA R 171 -54.63 34.04 -56.29
C ALA R 171 -56.03 34.08 -55.69
N PHE R 172 -56.97 33.30 -56.25
CA PHE R 172 -58.36 33.28 -55.76
C PHE R 172 -58.43 32.95 -54.27
N ILE R 173 -57.71 31.89 -53.87
CA ILE R 173 -57.66 31.49 -52.47
C ILE R 173 -56.98 32.57 -51.63
N LEU R 174 -55.99 33.26 -52.19
CA LEU R 174 -55.25 34.23 -51.40
C LEU R 174 -56.09 35.49 -51.15
N GLN R 175 -56.74 35.97 -52.19
CA GLN R 175 -57.62 37.13 -52.06
C GLN R 175 -58.80 36.80 -51.14
N ALA R 176 -59.34 35.59 -51.29
CA ALA R 176 -60.50 35.16 -50.51
C ALA R 176 -60.15 34.98 -49.04
N GLN R 177 -58.91 34.62 -48.72
CA GLN R 177 -58.51 34.62 -47.32
C GLN R 177 -58.23 36.02 -46.80
N ALA R 178 -57.73 36.91 -47.67
CA ALA R 178 -57.37 38.25 -47.20
C ALA R 178 -58.60 39.13 -47.00
N THR R 179 -59.35 39.40 -48.06
CA THR R 179 -60.47 40.33 -48.00
C THR R 179 -61.81 39.64 -47.81
N GLY R 180 -61.83 38.31 -47.75
CA GLY R 180 -63.03 37.59 -47.38
C GLY R 180 -64.11 37.52 -48.43
N LYS R 181 -63.80 37.85 -49.69
CA LYS R 181 -64.79 37.90 -50.75
C LYS R 181 -64.30 37.09 -51.94
N GLY R 182 -65.20 36.85 -52.88
CA GLY R 182 -64.87 36.14 -54.08
C GLY R 182 -64.08 36.99 -55.05
N PRO R 183 -63.66 36.37 -56.16
CA PRO R 183 -62.82 37.10 -57.13
C PRO R 183 -63.55 38.20 -57.88
N LEU R 184 -64.80 37.95 -58.29
CA LEU R 184 -65.55 38.98 -59.00
C LEU R 184 -65.97 40.11 -58.06
N ALA R 185 -66.28 39.77 -56.81
CA ALA R 185 -66.60 40.80 -55.81
C ALA R 185 -65.37 41.63 -55.46
N ALA R 186 -64.19 41.00 -55.42
CA ALA R 186 -62.97 41.75 -55.15
C ALA R 186 -62.60 42.64 -56.34
N LEU R 187 -62.85 42.15 -57.56
CA LEU R 187 -62.64 42.97 -58.75
C LEU R 187 -63.60 44.15 -58.77
N SER R 188 -64.85 43.94 -58.34
CA SER R 188 -65.79 45.05 -58.24
C SER R 188 -65.39 46.04 -57.15
N ALA R 189 -64.76 45.56 -56.07
CA ALA R 189 -64.29 46.47 -55.03
C ALA R 189 -63.10 47.30 -55.51
N HIS R 190 -62.18 46.69 -56.25
CA HIS R 190 -61.07 47.44 -56.82
C HIS R 190 -61.53 48.41 -57.91
N LEU R 191 -62.60 48.07 -58.63
CA LEU R 191 -63.17 49.03 -59.57
C LEU R 191 -63.98 50.12 -58.85
N SER R 192 -64.50 49.83 -57.66
CA SER R 192 -65.20 50.84 -56.87
C SER R 192 -64.22 51.88 -56.36
N ASN R 193 -63.16 51.44 -55.68
CA ASN R 193 -62.04 52.32 -55.40
C ASN R 193 -60.75 51.54 -55.64
N PRO R 194 -59.81 52.08 -56.38
CA PRO R 194 -58.55 51.36 -56.61
C PRO R 194 -57.47 51.71 -55.61
N PHE R 195 -57.64 52.81 -54.89
CA PHE R 195 -56.65 53.26 -53.91
C PHE R 195 -56.94 52.68 -52.53
N GLY R 196 -58.15 52.87 -52.03
CA GLY R 196 -58.65 51.98 -51.01
C GLY R 196 -59.01 50.63 -51.59
N ASN R 197 -59.16 49.63 -50.71
CA ASN R 197 -59.38 48.22 -51.08
C ASN R 197 -58.28 47.72 -52.00
N ASN R 198 -57.08 47.71 -51.44
CA ASN R 198 -55.83 47.43 -52.13
C ASN R 198 -55.20 46.23 -51.44
N ILE R 199 -54.11 45.69 -52.01
CA ILE R 199 -53.35 44.69 -51.28
C ILE R 199 -52.56 45.34 -50.14
N LEU R 200 -52.31 46.65 -50.24
CA LEU R 200 -51.58 47.37 -49.21
C LEU R 200 -52.35 47.48 -47.90
N LYS R 201 -53.67 47.31 -47.94
CA LYS R 201 -54.53 47.49 -46.78
C LYS R 201 -55.16 46.20 -46.29
N ASN R 202 -55.71 45.38 -47.19
CA ASN R 202 -56.47 44.20 -46.79
C ASN R 202 -55.62 43.09 -46.22
N ILE R 203 -54.33 43.07 -46.54
CA ILE R 203 -53.44 42.03 -46.05
C ILE R 203 -53.16 42.25 -44.56
N GLY R 204 -52.72 41.19 -43.90
CA GLY R 204 -52.50 41.23 -42.47
C GLY R 204 -53.66 40.72 -41.64
N THR R 205 -54.82 40.53 -42.25
CA THR R 205 -55.99 39.97 -41.58
C THR R 205 -56.49 38.77 -42.38
N CYS R 206 -56.42 37.58 -41.80
CA CYS R 206 -57.03 36.41 -42.40
C CYS R 206 -58.49 36.37 -42.00
N THR R 207 -59.36 36.22 -42.99
CA THR R 207 -60.79 36.03 -42.77
C THR R 207 -61.16 34.56 -42.56
N VAL R 208 -60.17 33.71 -42.28
CA VAL R 208 -60.36 32.27 -42.12
C VAL R 208 -61.09 32.03 -40.80
N PRO R 209 -62.24 31.36 -40.82
CA PRO R 209 -63.13 31.40 -39.65
C PRO R 209 -62.77 30.46 -38.50
N HIS R 210 -61.52 29.97 -38.44
CA HIS R 210 -60.93 29.39 -37.25
C HIS R 210 -61.65 28.14 -36.71
N SER R 211 -61.44 26.99 -37.37
CA SER R 211 -61.93 25.67 -36.95
C SER R 211 -63.45 25.59 -36.97
N VAL R 212 -63.97 25.63 -38.20
CA VAL R 212 -65.39 25.38 -38.44
C VAL R 212 -65.78 23.99 -37.98
N ASP R 213 -66.79 23.92 -37.12
CA ASP R 213 -67.37 22.65 -36.70
C ASP R 213 -68.27 22.11 -37.80
N VAL R 214 -67.82 21.03 -38.45
CA VAL R 214 -68.66 20.24 -39.34
C VAL R 214 -69.43 19.29 -38.42
N GLN R 215 -70.42 18.57 -38.98
CA GLN R 215 -71.48 17.78 -38.32
C GLN R 215 -71.07 17.04 -37.05
N GLY R 216 -69.93 16.36 -37.09
CA GLY R 216 -69.44 15.73 -35.88
C GLY R 216 -68.04 16.15 -35.48
N LEU R 217 -67.24 16.59 -36.44
CA LEU R 217 -65.83 16.82 -36.22
C LEU R 217 -65.47 18.28 -36.51
N THR R 218 -64.35 18.71 -35.92
CA THR R 218 -63.80 20.04 -36.13
C THR R 218 -62.56 19.94 -37.00
N ILE R 219 -62.63 20.52 -38.19
CA ILE R 219 -61.45 20.61 -39.06
C ILE R 219 -60.57 21.75 -38.58
N PRO R 220 -59.27 21.55 -38.42
CA PRO R 220 -58.38 22.71 -38.21
C PRO R 220 -58.24 23.49 -39.51
N LEU R 221 -58.31 24.81 -39.40
CA LEU R 221 -58.30 25.68 -40.58
C LEU R 221 -56.96 26.37 -40.75
N THR R 222 -56.71 26.81 -41.98
CA THR R 222 -55.37 27.17 -42.43
C THR R 222 -55.41 28.40 -43.33
N CYS R 223 -54.67 29.44 -42.94
CA CYS R 223 -54.37 30.61 -43.75
C CYS R 223 -52.91 30.53 -44.18
N LEU R 224 -52.59 31.11 -45.34
CA LEU R 224 -51.23 30.95 -45.88
C LEU R 224 -50.20 31.84 -45.22
N TRP R 225 -50.62 32.75 -44.34
CA TRP R 225 -49.72 33.70 -43.71
C TRP R 225 -50.29 34.02 -42.33
N PRO R 226 -49.45 34.34 -41.36
CA PRO R 226 -49.97 34.66 -40.02
C PRO R 226 -50.68 36.01 -39.94
N GLY R 227 -51.87 36.09 -40.52
CA GLY R 227 -52.65 37.31 -40.46
C GLY R 227 -53.41 37.50 -39.15
N SER R 228 -54.33 36.58 -38.88
CA SER R 228 -55.21 36.58 -37.69
C SER R 228 -55.96 37.90 -37.49
N ARG S 4 -52.51 -14.07 -69.10
CA ARG S 4 -52.41 -14.32 -67.67
C ARG S 4 -52.78 -13.06 -66.89
N PRO S 5 -53.98 -13.05 -66.30
CA PRO S 5 -54.44 -11.86 -65.58
C PRO S 5 -53.68 -11.67 -64.28
N LEU S 6 -53.60 -10.41 -63.86
CA LEU S 6 -52.80 -10.01 -62.72
C LEU S 6 -53.64 -9.21 -61.74
N TRP S 7 -53.09 -9.04 -60.53
CA TRP S 7 -53.73 -8.21 -59.53
C TRP S 7 -53.70 -6.74 -59.92
N LEU S 8 -52.63 -6.32 -60.59
CA LEU S 8 -52.56 -5.04 -61.29
C LEU S 8 -52.29 -5.31 -62.76
N PRO S 9 -53.23 -5.03 -63.65
CA PRO S 9 -53.00 -5.23 -65.09
C PRO S 9 -51.97 -4.23 -65.62
N GLY S 10 -50.85 -4.75 -66.11
CA GLY S 10 -49.77 -3.95 -66.62
C GLY S 10 -48.47 -4.10 -65.87
N SER S 11 -48.53 -4.52 -64.61
CA SER S 11 -47.33 -4.68 -63.80
C SER S 11 -46.63 -5.99 -64.12
N THR S 12 -45.57 -6.29 -63.37
CA THR S 12 -44.87 -7.55 -63.51
C THR S 12 -44.99 -8.36 -62.22
N PRO S 13 -45.19 -9.67 -62.32
CA PRO S 13 -45.22 -10.51 -61.12
C PRO S 13 -43.83 -10.69 -60.55
N PRO S 14 -43.71 -11.08 -59.28
CA PRO S 14 -42.40 -11.44 -58.75
C PRO S 14 -41.86 -12.70 -59.42
N ALA S 15 -40.54 -12.84 -59.39
CA ALA S 15 -39.85 -13.85 -60.20
C ALA S 15 -40.11 -15.27 -59.74
N HIS S 16 -40.56 -15.46 -58.50
CA HIS S 16 -40.90 -16.79 -58.00
C HIS S 16 -42.32 -17.20 -58.29
N LEU S 17 -43.15 -16.32 -58.84
CA LEU S 17 -44.52 -16.61 -59.20
C LEU S 17 -44.61 -16.70 -60.71
N LYS S 18 -44.99 -17.87 -61.23
CA LYS S 18 -45.00 -18.13 -62.66
C LYS S 18 -46.40 -18.38 -63.21
N GLY S 19 -47.29 -18.97 -62.43
CA GLY S 19 -48.60 -19.35 -62.93
C GLY S 19 -48.83 -20.83 -62.71
N ASP S 20 -47.94 -21.44 -61.95
CA ASP S 20 -48.00 -22.89 -61.74
C ASP S 20 -49.13 -23.28 -60.81
N LEU S 21 -49.25 -22.61 -59.68
CA LEU S 21 -50.30 -22.92 -58.73
C LEU S 21 -51.62 -22.31 -59.19
N PRO S 22 -52.75 -22.90 -58.79
CA PRO S 22 -54.03 -22.24 -59.06
C PRO S 22 -54.20 -21.00 -58.20
N GLY S 23 -54.94 -20.03 -58.75
CA GLY S 23 -55.09 -18.75 -58.10
C GLY S 23 -53.85 -17.88 -58.10
N ASP S 24 -52.88 -18.19 -58.96
CA ASP S 24 -51.64 -17.42 -59.05
C ASP S 24 -51.87 -16.20 -59.94
N PHE S 25 -51.99 -15.03 -59.32
CA PHE S 25 -52.13 -13.80 -60.07
C PHE S 25 -50.96 -12.84 -59.82
N GLY S 26 -49.83 -13.36 -59.36
CA GLY S 26 -48.64 -12.56 -59.19
C GLY S 26 -48.68 -11.60 -58.02
N PHE S 27 -49.48 -11.90 -57.00
CA PHE S 27 -49.63 -11.00 -55.86
C PHE S 27 -48.77 -11.51 -54.71
N ASP S 28 -47.58 -10.93 -54.57
CA ASP S 28 -46.71 -11.17 -53.41
C ASP S 28 -45.81 -9.96 -53.24
N PRO S 29 -46.33 -8.88 -52.62
CA PRO S 29 -45.46 -7.70 -52.43
C PRO S 29 -44.39 -7.91 -51.37
N LEU S 30 -44.70 -8.61 -50.27
CA LEU S 30 -43.69 -8.85 -49.25
C LEU S 30 -42.70 -9.94 -49.63
N GLY S 31 -42.98 -10.71 -50.66
CA GLY S 31 -42.08 -11.78 -51.06
C GLY S 31 -42.08 -12.95 -50.12
N LEU S 32 -43.25 -13.38 -49.67
CA LEU S 32 -43.37 -14.42 -48.65
C LEU S 32 -43.38 -15.82 -49.23
N GLY S 33 -43.14 -15.96 -50.54
CA GLY S 33 -43.13 -17.28 -51.15
C GLY S 33 -41.91 -17.52 -52.00
N ALA S 34 -40.83 -16.79 -51.73
CA ALA S 34 -39.61 -16.97 -52.49
C ALA S 34 -38.91 -18.28 -52.13
N ASN S 35 -39.07 -18.74 -50.89
CA ASN S 35 -38.68 -20.08 -50.52
C ASN S 35 -39.75 -21.06 -50.99
N ALA S 36 -39.31 -22.19 -51.55
CA ALA S 36 -40.26 -23.20 -52.01
C ALA S 36 -40.83 -24.01 -50.86
N GLU S 37 -39.98 -24.36 -49.89
CA GLU S 37 -40.41 -25.11 -48.72
C GLU S 37 -41.39 -24.32 -47.87
N SER S 38 -41.24 -22.99 -47.84
CA SER S 38 -42.25 -22.16 -47.19
C SER S 38 -43.53 -22.13 -48.01
N LEU S 39 -43.41 -22.07 -49.34
CA LEU S 39 -44.56 -21.88 -50.20
C LEU S 39 -45.48 -23.10 -50.21
N LYS S 40 -44.92 -24.29 -49.99
CA LYS S 40 -45.75 -25.49 -49.86
C LYS S 40 -46.64 -25.41 -48.62
N TRP S 41 -46.04 -25.02 -47.49
CA TRP S 41 -46.77 -24.81 -46.24
C TRP S 41 -47.82 -23.72 -46.37
N PHE S 42 -47.49 -22.64 -47.08
CA PHE S 42 -48.45 -21.54 -47.18
C PHE S 42 -49.57 -21.86 -48.16
N LYS S 43 -49.31 -22.66 -49.19
CA LYS S 43 -50.39 -23.14 -50.06
C LYS S 43 -51.37 -24.00 -49.27
N GLU S 44 -50.85 -24.91 -48.44
CA GLU S 44 -51.72 -25.73 -47.60
C GLU S 44 -52.51 -24.87 -46.62
N SER S 45 -51.85 -23.88 -46.02
CA SER S 45 -52.53 -23.03 -45.05
C SER S 45 -53.59 -22.14 -45.69
N GLU S 46 -53.33 -21.72 -46.93
CA GLU S 46 -54.29 -20.92 -47.68
C GLU S 46 -55.55 -21.75 -47.99
N LEU S 47 -55.35 -23.00 -48.43
CA LEU S 47 -56.47 -23.88 -48.70
C LEU S 47 -57.28 -24.18 -47.43
N VAL S 48 -56.61 -24.39 -46.31
CA VAL S 48 -57.33 -24.73 -45.08
C VAL S 48 -58.08 -23.52 -44.51
N HIS S 49 -57.44 -22.34 -44.48
CA HIS S 49 -58.14 -21.11 -44.09
C HIS S 49 -59.32 -20.82 -45.00
N SER S 50 -59.16 -21.03 -46.32
CA SER S 50 -60.23 -20.75 -47.26
C SER S 50 -61.42 -21.68 -47.06
N ARG S 51 -61.15 -22.97 -46.81
CA ARG S 51 -62.24 -23.93 -46.63
C ARG S 51 -62.98 -23.72 -45.32
N TRP S 52 -62.25 -23.44 -44.23
CA TRP S 52 -62.93 -23.11 -42.98
C TRP S 52 -63.72 -21.81 -43.08
N ALA S 53 -63.22 -20.83 -43.84
CA ALA S 53 -63.94 -19.57 -43.96
C ALA S 53 -65.18 -19.69 -44.85
N MET S 54 -65.11 -20.51 -45.90
CA MET S 54 -66.29 -20.76 -46.74
C MET S 54 -67.37 -21.47 -45.94
N ALA S 55 -66.98 -22.50 -45.17
CA ALA S 55 -67.94 -23.18 -44.32
C ALA S 55 -68.47 -22.27 -43.22
N ALA S 56 -67.64 -21.32 -42.77
CA ALA S 56 -68.09 -20.37 -41.75
C ALA S 56 -69.11 -19.38 -42.28
N VAL S 57 -68.88 -18.84 -43.48
CA VAL S 57 -69.82 -17.88 -44.06
C VAL S 57 -71.13 -18.58 -44.42
N ALA S 58 -71.04 -19.83 -44.92
CA ALA S 58 -72.25 -20.62 -45.15
C ALA S 58 -73.01 -20.88 -43.84
N GLY S 59 -72.27 -21.16 -42.76
CA GLY S 59 -72.92 -21.39 -41.48
C GLY S 59 -73.61 -20.16 -40.92
N ILE S 60 -72.96 -19.00 -41.01
CA ILE S 60 -73.53 -17.76 -40.48
C ILE S 60 -74.74 -17.33 -41.31
N LEU S 61 -74.65 -17.47 -42.65
CA LEU S 61 -75.78 -17.09 -43.51
C LEU S 61 -76.98 -18.00 -43.30
N VAL S 62 -76.77 -19.32 -43.35
CA VAL S 62 -77.88 -20.26 -43.17
C VAL S 62 -78.43 -20.20 -41.75
N GLN S 63 -77.57 -19.90 -40.76
CA GLN S 63 -78.02 -19.76 -39.38
C GLN S 63 -78.91 -18.53 -39.22
N GLU S 64 -78.54 -17.40 -39.84
CA GLU S 64 -79.36 -16.20 -39.71
C GLU S 64 -80.65 -16.31 -40.52
N ILE S 65 -80.63 -17.05 -41.63
CA ILE S 65 -81.85 -17.26 -42.41
C ILE S 65 -82.82 -18.19 -41.67
N VAL S 66 -82.33 -19.34 -41.23
CA VAL S 66 -83.21 -20.36 -40.66
C VAL S 66 -83.65 -19.98 -39.26
N ARG S 67 -82.72 -19.57 -38.41
CA ARG S 67 -83.02 -19.31 -36.99
C ARG S 67 -82.69 -17.86 -36.66
N PRO S 68 -83.65 -16.95 -36.81
CA PRO S 68 -83.42 -15.56 -36.38
C PRO S 68 -83.57 -15.44 -34.87
N ASP S 69 -83.28 -14.22 -34.39
CA ASP S 69 -83.15 -13.88 -32.97
C ASP S 69 -82.13 -14.76 -32.25
N VAL S 70 -81.14 -15.25 -32.99
CA VAL S 70 -79.96 -15.92 -32.45
C VAL S 70 -78.77 -15.29 -33.15
N PHE S 71 -77.96 -14.56 -32.39
CA PHE S 71 -76.86 -13.80 -32.94
C PHE S 71 -75.62 -14.70 -32.99
N TRP S 72 -75.04 -14.84 -34.19
CA TRP S 72 -74.01 -15.85 -34.44
C TRP S 72 -72.76 -15.61 -33.62
N TYR S 73 -72.49 -14.36 -33.27
CA TYR S 73 -71.41 -14.04 -32.35
C TYR S 73 -71.71 -14.51 -30.94
N ASN S 74 -72.99 -14.76 -30.60
CA ASN S 74 -73.37 -15.23 -29.27
C ASN S 74 -74.08 -16.58 -29.31
N ALA S 75 -73.92 -17.34 -30.39
CA ALA S 75 -74.48 -18.69 -30.46
C ALA S 75 -73.82 -19.62 -29.44
N GLY S 76 -72.52 -19.44 -29.22
CA GLY S 76 -71.82 -20.23 -28.22
C GLY S 76 -72.27 -19.95 -26.80
N LYS S 77 -72.72 -18.72 -26.55
CA LYS S 77 -73.32 -18.38 -25.27
C LYS S 77 -74.73 -18.96 -25.15
N GLU S 78 -75.63 -18.52 -26.02
CA GLU S 78 -77.05 -18.83 -25.88
C GLU S 78 -77.47 -20.18 -26.46
N VAL S 79 -76.53 -21.02 -26.85
CA VAL S 79 -76.90 -22.39 -27.22
C VAL S 79 -77.15 -23.18 -25.93
N GLU S 80 -77.98 -24.21 -26.02
CA GLU S 80 -78.25 -25.09 -24.89
C GLU S 80 -78.24 -26.53 -25.36
N SER S 81 -77.75 -27.42 -24.51
CA SER S 81 -77.70 -28.84 -24.79
C SER S 81 -77.54 -29.59 -23.49
N PRO S 82 -78.09 -30.81 -23.38
CA PRO S 82 -77.69 -31.70 -22.28
C PRO S 82 -76.26 -32.19 -22.42
N LEU S 83 -75.72 -32.19 -23.65
CA LEU S 83 -74.31 -32.32 -23.90
C LEU S 83 -73.55 -31.24 -23.15
N GLY S 84 -72.66 -31.65 -22.25
CA GLY S 84 -71.89 -30.71 -21.47
C GLY S 84 -70.89 -29.96 -22.31
N PRO S 85 -70.51 -28.75 -21.86
CA PRO S 85 -69.51 -27.97 -22.61
C PRO S 85 -68.14 -28.63 -22.66
N LEU S 86 -67.66 -29.18 -21.53
CA LEU S 86 -66.40 -29.90 -21.55
C LEU S 86 -66.50 -31.21 -22.32
N GLY S 87 -67.67 -31.84 -22.35
CA GLY S 87 -67.83 -33.05 -23.14
C GLY S 87 -67.76 -32.78 -24.63
N LEU S 88 -68.46 -31.73 -25.08
CA LEU S 88 -68.37 -31.30 -26.47
C LEU S 88 -66.95 -30.87 -26.83
N LEU S 89 -66.28 -30.16 -25.92
CA LEU S 89 -64.92 -29.71 -26.18
C LEU S 89 -63.95 -30.89 -26.21
N ALA S 90 -64.20 -31.93 -25.41
CA ALA S 90 -63.33 -33.10 -25.42
C ALA S 90 -63.49 -33.91 -26.69
N VAL S 91 -64.74 -34.09 -27.13
CA VAL S 91 -64.99 -34.77 -28.40
C VAL S 91 -64.34 -34.03 -29.56
N GLU S 92 -64.52 -32.70 -29.58
CA GLU S 92 -63.91 -31.89 -30.62
C GLU S 92 -62.39 -31.94 -30.55
N PHE S 93 -61.84 -31.95 -29.33
CA PHE S 93 -60.40 -32.00 -29.13
C PHE S 93 -59.79 -33.28 -29.69
N PHE S 94 -60.33 -34.44 -29.30
CA PHE S 94 -59.74 -35.70 -29.74
C PHE S 94 -59.96 -35.93 -31.24
N LEU S 95 -61.18 -35.64 -31.74
CA LEU S 95 -61.46 -35.93 -33.13
C LEU S 95 -60.73 -34.97 -34.08
N MET S 96 -60.62 -33.69 -33.69
CA MET S 96 -59.85 -32.76 -34.50
C MET S 96 -58.35 -32.99 -34.40
N HIS S 97 -57.85 -33.43 -33.22
CA HIS S 97 -56.44 -33.77 -33.10
C HIS S 97 -56.10 -34.93 -34.02
N TRP S 98 -57.00 -35.93 -34.09
CA TRP S 98 -56.88 -37.03 -35.04
C TRP S 98 -56.78 -36.56 -36.49
N VAL S 99 -57.81 -35.83 -36.95
CA VAL S 99 -57.91 -35.46 -38.37
C VAL S 99 -56.78 -34.52 -38.77
N GLU S 100 -56.48 -33.56 -37.90
CA GLU S 100 -55.41 -32.60 -38.13
C GLU S 100 -54.03 -33.27 -38.21
N VAL S 101 -53.76 -34.24 -37.32
CA VAL S 101 -52.47 -34.90 -37.36
C VAL S 101 -52.34 -35.82 -38.58
N ARG S 102 -53.46 -36.43 -39.03
CA ARG S 102 -53.43 -37.18 -40.30
C ARG S 102 -53.08 -36.29 -41.48
N ARG S 103 -53.73 -35.12 -41.57
CA ARG S 103 -53.47 -34.18 -42.66
C ARG S 103 -52.05 -33.61 -42.59
N TRP S 104 -51.58 -33.28 -41.39
CA TRP S 104 -50.22 -32.78 -41.20
C TRP S 104 -49.17 -33.83 -41.53
N GLN S 105 -49.45 -35.09 -41.25
CA GLN S 105 -48.51 -36.14 -41.62
C GLN S 105 -48.47 -36.31 -43.14
N ASP S 106 -49.61 -36.15 -43.81
CA ASP S 106 -49.59 -36.12 -45.27
C ASP S 106 -48.81 -34.93 -45.82
N LEU S 107 -48.85 -33.80 -45.13
CA LEU S 107 -48.04 -32.64 -45.52
C LEU S 107 -46.56 -32.96 -45.40
N ARG S 108 -46.12 -33.32 -44.19
CA ARG S 108 -44.68 -33.44 -43.91
C ARG S 108 -44.07 -34.67 -44.56
N LYS S 109 -44.86 -35.72 -44.79
CA LYS S 109 -44.42 -36.87 -45.56
C LYS S 109 -45.43 -37.05 -46.68
N PRO S 110 -45.07 -36.77 -47.94
CA PRO S 110 -46.08 -36.66 -49.00
C PRO S 110 -46.67 -38.00 -49.44
N GLY S 111 -47.91 -38.25 -49.07
CA GLY S 111 -48.59 -39.47 -49.44
C GLY S 111 -48.20 -40.65 -48.59
N SER S 112 -48.31 -40.52 -47.28
CA SER S 112 -47.94 -41.59 -46.35
C SER S 112 -49.08 -42.03 -45.45
N VAL S 113 -50.23 -41.36 -45.49
CA VAL S 113 -51.38 -41.74 -44.68
C VAL S 113 -52.59 -42.02 -45.58
N ASP S 114 -52.33 -42.52 -46.79
CA ASP S 114 -53.40 -42.77 -47.74
C ASP S 114 -54.27 -43.95 -47.34
N GLN S 115 -53.72 -44.93 -46.63
CA GLN S 115 -54.42 -46.18 -46.39
C GLN S 115 -55.24 -46.13 -45.10
N ASP S 116 -56.43 -46.70 -45.14
CA ASP S 116 -57.28 -46.70 -43.97
C ASP S 116 -56.63 -47.62 -42.95
N PRO S 117 -56.55 -47.18 -41.70
CA PRO S 117 -55.97 -48.04 -40.66
C PRO S 117 -56.86 -49.18 -40.21
N ILE S 118 -58.17 -48.98 -40.15
CA ILE S 118 -59.05 -50.05 -39.68
C ILE S 118 -59.34 -51.05 -40.79
N PHE S 119 -59.73 -50.56 -41.96
CA PHE S 119 -60.14 -51.43 -43.08
C PHE S 119 -59.04 -51.39 -44.13
N SER S 120 -58.18 -52.42 -44.13
CA SER S 120 -57.01 -52.46 -45.00
C SER S 120 -57.35 -52.60 -46.49
N GLN S 121 -58.61 -52.84 -46.84
CA GLN S 121 -59.00 -52.86 -48.26
C GLN S 121 -58.86 -51.49 -48.89
N TYR S 122 -59.28 -50.45 -48.18
CA TYR S 122 -59.51 -49.14 -48.79
C TYR S 122 -58.25 -48.28 -48.70
N LYS S 123 -57.75 -47.86 -49.86
CA LYS S 123 -56.57 -47.03 -49.97
C LYS S 123 -56.91 -45.81 -50.80
N LEU S 124 -56.44 -44.65 -50.38
CA LEU S 124 -56.70 -43.43 -51.12
C LEU S 124 -55.67 -43.29 -52.24
N PRO S 125 -56.09 -42.89 -53.45
CA PRO S 125 -55.20 -42.91 -54.61
C PRO S 125 -54.12 -41.84 -54.51
N PRO S 126 -53.07 -41.92 -55.34
CA PRO S 126 -52.04 -40.87 -55.33
C PRO S 126 -52.60 -39.53 -55.81
N HIS S 127 -52.13 -38.47 -55.19
CA HIS S 127 -52.73 -37.15 -55.35
C HIS S 127 -51.64 -36.09 -55.15
N GLU S 128 -52.07 -34.85 -54.97
CA GLU S 128 -51.21 -33.76 -54.57
C GLU S 128 -51.60 -33.29 -53.18
N VAL S 129 -50.72 -32.53 -52.55
CA VAL S 129 -50.98 -32.05 -51.20
C VAL S 129 -52.01 -30.93 -51.24
N GLY S 130 -52.94 -30.95 -50.29
CA GLY S 130 -54.04 -30.02 -50.28
C GLY S 130 -55.26 -30.47 -51.03
N TYR S 131 -55.10 -31.38 -52.00
CA TYR S 131 -56.20 -31.85 -52.83
C TYR S 131 -56.25 -33.37 -52.74
N PRO S 132 -56.92 -33.91 -51.68
CA PRO S 132 -56.88 -35.36 -51.43
C PRO S 132 -57.54 -36.24 -52.48
N GLY S 133 -58.82 -36.02 -52.74
CA GLY S 133 -59.54 -36.84 -53.71
C GLY S 133 -60.07 -38.13 -53.12
N GLY S 134 -60.44 -39.04 -54.02
CA GLY S 134 -60.96 -40.33 -53.63
C GLY S 134 -62.34 -40.30 -53.03
N VAL S 135 -62.46 -40.71 -51.77
CA VAL S 135 -63.75 -40.65 -51.09
C VAL S 135 -64.02 -39.23 -50.58
N PHE S 136 -62.97 -38.42 -50.40
CA PHE S 136 -63.17 -37.00 -50.12
C PHE S 136 -63.80 -36.28 -51.31
N ALA S 137 -63.56 -36.74 -52.53
CA ALA S 137 -64.16 -36.17 -53.74
C ALA S 137 -64.87 -37.28 -54.52
N PRO S 138 -66.11 -37.63 -54.14
CA PRO S 138 -66.85 -38.62 -54.92
C PRO S 138 -67.40 -38.07 -56.24
N PHE S 139 -67.82 -36.81 -56.25
CA PHE S 139 -68.48 -36.20 -57.39
C PHE S 139 -67.72 -34.94 -57.79
N ILE S 140 -67.29 -34.88 -59.05
CA ILE S 140 -66.60 -33.70 -59.57
C ILE S 140 -67.38 -33.18 -60.78
N PRO S 141 -67.85 -31.93 -60.75
CA PRO S 141 -68.39 -31.33 -61.98
C PRO S 141 -67.33 -30.65 -62.83
N GLY S 142 -67.03 -31.20 -64.00
CA GLY S 142 -66.05 -30.58 -64.87
C GLY S 142 -64.63 -31.00 -64.63
N ASP S 143 -63.70 -30.05 -64.75
CA ASP S 143 -62.27 -30.34 -64.68
C ASP S 143 -61.66 -29.66 -63.45
N LEU S 144 -60.61 -30.29 -62.90
CA LEU S 144 -59.92 -29.74 -61.74
C LEU S 144 -59.13 -28.48 -62.05
N ALA S 145 -58.76 -28.26 -63.31
CA ALA S 145 -57.96 -27.08 -63.65
C ALA S 145 -58.73 -25.78 -63.52
N GLU S 146 -60.06 -25.83 -63.53
CA GLU S 146 -60.88 -24.66 -63.27
C GLU S 146 -61.54 -24.68 -61.90
N LEU S 147 -61.86 -25.87 -61.38
CA LEU S 147 -62.51 -25.96 -60.08
C LEU S 147 -61.58 -25.56 -58.95
N LYS S 148 -60.27 -25.81 -59.08
CA LYS S 148 -59.32 -25.33 -58.08
C LYS S 148 -59.26 -23.80 -58.06
N VAL S 149 -59.30 -23.20 -59.25
CA VAL S 149 -59.33 -21.73 -59.36
C VAL S 149 -60.61 -21.19 -58.73
N LYS S 150 -61.74 -21.86 -58.97
CA LYS S 150 -63.02 -21.45 -58.39
C LYS S 150 -63.00 -21.60 -56.87
N GLU S 151 -62.38 -22.66 -56.39
CA GLU S 151 -62.26 -22.92 -54.96
C GLU S 151 -61.40 -21.88 -54.23
N ILE S 152 -60.28 -21.50 -54.82
CA ILE S 152 -59.41 -20.51 -54.19
C ILE S 152 -60.03 -19.10 -54.29
N LYS S 153 -60.73 -18.80 -55.39
CA LYS S 153 -61.38 -17.50 -55.51
C LYS S 153 -62.53 -17.34 -54.51
N ASN S 154 -63.44 -18.33 -54.45
CA ASN S 154 -64.51 -18.33 -53.46
C ASN S 154 -63.97 -18.35 -52.04
N GLY S 155 -62.82 -18.99 -51.81
CA GLY S 155 -62.27 -19.06 -50.47
C GLY S 155 -61.62 -17.77 -50.02
N ARG S 156 -60.90 -17.10 -50.91
CA ARG S 156 -60.36 -15.78 -50.61
C ARG S 156 -61.48 -14.78 -50.34
N LEU S 157 -62.53 -14.85 -51.16
CA LEU S 157 -63.68 -13.96 -50.98
C LEU S 157 -64.42 -14.25 -49.68
N ALA S 158 -64.44 -15.52 -49.25
CA ALA S 158 -65.09 -15.85 -47.99
C ALA S 158 -64.22 -15.57 -46.77
N MET S 159 -62.89 -15.59 -46.91
CA MET S 159 -62.02 -15.11 -45.83
C MET S 159 -62.24 -13.63 -45.58
N LEU S 160 -62.29 -12.84 -46.67
CA LEU S 160 -62.62 -11.42 -46.55
C LEU S 160 -64.02 -11.22 -45.99
N ALA S 161 -64.95 -12.11 -46.38
CA ALA S 161 -66.31 -12.05 -45.86
C ALA S 161 -66.36 -12.35 -44.36
N PHE S 162 -65.54 -13.27 -43.88
CA PHE S 162 -65.60 -13.62 -42.46
C PHE S 162 -65.00 -12.50 -41.60
N VAL S 163 -63.90 -11.89 -42.04
CA VAL S 163 -63.38 -10.78 -41.25
C VAL S 163 -64.30 -9.57 -41.36
N GLY S 164 -65.04 -9.43 -42.47
CA GLY S 164 -66.07 -8.41 -42.54
C GLY S 164 -67.23 -8.69 -41.61
N PHE S 165 -67.59 -9.97 -41.44
CA PHE S 165 -68.64 -10.34 -40.49
C PHE S 165 -68.23 -10.00 -39.06
N VAL S 166 -66.98 -10.31 -38.71
CA VAL S 166 -66.51 -10.07 -37.35
C VAL S 166 -66.45 -8.58 -37.04
N MET S 167 -65.91 -7.78 -37.98
CA MET S 167 -65.83 -6.34 -37.74
C MET S 167 -67.20 -5.69 -37.76
N ALA S 168 -68.10 -6.12 -38.65
CA ALA S 168 -69.45 -5.55 -38.67
C ALA S 168 -70.25 -5.96 -37.46
N ALA S 169 -69.99 -7.15 -36.89
CA ALA S 169 -70.67 -7.54 -35.67
C ALA S 169 -70.14 -6.80 -34.46
N GLN S 170 -68.85 -6.47 -34.45
CA GLN S 170 -68.31 -5.73 -33.32
C GLN S 170 -68.62 -4.24 -33.40
N VAL S 171 -68.84 -3.69 -34.59
CA VAL S 171 -69.11 -2.26 -34.72
C VAL S 171 -70.60 -1.97 -34.74
N THR S 172 -71.42 -2.78 -35.42
CA THR S 172 -72.85 -2.51 -35.49
C THR S 172 -73.64 -3.28 -34.44
N GLY S 173 -73.25 -4.53 -34.16
CA GLY S 173 -73.98 -5.35 -33.22
C GLY S 173 -75.07 -6.20 -33.82
N LYS S 174 -75.13 -6.31 -35.14
CA LYS S 174 -76.16 -7.05 -35.85
C LYS S 174 -75.48 -8.07 -36.77
N GLY S 175 -76.29 -8.99 -37.31
CA GLY S 175 -75.77 -9.98 -38.21
C GLY S 175 -75.43 -9.38 -39.57
N PRO S 176 -74.91 -10.22 -40.46
CA PRO S 176 -74.58 -9.73 -41.81
C PRO S 176 -75.79 -9.34 -42.65
N ILE S 177 -76.87 -10.13 -42.60
CA ILE S 177 -78.07 -9.80 -43.37
C ILE S 177 -78.75 -8.55 -42.80
N ALA S 178 -78.78 -8.44 -41.47
CA ALA S 178 -79.37 -7.26 -40.84
C ALA S 178 -78.54 -6.02 -41.08
N ALA S 179 -77.21 -6.16 -41.11
CA ALA S 179 -76.34 -5.04 -41.45
C ALA S 179 -76.47 -4.63 -42.91
N LEU S 180 -76.70 -5.60 -43.80
CA LEU S 180 -76.97 -5.27 -45.19
C LEU S 180 -78.31 -4.56 -45.34
N GLN S 181 -79.30 -4.96 -44.55
CA GLN S 181 -80.57 -4.24 -44.52
C GLN S 181 -80.40 -2.83 -43.99
N GLU S 182 -79.48 -2.63 -43.04
CA GLU S 182 -79.17 -1.29 -42.55
C GLU S 182 -78.52 -0.43 -43.63
N HIS S 183 -77.54 -1.00 -44.35
CA HIS S 183 -76.89 -0.29 -45.45
C HIS S 183 -77.82 -0.07 -46.64
N LEU S 184 -78.87 -0.89 -46.79
CA LEU S 184 -79.85 -0.61 -47.83
C LEU S 184 -80.89 0.41 -47.36
N ALA S 185 -81.13 0.49 -46.05
CA ALA S 185 -82.06 1.49 -45.54
C ALA S 185 -81.42 2.87 -45.48
N ASP S 186 -80.11 2.96 -45.37
CA ASP S 186 -79.41 4.25 -45.37
C ASP S 186 -78.02 4.05 -45.94
N PRO S 187 -77.86 4.11 -47.26
CA PRO S 187 -76.52 3.90 -47.83
C PRO S 187 -75.58 5.06 -47.63
N TRP S 188 -76.08 6.29 -47.70
CA TRP S 188 -75.23 7.45 -47.48
C TRP S 188 -74.90 7.65 -46.01
N GLY S 189 -75.76 7.17 -45.12
CA GLY S 189 -75.62 7.46 -43.71
C GLY S 189 -75.09 6.33 -42.84
N THR S 190 -75.05 5.10 -43.37
CA THR S 190 -74.52 3.96 -42.62
C THR S 190 -73.38 3.34 -43.45
N THR S 191 -72.19 3.92 -43.31
CA THR S 191 -70.94 3.33 -43.79
C THR S 191 -69.90 3.49 -42.69
N ILE S 192 -68.73 2.90 -42.90
CA ILE S 192 -67.65 3.04 -41.93
C ILE S 192 -67.09 4.47 -41.95
N PHE S 193 -67.13 5.12 -43.11
CA PHE S 193 -66.86 6.56 -43.20
C PHE S 193 -67.89 7.37 -42.45
N SER S 194 -69.13 6.87 -42.36
CA SER S 194 -70.23 7.60 -41.74
C SER S 194 -70.32 7.38 -40.24
N LYS S 195 -69.48 6.54 -39.66
CA LYS S 195 -69.53 6.23 -38.24
C LYS S 195 -68.35 6.77 -37.45
N ALA S 196 -67.22 7.03 -38.11
CA ALA S 196 -65.99 7.35 -37.42
C ALA S 196 -65.06 8.09 -38.36
N ALA S 197 -64.21 8.94 -37.79
CA ALA S 197 -63.20 9.66 -38.55
C ALA S 197 -62.10 10.12 -37.61
N VAL S 198 -60.88 10.20 -38.13
CA VAL S 198 -59.75 10.75 -37.39
C VAL S 198 -59.24 11.96 -38.16
N VAL S 199 -59.19 13.08 -37.46
CA VAL S 199 -58.77 14.38 -37.96
C VAL S 199 -57.62 14.76 -37.01
N PRO S 200 -56.60 15.53 -37.45
CA PRO S 200 -55.54 15.93 -36.50
C PRO S 200 -56.02 16.73 -35.28
N GLY S 201 -57.19 17.34 -35.34
CA GLY S 201 -57.79 17.91 -34.14
C GLY S 201 -58.25 16.84 -33.17
N GLN S 202 -59.28 16.08 -33.54
CA GLN S 202 -59.83 15.06 -32.66
C GLN S 202 -60.12 13.80 -33.46
N ALA S 203 -60.31 12.70 -32.75
CA ALA S 203 -60.63 11.42 -33.35
C ALA S 203 -61.84 10.81 -32.67
N VAL S 204 -62.67 10.14 -33.46
CA VAL S 204 -63.86 9.47 -32.97
C VAL S 204 -63.89 8.05 -33.52
N ALA S 205 -64.14 7.09 -32.63
CA ALA S 205 -64.28 5.68 -32.92
C ALA S 205 -65.70 5.23 -32.61
N PRO S 206 -66.21 4.18 -33.26
CA PRO S 206 -67.55 3.71 -32.94
C PRO S 206 -67.56 3.03 -31.58
N PRO S 207 -68.66 3.14 -30.84
CA PRO S 207 -68.78 2.37 -29.59
C PRO S 207 -68.83 0.88 -29.88
N CYS S 208 -68.19 0.10 -29.03
CA CYS S 208 -68.23 -1.35 -29.18
C CYS S 208 -69.59 -1.88 -28.75
N LYS S 209 -70.20 -2.68 -29.61
CA LYS S 209 -71.52 -3.22 -29.34
C LYS S 209 -71.48 -4.56 -28.66
N ILE S 210 -70.28 -5.07 -28.36
CA ILE S 210 -70.10 -6.26 -27.55
C ILE S 210 -69.71 -5.81 -26.16
N PRO S 211 -70.55 -6.02 -25.13
CA PRO S 211 -70.46 -5.24 -23.89
C PRO S 211 -69.21 -5.43 -23.04
N ALA S 212 -68.97 -6.66 -22.60
CA ALA S 212 -67.99 -6.90 -21.55
C ALA S 212 -67.59 -8.37 -21.48
N SER S 213 -66.94 -8.75 -20.39
CA SER S 213 -66.72 -10.16 -20.09
C SER S 213 -68.06 -10.88 -19.95
N VAL S 214 -68.24 -11.92 -20.77
CA VAL S 214 -69.51 -12.62 -20.88
C VAL S 214 -69.64 -13.64 -19.75
N SER S 215 -70.76 -13.56 -19.03
CA SER S 215 -71.04 -14.49 -17.94
C SER S 215 -71.70 -15.74 -18.51
N TYR S 216 -70.87 -16.76 -18.76
CA TYR S 216 -71.32 -18.11 -19.03
C TYR S 216 -71.39 -18.84 -17.69
N LYS S 217 -71.48 -20.16 -17.68
CA LYS S 217 -71.80 -20.91 -16.47
C LYS S 217 -70.67 -20.98 -15.45
N GLY S 218 -70.20 -19.82 -14.98
CA GLY S 218 -69.15 -19.74 -13.98
C GLY S 218 -67.76 -19.49 -14.52
N ILE S 219 -67.54 -19.66 -15.82
CA ILE S 219 -66.21 -19.42 -16.39
C ILE S 219 -65.90 -17.92 -16.46
N GLU S 220 -66.91 -17.09 -16.73
CA GLU S 220 -66.78 -15.64 -16.96
C GLU S 220 -65.75 -15.34 -18.04
N ILE S 221 -66.11 -15.73 -19.26
CA ILE S 221 -65.26 -15.55 -20.44
C ILE S 221 -65.05 -14.07 -20.72
N PRO S 222 -63.81 -13.57 -20.72
CA PRO S 222 -63.57 -12.19 -21.16
C PRO S 222 -63.70 -12.08 -22.67
N THR S 223 -64.46 -11.09 -23.13
CA THR S 223 -64.77 -10.92 -24.54
C THR S 223 -64.34 -9.54 -25.00
N PRO S 224 -63.11 -9.38 -25.48
CA PRO S 224 -62.67 -8.10 -26.01
C PRO S 224 -62.91 -7.97 -27.51
N CYS S 225 -62.94 -6.73 -27.96
CA CYS S 225 -63.04 -6.43 -29.39
C CYS S 225 -61.65 -6.33 -30.01
N PHE S 226 -61.58 -6.57 -31.31
CA PHE S 226 -60.32 -6.77 -32.00
C PHE S 226 -59.71 -5.43 -32.38
N LEU S 227 -58.54 -5.13 -31.79
CA LEU S 227 -57.78 -3.89 -32.00
C LEU S 227 -58.65 -2.66 -31.74
N GLN S 228 -59.25 -2.63 -30.55
CA GLN S 228 -60.38 -1.73 -30.28
C GLN S 228 -59.94 -0.28 -30.15
N GLY S 229 -58.65 -0.03 -29.98
CA GLY S 229 -58.12 1.32 -29.99
C GLY S 229 -57.70 1.85 -31.33
N LEU S 230 -57.92 1.12 -32.42
CA LEU S 230 -57.36 1.43 -33.72
C LEU S 230 -58.41 1.31 -34.82
N TRP S 231 -59.66 1.69 -34.55
CA TRP S 231 -60.74 1.26 -35.44
C TRP S 231 -60.93 2.04 -36.75
N PRO S 232 -60.96 3.40 -36.77
CA PRO S 232 -61.05 3.91 -38.15
C PRO S 232 -59.68 4.12 -38.78
N TRP T 6 71.94 13.26 43.36
CA TRP T 6 70.86 13.82 44.16
C TRP T 6 70.13 12.69 44.91
N TYR T 7 70.54 11.47 44.60
CA TYR T 7 70.04 10.27 45.27
C TYR T 7 71.02 9.14 44.96
N PRO T 8 71.08 8.13 45.83
CA PRO T 8 72.00 7.00 45.61
C PRO T 8 71.53 6.06 44.51
N GLY T 9 72.24 6.08 43.38
CA GLY T 9 71.91 5.28 42.23
C GLY T 9 71.26 6.01 41.09
N ALA T 10 70.95 7.30 41.27
CA ALA T 10 70.29 8.07 40.22
C ALA T 10 71.24 8.34 39.05
N THR T 11 70.68 8.34 37.85
CA THR T 11 71.41 8.60 36.63
C THR T 11 70.87 9.86 35.95
N ALA T 12 71.70 10.46 35.09
CA ALA T 12 71.41 11.68 34.39
C ALA T 12 70.74 11.39 33.05
N PRO T 13 69.79 12.23 32.61
CA PRO T 13 69.14 12.05 31.30
C PRO T 13 70.09 12.27 30.13
N GLY T 22 74.62 24.57 38.74
CA GLY T 22 74.35 23.66 39.84
C GLY T 22 73.43 22.52 39.45
N ASP T 23 73.83 21.78 38.42
CA ASP T 23 73.03 20.67 37.91
C ASP T 23 73.32 19.40 38.67
N TYR T 24 72.29 18.54 38.77
CA TYR T 24 72.41 17.26 39.45
C TYR T 24 71.75 16.13 38.66
N GLY T 25 71.34 16.39 37.42
CA GLY T 25 70.72 15.36 36.62
C GLY T 25 69.28 15.07 36.95
N PHE T 26 68.58 16.01 37.58
CA PHE T 26 67.18 15.83 37.92
C PHE T 26 66.31 16.42 36.81
N ASP T 27 65.78 15.55 35.95
CA ASP T 27 64.84 15.97 34.91
C ASP T 27 63.85 14.84 34.67
N PRO T 28 62.76 14.79 35.47
CA PRO T 28 61.79 13.71 35.29
C PRO T 28 60.74 14.01 34.22
N LEU T 29 60.57 15.28 33.86
CA LEU T 29 59.51 15.69 32.96
C LEU T 29 60.00 15.99 31.54
N ARG T 30 61.30 16.20 31.34
CA ARG T 30 61.93 16.61 30.08
C ARG T 30 61.30 17.86 29.47
N LEU T 38 66.37 25.41 26.85
CA LEU T 38 67.18 24.98 27.99
C LEU T 38 67.90 26.16 28.62
N LYS T 39 68.55 26.96 27.78
CA LYS T 39 69.27 28.13 28.28
C LYS T 39 68.30 29.20 28.78
N TRP T 40 67.15 29.34 28.10
CA TRP T 40 66.08 30.19 28.60
C TRP T 40 65.54 29.66 29.92
N PHE T 41 65.48 28.33 30.07
CA PHE T 41 65.05 27.73 31.32
C PHE T 41 66.07 27.95 32.44
N ARG T 42 67.36 27.93 32.10
CA ARG T 42 68.39 28.22 33.09
C ARG T 42 68.35 29.68 33.53
N GLU T 43 68.14 30.60 32.57
CA GLU T 43 68.03 32.01 32.92
C GLU T 43 66.76 32.29 33.74
N ALA T 44 65.67 31.56 33.43
CA ALA T 44 64.44 31.70 34.20
C ALA T 44 64.61 31.15 35.61
N GLU T 45 65.37 30.04 35.75
CA GLU T 45 65.70 29.51 37.07
C GLU T 45 66.52 30.51 37.87
N LEU T 46 67.49 31.16 37.22
CA LEU T 46 68.31 32.14 37.90
C LEU T 46 67.50 33.36 38.33
N THR T 47 66.59 33.84 37.50
CA THR T 47 65.86 35.06 37.90
C THR T 47 64.72 34.78 38.89
N ASN T 48 64.03 33.62 38.78
CA ASN T 48 63.11 33.21 39.84
C ASN T 48 63.86 33.02 41.15
N GLY T 49 65.09 32.49 41.08
CA GLY T 49 65.90 32.34 42.28
C GLY T 49 66.34 33.66 42.89
N ARG T 50 66.71 34.64 42.05
CA ARG T 50 67.14 35.94 42.56
C ARG T 50 65.99 36.70 43.21
N TRP T 51 64.83 36.73 42.53
CA TRP T 51 63.68 37.41 43.12
C TRP T 51 63.15 36.67 44.35
N ALA T 52 63.31 35.34 44.39
CA ALA T 52 62.91 34.61 45.59
C ALA T 52 63.89 34.81 46.74
N MET T 53 65.19 34.99 46.44
CA MET T 53 66.15 35.34 47.50
C MET T 53 65.87 36.72 48.07
N ALA T 54 65.56 37.69 47.22
CA ALA T 54 65.20 39.02 47.70
C ALA T 54 63.89 38.98 48.49
N ALA T 55 62.93 38.17 48.04
CA ALA T 55 61.65 38.08 48.75
C ALA T 55 61.78 37.33 50.07
N VAL T 56 62.65 36.32 50.13
CA VAL T 56 62.84 35.59 51.38
C VAL T 56 63.59 36.45 52.38
N VAL T 57 64.54 37.28 51.90
CA VAL T 57 65.22 38.22 52.78
C VAL T 57 64.26 39.28 53.28
N GLY T 58 63.34 39.73 52.42
CA GLY T 58 62.33 40.68 52.87
C GLY T 58 61.31 40.11 53.83
N ILE T 59 60.96 38.84 53.65
CA ILE T 59 59.99 38.21 54.55
C ILE T 59 60.63 37.83 55.88
N LEU T 60 61.94 37.54 55.89
CA LEU T 60 62.63 37.27 57.14
C LEU T 60 62.96 38.57 57.88
N PHE T 61 63.23 39.65 57.15
CA PHE T 61 63.50 40.95 57.74
C PHE T 61 62.25 41.78 57.96
N THR T 62 61.06 41.21 57.73
CA THR T 62 59.82 41.96 57.93
C THR T 62 59.50 42.09 59.42
N ASP T 63 59.32 40.96 60.10
CA ASP T 63 58.99 40.98 61.52
C ASP T 63 59.48 39.71 62.21
N GLU T 89 56.99 54.47 38.18
CA GLU T 89 57.02 53.15 38.78
C GLU T 89 56.47 52.10 37.83
N VAL T 90 56.14 52.53 36.61
CA VAL T 90 55.60 51.64 35.59
C VAL T 90 56.52 51.64 34.38
N ALA T 91 56.73 52.82 33.79
CA ALA T 91 57.57 52.92 32.61
C ALA T 91 59.04 52.71 32.94
N VAL T 92 59.47 53.12 34.14
CA VAL T 92 60.85 52.88 34.54
C VAL T 92 61.10 51.39 34.78
N PHE T 93 60.12 50.70 35.36
CA PHE T 93 60.22 49.26 35.54
C PHE T 93 60.21 48.53 34.20
N ALA T 94 59.41 49.03 33.25
CA ALA T 94 59.39 48.45 31.91
C ALA T 94 60.71 48.67 31.18
N VAL T 95 61.34 49.84 31.39
CA VAL T 95 62.62 50.11 30.76
C VAL T 95 63.72 49.23 31.37
N LEU T 96 63.71 49.06 32.70
CA LEU T 96 64.69 48.20 33.35
C LEU T 96 64.51 46.73 32.93
N GLU T 97 63.26 46.28 32.82
CA GLU T 97 62.99 44.92 32.36
C GLU T 97 63.38 44.72 30.89
N GLY T 98 63.16 45.74 30.05
CA GLY T 98 63.57 45.63 28.66
C GLY T 98 65.07 45.60 28.48
N LYS T 99 65.78 46.40 29.29
CA LYS T 99 67.24 46.34 29.28
C LYS T 99 67.77 45.03 29.85
N ARG T 100 67.04 44.44 30.80
CA ARG T 100 67.47 43.14 31.33
C ARG T 100 67.21 42.02 30.31
N TYR T 101 66.11 42.12 29.56
CA TYR T 101 65.80 41.12 28.55
C TYR T 101 66.73 41.25 27.34
N GLU T 102 67.11 42.47 26.97
CA GLU T 102 68.02 42.68 25.85
C GLU T 102 69.46 42.32 26.15
N ILE T 103 69.78 41.98 27.40
CA ILE T 103 71.12 41.55 27.77
C ILE T 103 71.18 40.03 27.82
N LYS T 129 79.75 30.49 40.80
CA LYS T 129 78.46 30.76 40.18
C LYS T 129 77.44 29.67 40.53
N LEU T 130 77.88 28.70 41.35
CA LEU T 130 76.99 27.63 41.80
C LEU T 130 76.20 28.03 43.04
N LYS T 131 76.81 28.83 43.92
CA LYS T 131 76.16 29.24 45.16
C LYS T 131 74.95 30.14 44.92
N GLU T 132 74.92 30.86 43.79
CA GLU T 132 73.79 31.72 43.47
C GLU T 132 72.53 30.91 43.26
N LEU T 133 72.57 29.90 42.40
CA LEU T 133 71.39 29.07 42.23
C LEU T 133 71.20 28.07 43.36
N LYS T 134 72.23 27.77 44.15
CA LYS T 134 72.02 26.94 45.34
C LYS T 134 71.17 27.68 46.39
N ASN T 135 71.61 28.89 46.78
CA ASN T 135 70.78 29.74 47.64
C ASN T 135 69.47 30.12 46.97
N GLY T 136 69.43 30.16 45.63
CA GLY T 136 68.19 30.45 44.94
C GLY T 136 67.16 29.35 45.03
N ARG T 137 67.59 28.10 44.85
CA ARG T 137 66.68 26.96 45.03
C ARG T 137 66.25 26.82 46.47
N LEU T 138 67.17 27.08 47.41
CA LEU T 138 66.84 27.02 48.83
C LEU T 138 65.85 28.12 49.20
N ALA T 139 65.97 29.30 48.58
CA ALA T 139 65.02 30.38 48.85
C ALA T 139 63.70 30.22 48.11
N MET T 140 63.69 29.53 46.96
CA MET T 140 62.41 29.22 46.32
C MET T 140 61.62 28.22 47.14
N LEU T 141 62.30 27.19 47.67
CA LEU T 141 61.66 26.29 48.61
C LEU T 141 61.26 26.99 49.90
N ALA T 142 62.04 27.99 50.32
CA ALA T 142 61.70 28.77 51.52
C ALA T 142 60.45 29.62 51.30
N PHE T 143 60.32 30.23 50.11
CA PHE T 143 59.16 31.07 49.83
C PHE T 143 57.90 30.23 49.65
N LEU T 144 58.03 29.05 49.03
CA LEU T 144 56.95 28.07 49.05
C LEU T 144 56.59 27.68 50.47
N GLY T 145 57.59 27.57 51.35
CA GLY T 145 57.33 27.29 52.74
C GLY T 145 56.55 28.39 53.44
N PHE T 146 56.95 29.66 53.20
CA PHE T 146 56.26 30.80 53.78
C PHE T 146 54.80 30.83 53.36
N CYS T 147 54.55 30.72 52.05
CA CYS T 147 53.18 30.75 51.53
C CYS T 147 52.36 29.58 52.02
N SER T 148 52.96 28.38 52.08
CA SER T 148 52.22 27.18 52.45
C SER T 148 51.86 27.18 53.93
N GLN T 149 52.85 27.32 54.81
CA GLN T 149 52.58 27.27 56.24
C GLN T 149 52.16 28.63 56.80
N ALA T 150 51.90 29.61 55.92
CA ALA T 150 51.07 30.76 56.27
C ALA T 150 49.62 30.58 55.85
N ALA T 151 49.36 29.98 54.68
CA ALA T 151 48.00 29.74 54.25
C ALA T 151 47.33 28.57 55.00
N VAL T 152 48.12 27.67 55.57
CA VAL T 152 47.56 26.54 56.30
C VAL T 152 47.47 26.83 57.80
N TYR T 153 48.58 27.29 58.39
CA TYR T 153 48.61 27.52 59.83
C TYR T 153 48.00 28.85 60.23
N GLY T 154 47.99 29.83 59.34
CA GLY T 154 47.47 31.13 59.68
C GLY T 154 48.38 31.97 60.54
N LYS T 155 49.66 31.61 60.64
CA LYS T 155 50.62 32.32 61.46
C LYS T 155 51.86 32.63 60.62
N GLY T 156 52.70 33.52 61.15
CA GLY T 156 53.93 33.87 60.51
C GLY T 156 55.00 32.81 60.70
N PRO T 157 56.17 33.05 60.10
CA PRO T 157 57.24 32.04 60.18
C PRO T 157 57.80 31.87 61.57
N ILE T 158 57.94 32.96 62.34
CA ILE T 158 58.44 32.85 63.71
C ILE T 158 57.43 32.13 64.60
N GLU T 159 56.13 32.32 64.37
CA GLU T 159 55.14 31.66 65.20
C GLU T 159 55.00 30.18 64.84
N THR T 160 55.09 29.85 63.55
CA THR T 160 55.10 28.44 63.16
C THR T 160 56.36 27.73 63.62
N LEU T 161 57.50 28.43 63.63
CA LEU T 161 58.73 27.84 64.16
C LEU T 161 58.65 27.63 65.66
N GLN T 162 58.04 28.58 66.38
CA GLN T 162 57.88 28.43 67.83
C GLN T 162 56.88 27.34 68.18
N LEU T 163 55.84 27.15 67.36
CA LEU T 163 54.93 26.03 67.60
C LEU T 163 55.55 24.70 67.20
N HIS T 164 56.48 24.74 66.25
CA HIS T 164 57.24 23.56 65.84
C HIS T 164 58.20 23.11 66.95
N LEU T 165 58.85 24.08 67.61
CA LEU T 165 59.80 23.80 68.68
C LEU T 165 59.09 23.61 70.01
N ALA T 166 59.81 22.98 70.96
CA ALA T 166 59.41 22.81 72.36
C ALA T 166 58.09 22.05 72.51
N ASP T 167 57.86 21.08 71.62
CA ASP T 167 56.67 20.22 71.59
C ASP T 167 55.34 20.99 71.53
N VAL T 178 46.02 18.81 55.94
CA VAL T 178 47.03 18.52 54.94
C VAL T 178 48.01 17.45 55.41
N GLY T 179 47.74 16.91 56.61
CA GLY T 179 48.59 15.89 57.18
C GLY T 179 48.60 14.63 56.34
N PRO T 180 47.37 14.24 55.81
CA PRO T 180 47.43 13.01 54.99
C PRO T 180 48.31 13.23 53.76
N GLU T 181 48.20 14.41 53.17
CA GLU T 181 48.98 14.73 51.98
C GLU T 181 50.47 14.72 52.31
N THR T 182 50.85 15.29 53.45
CA THR T 182 52.25 15.32 53.80
C THR T 182 52.80 13.91 53.99
N ALA T 183 52.08 13.07 54.73
CA ALA T 183 52.52 11.70 54.94
C ALA T 183 52.45 10.90 53.64
N VAL T 184 51.35 11.06 52.92
CA VAL T 184 51.16 10.36 51.67
C VAL T 184 52.22 10.82 50.69
N THR T 185 52.48 12.12 50.67
CA THR T 185 53.46 12.68 49.77
C THR T 185 54.84 12.12 50.08
N VAL T 186 55.23 12.07 51.35
CA VAL T 186 56.56 11.55 51.65
C VAL T 186 56.78 10.08 51.25
N ALA T 187 55.81 9.25 51.60
CA ALA T 187 55.88 7.83 51.30
C ALA T 187 55.88 7.63 49.80
N VAL T 188 55.01 8.37 49.13
CA VAL T 188 54.91 8.28 47.67
C VAL T 188 56.23 8.73 47.07
N LEU T 189 56.82 9.77 47.66
CA LEU T 189 58.07 10.29 47.16
C LEU T 189 59.15 9.23 47.19
N CYS T 190 59.24 8.50 48.31
CA CYS T 190 60.20 7.39 48.54
C CYS T 190 59.96 6.19 47.62
N VAL T 191 58.68 5.93 47.40
CA VAL T 191 58.27 4.86 46.51
C VAL T 191 58.87 5.25 45.17
N LEU T 192 58.85 6.55 44.89
CA LEU T 192 59.42 7.12 43.70
C LEU T 192 60.94 6.93 43.52
N PRO T 193 61.85 7.20 44.56
CA PRO T 193 63.24 6.88 44.15
C PRO T 193 63.30 5.39 43.92
N MET T 194 62.55 4.61 44.70
CA MET T 194 62.64 3.16 44.48
C MET T 194 62.24 2.72 43.06
N ILE T 195 61.11 3.23 42.57
CA ILE T 195 60.58 2.87 41.27
C ILE T 195 61.53 3.06 40.09
N ILE T 196 62.29 4.15 40.11
CA ILE T 196 63.21 4.44 39.02
C ILE T 196 64.27 3.34 38.95
N GLU T 197 64.72 2.87 40.11
CA GLU T 197 65.70 1.80 40.16
C GLU T 197 65.13 0.54 39.55
N ALA T 198 63.86 0.28 39.85
CA ALA T 198 63.18 -0.89 39.33
C ALA T 198 63.11 -0.83 37.81
N THR T 199 62.84 0.36 37.29
CA THR T 199 62.75 0.55 35.84
C THR T 199 64.03 1.19 35.30
N THR U 6 62.01 -33.10 47.87
CA THR U 6 60.70 -33.70 47.67
C THR U 6 59.78 -33.40 48.84
N TRP U 7 58.80 -32.51 48.62
CA TRP U 7 57.84 -32.19 49.66
C TRP U 7 56.84 -33.32 49.86
N LEU U 8 56.62 -34.12 48.82
CA LEU U 8 55.85 -35.33 48.84
C LEU U 8 56.59 -36.12 47.77
N PRO U 9 56.94 -37.39 48.02
CA PRO U 9 57.99 -38.04 47.22
C PRO U 9 57.55 -38.37 45.80
N GLY U 10 58.55 -38.43 44.91
CA GLY U 10 58.35 -38.69 43.51
C GLY U 10 58.56 -37.49 42.61
N LEU U 11 58.47 -36.28 43.15
CA LEU U 11 58.56 -35.05 42.37
C LEU U 11 59.96 -34.47 42.51
N ASN U 12 60.71 -34.46 41.41
CA ASN U 12 62.05 -33.89 41.39
C ASN U 12 61.98 -32.35 41.32
N PRO U 13 63.01 -31.66 41.83
CA PRO U 13 63.02 -30.18 41.73
C PRO U 13 63.23 -29.71 40.32
N PRO U 14 62.37 -28.85 39.80
CA PRO U 14 62.53 -28.32 38.45
C PRO U 14 63.63 -27.24 38.42
N ALA U 15 63.83 -26.68 37.24
CA ALA U 15 64.80 -25.61 37.06
C ALA U 15 64.10 -24.29 36.75
N GLY U 23 67.38 -23.99 51.01
CA GLY U 23 66.31 -24.85 51.43
C GLY U 23 65.52 -25.42 50.27
N ASP U 24 66.24 -25.95 49.28
CA ASP U 24 65.63 -26.53 48.10
C ASP U 24 65.01 -27.87 48.45
N ASN U 25 63.69 -27.97 48.31
CA ASN U 25 62.98 -29.23 48.54
C ASN U 25 62.05 -29.56 47.38
N GLY U 26 62.27 -28.96 46.22
CA GLY U 26 61.45 -29.23 45.05
C GLY U 26 60.03 -28.76 45.12
N PHE U 27 59.77 -27.71 45.88
CA PHE U 27 58.41 -27.26 46.18
C PHE U 27 58.11 -26.01 45.37
N ASP U 28 57.60 -26.20 44.16
CA ASP U 28 56.98 -25.12 43.38
C ASP U 28 55.83 -25.71 42.58
N PRO U 29 54.67 -25.94 43.21
CA PRO U 29 53.54 -26.52 42.48
C PRO U 29 52.77 -25.52 41.63
N LEU U 30 53.18 -24.25 41.58
CA LEU U 30 52.56 -23.29 40.68
C LEU U 30 53.47 -22.86 39.54
N GLY U 31 54.77 -23.15 39.61
CA GLY U 31 55.67 -22.73 38.57
C GLY U 31 56.14 -21.29 38.68
N LEU U 32 56.24 -20.77 39.91
CA LEU U 32 56.60 -19.37 40.11
C LEU U 32 58.08 -19.10 39.88
N GLY U 33 58.92 -20.11 39.92
CA GLY U 33 60.35 -19.91 39.77
C GLY U 33 60.94 -20.49 38.52
N GLN U 34 60.24 -20.35 37.39
CA GLN U 34 60.71 -20.91 36.13
C GLN U 34 61.69 -20.00 35.40
N ASP U 35 61.98 -18.82 35.93
CA ASP U 35 62.96 -17.90 35.36
C ASP U 35 64.12 -17.73 36.34
N GLU U 36 65.32 -17.54 35.79
CA GLU U 36 66.54 -17.59 36.60
C GLU U 36 66.73 -16.35 37.46
N GLY U 37 66.81 -15.17 36.83
CA GLY U 37 66.97 -13.94 37.59
C GLY U 37 65.74 -13.59 38.40
N ARG U 38 64.57 -13.97 37.89
CA ARG U 38 63.31 -13.78 38.60
C ARG U 38 63.33 -14.65 39.86
N LEU U 39 63.82 -15.88 39.73
CA LEU U 39 63.93 -16.78 40.88
C LEU U 39 64.96 -16.30 41.88
N LYS U 40 66.03 -15.65 41.40
CA LYS U 40 67.00 -15.02 42.31
C LYS U 40 66.35 -13.89 43.10
N TRP U 41 65.50 -13.10 42.43
CA TRP U 41 64.72 -12.06 43.10
C TRP U 41 63.77 -12.65 44.14
N TYR U 42 63.12 -13.78 43.81
CA TYR U 42 62.25 -14.42 44.79
C TYR U 42 63.03 -15.04 45.95
N ALA U 43 64.27 -15.46 45.70
CA ALA U 43 65.11 -15.98 46.77
C ALA U 43 65.47 -14.89 47.77
N GLU U 44 65.87 -13.71 47.25
CA GLU U 44 66.10 -12.56 48.11
C GLU U 44 64.81 -12.13 48.83
N ALA U 45 63.68 -12.25 48.14
CA ALA U 45 62.39 -11.86 48.74
C ALA U 45 61.98 -12.82 49.86
N GLU U 46 62.22 -14.11 49.68
CA GLU U 46 61.98 -15.10 50.73
C GLU U 46 62.86 -14.82 51.93
N LYS U 47 64.13 -14.48 51.67
CA LYS U 47 65.06 -14.12 52.74
C LYS U 47 64.56 -12.93 53.55
N THR U 48 64.12 -11.86 52.89
CA THR U 48 63.75 -10.67 53.66
C THR U 48 62.36 -10.77 54.31
N ASN U 49 61.38 -11.43 53.65
CA ASN U 49 60.13 -11.76 54.33
C ASN U 49 60.38 -12.64 55.56
N GLY U 50 61.32 -13.58 55.46
CA GLY U 50 61.65 -14.39 56.62
C GLY U 50 62.39 -13.64 57.71
N ARG U 51 63.23 -12.67 57.34
CA ARG U 51 63.93 -11.87 58.34
C ARG U 51 62.96 -10.99 59.12
N TRP U 52 62.05 -10.32 58.41
CA TRP U 52 61.03 -9.52 59.10
C TRP U 52 60.08 -10.39 59.90
N ALA U 53 59.83 -11.63 59.46
CA ALA U 53 59.00 -12.52 60.24
C ALA U 53 59.70 -12.99 61.52
N MET U 54 61.00 -13.29 61.43
CA MET U 54 61.76 -13.68 62.62
C MET U 54 61.82 -12.55 63.63
N MET U 55 62.07 -11.32 63.16
CA MET U 55 62.06 -10.16 64.04
C MET U 55 60.67 -9.91 64.62
N ALA U 56 59.61 -10.21 63.86
CA ALA U 56 58.25 -10.03 64.36
C ALA U 56 57.89 -11.06 65.42
N VAL U 57 58.30 -12.32 65.23
CA VAL U 57 57.98 -13.35 66.21
C VAL U 57 58.76 -13.13 67.49
N ALA U 58 60.05 -12.76 67.37
CA ALA U 58 60.83 -12.39 68.55
C ALA U 58 60.26 -11.17 69.24
N GLY U 59 59.72 -10.22 68.46
CA GLY U 59 59.03 -9.09 69.04
C GLY U 59 57.79 -9.46 69.83
N ILE U 60 56.90 -10.28 69.25
CA ILE U 60 55.66 -10.64 69.93
C ILE U 60 55.94 -11.45 71.19
N LEU U 61 56.90 -12.39 71.12
CA LEU U 61 57.25 -13.20 72.27
C LEU U 61 57.98 -12.38 73.34
N GLY U 62 58.73 -11.34 72.94
CA GLY U 62 59.37 -10.50 73.92
C GLY U 62 58.45 -9.53 74.61
N GLN U 63 57.64 -8.82 73.82
CA GLN U 63 56.73 -7.82 74.34
C GLN U 63 55.75 -8.50 75.27
N GLU U 64 55.30 -9.70 74.90
CA GLU U 64 54.37 -10.42 75.75
C GLU U 64 55.00 -10.71 77.10
N LEU U 65 56.23 -11.22 77.11
CA LEU U 65 56.88 -11.60 78.36
C LEU U 65 57.50 -10.42 79.08
N LEU U 66 58.46 -9.75 78.44
CA LEU U 66 59.19 -8.67 79.07
C LEU U 66 59.35 -7.47 78.14
N PRO U 70 49.15 -5.13 77.56
CA PRO U 70 48.73 -4.82 76.18
C PRO U 70 49.19 -5.87 75.18
N ALA U 71 48.24 -6.42 74.42
CA ALA U 71 48.55 -7.44 73.44
C ALA U 71 49.24 -6.83 72.22
N TRP U 72 49.76 -7.70 71.36
CA TRP U 72 50.50 -7.24 70.20
C TRP U 72 49.60 -6.64 69.13
N TRP U 73 48.29 -6.95 69.16
CA TRP U 73 47.38 -6.34 68.22
C TRP U 73 46.80 -5.01 68.73
N GLU U 74 46.68 -4.85 70.04
CA GLU U 74 46.27 -3.60 70.65
C GLU U 74 47.44 -2.69 70.99
N ALA U 75 48.63 -2.97 70.46
CA ALA U 75 49.83 -2.27 70.89
C ALA U 75 49.95 -0.87 70.30
N GLY U 76 49.43 -0.65 69.11
CA GLY U 76 49.64 0.60 68.42
C GLY U 76 48.82 1.78 68.92
N ALA U 77 47.82 1.55 69.77
CA ALA U 77 46.82 2.57 70.08
C ALA U 77 46.80 3.01 71.53
N LYS U 78 47.80 2.66 72.33
CA LYS U 78 47.78 3.02 73.75
C LYS U 78 47.90 4.53 73.99
N GLU U 79 49.11 5.06 73.84
CA GLU U 79 49.48 6.47 73.91
C GLU U 79 50.96 6.59 73.55
N TYR U 80 51.34 7.63 72.81
CA TYR U 80 52.72 7.76 72.36
C TYR U 80 53.14 9.22 72.38
N ASP U 81 54.44 9.45 72.19
CA ASP U 81 55.03 10.75 72.48
C ASP U 81 54.65 11.80 71.44
N ILE U 82 54.57 11.41 70.17
CA ILE U 82 54.35 12.38 69.11
C ILE U 82 52.89 12.84 69.04
N PRO U 83 51.87 11.94 68.99
CA PRO U 83 51.64 10.48 68.89
C PRO U 83 51.62 9.97 67.45
N ALA U 84 50.97 8.82 67.23
CA ALA U 84 51.03 8.04 65.99
C ALA U 84 50.50 8.74 64.74
N GLN U 85 50.04 9.99 64.86
CA GLN U 85 49.75 10.82 63.69
C GLN U 85 51.01 11.05 62.86
N ALA U 86 52.04 11.63 63.48
CA ALA U 86 53.25 12.07 62.77
C ALA U 86 54.46 11.22 63.08
N LEU U 87 54.28 9.91 63.24
CA LEU U 87 55.38 8.98 63.38
C LEU U 87 55.62 8.17 62.11
N THR U 88 54.56 7.98 61.33
CA THR U 88 54.69 7.42 59.99
C THR U 88 55.68 8.12 59.05
N PRO U 89 55.79 9.47 58.95
CA PRO U 89 56.79 10.00 58.00
C PRO U 89 58.23 9.79 58.45
N ILE U 90 58.47 9.79 59.77
CA ILE U 90 59.78 9.41 60.30
C ILE U 90 60.10 7.96 59.94
N GLU U 91 59.10 7.07 60.08
CA GLU U 91 59.25 5.69 59.66
C GLU U 91 59.56 5.57 58.17
N PHE U 92 58.84 6.31 57.33
CA PHE U 92 59.04 6.22 55.89
C PHE U 92 60.40 6.75 55.47
N ILE U 93 60.90 7.80 56.13
CA ILE U 93 62.21 8.35 55.77
C ILE U 93 63.33 7.39 56.19
N VAL U 94 63.29 6.89 57.43
CA VAL U 94 64.34 6.01 57.92
C VAL U 94 64.34 4.69 57.14
N MET U 95 63.15 4.09 56.97
CA MET U 95 63.05 2.85 56.21
C MET U 95 63.34 3.05 54.73
N GLY U 96 63.10 4.25 54.20
CA GLY U 96 63.48 4.53 52.83
C GLY U 96 64.98 4.54 52.65
N PHE U 97 65.70 5.18 53.57
CA PHE U 97 67.17 5.17 53.49
C PHE U 97 67.74 3.76 53.65
N LEU U 98 67.20 2.99 54.60
CA LEU U 98 67.68 1.63 54.84
C LEU U 98 67.39 0.72 53.66
N GLU U 99 66.16 0.79 53.15
CA GLU U 99 65.74 -0.03 52.01
C GLU U 99 66.49 0.30 50.72
N ILE U 100 66.71 1.60 50.48
CA ILE U 100 67.44 2.06 49.30
C ILE U 100 68.88 1.54 49.38
N LYS U 101 69.47 1.65 50.57
CA LYS U 101 70.81 1.09 50.78
C LYS U 101 70.85 -0.41 50.54
N ARG U 102 69.81 -1.13 50.98
CA ARG U 102 69.75 -2.58 50.77
C ARG U 102 69.59 -2.94 49.30
N TYR U 103 68.78 -2.17 48.56
CA TYR U 103 68.56 -2.49 47.16
C TYR U 103 69.77 -2.12 46.30
N GLN U 104 70.43 -1.00 46.61
CA GLN U 104 71.63 -0.65 45.89
C GLN U 104 72.81 -1.54 46.27
N GLY U 105 72.76 -2.16 47.45
CA GLY U 105 73.71 -3.24 47.73
C GLY U 105 73.40 -4.49 46.93
N PHE U 106 72.12 -4.85 46.86
CA PHE U 106 71.67 -5.99 46.08
C PHE U 106 71.68 -5.67 44.59
N ASN U 126 78.73 -17.90 57.56
CA ASN U 126 78.99 -17.86 56.12
C ASN U 126 78.78 -19.22 55.48
N SER U 127 78.63 -20.25 56.30
CA SER U 127 78.54 -21.61 55.80
C SER U 127 77.17 -21.87 55.18
N PRO U 128 77.09 -22.79 54.20
CA PRO U 128 75.78 -23.14 53.64
C PRO U 128 74.85 -23.83 54.62
N SER U 129 75.38 -24.47 55.67
CA SER U 129 74.52 -24.96 56.75
C SER U 129 73.82 -23.81 57.45
N MET U 130 74.55 -22.73 57.73
CA MET U 130 73.92 -21.55 58.31
C MET U 130 72.97 -20.86 57.33
N ALA U 131 73.26 -20.95 56.02
CA ALA U 131 72.34 -20.39 55.02
C ALA U 131 71.02 -21.15 54.99
N THR U 132 71.08 -22.49 54.98
CA THR U 132 69.86 -23.29 55.00
C THR U 132 69.11 -23.14 56.33
N LYS U 133 69.83 -22.97 57.43
CA LYS U 133 69.17 -22.72 58.72
C LYS U 133 68.48 -21.36 58.73
N GLU U 134 69.10 -20.37 58.08
CA GLU U 134 68.50 -19.05 57.94
C GLU U 134 67.22 -19.08 57.11
N VAL U 135 67.22 -19.83 56.00
CA VAL U 135 66.06 -19.93 55.12
C VAL U 135 64.92 -20.70 55.80
N LYS U 136 65.23 -21.85 56.41
CA LYS U 136 64.19 -22.64 57.07
C LYS U 136 63.67 -21.95 58.32
N ASN U 137 64.52 -21.19 59.01
CA ASN U 137 64.10 -20.44 60.18
C ASN U 137 63.15 -19.31 59.78
N GLY U 138 63.43 -18.66 58.65
CA GLY U 138 62.51 -17.64 58.15
C GLY U 138 61.20 -18.20 57.68
N ARG U 139 61.22 -19.39 57.06
CA ARG U 139 59.99 -20.06 56.64
C ARG U 139 59.12 -20.43 57.84
N LEU U 140 59.73 -21.00 58.88
CA LEU U 140 58.98 -21.38 60.07
C LEU U 140 58.49 -20.15 60.82
N ALA U 141 59.23 -19.03 60.74
CA ALA U 141 58.75 -17.80 61.38
C ALA U 141 57.59 -17.17 60.61
N MET U 142 57.60 -17.27 59.27
CA MET U 142 56.45 -16.79 58.49
C MET U 142 55.20 -17.59 58.80
N VAL U 143 55.32 -18.92 58.88
CA VAL U 143 54.18 -19.76 59.24
C VAL U 143 53.75 -19.48 60.68
N ALA U 144 54.70 -19.22 61.57
CA ALA U 144 54.36 -18.91 62.95
C ALA U 144 53.66 -17.55 63.07
N PHE U 145 54.03 -16.57 62.24
CA PHE U 145 53.40 -15.27 62.33
C PHE U 145 51.99 -15.27 61.77
N ILE U 146 51.77 -16.01 60.67
CA ILE U 146 50.38 -16.12 60.20
C ILE U 146 49.57 -16.95 61.19
N GLY U 147 50.24 -17.86 61.92
CA GLY U 147 49.59 -18.53 63.04
C GLY U 147 49.21 -17.58 64.15
N PHE U 148 50.10 -16.63 64.49
CA PHE U 148 49.79 -15.63 65.51
C PHE U 148 48.59 -14.79 65.11
N CYS U 149 48.56 -14.35 63.85
CA CYS U 149 47.48 -13.48 63.38
C CYS U 149 46.14 -14.20 63.39
N VAL U 150 46.07 -15.38 62.75
CA VAL U 150 44.81 -16.12 62.66
C VAL U 150 44.38 -16.63 64.03
N GLN U 151 45.34 -17.17 64.78
CA GLN U 151 45.09 -17.71 66.12
C GLN U 151 44.60 -16.66 67.12
N ALA U 152 45.23 -15.49 67.12
CA ALA U 152 44.79 -14.41 67.99
C ALA U 152 43.45 -13.85 67.55
N LEU U 153 43.22 -13.76 66.24
CA LEU U 153 41.95 -13.25 65.74
C LEU U 153 40.80 -14.21 65.97
N ALA U 154 41.08 -15.51 66.15
CA ALA U 154 40.03 -16.48 66.41
C ALA U 154 39.87 -16.83 67.88
N THR U 155 40.88 -16.63 68.72
CA THR U 155 40.78 -17.01 70.13
C THR U 155 40.76 -15.84 71.10
N ARG U 156 41.19 -14.65 70.67
CA ARG U 156 41.32 -13.45 71.51
C ARG U 156 42.21 -13.70 72.74
N THR U 157 43.24 -14.49 72.54
CA THR U 157 44.20 -14.80 73.60
C THR U 157 45.60 -14.50 73.09
N GLN U 158 46.47 -14.13 74.03
CA GLN U 158 47.89 -14.07 73.74
C GLN U 158 48.40 -15.48 73.43
N PRO U 159 49.42 -15.62 72.58
CA PRO U 159 49.84 -16.97 72.16
C PRO U 159 50.39 -17.84 73.27
N ILE U 160 50.93 -17.26 74.34
CA ILE U 160 51.36 -18.13 75.44
C ILE U 160 50.15 -18.60 76.23
N GLU U 161 49.04 -17.85 76.20
CA GLU U 161 47.81 -18.36 76.81
C GLU U 161 47.18 -19.43 75.94
N GLY U 162 47.31 -19.30 74.61
CA GLY U 162 46.89 -20.39 73.73
C GLY U 162 47.72 -21.65 73.93
N LEU U 163 49.02 -21.49 74.17
CA LEU U 163 49.88 -22.63 74.46
C LEU U 163 49.52 -23.29 75.79
N THR U 164 49.30 -22.49 76.83
CA THR U 164 48.92 -23.07 78.12
C THR U 164 47.51 -23.65 78.09
N ALA U 165 46.63 -23.14 77.22
CA ALA U 165 45.31 -23.74 77.07
C ALA U 165 45.39 -25.09 76.38
N HIS U 166 46.18 -25.19 75.29
CA HIS U 166 46.35 -26.47 74.61
C HIS U 166 47.14 -27.47 75.45
N LEU U 167 47.99 -26.99 76.37
CA LEU U 167 48.70 -27.92 77.24
C LEU U 167 47.85 -28.35 78.44
N ALA U 168 47.03 -27.44 78.99
CA ALA U 168 46.15 -27.81 80.09
C ALA U 168 45.00 -28.69 79.61
N ASP U 169 44.59 -28.55 78.36
CA ASP U 169 43.59 -29.44 77.77
C ASP U 169 44.00 -29.71 76.33
N PRO U 170 44.66 -30.82 76.06
CA PRO U 170 44.90 -31.22 74.65
C PRO U 170 43.63 -31.57 73.92
N PHE U 171 42.89 -32.55 74.44
CA PHE U 171 41.67 -33.07 73.81
C PHE U 171 40.51 -32.20 74.28
N GLY U 172 40.15 -31.23 73.45
CA GLY U 172 39.38 -30.07 73.87
C GLY U 172 40.23 -28.82 73.84
N LYS U 173 39.53 -27.67 73.78
CA LYS U 173 40.14 -26.34 73.61
C LYS U 173 41.03 -26.27 72.37
N ASN U 174 40.65 -26.98 71.31
CA ASN U 174 41.39 -27.02 70.06
C ASN U 174 40.83 -25.96 69.10
N ILE U 175 41.19 -26.06 67.82
CA ILE U 175 40.66 -25.15 66.81
C ILE U 175 39.16 -25.39 66.60
N THR U 176 38.67 -26.61 66.89
CA THR U 176 37.24 -26.87 66.77
C THR U 176 36.46 -26.14 67.86
N TYR U 177 37.05 -26.02 69.05
CA TYR U 177 36.35 -25.38 70.16
C TYR U 177 36.21 -23.88 69.93
N TYR U 178 37.26 -23.22 69.48
CA TYR U 178 37.22 -21.78 69.31
C TYR U 178 36.50 -21.35 68.03
N LEU U 179 36.25 -22.27 67.10
CA LEU U 179 35.41 -21.95 65.95
C LEU U 179 33.96 -22.33 66.15
N THR U 180 33.67 -23.31 67.00
CA THR U 180 32.28 -23.66 67.29
C THR U 180 31.71 -22.97 68.53
N HIS U 181 32.61 -22.37 69.31
CA HIS U 181 32.27 -21.65 70.53
C HIS U 181 32.82 -20.23 70.47
N LEU U 182 32.75 -19.64 69.28
CA LEU U 182 33.25 -18.29 69.02
C LEU U 182 32.53 -17.26 69.89
N PRO U 183 31.18 -17.50 70.13
CA PRO U 183 30.53 -16.48 70.97
C PRO U 183 31.15 -16.34 72.36
N GLU U 184 31.64 -17.43 72.95
CA GLU U 184 32.22 -17.37 74.31
C GLU U 184 33.40 -16.40 74.38
N THR U 185 34.29 -16.49 73.39
CA THR U 185 35.43 -15.58 73.33
C THR U 185 35.04 -14.13 73.03
N LEU U 186 33.76 -13.86 72.75
CA LEU U 186 33.30 -12.49 72.55
C LEU U 186 32.09 -12.19 73.43
#